data_8I92
#
_entry.id   8I92
#
_cell.length_a   1.00
_cell.length_b   1.00
_cell.length_c   1.00
_cell.angle_alpha   90.00
_cell.angle_beta   90.00
_cell.angle_gamma   90.00
#
_symmetry.space_group_name_H-M   'P 1'
#
loop_
_entity.id
_entity.type
_entity.pdbx_description
1 polymer 'Angiotensin-converting enzyme 2'
2 polymer 'Sodium-dependent neutral amino acid transporter B(0)AT1'
3 branched 2-acetamido-2-deoxy-beta-D-glucopyranose-(1-4)-2-acetamido-2-deoxy-beta-D-glucopyranose
4 non-polymer 2-acetamido-2-deoxy-beta-D-glucopyranose
5 non-polymer 'ZINC ION'
6 non-polymer GLUTAMINE
#
loop_
_entity_poly.entity_id
_entity_poly.type
_entity_poly.pdbx_seq_one_letter_code
_entity_poly.pdbx_strand_id
1 'polypeptide(L)'
;MRSSSSWLLLSLVAVTAAWSHPQFEKQSTIEEQAKTFLDKFNHEAEDLFYQSSLASWNYNTNITEENVQNMNNAGDKWSA
FLKEQSTLAQMYPLQEIQNLTVKLQLQALQQNGSSVLSEDKSKRLNTILNTMSTIYSTGKVCNPDNPQECLLLEPGLNEI
MANSLDYNERLWAWESWRSEVGKQLRPLYEEYVVLKNEMARANHYEDYGDYWRGDYEVNGVDGYDYSRGQLIEDVEHTFE
EIKPLYEHLHAYVRAKLMNAYPSYISPIGCLPAHLLGDMWGRFWTNLYSLTVPFGQKPNIDVTDAMVDQAWDAQRIFKEA
EKFFVSVGLPNMTQGFWENSMLTDPGNVQKAVCHPTAWDLGKGDFRILMCTKVTMDDFLTAHHEMGHIQYDMAYAAQPFL
LRNGANEGFHEAVGEIMSLSAATPKHLKSIGLLSPDFQEDNETEINFLLKQALTIVGTLPFTYMLEKWRWMVFKGEIPKD
QWMKKWWEMKREIVGVVEPVPHDETYCDPASLFHVSNDYSFIRYYTRTLYQFQFQEALCQAAKHEGPLHKCDISNSTEAG
QKLFNMLRLGKSEPWTLALENVVGAKNMNVRPLLNYFEPLFTWLKDQNKNSFVGWSTDWSPYADQSIKVRISLKSALGDK
AYEWNDNEMYLFRSSVAYAMRQYFLKVKNQMILFGEEDVRVANLKPRISFNFFVTAPKNVSDIIPRTEVEKAIRMSRSRI
NDAFRLNDNSLEFLGIQPTLGPPNQPPVSIWLIVFGVVMGVIVVGIVILIFTGIRDRKKKNKARSGENPYASIDISKGEN
NPGFQNTDDVQTSFLEHHHHHHHHHH
;
A,C
2 'polypeptide(L)'
;VLPNPGLDARIPSLAELETIEQEEASSRPKWDNKAQYMLTCLGFCVGLGNVWRFPYLCQSHGGGAFMIPFLILLVLEGIP
LLYLEFAIGQRLRRGSLGVWSSIHPALKGLGLASMLTSFMVGLYYNTIISWIMWYLFNSFQEPLPWSDCPLNENQTGYVD
ECARSSPVDYFWYRETLNISTSISDSGSIQWWMLLCLACAWSVLYMCTIRGIETTGKAVYITSTLPYVVLTIFLIRGLTL
KGATNGIVFLFTPNVTELAQPDTWLDAGAQVFFSFSLAFGGLISFSSYNSVHNNCEKDSVIVSIINGFTSVYVAIVVYSV
IGFRATQRYDDCFSTNILTLINGFDLPEGNVTQENFVDMQQRCNASDPAAYAQLVFQTCDINAFLSEAVEGTGLAFIVFT
EAITKMPLSPLWSVLFFIMLFCLGLSSMFGNMEGVVVPLQDLRVIPPKWPKEVLTGLICLGTFLIGFIFTLNSGQYWLSL
LDSYAGSIPLLIIAFCEMFSVVYVYGVDRFNKDIEFMIGHKPNIFWQVTWRVVSPLLMLIIFLFFFVVEVSQELTYSIWD
PGYEEFPKSQKISYPNWVYVVVVIVAGVPSLTIPGYAIYKLIRNH
;
B,D
#
# COMPACT_ATOMS: atom_id res chain seq x y z
N THR A 29 85.02 -3.51 -0.34
CA THR A 29 85.04 -3.88 1.06
C THR A 29 83.67 -3.72 1.69
N ILE A 30 82.65 -3.53 0.86
CA ILE A 30 81.29 -3.37 1.35
C ILE A 30 80.95 -4.41 2.43
N GLU A 31 81.38 -5.65 2.18
CA GLU A 31 81.12 -6.73 3.13
C GLU A 31 81.81 -6.47 4.46
N GLU A 32 83.07 -6.07 4.39
CA GLU A 32 83.85 -5.78 5.60
C GLU A 32 83.16 -4.68 6.39
N GLN A 33 82.57 -3.72 5.66
CA GLN A 33 81.87 -2.62 6.28
C GLN A 33 80.69 -3.18 7.03
N ALA A 34 79.82 -3.89 6.31
CA ALA A 34 78.64 -4.50 6.90
C ALA A 34 79.03 -5.29 8.15
N LYS A 35 80.23 -5.84 8.16
CA LYS A 35 80.71 -6.61 9.29
C LYS A 35 81.04 -5.72 10.49
N THR A 36 82.04 -4.86 10.32
CA THR A 36 82.45 -3.96 11.39
C THR A 36 81.24 -3.29 12.04
N PHE A 37 80.26 -2.95 11.23
CA PHE A 37 79.04 -2.32 11.71
C PHE A 37 78.33 -3.23 12.69
N LEU A 38 78.20 -4.51 12.33
CA LEU A 38 77.47 -5.43 13.19
C LEU A 38 78.22 -5.64 14.49
N ASP A 39 79.54 -5.77 14.41
CA ASP A 39 80.38 -5.91 15.58
C ASP A 39 80.11 -4.78 16.56
N LYS A 40 79.99 -3.57 16.05
CA LYS A 40 79.75 -2.45 16.94
C LYS A 40 78.32 -2.48 17.46
N PHE A 41 77.38 -2.95 16.64
CA PHE A 41 75.99 -2.92 17.06
C PHE A 41 75.73 -3.86 18.23
N ASN A 42 76.36 -5.03 18.19
CA ASN A 42 76.05 -6.10 19.14
C ASN A 42 76.12 -5.69 20.60
N HIS A 43 77.25 -5.09 21.01
CA HIS A 43 77.47 -4.73 22.40
C HIS A 43 76.31 -3.93 22.95
N GLU A 44 76.04 -2.79 22.34
CA GLU A 44 75.02 -1.89 22.82
C GLU A 44 73.66 -2.56 22.77
N ALA A 45 73.41 -3.32 21.72
CA ALA A 45 72.13 -4.01 21.64
C ALA A 45 71.96 -4.83 22.91
N GLU A 46 72.99 -5.59 23.24
CA GLU A 46 72.93 -6.49 24.38
C GLU A 46 72.67 -5.73 25.67
N ASP A 47 73.44 -4.68 25.91
CA ASP A 47 73.35 -3.99 27.20
C ASP A 47 72.02 -3.29 27.37
N LEU A 48 71.58 -2.56 26.35
CA LEU A 48 70.29 -1.93 26.43
C LEU A 48 69.19 -2.97 26.59
N PHE A 49 69.34 -4.12 25.93
CA PHE A 49 68.31 -5.14 26.04
C PHE A 49 68.22 -5.66 27.45
N TYR A 50 69.36 -5.88 28.09
CA TYR A 50 69.37 -6.26 29.49
C TYR A 50 68.59 -5.25 30.30
N GLN A 51 69.08 -4.01 30.31
CA GLN A 51 68.42 -2.98 31.11
C GLN A 51 66.94 -2.84 30.79
N SER A 52 66.52 -3.23 29.60
CA SER A 52 65.10 -3.17 29.30
C SER A 52 64.34 -4.36 29.81
N SER A 53 64.97 -5.52 29.88
CA SER A 53 64.27 -6.71 30.31
C SER A 53 64.21 -6.80 31.82
N LEU A 54 65.31 -6.43 32.48
CA LEU A 54 65.31 -6.40 33.94
C LEU A 54 64.17 -5.55 34.47
N ALA A 55 63.89 -4.45 33.79
CA ALA A 55 62.82 -3.56 34.19
C ALA A 55 61.49 -4.28 34.17
N SER A 56 61.20 -5.01 33.10
CA SER A 56 59.90 -5.66 33.02
C SER A 56 59.84 -6.84 33.97
N TRP A 57 60.98 -7.44 34.26
CA TRP A 57 61.02 -8.48 35.27
C TRP A 57 60.60 -7.93 36.61
N ASN A 58 61.25 -6.85 37.04
CA ASN A 58 60.93 -6.25 38.32
C ASN A 58 59.50 -5.74 38.34
N TYR A 59 59.00 -5.31 37.19
CA TYR A 59 57.62 -4.87 37.17
C TYR A 59 56.68 -6.04 37.40
N ASN A 60 56.85 -7.13 36.66
CA ASN A 60 55.90 -8.22 36.73
C ASN A 60 56.01 -8.98 38.05
N THR A 61 57.21 -9.10 38.58
CA THR A 61 57.34 -9.82 39.84
C THR A 61 56.85 -8.95 40.99
N ASN A 62 57.15 -7.65 40.94
CA ASN A 62 56.80 -6.72 42.01
C ASN A 62 55.87 -5.67 41.44
N ILE A 63 54.58 -5.97 41.38
CA ILE A 63 53.67 -5.00 40.80
C ILE A 63 53.63 -3.79 41.71
N THR A 64 54.10 -2.66 41.20
CA THR A 64 54.16 -1.42 41.94
C THR A 64 54.24 -0.28 40.94
N GLU A 65 53.38 0.71 41.11
CA GLU A 65 53.41 1.81 40.17
C GLU A 65 54.76 2.50 40.13
N GLU A 66 55.54 2.42 41.21
CA GLU A 66 56.89 2.95 41.18
C GLU A 66 57.77 2.17 40.20
N ASN A 67 57.25 1.07 39.63
CA ASN A 67 58.02 0.30 38.66
C ASN A 67 57.59 0.56 37.22
N VAL A 68 56.31 0.87 37.01
CA VAL A 68 55.75 1.02 35.68
C VAL A 68 56.56 2.03 34.87
N GLN A 69 56.77 3.21 35.43
CA GLN A 69 57.44 4.26 34.68
C GLN A 69 58.89 3.89 34.40
N ASN A 70 59.55 3.21 35.34
CA ASN A 70 60.92 2.79 35.08
C ASN A 70 60.98 1.78 33.94
N MET A 71 60.01 0.87 33.92
CA MET A 71 59.94 -0.09 32.84
C MET A 71 59.74 0.63 31.51
N ASN A 72 58.81 1.58 31.46
CA ASN A 72 58.58 2.29 30.21
C ASN A 72 59.82 3.06 29.79
N ASN A 73 60.52 3.67 30.74
CA ASN A 73 61.74 4.40 30.43
C ASN A 73 62.75 3.50 29.74
N ALA A 74 63.16 2.43 30.42
CA ALA A 74 64.13 1.54 29.82
C ALA A 74 63.62 0.97 28.50
N GLY A 75 62.34 0.65 28.42
CA GLY A 75 61.77 0.05 27.23
C GLY A 75 61.86 0.93 26.01
N ASP A 76 61.30 2.14 26.08
CA ASP A 76 61.34 2.98 24.89
C ASP A 76 62.74 3.50 24.63
N LYS A 77 63.57 3.62 25.68
CA LYS A 77 64.97 3.90 25.45
C LYS A 77 65.61 2.85 24.56
N TRP A 78 65.32 1.58 24.82
CA TRP A 78 65.82 0.52 23.93
C TRP A 78 65.19 0.64 22.55
N SER A 79 63.88 0.80 22.51
CA SER A 79 63.18 0.80 21.22
C SER A 79 63.71 1.87 20.29
N ALA A 80 64.13 3.01 20.84
CA ALA A 80 64.68 4.06 20.01
C ALA A 80 66.00 3.65 19.36
N PHE A 81 66.85 2.98 20.14
CA PHE A 81 68.09 2.43 19.62
C PHE A 81 67.85 1.63 18.35
N LEU A 82 66.75 0.89 18.30
CA LEU A 82 66.49 0.05 17.14
C LEU A 82 66.19 0.89 15.91
N LYS A 83 65.35 1.92 16.05
CA LYS A 83 65.08 2.79 14.91
C LYS A 83 66.36 3.41 14.40
N GLU A 84 67.15 3.94 15.32
CA GLU A 84 68.42 4.56 14.92
C GLU A 84 69.28 3.57 14.15
N GLN A 85 69.57 2.43 14.76
CA GLN A 85 70.45 1.46 14.11
C GLN A 85 69.88 0.98 12.79
N SER A 86 68.57 0.77 12.70
CA SER A 86 68.01 0.31 11.45
C SER A 86 68.25 1.31 10.35
N THR A 87 67.80 2.55 10.55
CA THR A 87 68.00 3.56 9.52
C THR A 87 69.48 3.76 9.22
N LEU A 88 70.33 3.46 10.19
CA LEU A 88 71.76 3.54 9.97
C LEU A 88 72.24 2.36 9.13
N ALA A 89 71.42 1.33 9.00
CA ALA A 89 71.85 0.12 8.30
C ALA A 89 71.24 -0.04 6.92
N GLN A 90 70.50 0.94 6.44
CA GLN A 90 69.96 0.87 5.10
C GLN A 90 71.03 1.12 4.06
N MET A 91 72.20 1.58 4.50
CA MET A 91 73.31 1.85 3.59
C MET A 91 73.72 0.57 2.87
N TYR A 92 74.19 -0.40 3.62
CA TYR A 92 74.72 -1.65 3.09
C TYR A 92 73.68 -2.37 2.26
N PRO A 93 73.89 -2.50 0.97
CA PRO A 93 72.90 -3.21 0.16
C PRO A 93 73.02 -4.70 0.36
N LEU A 94 71.93 -5.42 0.21
CA LEU A 94 71.97 -6.86 0.49
C LEU A 94 72.85 -7.60 -0.50
N GLN A 95 72.53 -7.50 -1.79
CA GLN A 95 73.02 -8.48 -2.75
C GLN A 95 74.48 -8.28 -3.10
N GLU A 96 75.33 -8.25 -2.09
CA GLU A 96 76.77 -8.32 -2.31
C GLU A 96 77.33 -9.32 -1.31
N ILE A 97 76.60 -9.50 -0.22
CA ILE A 97 77.05 -10.31 0.89
C ILE A 97 76.84 -11.78 0.54
N GLN A 98 77.86 -12.61 0.77
CA GLN A 98 77.67 -14.04 0.60
C GLN A 98 77.87 -14.81 1.90
N ASN A 99 78.42 -14.18 2.92
CA ASN A 99 78.56 -14.80 4.23
C ASN A 99 77.19 -14.79 4.88
N LEU A 100 76.36 -15.75 4.51
CA LEU A 100 74.93 -15.71 4.80
C LEU A 100 74.58 -15.43 6.25
N THR A 101 75.49 -15.71 7.17
CA THR A 101 75.21 -15.42 8.56
C THR A 101 75.28 -13.94 8.90
N VAL A 102 75.72 -13.10 7.99
CA VAL A 102 75.61 -11.66 8.14
C VAL A 102 74.54 -11.08 7.23
N LYS A 103 74.38 -11.68 6.05
CA LYS A 103 73.20 -11.43 5.26
C LYS A 103 71.93 -11.74 6.02
N LEU A 104 72.02 -12.52 7.10
CA LEU A 104 70.84 -12.88 7.87
C LEU A 104 70.55 -11.87 8.96
N GLN A 105 71.57 -11.31 9.59
CA GLN A 105 71.32 -10.26 10.55
C GLN A 105 70.89 -8.99 9.85
N LEU A 106 71.59 -8.60 8.79
CA LEU A 106 71.24 -7.37 8.11
C LEU A 106 69.78 -7.37 7.70
N GLN A 107 69.30 -8.47 7.16
CA GLN A 107 67.89 -8.57 6.82
C GLN A 107 66.98 -8.28 7.99
N ALA A 108 67.44 -8.50 9.21
CA ALA A 108 66.58 -8.36 10.37
C ALA A 108 66.51 -6.93 10.89
N LEU A 109 67.41 -6.05 10.46
CA LEU A 109 67.30 -4.64 10.78
C LEU A 109 66.65 -3.87 9.65
N GLN A 110 67.04 -4.14 8.42
CA GLN A 110 66.62 -3.33 7.30
C GLN A 110 65.12 -3.30 7.11
N GLN A 111 64.39 -4.14 7.85
CA GLN A 111 62.94 -4.15 7.72
C GLN A 111 62.37 -2.78 8.05
N ASN A 112 61.83 -2.09 7.04
CA ASN A 112 61.32 -0.74 7.26
C ASN A 112 60.10 -0.74 8.16
N GLY A 113 59.50 -1.90 8.39
CA GLY A 113 58.37 -1.98 9.30
C GLY A 113 57.23 -1.13 8.83
N SER A 114 56.47 -0.60 9.79
CA SER A 114 55.34 0.27 9.47
C SER A 114 55.74 1.72 9.35
N SER A 115 56.99 2.06 9.62
CA SER A 115 57.44 3.43 9.46
C SER A 115 57.40 3.88 7.99
N VAL A 116 57.25 2.96 7.06
CA VAL A 116 57.23 3.32 5.65
C VAL A 116 55.96 4.07 5.31
N LEU A 117 54.96 4.02 6.17
CA LEU A 117 53.73 4.76 5.94
C LEU A 117 53.97 6.26 6.04
N SER A 118 52.94 7.05 5.79
CA SER A 118 53.04 8.49 5.97
C SER A 118 52.94 8.69 7.49
N GLU A 119 52.66 9.90 7.96
CA GLU A 119 52.53 10.14 9.39
C GLU A 119 51.08 10.19 9.82
N ASP A 120 50.23 10.88 9.07
CA ASP A 120 48.81 10.89 9.39
C ASP A 120 48.27 9.48 9.35
N LYS A 121 48.62 8.74 8.32
CA LYS A 121 48.19 7.35 8.22
C LYS A 121 48.77 6.54 9.37
N SER A 122 50.06 6.71 9.63
CA SER A 122 50.68 5.84 10.62
C SER A 122 50.15 6.09 12.01
N LYS A 123 49.63 7.27 12.29
CA LYS A 123 49.01 7.48 13.59
C LYS A 123 47.51 7.28 13.56
N ARG A 124 46.92 7.13 12.38
CA ARG A 124 45.58 6.59 12.31
C ARG A 124 45.57 5.10 12.57
N LEU A 125 46.57 4.41 12.10
CA LEU A 125 46.69 2.97 12.29
C LEU A 125 46.76 2.61 13.76
N ASN A 126 47.61 3.30 14.50
CA ASN A 126 47.78 3.00 15.91
C ASN A 126 46.49 3.28 16.67
N THR A 127 45.77 4.30 16.25
CA THR A 127 44.48 4.56 16.88
C THR A 127 43.50 3.44 16.63
N ILE A 128 43.45 2.94 15.41
CA ILE A 128 42.58 1.81 15.11
C ILE A 128 42.96 0.59 15.92
N LEU A 129 44.24 0.25 15.97
CA LEU A 129 44.67 -0.91 16.73
C LEU A 129 44.37 -0.76 18.19
N ASN A 130 44.55 0.42 18.77
CA ASN A 130 44.23 0.58 20.18
C ASN A 130 42.75 0.57 20.46
N THR A 131 41.94 1.05 19.54
CA THR A 131 40.52 0.95 19.75
C THR A 131 40.02 -0.48 19.68
N MET A 132 40.48 -1.26 18.71
CA MET A 132 40.01 -2.62 18.58
C MET A 132 40.37 -3.47 19.78
N SER A 133 41.47 -3.20 20.44
CA SER A 133 41.84 -4.00 21.58
C SER A 133 41.05 -3.62 22.83
N THR A 134 40.78 -2.34 23.00
CA THR A 134 39.99 -1.91 24.16
C THR A 134 38.58 -2.44 24.10
N ILE A 135 37.96 -2.42 22.93
CA ILE A 135 36.62 -2.96 22.79
C ILE A 135 36.58 -4.41 23.24
N TYR A 136 37.54 -5.20 22.77
CA TYR A 136 37.56 -6.60 23.17
C TYR A 136 37.80 -6.75 24.66
N SER A 137 38.64 -5.89 25.23
CA SER A 137 38.97 -6.07 26.63
C SER A 137 37.85 -5.65 27.57
N THR A 138 37.04 -4.67 27.18
CA THR A 138 36.11 -4.06 28.12
C THR A 138 34.66 -4.06 27.64
N GLY A 139 34.38 -4.60 26.47
CA GLY A 139 33.01 -4.71 26.05
C GLY A 139 32.25 -5.61 27.00
N LYS A 140 30.97 -5.35 27.17
CA LYS A 140 30.19 -6.11 28.13
C LYS A 140 28.78 -6.31 27.65
N VAL A 141 28.17 -7.31 28.20
CA VAL A 141 26.87 -7.80 27.80
C VAL A 141 26.00 -7.92 29.03
N CYS A 142 24.72 -7.58 28.91
CA CYS A 142 23.82 -7.73 30.05
C CYS A 142 22.42 -8.19 29.70
N ASN A 143 21.80 -8.78 30.71
CA ASN A 143 20.60 -9.58 30.62
C ASN A 143 19.47 -8.79 29.99
N PRO A 144 18.51 -9.47 29.42
CA PRO A 144 17.36 -8.76 28.88
C PRO A 144 16.33 -8.53 29.97
N ASP A 145 16.36 -9.37 30.99
CA ASP A 145 15.43 -9.25 32.10
C ASP A 145 15.87 -8.19 33.08
N ASN A 146 17.06 -8.35 33.63
CA ASN A 146 17.59 -7.42 34.62
C ASN A 146 18.73 -6.63 34.01
N PRO A 147 18.46 -5.56 33.31
CA PRO A 147 19.51 -4.93 32.53
C PRO A 147 20.59 -4.27 33.36
N GLN A 148 20.57 -4.47 34.67
CA GLN A 148 21.55 -3.85 35.53
C GLN A 148 22.68 -4.77 35.94
N GLU A 149 22.72 -6.00 35.45
CA GLU A 149 23.86 -6.89 35.66
C GLU A 149 24.52 -7.17 34.32
N CYS A 150 25.68 -6.57 34.08
CA CYS A 150 26.39 -6.79 32.84
C CYS A 150 27.59 -7.68 33.06
N LEU A 151 27.94 -8.43 32.02
CA LEU A 151 28.95 -9.48 32.10
C LEU A 151 30.10 -9.12 31.19
N LEU A 152 31.31 -9.19 31.71
CA LEU A 152 32.48 -9.09 30.85
C LEU A 152 32.67 -10.41 30.14
N LEU A 153 33.78 -10.57 29.45
CA LEU A 153 34.01 -11.85 28.79
C LEU A 153 34.97 -12.74 29.56
N GLU A 154 36.03 -12.18 30.09
CA GLU A 154 37.08 -13.06 30.60
C GLU A 154 36.60 -13.83 31.81
N PRO A 155 36.06 -13.18 32.83
CA PRO A 155 35.18 -13.91 33.75
C PRO A 155 33.74 -13.73 33.32
N GLY A 156 32.89 -14.66 33.64
CA GLY A 156 31.48 -14.41 33.43
C GLY A 156 30.85 -14.86 32.16
N LEU A 157 31.33 -14.40 31.03
CA LEU A 157 30.78 -14.93 29.78
C LEU A 157 31.51 -16.18 29.34
N ASN A 158 32.77 -16.34 29.72
CA ASN A 158 33.47 -17.57 29.42
C ASN A 158 32.95 -18.73 30.23
N GLU A 159 32.68 -18.51 31.50
CA GLU A 159 32.30 -19.63 32.34
C GLU A 159 30.90 -20.13 32.04
N ILE A 160 30.02 -19.29 31.51
CA ILE A 160 28.75 -19.80 31.01
C ILE A 160 28.99 -20.79 29.90
N MET A 161 29.66 -20.35 28.84
CA MET A 161 29.91 -21.21 27.70
C MET A 161 30.70 -22.44 28.06
N ALA A 162 31.55 -22.38 29.09
CA ALA A 162 32.36 -23.52 29.46
C ALA A 162 31.68 -24.49 30.40
N ASN A 163 30.69 -24.06 31.16
CA ASN A 163 30.08 -24.93 32.14
C ASN A 163 28.62 -25.24 31.89
N SER A 164 27.84 -24.29 31.41
CA SER A 164 26.40 -24.48 31.38
C SER A 164 26.01 -25.64 30.49
N LEU A 165 24.80 -26.17 30.71
CA LEU A 165 24.22 -27.20 29.87
C LEU A 165 22.84 -26.82 29.40
N ASP A 166 22.51 -25.54 29.46
CA ASP A 166 21.18 -25.05 29.14
C ASP A 166 21.22 -24.46 27.74
N TYR A 167 20.50 -25.09 26.81
CA TYR A 167 20.55 -24.65 25.42
C TYR A 167 20.27 -23.16 25.31
N ASN A 168 19.28 -22.67 26.04
CA ASN A 168 18.87 -21.30 25.85
C ASN A 168 19.89 -20.33 26.42
N GLU A 169 20.51 -20.65 27.54
CA GLU A 169 21.49 -19.75 28.09
C GLU A 169 22.73 -19.67 27.23
N ARG A 170 23.18 -20.80 26.70
CA ARG A 170 24.29 -20.78 25.78
C ARG A 170 23.96 -19.98 24.54
N LEU A 171 22.79 -20.19 23.97
CA LEU A 171 22.44 -19.39 22.79
C LEU A 171 22.41 -17.92 23.11
N TRP A 172 21.87 -17.53 24.25
CA TRP A 172 21.87 -16.13 24.60
C TRP A 172 23.28 -15.58 24.65
N ALA A 173 24.16 -16.22 25.42
CA ALA A 173 25.52 -15.71 25.52
C ALA A 173 26.20 -15.63 24.17
N TRP A 174 26.11 -16.69 23.39
CA TRP A 174 26.78 -16.73 22.09
C TRP A 174 26.31 -15.59 21.22
N GLU A 175 25.02 -15.51 20.96
CA GLU A 175 24.55 -14.53 20.00
C GLU A 175 24.74 -13.12 20.51
N SER A 176 24.58 -12.92 21.81
CA SER A 176 24.71 -11.59 22.35
C SER A 176 26.13 -11.07 22.28
N TRP A 177 27.14 -11.90 22.52
CA TRP A 177 28.50 -11.38 22.45
C TRP A 177 28.84 -10.94 21.04
N ARG A 178 28.26 -11.60 20.04
CA ARG A 178 28.58 -11.21 18.68
C ARG A 178 27.79 -10.00 18.24
N SER A 179 26.57 -9.85 18.72
CA SER A 179 25.79 -8.70 18.26
C SER A 179 26.13 -7.45 19.04
N GLU A 180 26.65 -7.59 20.25
CA GLU A 180 26.94 -6.40 21.05
C GLU A 180 28.33 -5.87 20.77
N VAL A 181 29.27 -6.75 20.45
CA VAL A 181 30.66 -6.36 20.30
C VAL A 181 31.18 -6.63 18.90
N GLY A 182 30.67 -7.64 18.21
CA GLY A 182 31.06 -7.80 16.82
C GLY A 182 30.61 -6.63 15.97
N LYS A 183 29.44 -6.07 16.28
CA LYS A 183 28.94 -4.97 15.46
C LYS A 183 29.82 -3.74 15.56
N GLN A 184 30.50 -3.55 16.68
CA GLN A 184 31.35 -2.37 16.83
C GLN A 184 32.62 -2.48 16.04
N LEU A 185 33.13 -3.70 15.87
CA LEU A 185 34.45 -3.92 15.33
C LEU A 185 34.45 -3.96 13.81
N ARG A 186 33.30 -4.08 13.20
CA ARG A 186 33.30 -4.25 11.76
C ARG A 186 33.81 -3.00 11.04
N PRO A 187 33.30 -1.80 11.34
CA PRO A 187 33.81 -0.62 10.66
C PRO A 187 35.27 -0.36 10.91
N LEU A 188 35.81 -0.81 12.02
CA LEU A 188 37.23 -0.61 12.26
C LEU A 188 38.05 -1.62 11.50
N TYR A 189 37.56 -2.85 11.40
CA TYR A 189 38.31 -3.86 10.69
C TYR A 189 38.39 -3.54 9.21
N GLU A 190 37.31 -3.02 8.65
CA GLU A 190 37.35 -2.66 7.24
C GLU A 190 38.41 -1.61 6.94
N GLU A 191 38.80 -0.82 7.92
CA GLU A 191 39.82 0.18 7.72
C GLU A 191 41.19 -0.36 8.01
N TYR A 192 41.30 -1.18 9.04
CA TYR A 192 42.56 -1.80 9.37
C TYR A 192 43.08 -2.60 8.20
N VAL A 193 42.19 -3.29 7.49
CA VAL A 193 42.60 -4.06 6.33
C VAL A 193 43.27 -3.17 5.30
N VAL A 194 42.60 -2.07 4.96
CA VAL A 194 43.08 -1.19 3.91
C VAL A 194 44.42 -0.60 4.28
N LEU A 195 44.58 -0.17 5.52
CA LEU A 195 45.84 0.44 5.90
C LEU A 195 46.96 -0.58 5.90
N LYS A 196 46.72 -1.76 6.46
CA LYS A 196 47.77 -2.77 6.50
C LYS A 196 48.17 -3.18 5.11
N ASN A 197 47.26 -3.14 4.16
CA ASN A 197 47.65 -3.54 2.81
C ASN A 197 48.63 -2.56 2.20
N GLU A 198 48.44 -1.27 2.42
CA GLU A 198 49.40 -0.30 1.93
C GLU A 198 50.73 -0.46 2.63
N MET A 199 50.71 -0.70 3.93
CA MET A 199 51.94 -0.86 4.67
C MET A 199 52.75 -2.01 4.13
N ALA A 200 52.11 -2.95 3.47
CA ALA A 200 52.82 -4.14 2.95
C ALA A 200 53.24 -3.90 1.51
N ARG A 201 52.37 -3.31 0.70
CA ARG A 201 52.74 -3.04 -0.68
C ARG A 201 53.87 -2.04 -0.75
N ALA A 202 53.97 -1.16 0.21
CA ALA A 202 55.13 -0.30 0.19
C ALA A 202 56.36 -0.98 0.62
N ASN A 203 56.36 -2.28 0.85
CA ASN A 203 57.55 -3.00 1.28
C ASN A 203 57.94 -4.08 0.30
N HIS A 204 57.43 -4.02 -0.93
CA HIS A 204 57.71 -5.02 -1.95
C HIS A 204 57.13 -6.36 -1.54
N TYR A 205 55.89 -6.35 -1.08
CA TYR A 205 55.08 -7.53 -0.89
C TYR A 205 53.79 -7.35 -1.67
N GLU A 206 53.02 -8.43 -1.81
CA GLU A 206 51.78 -8.32 -2.55
C GLU A 206 50.67 -7.77 -1.67
N ASP A 207 50.64 -8.19 -0.42
CA ASP A 207 49.63 -7.73 0.52
C ASP A 207 50.12 -8.05 1.92
N TYR A 208 49.24 -7.90 2.89
CA TYR A 208 49.64 -8.22 4.25
C TYR A 208 49.72 -9.74 4.45
N GLY A 209 48.86 -10.48 3.78
CA GLY A 209 48.97 -11.92 3.83
C GLY A 209 50.35 -12.39 3.46
N ASP A 210 50.80 -12.06 2.26
CA ASP A 210 52.14 -12.40 1.82
C ASP A 210 53.22 -11.80 2.71
N TYR A 211 52.91 -10.79 3.48
CA TYR A 211 53.85 -10.32 4.47
C TYR A 211 53.99 -11.29 5.62
N TRP A 212 52.88 -11.80 6.12
CA TRP A 212 52.90 -12.71 7.24
C TRP A 212 53.59 -14.01 6.93
N ARG A 213 53.36 -14.56 5.74
CA ARG A 213 54.02 -15.79 5.33
C ARG A 213 55.48 -15.59 5.08
N GLY A 214 56.00 -14.41 5.31
CA GLY A 214 57.40 -14.16 5.08
C GLY A 214 58.28 -14.78 6.11
N ASP A 215 57.72 -15.38 7.14
CA ASP A 215 58.54 -15.96 8.19
C ASP A 215 59.04 -17.34 7.82
N TYR A 216 58.44 -17.97 6.83
CA TYR A 216 58.78 -19.33 6.46
C TYR A 216 59.62 -19.39 5.20
N GLU A 217 60.22 -18.30 4.78
CA GLU A 217 60.85 -18.24 3.48
C GLU A 217 62.35 -18.37 3.62
N VAL A 218 62.95 -19.11 2.70
CA VAL A 218 64.40 -19.30 2.66
C VAL A 218 64.85 -19.01 1.24
N ASN A 219 66.03 -18.40 1.10
CA ASN A 219 66.48 -17.95 -0.20
C ASN A 219 67.92 -18.36 -0.46
N GLY A 220 68.10 -19.11 -1.54
CA GLY A 220 69.42 -19.46 -2.04
C GLY A 220 70.33 -20.14 -1.06
N VAL A 221 70.00 -21.36 -0.67
CA VAL A 221 70.90 -22.16 0.14
C VAL A 221 71.02 -23.58 -0.44
N ASP A 222 70.69 -23.73 -1.72
CA ASP A 222 70.88 -24.99 -2.46
C ASP A 222 70.02 -26.16 -1.98
N GLY A 223 68.72 -26.08 -2.22
CA GLY A 223 67.86 -27.21 -2.00
C GLY A 223 66.96 -27.07 -0.81
N TYR A 224 67.30 -26.21 0.13
CA TYR A 224 66.45 -25.86 1.25
C TYR A 224 65.63 -24.62 0.95
N ASP A 225 65.51 -24.23 -0.30
CA ASP A 225 64.75 -23.03 -0.56
C ASP A 225 63.28 -23.30 -0.37
N TYR A 226 62.54 -22.24 -0.08
CA TYR A 226 61.15 -22.36 0.32
C TYR A 226 60.48 -21.03 0.07
N SER A 227 59.53 -20.97 -0.84
CA SER A 227 59.00 -19.71 -1.29
C SER A 227 57.63 -19.47 -0.67
N ARG A 228 57.36 -18.21 -0.32
CA ARG A 228 56.19 -17.82 0.44
C ARG A 228 54.91 -18.37 -0.16
N GLY A 229 54.95 -18.75 -1.42
CA GLY A 229 53.75 -19.30 -2.01
C GLY A 229 53.61 -20.78 -1.85
N GLN A 230 54.66 -21.45 -1.43
CA GLN A 230 54.57 -22.87 -1.19
C GLN A 230 53.83 -23.19 0.09
N LEU A 231 53.91 -22.31 1.08
CA LEU A 231 53.27 -22.58 2.35
C LEU A 231 51.79 -22.86 2.19
N ILE A 232 51.14 -22.20 1.24
CA ILE A 232 49.73 -22.49 1.06
C ILE A 232 49.52 -23.88 0.49
N GLU A 233 50.37 -24.31 -0.44
CA GLU A 233 50.24 -25.68 -0.93
C GLU A 233 50.48 -26.68 0.18
N ASP A 234 51.52 -26.49 0.97
CA ASP A 234 51.78 -27.44 2.04
C ASP A 234 50.64 -27.48 3.03
N VAL A 235 50.10 -26.34 3.42
CA VAL A 235 49.01 -26.36 4.37
C VAL A 235 47.80 -27.06 3.80
N GLU A 236 47.43 -26.75 2.56
CA GLU A 236 46.24 -27.38 2.00
C GLU A 236 46.44 -28.83 1.64
N HIS A 237 47.68 -29.28 1.52
CA HIS A 237 47.94 -30.64 1.14
C HIS A 237 48.14 -31.55 2.33
N THR A 238 48.58 -31.02 3.46
CA THR A 238 48.57 -31.81 4.68
C THR A 238 47.19 -31.88 5.29
N PHE A 239 46.34 -30.90 5.03
CA PHE A 239 45.03 -30.94 5.64
C PHE A 239 44.13 -31.97 5.00
N GLU A 240 44.37 -32.38 3.78
CA GLU A 240 43.51 -33.37 3.17
C GLU A 240 43.79 -34.77 3.67
N GLU A 241 44.83 -34.97 4.46
CA GLU A 241 45.04 -36.27 5.04
C GLU A 241 44.51 -36.37 6.46
N ILE A 242 44.05 -35.25 7.02
CA ILE A 242 43.43 -35.28 8.33
C ILE A 242 41.93 -35.46 8.24
N LYS A 243 41.34 -35.05 7.16
CA LYS A 243 39.89 -35.08 7.04
C LYS A 243 39.28 -36.45 7.35
N PRO A 244 39.91 -37.56 7.00
CA PRO A 244 39.34 -38.85 7.38
C PRO A 244 39.21 -39.06 8.87
N LEU A 245 40.21 -38.66 9.63
CA LEU A 245 40.13 -38.84 11.08
C LEU A 245 39.23 -37.83 11.73
N TYR A 246 39.26 -36.60 11.27
CA TYR A 246 38.37 -35.61 11.81
C TYR A 246 36.92 -35.91 11.53
N GLU A 247 36.60 -36.53 10.40
CA GLU A 247 35.20 -36.84 10.16
C GLU A 247 34.67 -37.87 11.12
N HIS A 248 35.44 -38.89 11.43
CA HIS A 248 35.00 -39.83 12.43
C HIS A 248 34.92 -39.22 13.80
N LEU A 249 35.89 -38.43 14.19
CA LEU A 249 35.79 -37.79 15.48
C LEU A 249 34.60 -36.86 15.57
N HIS A 250 34.27 -36.16 14.49
CA HIS A 250 33.13 -35.28 14.47
C HIS A 250 31.83 -36.04 14.48
N ALA A 251 31.73 -37.13 13.76
CA ALA A 251 30.54 -37.96 13.81
C ALA A 251 30.35 -38.60 15.16
N TYR A 252 31.41 -38.90 15.88
CA TYR A 252 31.23 -39.53 17.18
C TYR A 252 30.71 -38.54 18.19
N VAL A 253 31.19 -37.30 18.15
CA VAL A 253 30.68 -36.29 19.06
C VAL A 253 29.23 -35.96 18.78
N ARG A 254 28.84 -35.83 17.53
CA ARG A 254 27.45 -35.57 17.21
C ARG A 254 26.54 -36.63 17.80
N ALA A 255 26.90 -37.89 17.69
CA ALA A 255 26.07 -38.94 18.25
C ALA A 255 25.98 -38.87 19.76
N LYS A 256 26.88 -38.16 20.43
CA LYS A 256 26.85 -38.08 21.88
C LYS A 256 26.26 -36.79 22.39
N LEU A 257 26.15 -35.78 21.55
CA LEU A 257 25.42 -34.59 21.94
C LEU A 257 23.92 -34.80 21.83
N MET A 258 23.47 -35.66 20.94
CA MET A 258 22.06 -35.94 20.80
C MET A 258 21.46 -36.59 22.02
N ASN A 259 22.26 -36.88 23.04
CA ASN A 259 21.71 -37.42 24.27
C ASN A 259 21.76 -36.35 25.34
N ALA A 260 22.37 -35.23 25.04
CA ALA A 260 22.40 -34.12 25.97
C ALA A 260 21.43 -33.03 25.60
N TYR A 261 21.26 -32.76 24.31
CA TYR A 261 20.28 -31.81 23.82
C TYR A 261 19.47 -32.52 22.76
N PRO A 262 18.54 -33.38 23.17
CA PRO A 262 17.74 -34.09 22.17
C PRO A 262 16.76 -33.13 21.53
N SER A 263 16.38 -33.41 20.29
CA SER A 263 15.48 -32.55 19.54
C SER A 263 16.10 -31.21 19.22
N TYR A 264 17.42 -31.15 19.15
CA TYR A 264 18.10 -29.93 18.73
C TYR A 264 19.19 -30.19 17.73
N ILE A 265 19.54 -31.45 17.46
CA ILE A 265 20.65 -31.80 16.60
C ILE A 265 20.19 -32.87 15.65
N SER A 266 20.42 -32.67 14.41
CA SER A 266 19.98 -33.69 13.48
C SER A 266 21.15 -34.60 13.14
N PRO A 267 20.92 -35.91 13.06
CA PRO A 267 22.02 -36.85 12.89
C PRO A 267 22.59 -36.91 11.49
N ILE A 268 22.27 -35.97 10.62
CA ILE A 268 22.92 -35.92 9.31
C ILE A 268 23.37 -34.51 9.00
N GLY A 269 23.35 -33.63 10.00
CA GLY A 269 23.70 -32.25 9.82
C GLY A 269 24.98 -31.86 10.53
N CYS A 270 25.21 -30.57 10.57
CA CYS A 270 26.37 -30.00 11.24
C CYS A 270 26.07 -29.90 12.73
N LEU A 271 26.98 -29.32 13.49
CA LEU A 271 26.78 -29.10 14.90
C LEU A 271 26.49 -27.63 15.12
N PRO A 272 25.49 -27.27 15.89
CA PRO A 272 25.25 -25.85 16.14
C PRO A 272 26.44 -25.23 16.83
N ALA A 273 26.73 -23.99 16.50
CA ALA A 273 28.00 -23.42 16.88
C ALA A 273 28.08 -23.10 18.35
N HIS A 274 26.97 -23.01 19.05
CA HIS A 274 27.02 -22.58 20.43
C HIS A 274 27.08 -23.73 21.41
N LEU A 275 27.26 -24.95 20.95
CA LEU A 275 27.28 -26.10 21.82
C LEU A 275 28.64 -26.73 21.89
N LEU A 276 29.67 -26.03 21.46
CA LEU A 276 30.98 -26.64 21.26
C LEU A 276 31.98 -26.30 22.34
N GLY A 277 31.55 -26.20 23.58
CA GLY A 277 32.53 -26.06 24.62
C GLY A 277 32.89 -24.64 24.98
N ASP A 278 33.36 -23.85 24.04
CA ASP A 278 33.74 -22.50 24.39
C ASP A 278 33.11 -21.51 23.43
N MET A 279 33.51 -20.24 23.53
CA MET A 279 32.76 -19.21 22.86
C MET A 279 32.90 -19.28 21.35
N TRP A 280 34.05 -19.67 20.84
CA TRP A 280 34.25 -19.69 19.39
C TRP A 280 34.29 -21.07 18.81
N GLY A 281 34.71 -22.07 19.56
CA GLY A 281 34.89 -23.39 19.02
C GLY A 281 36.31 -23.72 18.74
N ARG A 282 37.24 -22.97 19.28
CA ARG A 282 38.65 -23.26 19.03
C ARG A 282 39.02 -24.63 19.56
N PHE A 283 38.77 -24.88 20.84
CA PHE A 283 39.05 -26.17 21.43
C PHE A 283 37.74 -26.84 21.80
N TRP A 284 37.69 -28.15 21.60
CA TRP A 284 36.56 -28.92 22.03
C TRP A 284 36.77 -29.58 23.36
N THR A 285 37.63 -29.03 24.22
CA THR A 285 38.02 -29.76 25.40
C THR A 285 36.87 -29.93 26.36
N ASN A 286 36.01 -28.93 26.47
CA ASN A 286 35.02 -28.93 27.51
C ASN A 286 33.92 -29.93 27.22
N LEU A 287 33.93 -30.54 26.05
CA LEU A 287 33.00 -31.61 25.74
C LEU A 287 33.46 -32.93 26.31
N TYR A 288 34.44 -32.93 27.20
CA TYR A 288 34.88 -34.21 27.70
C TYR A 288 33.81 -34.87 28.55
N SER A 289 33.21 -34.13 29.48
CA SER A 289 32.26 -34.72 30.40
C SER A 289 31.07 -35.34 29.69
N LEU A 290 30.73 -34.89 28.49
CA LEU A 290 29.63 -35.48 27.76
C LEU A 290 30.04 -36.62 26.85
N THR A 291 31.33 -36.77 26.57
CA THR A 291 31.73 -37.81 25.63
C THR A 291 32.74 -38.83 26.11
N VAL A 292 33.05 -38.83 27.40
CA VAL A 292 34.01 -39.79 27.91
C VAL A 292 33.57 -41.18 27.50
N PRO A 293 34.42 -41.96 26.87
CA PRO A 293 34.00 -43.28 26.42
C PRO A 293 33.57 -44.16 27.58
N PHE A 294 34.45 -44.38 28.55
CA PHE A 294 34.11 -45.20 29.70
C PHE A 294 34.06 -44.30 30.91
N GLY A 295 32.86 -43.85 31.25
CA GLY A 295 32.72 -42.93 32.37
C GLY A 295 33.14 -43.49 33.70
N GLN A 296 33.23 -44.80 33.83
CA GLN A 296 33.52 -45.39 35.13
C GLN A 296 35.01 -45.40 35.42
N LYS A 297 35.81 -45.93 34.50
CA LYS A 297 37.24 -45.95 34.72
C LYS A 297 37.76 -44.52 34.86
N PRO A 298 38.28 -44.16 35.99
CA PRO A 298 38.71 -42.77 36.20
C PRO A 298 40.07 -42.52 35.60
N ASN A 299 40.37 -41.26 35.29
CA ASN A 299 41.63 -40.95 34.64
C ASN A 299 42.79 -41.15 35.61
N ILE A 300 44.00 -40.96 35.11
CA ILE A 300 45.18 -41.08 35.94
C ILE A 300 45.51 -39.69 36.46
N ASP A 301 45.50 -39.55 37.78
CA ASP A 301 45.89 -38.32 38.44
C ASP A 301 46.78 -38.67 39.60
N VAL A 302 47.70 -37.77 39.92
CA VAL A 302 48.61 -37.99 41.03
C VAL A 302 48.61 -36.76 41.93
N THR A 303 47.59 -35.91 41.77
CA THR A 303 47.51 -34.74 42.63
C THR A 303 47.51 -35.10 44.11
N ASP A 304 47.13 -36.32 44.44
CA ASP A 304 46.98 -36.75 45.82
C ASP A 304 48.18 -37.51 46.35
N ALA A 305 48.74 -38.41 45.54
CA ALA A 305 49.98 -39.06 45.94
C ALA A 305 51.12 -38.06 46.10
N MET A 306 50.93 -36.84 45.60
CA MET A 306 51.95 -35.81 45.78
C MET A 306 51.90 -35.19 47.16
N VAL A 307 50.71 -34.87 47.66
CA VAL A 307 50.63 -34.24 48.97
C VAL A 307 51.07 -35.21 50.05
N ASP A 308 50.76 -36.49 49.87
CA ASP A 308 51.12 -37.48 50.88
C ASP A 308 52.63 -37.57 51.07
N GLN A 309 53.39 -37.22 50.06
CA GLN A 309 54.84 -37.22 50.21
C GLN A 309 55.41 -35.83 50.40
N ALA A 310 54.57 -34.84 50.75
CA ALA A 310 55.05 -33.49 51.03
C ALA A 310 55.81 -32.92 49.84
N TRP A 311 55.13 -32.75 48.71
CA TRP A 311 55.77 -32.29 47.50
C TRP A 311 55.51 -30.80 47.36
N ASP A 312 56.50 -30.00 47.70
CA ASP A 312 56.40 -28.55 47.65
C ASP A 312 56.85 -28.04 46.30
N ALA A 313 56.73 -26.73 46.10
CA ALA A 313 57.11 -26.15 44.81
C ALA A 313 58.61 -25.91 44.73
N GLN A 314 59.35 -26.90 45.18
CA GLN A 314 60.76 -27.04 44.85
C GLN A 314 61.14 -28.46 44.50
N ARG A 315 60.41 -29.44 45.03
CA ARG A 315 60.60 -30.81 44.60
C ARG A 315 60.22 -30.96 43.14
N ILE A 316 59.25 -30.18 42.69
CA ILE A 316 58.84 -30.21 41.30
C ILE A 316 59.96 -29.78 40.36
N PHE A 317 60.44 -28.56 40.50
CA PHE A 317 61.47 -28.04 39.63
C PHE A 317 62.81 -28.73 39.83
N LYS A 318 62.92 -29.63 40.79
CA LYS A 318 64.07 -30.51 40.79
C LYS A 318 63.80 -31.78 40.01
N GLU A 319 62.57 -32.28 40.05
CA GLU A 319 62.24 -33.42 39.21
C GLU A 319 62.37 -33.09 37.74
N ALA A 320 61.93 -31.89 37.35
CA ALA A 320 62.06 -31.50 35.96
C ALA A 320 63.52 -31.45 35.54
N GLU A 321 64.35 -30.78 36.33
CA GLU A 321 65.76 -30.69 36.02
C GLU A 321 66.39 -32.06 35.93
N LYS A 322 65.98 -32.97 36.81
CA LYS A 322 66.54 -34.31 36.74
C LYS A 322 66.11 -35.01 35.46
N PHE A 323 64.86 -34.81 35.05
CA PHE A 323 64.41 -35.37 33.78
C PHE A 323 65.30 -34.90 32.65
N PHE A 324 65.54 -33.60 32.58
CA PHE A 324 66.31 -33.08 31.46
C PHE A 324 67.75 -33.56 31.51
N VAL A 325 68.36 -33.56 32.69
CA VAL A 325 69.76 -33.96 32.75
C VAL A 325 69.90 -35.43 32.40
N SER A 326 68.85 -36.19 32.67
CA SER A 326 68.86 -37.62 32.35
C SER A 326 68.95 -37.85 30.84
N VAL A 327 68.39 -36.94 30.05
CA VAL A 327 68.41 -37.06 28.61
C VAL A 327 69.80 -36.75 28.07
N GLY A 328 70.45 -35.74 28.62
CA GLY A 328 71.77 -35.39 28.14
C GLY A 328 72.02 -33.89 28.13
N LEU A 329 70.95 -33.12 28.14
CA LEU A 329 71.06 -31.68 28.21
C LEU A 329 71.69 -31.29 29.54
N PRO A 330 72.15 -30.06 29.70
CA PRO A 330 72.88 -29.73 30.92
C PRO A 330 72.01 -29.35 32.11
N ASN A 331 72.67 -29.12 33.24
CA ASN A 331 72.02 -28.71 34.48
C ASN A 331 71.43 -27.33 34.35
N MET A 332 70.82 -26.83 35.41
CA MET A 332 70.41 -25.43 35.45
C MET A 332 71.61 -24.61 35.91
N THR A 333 71.39 -23.32 36.13
CA THR A 333 72.44 -22.42 36.58
C THR A 333 72.06 -21.82 37.93
N GLN A 334 73.07 -21.39 38.68
CA GLN A 334 72.81 -20.82 40.01
C GLN A 334 71.82 -19.68 39.93
N GLY A 335 72.11 -18.71 39.08
CA GLY A 335 71.22 -17.58 38.90
C GLY A 335 69.81 -17.99 38.60
N PHE A 336 69.61 -19.24 38.16
CA PHE A 336 68.25 -19.72 37.96
C PHE A 336 67.61 -20.05 39.30
N TRP A 337 68.34 -20.70 40.19
CA TRP A 337 67.76 -21.04 41.47
C TRP A 337 67.60 -19.82 42.36
N GLU A 338 68.53 -18.86 42.30
CA GLU A 338 68.38 -17.66 43.10
C GLU A 338 67.20 -16.80 42.67
N ASN A 339 67.30 -16.19 41.49
CA ASN A 339 66.37 -15.11 41.21
C ASN A 339 65.14 -15.54 40.43
N SER A 340 64.46 -16.58 40.91
CA SER A 340 63.25 -17.07 40.25
C SER A 340 62.02 -16.85 41.15
N MET A 341 60.83 -17.06 40.59
CA MET A 341 59.60 -16.89 41.36
C MET A 341 58.86 -18.21 41.49
N LEU A 342 59.58 -19.26 41.91
CA LEU A 342 59.02 -20.60 41.95
C LEU A 342 57.86 -20.75 42.91
N THR A 343 57.39 -19.68 43.55
CA THR A 343 56.15 -19.74 44.30
C THR A 343 55.63 -18.33 44.53
N ASP A 344 54.34 -18.21 44.58
CA ASP A 344 53.69 -16.92 44.70
C ASP A 344 53.98 -16.30 46.05
N PRO A 345 54.25 -15.00 46.11
CA PRO A 345 54.49 -14.34 47.40
C PRO A 345 53.24 -14.30 48.28
N GLY A 346 52.12 -13.84 47.73
CA GLY A 346 50.84 -13.92 48.40
C GLY A 346 50.59 -12.84 49.43
N ASN A 347 51.64 -12.28 50.00
CA ASN A 347 51.51 -11.18 50.94
C ASN A 347 51.26 -9.89 50.17
N VAL A 348 51.45 -8.74 50.83
CA VAL A 348 51.31 -7.43 50.21
C VAL A 348 51.99 -7.42 48.85
N GLN A 349 53.08 -8.16 48.71
CA GLN A 349 53.81 -8.26 47.45
C GLN A 349 52.97 -9.04 46.46
N LYS A 350 52.48 -8.35 45.42
CA LYS A 350 51.70 -9.03 44.40
C LYS A 350 52.54 -9.27 43.16
N ALA A 351 51.92 -9.89 42.16
CA ALA A 351 52.56 -10.18 40.88
C ALA A 351 51.52 -10.53 39.84
N VAL A 352 51.95 -10.89 38.66
CA VAL A 352 51.08 -11.50 37.65
C VAL A 352 51.53 -12.95 37.48
N CYS A 353 50.60 -13.88 37.67
CA CYS A 353 50.96 -15.27 37.88
C CYS A 353 50.88 -16.13 36.64
N HIS A 354 50.75 -15.55 35.45
CA HIS A 354 50.78 -16.33 34.22
C HIS A 354 52.17 -16.94 34.02
N PRO A 355 52.28 -18.26 33.93
CA PRO A 355 53.62 -18.87 33.92
C PRO A 355 54.38 -18.51 32.67
N THR A 356 55.69 -18.34 32.83
CA THR A 356 56.53 -18.05 31.69
C THR A 356 58.02 -18.15 32.00
N ALA A 357 58.84 -18.15 30.96
CA ALA A 357 60.28 -18.18 31.10
C ALA A 357 60.86 -16.86 30.60
N TRP A 358 62.02 -16.51 31.14
CA TRP A 358 62.65 -15.25 30.82
C TRP A 358 64.11 -15.47 30.50
N ASP A 359 64.57 -14.76 29.48
CA ASP A 359 65.90 -14.89 28.90
C ASP A 359 66.56 -13.52 28.90
N LEU A 360 66.60 -12.88 30.07
CA LEU A 360 67.00 -11.49 30.16
C LEU A 360 68.31 -11.17 29.46
N GLY A 361 69.11 -12.17 29.13
CA GLY A 361 70.31 -11.89 28.38
C GLY A 361 71.57 -11.97 29.20
N LYS A 362 72.72 -11.89 28.55
CA LYS A 362 74.02 -11.92 29.21
C LYS A 362 74.29 -13.24 29.91
N GLY A 363 73.31 -14.12 29.94
CA GLY A 363 73.59 -15.43 30.49
C GLY A 363 72.90 -15.72 31.81
N ASP A 364 71.76 -15.12 32.07
CA ASP A 364 70.93 -15.53 33.18
C ASP A 364 69.51 -15.74 32.67
N PHE A 365 68.83 -16.72 33.25
CA PHE A 365 67.49 -17.10 32.84
C PHE A 365 66.67 -17.29 34.10
N ARG A 366 65.36 -17.17 33.99
CA ARG A 366 64.57 -17.38 35.19
C ARG A 366 63.11 -17.62 34.85
N ILE A 367 62.44 -18.40 35.68
CA ILE A 367 61.06 -18.75 35.45
C ILE A 367 60.17 -17.97 36.42
N LEU A 368 59.02 -17.53 35.93
CA LEU A 368 58.07 -16.86 36.78
C LEU A 368 56.76 -17.58 36.71
N MET A 369 56.40 -18.26 37.79
CA MET A 369 55.12 -18.93 37.88
C MET A 369 54.73 -19.20 39.32
N CYS A 370 53.47 -18.98 39.62
CA CYS A 370 52.94 -19.24 40.96
C CYS A 370 52.38 -20.65 41.00
N THR A 371 53.22 -21.61 41.37
CA THR A 371 52.87 -23.02 41.22
C THR A 371 52.16 -23.58 42.44
N LYS A 372 51.02 -24.22 42.19
CA LYS A 372 50.25 -24.92 43.21
C LYS A 372 50.61 -26.39 43.09
N VAL A 373 50.81 -27.06 44.22
CA VAL A 373 51.11 -28.48 44.14
C VAL A 373 49.88 -29.18 43.58
N THR A 374 49.98 -29.62 42.33
CA THR A 374 48.89 -30.18 41.55
C THR A 374 49.52 -31.18 40.57
N MET A 375 48.77 -31.55 39.54
CA MET A 375 49.36 -32.26 38.42
C MET A 375 49.58 -31.35 37.22
N ASP A 376 48.58 -30.55 36.87
CA ASP A 376 48.70 -29.68 35.72
C ASP A 376 49.81 -28.67 35.88
N ASP A 377 50.29 -28.45 37.10
CA ASP A 377 51.49 -27.68 37.28
C ASP A 377 52.74 -28.53 37.25
N PHE A 378 52.63 -29.80 37.58
CA PHE A 378 53.74 -30.70 37.34
C PHE A 378 54.04 -30.85 35.86
N LEU A 379 53.08 -30.55 34.99
CA LEU A 379 53.35 -30.56 33.56
C LEU A 379 53.89 -29.22 33.09
N THR A 380 53.29 -28.14 33.54
CA THR A 380 53.77 -26.82 33.16
C THR A 380 55.20 -26.60 33.62
N ALA A 381 55.62 -27.22 34.69
CA ALA A 381 57.04 -27.15 35.04
C ALA A 381 57.91 -27.64 33.90
N HIS A 382 57.60 -28.80 33.35
CA HIS A 382 58.39 -29.32 32.24
C HIS A 382 58.22 -28.47 31.00
N HIS A 383 57.01 -28.02 30.74
CA HIS A 383 56.79 -27.17 29.58
C HIS A 383 57.71 -25.96 29.62
N GLU A 384 57.83 -25.30 30.77
CA GLU A 384 58.61 -24.07 30.83
C GLU A 384 60.10 -24.36 30.87
N MET A 385 60.50 -25.40 31.58
CA MET A 385 61.91 -25.71 31.56
C MET A 385 62.31 -26.12 30.16
N GLY A 386 61.33 -26.49 29.33
CA GLY A 386 61.63 -26.71 27.95
C GLY A 386 62.14 -25.47 27.25
N HIS A 387 61.38 -24.38 27.32
CA HIS A 387 61.86 -23.11 26.78
C HIS A 387 63.23 -22.78 27.34
N ILE A 388 63.39 -22.88 28.65
CA ILE A 388 64.66 -22.48 29.23
C ILE A 388 65.80 -23.31 28.68
N GLN A 389 65.56 -24.59 28.44
CA GLN A 389 66.61 -25.44 27.90
C GLN A 389 66.84 -25.16 26.44
N TYR A 390 65.85 -24.63 25.75
CA TYR A 390 66.09 -24.15 24.39
C TYR A 390 67.03 -22.96 24.42
N ASP A 391 66.68 -21.95 25.22
CA ASP A 391 67.45 -20.71 25.23
C ASP A 391 68.89 -20.93 25.65
N MET A 392 69.11 -21.76 26.66
CA MET A 392 70.46 -21.96 27.11
C MET A 392 71.35 -22.55 26.03
N ALA A 393 70.76 -23.09 24.98
CA ALA A 393 71.54 -23.82 23.99
C ALA A 393 72.11 -22.91 22.92
N TYR A 394 71.33 -21.93 22.48
CA TYR A 394 71.81 -21.01 21.45
C TYR A 394 72.29 -19.69 22.00
N ALA A 395 72.78 -19.65 23.23
CA ALA A 395 73.17 -18.35 23.75
C ALA A 395 74.58 -18.02 23.32
N ALA A 396 75.04 -18.66 22.25
CA ALA A 396 76.34 -18.35 21.67
C ALA A 396 76.18 -17.89 20.24
N GLN A 397 75.18 -17.08 19.98
CA GLN A 397 74.91 -16.58 18.65
C GLN A 397 74.74 -15.08 18.71
N PRO A 398 74.98 -14.38 17.60
CA PRO A 398 74.83 -12.93 17.60
C PRO A 398 73.38 -12.54 17.88
N PHE A 399 73.23 -11.44 18.62
CA PHE A 399 71.97 -11.10 19.27
C PHE A 399 70.74 -11.26 18.42
N LEU A 400 70.86 -11.08 17.11
CA LEU A 400 69.65 -11.18 16.29
C LEU A 400 69.37 -12.60 15.86
N LEU A 401 70.28 -13.53 16.12
CA LEU A 401 70.10 -14.93 15.77
C LEU A 401 69.75 -15.76 16.98
N ARG A 402 68.94 -15.22 17.87
CA ARG A 402 68.49 -15.91 19.07
C ARG A 402 66.98 -16.02 19.00
N ASN A 403 66.50 -17.14 18.46
CA ASN A 403 65.09 -17.42 18.36
C ASN A 403 64.91 -18.81 17.79
N GLY A 404 63.70 -19.32 17.76
CA GLY A 404 63.48 -20.59 17.13
C GLY A 404 63.72 -20.49 15.64
N ALA A 405 64.02 -21.64 15.03
CA ALA A 405 64.29 -21.66 13.61
C ALA A 405 63.18 -20.99 12.83
N ASN A 406 61.94 -21.07 13.31
CA ASN A 406 60.89 -20.19 12.85
C ASN A 406 59.95 -19.99 14.02
N GLU A 407 58.76 -19.48 13.73
CA GLU A 407 57.87 -19.15 14.83
C GLU A 407 57.29 -20.37 15.50
N GLY A 408 57.10 -21.47 14.79
CA GLY A 408 56.42 -22.60 15.37
C GLY A 408 57.34 -23.56 16.08
N PHE A 409 58.64 -23.34 16.03
CA PHE A 409 59.55 -24.26 16.67
C PHE A 409 59.60 -24.12 18.18
N HIS A 410 59.42 -22.93 18.70
CA HIS A 410 59.71 -22.71 20.10
C HIS A 410 58.70 -23.44 20.98
N GLU A 411 57.42 -23.18 20.79
CA GLU A 411 56.48 -23.87 21.65
C GLU A 411 56.33 -25.33 21.29
N ALA A 412 56.92 -25.78 20.20
CA ALA A 412 56.83 -27.19 19.84
C ALA A 412 57.89 -28.03 20.49
N VAL A 413 58.72 -27.46 21.33
CA VAL A 413 59.66 -28.22 22.13
C VAL A 413 59.14 -28.36 23.56
N GLY A 414 58.55 -27.31 24.10
CA GLY A 414 57.88 -27.44 25.36
C GLY A 414 56.87 -28.54 25.33
N GLU A 415 56.12 -28.65 24.25
CA GLU A 415 55.08 -29.67 24.17
C GLU A 415 55.66 -31.06 24.27
N ILE A 416 56.61 -31.41 23.41
CA ILE A 416 57.19 -32.74 23.48
C ILE A 416 57.92 -32.97 24.79
N MET A 417 58.26 -31.93 25.51
CA MET A 417 58.77 -32.18 26.84
C MET A 417 57.66 -32.57 27.80
N SER A 418 56.57 -31.83 27.80
CA SER A 418 55.46 -32.16 28.68
C SER A 418 54.66 -33.36 28.20
N LEU A 419 54.71 -33.67 26.92
CA LEU A 419 54.01 -34.82 26.38
C LEU A 419 54.57 -36.13 26.89
N SER A 420 55.85 -36.15 27.23
CA SER A 420 56.52 -37.38 27.59
C SER A 420 56.75 -37.50 29.08
N ALA A 421 56.18 -36.62 29.89
CA ALA A 421 56.26 -36.75 31.32
C ALA A 421 54.93 -37.15 31.93
N ALA A 422 53.85 -37.10 31.17
CA ALA A 422 52.56 -37.57 31.63
C ALA A 422 52.31 -39.02 31.26
N THR A 423 53.33 -39.80 31.11
CA THR A 423 53.03 -41.16 30.73
C THR A 423 53.25 -42.08 31.91
N PRO A 424 52.30 -42.96 32.22
CA PRO A 424 52.44 -43.83 33.39
C PRO A 424 53.77 -44.54 33.48
N LYS A 425 54.43 -44.78 32.36
CA LYS A 425 55.71 -45.47 32.42
C LYS A 425 56.77 -44.58 33.07
N HIS A 426 56.45 -43.31 33.25
CA HIS A 426 57.34 -42.36 33.88
C HIS A 426 56.91 -41.95 35.27
N LEU A 427 55.65 -41.62 35.47
CA LEU A 427 55.11 -41.43 36.80
C LEU A 427 55.34 -42.65 37.67
N LYS A 428 55.25 -43.84 37.10
CA LYS A 428 55.44 -45.07 37.84
C LYS A 428 56.91 -45.27 38.20
N SER A 429 57.74 -44.33 37.83
CA SER A 429 59.16 -44.50 38.06
C SER A 429 59.70 -43.40 38.96
N ILE A 430 59.21 -42.17 38.77
CA ILE A 430 59.72 -41.08 39.60
C ILE A 430 59.23 -41.17 41.03
N GLY A 431 58.28 -42.06 41.34
CA GLY A 431 57.86 -42.22 42.70
C GLY A 431 56.37 -42.26 42.91
N LEU A 432 55.60 -41.51 42.12
CA LEU A 432 54.15 -41.56 42.26
C LEU A 432 53.62 -42.82 41.61
N LEU A 433 52.30 -42.98 41.59
CA LEU A 433 51.69 -44.10 40.88
C LEU A 433 52.21 -45.43 41.38
N SER A 434 51.83 -45.82 42.60
CA SER A 434 52.31 -47.00 43.32
C SER A 434 52.53 -48.19 42.39
N PRO A 435 53.58 -48.98 42.64
CA PRO A 435 54.15 -49.79 41.55
C PRO A 435 53.20 -50.80 40.96
N ASP A 436 52.49 -51.56 41.79
CA ASP A 436 51.55 -52.55 41.26
C ASP A 436 50.34 -51.76 40.76
N PHE A 437 50.47 -51.22 39.56
CA PHE A 437 49.41 -50.43 38.95
C PHE A 437 49.39 -50.80 37.47
N GLN A 438 48.41 -51.58 37.07
CA GLN A 438 48.25 -51.96 35.68
C GLN A 438 47.38 -50.93 34.99
N GLU A 439 47.80 -50.49 33.82
CA GLU A 439 46.94 -49.67 32.97
C GLU A 439 46.22 -50.56 31.99
N ASP A 440 44.94 -50.29 31.81
CA ASP A 440 44.07 -51.14 31.02
C ASP A 440 43.66 -50.43 29.73
N ASN A 441 43.41 -51.21 28.69
CA ASN A 441 43.23 -50.59 27.38
C ASN A 441 42.02 -49.78 27.30
N GLU A 442 41.32 -49.49 28.38
CA GLU A 442 40.23 -48.54 28.32
C GLU A 442 40.62 -47.17 28.86
N THR A 443 41.49 -47.10 29.84
CA THR A 443 42.07 -45.81 30.17
C THR A 443 42.83 -45.22 29.01
N GLU A 444 43.42 -46.04 28.15
CA GLU A 444 44.15 -45.49 27.01
C GLU A 444 43.22 -44.78 26.04
N ILE A 445 42.04 -45.33 25.84
CA ILE A 445 41.09 -44.63 24.98
C ILE A 445 40.60 -43.41 25.73
N ASN A 446 40.37 -43.54 27.04
CA ASN A 446 39.96 -42.38 27.80
C ASN A 446 40.96 -41.25 27.68
N PHE A 447 42.21 -41.59 27.46
CA PHE A 447 43.27 -40.59 27.36
C PHE A 447 43.39 -40.05 25.96
N LEU A 448 43.49 -40.93 24.96
CA LEU A 448 43.62 -40.48 23.59
C LEU A 448 42.44 -39.64 23.16
N LEU A 449 41.24 -39.97 23.59
CA LEU A 449 40.14 -39.11 23.18
C LEU A 449 40.20 -37.75 23.84
N LYS A 450 40.62 -37.68 25.09
CA LYS A 450 40.81 -36.38 25.68
C LYS A 450 41.85 -35.58 24.95
N GLN A 451 42.87 -36.23 24.40
CA GLN A 451 43.82 -35.50 23.56
C GLN A 451 43.19 -35.03 22.26
N ALA A 452 42.57 -35.94 21.52
CA ALA A 452 42.04 -35.59 20.22
C ALA A 452 41.05 -34.46 20.28
N LEU A 453 40.43 -34.23 21.42
CA LEU A 453 39.51 -33.11 21.50
C LEU A 453 40.25 -31.81 21.54
N THR A 454 41.53 -31.84 21.89
CA THR A 454 42.28 -30.61 22.02
C THR A 454 43.23 -30.40 20.84
N ILE A 455 43.81 -31.48 20.34
CA ILE A 455 44.73 -31.38 19.20
C ILE A 455 43.99 -31.37 17.89
N VAL A 456 43.26 -32.45 17.59
CA VAL A 456 42.62 -32.56 16.29
C VAL A 456 41.44 -31.60 16.20
N GLY A 457 40.67 -31.48 17.26
CA GLY A 457 39.50 -30.64 17.20
C GLY A 457 39.76 -29.21 16.80
N THR A 458 41.01 -28.76 16.92
CA THR A 458 41.36 -27.38 16.63
C THR A 458 42.08 -27.22 15.32
N LEU A 459 42.27 -28.27 14.56
CA LEU A 459 43.02 -28.09 13.33
C LEU A 459 42.13 -27.50 12.25
N PRO A 460 40.92 -27.99 12.04
CA PRO A 460 40.08 -27.37 11.03
C PRO A 460 39.75 -25.94 11.34
N PHE A 461 39.65 -25.59 12.61
CA PHE A 461 39.37 -24.21 12.94
C PHE A 461 40.52 -23.31 12.58
N THR A 462 41.74 -23.70 12.96
CA THR A 462 42.91 -22.91 12.64
C THR A 462 43.07 -22.72 11.14
N TYR A 463 42.93 -23.80 10.40
CA TYR A 463 43.10 -23.73 8.96
C TYR A 463 42.04 -22.87 8.32
N MET A 464 40.79 -23.03 8.71
CA MET A 464 39.74 -22.20 8.15
C MET A 464 39.94 -20.73 8.47
N LEU A 465 40.34 -20.41 9.69
CA LEU A 465 40.50 -19.01 10.05
C LEU A 465 41.67 -18.39 9.32
N GLU A 466 42.75 -19.09 9.10
CA GLU A 466 43.80 -18.45 8.33
C GLU A 466 43.50 -18.41 6.86
N LYS A 467 42.78 -19.38 6.33
CA LYS A 467 42.37 -19.29 4.94
C LYS A 467 41.52 -18.06 4.71
N TRP A 468 40.56 -17.82 5.59
CA TRP A 468 39.71 -16.65 5.43
C TRP A 468 40.53 -15.38 5.42
N ARG A 469 41.47 -15.25 6.33
CA ARG A 469 42.23 -14.00 6.39
C ARG A 469 43.13 -13.86 5.20
N TRP A 470 43.81 -14.92 4.79
CA TRP A 470 44.63 -14.83 3.61
C TRP A 470 43.84 -14.42 2.40
N MET A 471 42.59 -14.85 2.30
CA MET A 471 41.81 -14.46 1.14
C MET A 471 41.24 -13.06 1.29
N VAL A 472 40.98 -12.60 2.49
CA VAL A 472 40.47 -11.26 2.66
C VAL A 472 41.54 -10.24 2.37
N PHE A 473 42.79 -10.54 2.69
CA PHE A 473 43.85 -9.57 2.55
C PHE A 473 44.31 -9.45 1.11
N LYS A 474 43.75 -10.24 0.20
CA LYS A 474 44.18 -10.10 -1.17
C LYS A 474 42.99 -9.77 -2.06
N GLY A 475 41.94 -9.23 -1.47
CA GLY A 475 40.80 -8.78 -2.23
C GLY A 475 40.06 -9.90 -2.91
N GLU A 476 40.40 -11.10 -2.60
CA GLU A 476 39.70 -12.20 -3.24
C GLU A 476 38.36 -12.40 -2.71
N ILE A 477 37.98 -11.61 -1.72
CA ILE A 477 36.63 -11.63 -1.17
C ILE A 477 36.15 -10.18 -1.10
N PRO A 478 35.18 -9.79 -1.91
CA PRO A 478 34.72 -8.41 -1.87
C PRO A 478 34.20 -8.04 -0.50
N LYS A 479 34.16 -6.74 -0.21
CA LYS A 479 33.89 -6.31 1.14
C LYS A 479 32.45 -6.48 1.55
N ASP A 480 31.63 -7.07 0.70
CA ASP A 480 30.24 -7.32 1.03
C ASP A 480 29.94 -8.79 1.14
N GLN A 481 30.96 -9.62 1.12
CA GLN A 481 30.73 -11.04 1.25
C GLN A 481 31.60 -11.65 2.33
N TRP A 482 32.03 -10.85 3.29
CA TRP A 482 32.89 -11.36 4.33
C TRP A 482 32.17 -12.39 5.17
N MET A 483 31.04 -12.04 5.76
CA MET A 483 30.34 -13.00 6.60
C MET A 483 29.73 -14.12 5.79
N LYS A 484 29.34 -13.85 4.56
CA LYS A 484 28.79 -14.92 3.75
C LYS A 484 29.82 -16.00 3.53
N LYS A 485 31.02 -15.63 3.14
CA LYS A 485 32.08 -16.61 2.98
C LYS A 485 32.49 -17.24 4.30
N TRP A 486 32.49 -16.48 5.38
CA TRP A 486 32.82 -17.07 6.67
C TRP A 486 31.89 -18.22 6.99
N TRP A 487 30.60 -17.99 6.91
CA TRP A 487 29.69 -19.07 7.26
C TRP A 487 29.51 -20.08 6.15
N GLU A 488 30.00 -19.81 4.95
CA GLU A 488 30.09 -20.87 3.97
C GLU A 488 31.24 -21.81 4.24
N MET A 489 32.40 -21.27 4.55
CA MET A 489 33.55 -22.08 4.86
C MET A 489 33.39 -22.84 6.15
N LYS A 490 32.69 -22.28 7.13
CA LYS A 490 32.49 -23.01 8.37
C LYS A 490 31.69 -24.27 8.12
N ARG A 491 30.60 -24.19 7.39
CA ARG A 491 29.80 -25.37 7.13
C ARG A 491 30.53 -26.41 6.33
N GLU A 492 31.48 -26.01 5.50
CA GLU A 492 32.11 -26.95 4.59
C GLU A 492 33.39 -27.56 5.11
N ILE A 493 34.21 -26.80 5.81
CA ILE A 493 35.46 -27.30 6.34
C ILE A 493 35.28 -27.84 7.75
N VAL A 494 34.76 -27.03 8.65
CA VAL A 494 34.69 -27.43 10.04
C VAL A 494 33.49 -28.31 10.33
N GLY A 495 32.38 -28.12 9.62
CA GLY A 495 31.19 -28.88 9.90
C GLY A 495 30.35 -28.28 10.98
N VAL A 496 30.24 -26.97 11.03
CA VAL A 496 29.59 -26.25 12.12
C VAL A 496 28.68 -25.20 11.52
N VAL A 497 27.46 -25.11 12.02
CA VAL A 497 26.45 -24.23 11.45
C VAL A 497 26.03 -23.22 12.50
N GLU A 498 25.67 -22.04 12.05
CA GLU A 498 25.31 -21.00 13.00
C GLU A 498 23.83 -21.09 13.35
N PRO A 499 23.46 -20.72 14.57
CA PRO A 499 22.06 -20.87 15.01
C PRO A 499 21.14 -19.71 14.68
N VAL A 500 21.65 -18.57 14.24
CA VAL A 500 20.83 -17.47 13.75
C VAL A 500 21.53 -16.87 12.55
N PRO A 501 20.82 -16.44 11.51
CA PRO A 501 21.50 -15.90 10.33
C PRO A 501 22.17 -14.57 10.64
N HIS A 502 23.27 -14.31 9.94
CA HIS A 502 24.11 -13.15 10.21
C HIS A 502 24.35 -12.38 8.92
N ASP A 503 23.83 -11.16 8.85
CA ASP A 503 23.99 -10.33 7.66
C ASP A 503 25.35 -9.66 7.66
N GLU A 504 25.51 -8.66 6.81
CA GLU A 504 26.82 -8.04 6.59
C GLU A 504 27.11 -6.92 7.55
N THR A 505 26.33 -6.75 8.60
CA THR A 505 26.67 -5.78 9.62
C THR A 505 27.40 -6.40 10.79
N TYR A 506 27.65 -7.70 10.74
CA TYR A 506 28.38 -8.39 11.78
C TYR A 506 29.84 -8.55 11.37
N CYS A 507 30.66 -8.94 12.33
CA CYS A 507 31.98 -9.46 12.01
C CYS A 507 32.34 -10.49 13.06
N ASP A 508 32.03 -11.73 12.80
CA ASP A 508 32.21 -12.78 13.79
C ASP A 508 33.67 -13.14 13.98
N PRO A 509 34.49 -13.20 12.93
CA PRO A 509 35.89 -13.49 13.19
C PRO A 509 36.59 -12.42 13.98
N ALA A 510 36.19 -11.16 13.83
CA ALA A 510 36.85 -10.07 14.55
C ALA A 510 36.63 -10.14 16.04
N SER A 511 35.68 -10.94 16.51
CA SER A 511 35.46 -11.06 17.93
C SER A 511 36.34 -12.11 18.57
N LEU A 512 37.46 -12.44 17.96
CA LEU A 512 38.40 -13.40 18.49
C LEU A 512 39.69 -12.68 18.85
N PHE A 513 40.35 -13.16 19.89
CA PHE A 513 41.44 -12.38 20.45
C PHE A 513 42.53 -12.13 19.43
N HIS A 514 42.86 -13.12 18.62
CA HIS A 514 44.00 -12.97 17.73
C HIS A 514 43.65 -12.12 16.53
N VAL A 515 42.40 -12.14 16.10
CA VAL A 515 42.03 -11.41 14.90
C VAL A 515 41.99 -9.93 15.19
N SER A 516 41.54 -9.55 16.38
CA SER A 516 41.35 -8.16 16.72
C SER A 516 42.51 -7.63 17.56
N ASN A 517 43.63 -8.32 17.47
CA ASN A 517 44.82 -7.85 18.14
C ASN A 517 46.01 -8.04 17.22
N ASP A 518 45.70 -8.27 15.95
CA ASP A 518 46.70 -8.42 14.90
C ASP A 518 47.81 -9.43 15.16
N TYR A 519 47.45 -10.70 15.26
CA TYR A 519 48.45 -11.73 15.46
C TYR A 519 48.36 -12.73 14.32
N SER A 520 49.49 -13.31 13.96
CA SER A 520 49.48 -14.37 12.98
C SER A 520 48.96 -15.64 13.63
N PHE A 521 48.16 -16.40 12.89
CA PHE A 521 47.45 -17.51 13.49
C PHE A 521 47.94 -18.86 12.98
N ILE A 522 48.81 -18.87 11.98
CA ILE A 522 49.25 -20.12 11.39
C ILE A 522 50.25 -20.84 12.24
N ARG A 523 50.94 -20.17 13.14
CA ARG A 523 51.90 -20.88 13.96
C ARG A 523 51.26 -21.99 14.75
N TYR A 524 49.99 -21.87 15.08
CA TYR A 524 49.31 -22.92 15.81
C TYR A 524 49.01 -24.13 14.95
N TYR A 525 49.07 -23.98 13.64
CA TYR A 525 48.93 -25.13 12.78
C TYR A 525 50.25 -25.87 12.65
N THR A 526 51.28 -25.20 12.17
CA THR A 526 52.54 -25.87 11.96
C THR A 526 53.15 -26.35 13.26
N ARG A 527 52.85 -25.70 14.37
CA ARG A 527 53.38 -26.18 15.63
C ARG A 527 52.84 -27.56 15.94
N THR A 528 51.58 -27.80 15.66
CA THR A 528 51.00 -29.09 15.92
C THR A 528 51.68 -30.20 15.15
N LEU A 529 52.02 -29.99 13.89
CA LEU A 529 52.68 -31.06 13.17
C LEU A 529 54.14 -31.23 13.54
N TYR A 530 54.89 -30.15 13.76
CA TYR A 530 56.25 -30.37 14.23
C TYR A 530 56.26 -31.11 15.54
N GLN A 531 55.26 -30.89 16.38
CA GLN A 531 55.28 -31.47 17.71
C GLN A 531 55.30 -32.98 17.64
N PHE A 532 54.61 -33.55 16.67
CA PHE A 532 54.59 -35.00 16.53
C PHE A 532 55.68 -35.53 15.65
N GLN A 533 56.13 -34.77 14.66
CA GLN A 533 57.33 -35.21 13.96
C GLN A 533 58.52 -35.36 14.88
N PHE A 534 58.76 -34.39 15.76
CA PHE A 534 59.83 -34.52 16.74
C PHE A 534 59.61 -35.70 17.66
N GLN A 535 58.40 -35.90 18.13
CA GLN A 535 58.15 -36.99 19.05
C GLN A 535 58.40 -38.33 18.40
N GLU A 536 57.98 -38.48 17.16
CA GLU A 536 58.12 -39.76 16.50
C GLU A 536 59.56 -40.02 16.10
N ALA A 537 60.30 -38.99 15.72
CA ALA A 537 61.67 -39.21 15.36
C ALA A 537 62.60 -39.29 16.55
N LEU A 538 62.07 -39.17 17.76
CA LEU A 538 62.91 -39.21 18.94
C LEU A 538 62.82 -40.51 19.70
N CYS A 539 61.65 -41.14 19.77
CA CYS A 539 61.65 -42.48 20.34
C CYS A 539 62.39 -43.49 19.48
N GLN A 540 62.31 -43.37 18.16
CA GLN A 540 63.11 -44.27 17.35
C GLN A 540 64.60 -44.19 17.68
N ALA A 541 65.05 -43.09 18.27
CA ALA A 541 66.39 -43.09 18.81
C ALA A 541 66.43 -43.81 20.15
N ALA A 542 65.36 -43.72 20.93
CA ALA A 542 65.27 -44.40 22.20
C ALA A 542 64.79 -45.84 22.06
N LYS A 543 64.68 -46.34 20.83
CA LYS A 543 64.36 -47.74 20.57
C LYS A 543 63.03 -48.12 21.20
N HIS A 544 61.94 -47.55 20.72
CA HIS A 544 60.66 -47.78 21.34
C HIS A 544 60.12 -49.15 20.98
N GLU A 545 59.04 -49.57 21.62
CA GLU A 545 58.51 -50.91 21.46
C GLU A 545 57.12 -50.94 20.87
N GLY A 546 56.18 -50.26 21.49
CA GLY A 546 54.77 -50.43 21.21
C GLY A 546 54.14 -49.30 20.44
N PRO A 547 53.06 -48.77 20.98
CA PRO A 547 52.43 -47.61 20.35
C PRO A 547 53.25 -46.36 20.55
N LEU A 548 52.96 -45.32 19.79
CA LEU A 548 53.69 -44.08 19.97
C LEU A 548 53.33 -43.36 21.25
N HIS A 549 52.06 -43.34 21.61
CA HIS A 549 51.62 -42.55 22.74
C HIS A 549 52.05 -43.09 24.08
N LYS A 550 52.80 -44.19 24.12
CA LYS A 550 53.41 -44.64 25.35
C LYS A 550 54.92 -44.48 25.30
N CYS A 551 55.40 -43.59 24.46
CA CYS A 551 56.81 -43.32 24.33
C CYS A 551 57.28 -42.39 25.42
N ASP A 552 58.53 -42.57 25.82
CA ASP A 552 59.12 -41.73 26.84
C ASP A 552 60.61 -41.74 26.60
N ILE A 553 61.17 -40.57 26.32
CA ILE A 553 62.55 -40.50 25.85
C ILE A 553 63.56 -40.45 26.98
N SER A 554 63.12 -40.55 28.22
CA SER A 554 64.03 -40.40 29.35
C SER A 554 65.14 -41.44 29.29
N ASN A 555 66.20 -41.18 30.05
CA ASN A 555 67.27 -42.14 30.25
C ASN A 555 67.92 -42.58 28.95
N SER A 556 67.76 -41.81 27.88
CA SER A 556 68.24 -42.24 26.56
C SER A 556 69.07 -41.12 25.94
N THR A 557 70.39 -41.23 26.06
CA THR A 557 71.25 -40.09 25.72
C THR A 557 71.28 -39.84 24.22
N GLU A 558 71.11 -40.88 23.42
CA GLU A 558 71.19 -40.69 21.97
C GLU A 558 69.97 -39.96 21.45
N ALA A 559 68.96 -39.79 22.29
CA ALA A 559 67.84 -38.94 21.94
C ALA A 559 68.07 -37.51 22.37
N GLY A 560 69.15 -37.24 23.07
CA GLY A 560 69.50 -35.89 23.43
C GLY A 560 70.34 -35.27 22.35
N GLN A 561 71.20 -36.07 21.74
CA GLN A 561 71.99 -35.55 20.65
C GLN A 561 71.12 -35.09 19.50
N LYS A 562 70.28 -35.98 18.99
CA LYS A 562 69.40 -35.63 17.89
C LYS A 562 68.63 -34.35 18.18
N LEU A 563 68.45 -34.02 19.46
CA LEU A 563 67.77 -32.78 19.79
C LEU A 563 68.72 -31.64 20.02
N PHE A 564 69.84 -31.89 20.70
CA PHE A 564 70.75 -30.79 20.97
C PHE A 564 71.40 -30.26 19.71
N ASN A 565 71.35 -30.99 18.61
CA ASN A 565 71.91 -30.48 17.37
C ASN A 565 70.96 -29.53 16.67
N MET A 566 69.67 -29.69 16.86
CA MET A 566 68.74 -28.73 16.31
C MET A 566 68.62 -27.49 17.15
N LEU A 567 68.80 -27.59 18.46
CA LEU A 567 68.60 -26.42 19.30
C LEU A 567 69.69 -25.39 19.04
N ARG A 568 70.95 -25.79 19.13
CA ARG A 568 71.97 -24.75 19.15
C ARG A 568 72.24 -24.23 17.76
N LEU A 569 71.19 -23.87 17.06
CA LEU A 569 71.31 -23.11 15.83
C LEU A 569 70.53 -21.84 15.88
N GLY A 570 69.58 -21.70 16.78
CA GLY A 570 68.79 -20.50 16.83
C GLY A 570 68.12 -20.26 15.51
N LYS A 571 68.51 -19.19 14.84
CA LYS A 571 68.01 -18.86 13.52
C LYS A 571 69.13 -18.78 12.51
N SER A 572 70.28 -19.36 12.85
CA SER A 572 71.45 -19.21 12.02
C SER A 572 71.39 -20.05 10.76
N GLU A 573 70.36 -20.86 10.60
CA GLU A 573 70.22 -21.73 9.45
C GLU A 573 68.78 -21.73 8.96
N PRO A 574 68.53 -22.11 7.73
CA PRO A 574 67.16 -22.22 7.27
C PRO A 574 66.41 -23.22 8.12
N TRP A 575 65.12 -23.00 8.30
CA TRP A 575 64.42 -23.93 9.16
C TRP A 575 64.29 -25.30 8.53
N THR A 576 64.41 -25.42 7.21
CA THR A 576 64.35 -26.74 6.61
C THR A 576 65.60 -27.55 6.92
N LEU A 577 66.77 -26.92 6.87
CA LEU A 577 67.97 -27.62 7.30
C LEU A 577 67.92 -27.99 8.76
N ALA A 578 67.31 -27.17 9.60
CA ALA A 578 67.17 -27.54 10.99
C ALA A 578 66.24 -28.72 11.18
N LEU A 579 65.04 -28.67 10.61
CA LEU A 579 64.17 -29.82 10.59
C LEU A 579 64.92 -31.08 10.21
N GLU A 580 65.60 -31.07 9.08
CA GLU A 580 66.27 -32.29 8.62
C GLU A 580 67.25 -32.83 9.65
N ASN A 581 67.85 -31.98 10.44
CA ASN A 581 68.78 -32.50 11.43
C ASN A 581 68.13 -33.32 12.49
N VAL A 582 66.81 -33.47 12.49
CA VAL A 582 66.14 -34.25 13.51
C VAL A 582 65.31 -35.33 12.83
N VAL A 583 64.59 -34.97 11.78
CA VAL A 583 63.59 -35.88 11.23
C VAL A 583 64.11 -36.60 10.01
N GLY A 584 64.93 -35.94 9.20
CA GLY A 584 65.36 -36.52 7.95
C GLY A 584 64.62 -36.02 6.73
N ALA A 585 63.72 -35.05 6.88
CA ALA A 585 62.98 -34.54 5.75
C ALA A 585 63.04 -33.01 5.73
N LYS A 586 62.26 -32.39 4.85
CA LYS A 586 62.35 -30.96 4.68
C LYS A 586 60.99 -30.31 4.58
N ASN A 587 60.01 -30.84 5.31
CA ASN A 587 58.67 -30.31 5.15
C ASN A 587 57.82 -30.87 6.26
N MET A 588 56.78 -30.13 6.62
CA MET A 588 55.89 -30.59 7.66
C MET A 588 55.09 -31.76 7.13
N ASN A 589 55.06 -32.84 7.90
CA ASN A 589 54.44 -34.08 7.50
C ASN A 589 53.32 -34.44 8.45
N VAL A 590 52.29 -35.07 7.91
CA VAL A 590 51.13 -35.35 8.74
C VAL A 590 51.03 -36.85 8.99
N ARG A 591 52.06 -37.57 8.63
CA ARG A 591 51.99 -39.00 8.91
C ARG A 591 52.17 -39.30 10.38
N PRO A 592 53.15 -38.73 11.07
CA PRO A 592 53.33 -39.09 12.47
C PRO A 592 52.18 -38.67 13.35
N LEU A 593 51.46 -37.63 12.98
CA LEU A 593 50.25 -37.30 13.73
C LEU A 593 49.20 -38.36 13.59
N LEU A 594 49.22 -39.12 12.50
CA LEU A 594 48.24 -40.17 12.34
C LEU A 594 48.67 -41.47 12.97
N ASN A 595 49.96 -41.68 13.19
CA ASN A 595 50.35 -42.83 13.98
C ASN A 595 50.03 -42.63 15.44
N TYR A 596 50.08 -41.40 15.93
CA TYR A 596 49.77 -41.17 17.33
C TYR A 596 48.35 -41.60 17.63
N PHE A 597 47.38 -41.12 16.86
CA PHE A 597 45.99 -41.50 17.07
C PHE A 597 45.60 -42.71 16.25
N GLU A 598 46.35 -43.77 16.33
CA GLU A 598 45.93 -44.98 15.64
C GLU A 598 44.95 -45.78 16.48
N PRO A 599 45.28 -46.11 17.73
CA PRO A 599 44.35 -46.91 18.52
C PRO A 599 43.03 -46.24 18.77
N LEU A 600 42.93 -44.95 18.53
CA LEU A 600 41.65 -44.28 18.60
C LEU A 600 40.94 -44.32 17.28
N PHE A 601 41.68 -44.24 16.17
CA PHE A 601 41.04 -44.30 14.87
C PHE A 601 40.39 -45.64 14.64
N THR A 602 41.06 -46.71 15.02
CA THR A 602 40.45 -48.03 14.90
C THR A 602 39.15 -48.10 15.68
N TRP A 603 39.20 -47.74 16.96
CA TRP A 603 38.03 -47.79 17.81
C TRP A 603 36.91 -46.93 17.28
N LEU A 604 37.24 -45.79 16.68
CA LEU A 604 36.18 -44.93 16.16
C LEU A 604 35.56 -45.51 14.92
N LYS A 605 36.37 -46.07 14.02
CA LYS A 605 35.80 -46.68 12.84
C LYS A 605 34.92 -47.84 13.23
N ASP A 606 35.19 -48.45 14.37
CA ASP A 606 34.30 -49.49 14.86
C ASP A 606 33.04 -48.95 15.52
N GLN A 607 33.12 -47.83 16.22
CA GLN A 607 31.95 -47.27 16.88
C GLN A 607 30.99 -46.58 15.95
N ASN A 608 31.45 -46.13 14.78
CA ASN A 608 30.56 -45.44 13.86
C ASN A 608 30.03 -46.34 12.77
N LYS A 609 29.78 -47.62 13.08
CA LYS A 609 29.15 -48.48 12.10
C LYS A 609 27.76 -48.00 11.76
N ASN A 610 26.92 -47.81 12.77
CA ASN A 610 25.54 -47.37 12.57
C ASN A 610 25.39 -45.87 12.74
N SER A 611 26.11 -45.09 11.93
CA SER A 611 25.94 -43.65 11.92
C SER A 611 26.32 -43.17 10.52
N PHE A 612 26.22 -41.88 10.30
CA PHE A 612 26.48 -41.33 8.99
C PHE A 612 27.70 -40.43 9.13
N VAL A 613 28.86 -40.98 8.87
CA VAL A 613 30.10 -40.23 8.96
C VAL A 613 30.14 -39.21 7.84
N GLY A 614 30.09 -37.93 8.20
CA GLY A 614 29.98 -36.85 7.25
C GLY A 614 28.88 -35.91 7.65
N TRP A 615 28.70 -34.89 6.83
CA TRP A 615 27.66 -33.94 7.15
C TRP A 615 27.17 -33.29 5.87
N SER A 616 25.92 -32.85 5.91
CA SER A 616 25.31 -32.14 4.79
C SER A 616 25.24 -30.68 5.13
N THR A 617 25.66 -29.84 4.20
CA THR A 617 25.74 -28.42 4.49
C THR A 617 24.47 -27.69 4.08
N ASP A 618 23.30 -28.20 4.44
CA ASP A 618 22.10 -27.42 4.19
C ASP A 618 21.16 -27.39 5.38
N TRP A 619 21.20 -28.42 6.22
CA TRP A 619 20.37 -28.38 7.41
C TRP A 619 20.77 -27.19 8.27
N SER A 620 19.79 -26.62 8.94
CA SER A 620 20.03 -25.45 9.77
C SER A 620 19.08 -25.45 10.94
N PRO A 621 19.49 -24.99 12.08
CA PRO A 621 18.65 -25.10 13.27
C PRO A 621 17.36 -24.33 13.16
N TYR A 622 17.29 -23.42 12.20
CA TYR A 622 16.13 -22.54 12.13
C TYR A 622 15.35 -22.73 10.84
N ALA A 623 15.62 -23.81 10.11
CA ALA A 623 15.11 -23.92 8.76
C ALA A 623 13.80 -24.66 8.65
N ASP A 624 13.22 -25.10 9.76
CA ASP A 624 11.91 -25.73 9.73
C ASP A 624 10.82 -24.78 10.18
N GLN A 625 11.19 -23.63 10.72
CA GLN A 625 10.21 -22.61 11.02
C GLN A 625 10.32 -21.43 10.06
N SER A 626 11.07 -21.54 8.99
CA SER A 626 11.24 -20.44 8.07
C SER A 626 10.17 -20.49 7.01
N ILE A 627 9.87 -19.34 6.44
CA ILE A 627 8.94 -19.21 5.34
C ILE A 627 9.70 -18.64 4.17
N LYS A 628 9.38 -19.14 2.98
CA LYS A 628 10.04 -18.69 1.75
C LYS A 628 9.19 -17.64 1.07
N VAL A 629 9.85 -16.60 0.57
CA VAL A 629 9.16 -15.52 -0.12
C VAL A 629 9.78 -15.35 -1.47
N ARG A 630 8.94 -15.13 -2.48
CA ARG A 630 9.37 -14.98 -3.86
C ARG A 630 8.65 -13.79 -4.46
N ILE A 631 9.38 -12.87 -5.05
CA ILE A 631 8.83 -11.60 -5.51
C ILE A 631 9.17 -11.41 -6.97
N SER A 632 8.20 -10.99 -7.76
CA SER A 632 8.37 -10.88 -9.21
C SER A 632 7.91 -9.49 -9.65
N LEU A 633 8.80 -8.51 -9.55
CA LEU A 633 8.39 -7.15 -9.83
C LEU A 633 8.04 -6.95 -11.29
N LYS A 634 8.98 -7.24 -12.19
CA LYS A 634 8.82 -6.85 -13.58
C LYS A 634 7.63 -7.53 -14.23
N SER A 635 7.00 -8.45 -13.53
CA SER A 635 5.79 -9.05 -14.05
C SER A 635 4.59 -8.19 -13.69
N ALA A 636 4.40 -7.91 -12.41
CA ALA A 636 3.24 -7.15 -11.96
C ALA A 636 3.29 -5.72 -12.45
N LEU A 637 4.32 -4.97 -12.05
CA LEU A 637 4.45 -3.60 -12.51
C LEU A 637 4.77 -3.51 -13.99
N GLY A 638 5.41 -4.53 -14.54
CA GLY A 638 5.74 -4.56 -15.95
C GLY A 638 6.98 -3.75 -16.19
N ASP A 639 6.82 -2.45 -16.21
CA ASP A 639 7.89 -1.50 -16.02
C ASP A 639 7.45 -0.62 -14.87
N LYS A 640 8.09 0.53 -14.71
CA LYS A 640 7.82 1.41 -13.57
C LYS A 640 8.32 0.73 -12.30
N ALA A 641 8.83 -0.48 -12.45
CA ALA A 641 9.24 -1.27 -11.29
C ALA A 641 10.37 -0.59 -10.57
N TYR A 642 10.18 -0.34 -9.29
CA TYR A 642 11.26 0.20 -8.50
C TYR A 642 12.37 -0.84 -8.39
N GLU A 643 13.52 -0.41 -7.91
CA GLU A 643 14.63 -1.32 -7.70
C GLU A 643 14.60 -1.78 -6.25
N TRP A 644 14.95 -3.04 -6.03
CA TRP A 644 14.83 -3.65 -4.72
C TRP A 644 16.15 -3.50 -3.97
N ASN A 645 16.32 -2.36 -3.30
CA ASN A 645 17.50 -2.15 -2.46
C ASN A 645 17.22 -2.60 -1.04
N ASP A 646 18.05 -2.20 -0.11
CA ASP A 646 17.88 -2.59 1.27
C ASP A 646 16.76 -1.83 1.96
N ASN A 647 16.50 -0.61 1.55
CA ASN A 647 15.36 0.10 2.11
C ASN A 647 14.04 -0.52 1.75
N GLU A 648 14.05 -1.52 0.88
CA GLU A 648 12.85 -2.30 0.66
C GLU A 648 12.79 -3.48 1.59
N MET A 649 13.92 -4.11 1.87
CA MET A 649 13.89 -5.15 2.88
C MET A 649 13.51 -4.58 4.23
N TYR A 650 13.86 -3.34 4.48
CA TYR A 650 13.46 -2.73 5.74
C TYR A 650 11.95 -2.58 5.81
N LEU A 651 11.36 -2.04 4.76
CA LEU A 651 9.93 -1.88 4.74
C LEU A 651 9.23 -3.23 4.82
N PHE A 652 9.77 -4.24 4.18
CA PHE A 652 9.14 -5.55 4.26
C PHE A 652 9.19 -6.11 5.66
N ARG A 653 10.34 -6.02 6.30
CA ARG A 653 10.42 -6.52 7.65
C ARG A 653 9.49 -5.80 8.58
N SER A 654 9.36 -4.49 8.45
CA SER A 654 8.48 -3.81 9.38
C SER A 654 7.02 -4.08 9.06
N SER A 655 6.67 -4.32 7.81
CA SER A 655 5.30 -4.70 7.52
C SER A 655 4.96 -6.08 8.06
N VAL A 656 5.91 -7.01 8.03
CA VAL A 656 5.65 -8.30 8.65
C VAL A 656 5.51 -8.16 10.15
N ALA A 657 6.33 -7.31 10.76
CA ALA A 657 6.18 -7.08 12.19
C ALA A 657 4.82 -6.48 12.52
N TYR A 658 4.31 -5.61 11.68
CA TYR A 658 2.96 -5.09 11.90
C TYR A 658 1.93 -6.19 11.82
N ALA A 659 2.07 -7.08 10.85
CA ALA A 659 1.12 -8.18 10.77
C ALA A 659 1.13 -9.03 12.01
N MET A 660 2.31 -9.36 12.53
CA MET A 660 2.37 -10.10 13.77
C MET A 660 1.75 -9.36 14.93
N ARG A 661 1.99 -8.06 15.02
CA ARG A 661 1.36 -7.28 16.09
C ARG A 661 -0.15 -7.39 16.03
N GLN A 662 -0.72 -7.31 14.83
CA GLN A 662 -2.17 -7.40 14.77
C GLN A 662 -2.67 -8.77 15.13
N TYR A 663 -1.97 -9.83 14.72
CA TYR A 663 -2.49 -11.15 15.02
C TYR A 663 -2.54 -11.44 16.51
N PHE A 664 -1.63 -10.88 17.26
CA PHE A 664 -1.60 -11.16 18.69
C PHE A 664 -2.42 -10.18 19.47
N LEU A 665 -3.40 -9.54 18.85
CA LEU A 665 -4.20 -8.57 19.57
C LEU A 665 -5.66 -8.81 19.26
N LYS A 666 -5.92 -9.45 18.14
CA LYS A 666 -7.28 -9.80 17.76
C LYS A 666 -7.47 -11.30 17.71
N VAL A 667 -6.53 -12.07 18.25
CA VAL A 667 -6.77 -13.48 18.43
C VAL A 667 -6.44 -13.87 19.85
N LYS A 668 -5.23 -13.53 20.29
CA LYS A 668 -4.76 -13.95 21.60
C LYS A 668 -4.89 -12.86 22.66
N ASN A 669 -5.29 -11.66 22.29
CA ASN A 669 -5.59 -10.60 23.23
C ASN A 669 -4.39 -10.22 24.07
N GLN A 670 -3.19 -10.53 23.62
CA GLN A 670 -1.98 -10.08 24.25
C GLN A 670 -1.52 -8.80 23.58
N MET A 671 -0.40 -8.26 24.02
CA MET A 671 0.16 -7.07 23.42
C MET A 671 1.67 -7.21 23.44
N ILE A 672 2.23 -7.58 22.29
CA ILE A 672 3.64 -7.89 22.18
C ILE A 672 4.27 -6.92 21.19
N LEU A 673 5.41 -6.35 21.55
CA LEU A 673 6.00 -5.29 20.77
C LEU A 673 7.05 -5.86 19.82
N PHE A 674 6.58 -6.55 18.80
CA PHE A 674 7.48 -6.97 17.74
C PHE A 674 8.06 -5.76 17.05
N GLY A 675 9.33 -5.87 16.65
CA GLY A 675 9.99 -4.82 15.91
C GLY A 675 10.54 -5.39 14.62
N GLU A 676 11.17 -4.52 13.83
CA GLU A 676 11.77 -5.00 12.61
C GLU A 676 13.07 -5.73 12.86
N GLU A 677 13.55 -5.75 14.09
CA GLU A 677 14.72 -6.54 14.39
C GLU A 677 14.38 -7.91 14.95
N ASP A 678 13.11 -8.28 14.89
CA ASP A 678 12.68 -9.61 15.26
C ASP A 678 12.32 -10.45 14.06
N VAL A 679 12.45 -9.90 12.87
CA VAL A 679 12.25 -10.64 11.65
C VAL A 679 13.63 -10.93 11.07
N ARG A 680 14.02 -12.19 11.08
CA ARG A 680 15.32 -12.59 10.59
C ARG A 680 15.20 -13.07 9.17
N VAL A 681 16.16 -12.69 8.35
CA VAL A 681 16.13 -12.90 6.93
C VAL A 681 17.37 -13.68 6.51
N ALA A 682 17.20 -14.59 5.57
CA ALA A 682 18.29 -15.45 5.14
C ALA A 682 18.26 -15.74 3.64
N ASN A 683 19.41 -15.94 3.03
CA ASN A 683 19.50 -16.39 1.65
C ASN A 683 18.92 -15.43 0.65
N LEU A 684 19.22 -14.15 0.74
CA LEU A 684 18.74 -13.22 -0.26
C LEU A 684 19.30 -13.60 -1.63
N LYS A 685 18.53 -13.30 -2.67
CA LYS A 685 18.94 -13.64 -4.01
C LYS A 685 18.38 -12.65 -5.00
N PRO A 686 18.88 -12.74 -6.23
CA PRO A 686 18.45 -11.87 -7.31
C PRO A 686 17.01 -12.13 -7.70
N ARG A 687 16.60 -13.39 -7.73
CA ARG A 687 15.21 -13.69 -8.05
C ARG A 687 14.32 -12.90 -7.08
N ILE A 688 14.93 -12.42 -5.99
CA ILE A 688 14.26 -11.64 -4.97
C ILE A 688 13.50 -12.58 -4.07
N SER A 689 14.07 -13.76 -3.84
CA SER A 689 13.48 -14.76 -2.98
C SER A 689 14.40 -14.94 -1.78
N PHE A 690 13.79 -15.07 -0.61
CA PHE A 690 14.54 -15.24 0.63
C PHE A 690 13.73 -16.05 1.61
N ASN A 691 14.27 -16.22 2.81
CA ASN A 691 13.61 -16.92 3.89
C ASN A 691 13.52 -16.01 5.10
N PHE A 692 12.49 -16.18 5.89
CA PHE A 692 12.46 -15.39 7.11
C PHE A 692 11.80 -16.16 8.22
N PHE A 693 12.08 -15.76 9.44
CA PHE A 693 11.36 -16.26 10.58
C PHE A 693 11.30 -15.19 11.65
N VAL A 694 10.49 -15.42 12.68
CA VAL A 694 10.18 -14.39 13.66
C VAL A 694 10.53 -14.90 15.04
N THR A 695 11.04 -14.02 15.88
CA THR A 695 11.36 -14.34 17.25
C THR A 695 10.59 -13.43 18.19
N ALA A 696 10.53 -13.81 19.45
CA ALA A 696 9.91 -13.00 20.49
C ALA A 696 10.71 -11.71 20.63
N PRO A 697 10.18 -10.67 21.24
CA PRO A 697 10.81 -9.36 21.15
C PRO A 697 12.26 -9.29 21.60
N LYS A 698 12.57 -9.58 22.85
CA LYS A 698 13.96 -9.70 23.23
C LYS A 698 14.17 -11.05 23.89
N ASN A 699 14.19 -12.08 23.06
CA ASN A 699 14.51 -13.42 23.50
C ASN A 699 14.88 -14.20 22.26
N VAL A 700 16.17 -14.28 21.97
CA VAL A 700 16.59 -14.79 20.68
C VAL A 700 16.27 -16.27 20.53
N SER A 701 16.00 -16.97 21.63
CA SER A 701 15.80 -18.40 21.58
C SER A 701 14.35 -18.78 21.38
N ASP A 702 13.45 -17.82 21.16
CA ASP A 702 12.02 -18.08 21.14
C ASP A 702 11.52 -17.85 19.72
N ILE A 703 11.37 -18.90 18.97
CA ILE A 703 10.93 -18.80 17.60
C ILE A 703 9.44 -19.07 17.54
N ILE A 704 8.69 -18.08 17.06
CA ILE A 704 7.25 -18.23 16.92
C ILE A 704 6.99 -19.39 15.99
N PRO A 705 6.22 -20.39 16.41
CA PRO A 705 6.00 -21.56 15.56
C PRO A 705 5.40 -21.17 14.23
N ARG A 706 5.88 -21.78 13.17
CA ARG A 706 5.55 -21.38 11.82
C ARG A 706 4.06 -21.34 11.56
N THR A 707 3.29 -22.18 12.23
CA THR A 707 1.86 -22.23 11.95
C THR A 707 1.12 -21.00 12.40
N GLU A 708 1.69 -20.19 13.28
CA GLU A 708 1.07 -18.94 13.65
C GLU A 708 1.48 -17.80 12.74
N VAL A 709 2.73 -17.79 12.30
CA VAL A 709 3.09 -16.88 11.23
C VAL A 709 2.26 -17.12 9.99
N GLU A 710 1.89 -18.35 9.71
CA GLU A 710 1.04 -18.58 8.56
C GLU A 710 -0.37 -18.09 8.75
N LYS A 711 -0.79 -17.78 9.97
CA LYS A 711 -2.10 -17.20 10.18
C LYS A 711 -2.07 -15.70 10.21
N ALA A 712 -1.08 -15.12 10.85
CA ALA A 712 -0.93 -13.67 10.82
C ALA A 712 -0.88 -13.16 9.40
N ILE A 713 -0.20 -13.88 8.52
CA ILE A 713 -0.07 -13.43 7.15
C ILE A 713 -1.36 -13.65 6.39
N ARG A 714 -2.00 -14.79 6.57
CA ARG A 714 -3.30 -14.96 5.96
C ARG A 714 -4.24 -13.86 6.33
N MET A 715 -4.11 -13.31 7.54
CA MET A 715 -5.00 -12.24 7.95
C MET A 715 -4.63 -10.91 7.32
N SER A 716 -3.36 -10.51 7.36
CA SER A 716 -2.98 -9.18 6.87
C SER A 716 -2.36 -9.20 5.48
N ARG A 717 -2.62 -10.21 4.67
CA ARG A 717 -1.99 -10.28 3.37
C ARG A 717 -2.44 -9.19 2.43
N SER A 718 -3.73 -8.87 2.46
CA SER A 718 -4.23 -7.87 1.52
C SER A 718 -3.62 -6.52 1.81
N ARG A 719 -3.20 -6.31 3.02
CA ARG A 719 -2.55 -5.06 3.39
C ARG A 719 -1.06 -5.08 3.15
N ILE A 720 -0.42 -6.24 3.25
CA ILE A 720 0.98 -6.31 2.85
C ILE A 720 1.15 -6.18 1.34
N ASN A 721 0.21 -6.68 0.55
CA ASN A 721 0.32 -6.55 -0.90
C ASN A 721 0.32 -5.10 -1.31
N ASP A 722 -0.38 -4.25 -0.58
CA ASP A 722 -0.55 -2.87 -1.04
C ASP A 722 0.71 -2.06 -0.85
N ALA A 723 1.38 -2.24 0.27
CA ALA A 723 2.60 -1.46 0.53
C ALA A 723 3.60 -1.58 -0.61
N PHE A 724 3.52 -2.61 -1.43
CA PHE A 724 4.47 -2.83 -2.49
C PHE A 724 3.88 -2.75 -3.88
N ARG A 725 2.56 -2.73 -4.00
CA ARG A 725 1.81 -2.77 -5.24
C ARG A 725 1.84 -4.13 -5.92
N LEU A 726 2.10 -5.19 -5.18
CA LEU A 726 2.08 -6.53 -5.76
C LEU A 726 0.67 -7.08 -5.61
N ASN A 727 0.39 -8.19 -6.28
CA ASN A 727 -1.00 -8.65 -6.33
C ASN A 727 -1.16 -10.15 -6.17
N ASP A 728 -0.49 -10.78 -5.22
CA ASP A 728 -0.82 -12.15 -4.80
C ASP A 728 -0.38 -13.21 -5.80
N ASN A 729 0.06 -12.80 -6.98
CA ASN A 729 0.80 -13.67 -7.86
C ASN A 729 2.24 -13.25 -7.99
N SER A 730 2.59 -12.06 -7.54
CA SER A 730 3.94 -11.57 -7.55
C SER A 730 4.52 -11.49 -6.15
N LEU A 731 3.79 -11.94 -5.15
CA LEU A 731 4.29 -11.96 -3.80
C LEU A 731 3.96 -13.31 -3.19
N GLU A 732 4.30 -14.38 -3.89
CA GLU A 732 3.99 -15.72 -3.41
C GLU A 732 4.71 -15.98 -2.11
N PHE A 733 4.04 -16.70 -1.21
CA PHE A 733 4.58 -17.02 0.09
C PHE A 733 4.91 -18.49 0.24
N LEU A 734 4.64 -19.29 -0.79
CA LEU A 734 5.15 -20.65 -0.83
C LEU A 734 4.76 -21.48 0.37
N GLY A 735 3.47 -21.78 0.47
CA GLY A 735 2.93 -22.53 1.58
C GLY A 735 1.65 -21.95 2.09
N ILE A 736 1.22 -20.81 1.60
CA ILE A 736 -0.03 -20.23 2.09
C ILE A 736 -0.69 -19.83 0.81
N GLN A 737 -1.79 -20.48 0.44
CA GLN A 737 -2.30 -20.04 -0.85
C GLN A 737 -3.62 -19.29 -0.70
N PRO A 738 -3.89 -18.41 -1.66
CA PRO A 738 -5.12 -17.60 -1.63
C PRO A 738 -6.37 -18.46 -1.77
N THR A 739 -7.47 -18.02 -1.17
CA THR A 739 -8.72 -18.78 -1.26
C THR A 739 -9.96 -17.94 -1.51
N LEU A 740 -9.96 -16.69 -1.02
CA LEU A 740 -11.22 -16.03 -0.70
C LEU A 740 -12.09 -15.63 -1.88
N GLY A 741 -13.15 -16.41 -2.12
CA GLY A 741 -14.34 -15.97 -2.81
C GLY A 741 -15.08 -17.07 -3.54
N PRO A 742 -16.39 -17.17 -3.30
CA PRO A 742 -17.23 -18.09 -4.06
C PRO A 742 -17.99 -17.36 -5.16
N PRO A 743 -18.45 -18.08 -6.20
CA PRO A 743 -19.20 -17.43 -7.28
C PRO A 743 -20.70 -17.34 -7.03
N ASN A 744 -21.12 -16.38 -6.20
CA ASN A 744 -22.54 -16.17 -5.91
C ASN A 744 -23.10 -15.05 -6.79
N GLN A 745 -22.99 -15.25 -8.10
CA GLN A 745 -23.42 -14.17 -9.00
C GLN A 745 -24.93 -14.10 -9.21
N PRO A 746 -25.58 -15.12 -9.77
CA PRO A 746 -26.91 -14.90 -10.36
C PRO A 746 -28.01 -15.09 -9.34
N PRO A 747 -28.89 -14.10 -9.19
CA PRO A 747 -30.14 -14.33 -8.46
C PRO A 747 -31.30 -14.63 -9.39
N VAL A 748 -31.06 -14.54 -10.70
CA VAL A 748 -32.12 -14.59 -11.69
C VAL A 748 -31.92 -15.68 -12.73
N SER A 749 -30.69 -16.10 -13.02
CA SER A 749 -30.40 -17.00 -14.13
C SER A 749 -30.91 -16.40 -15.45
N ILE A 750 -30.23 -15.31 -15.84
CA ILE A 750 -30.65 -14.40 -16.90
C ILE A 750 -31.18 -15.10 -18.14
N TRP A 751 -30.68 -16.30 -18.41
CA TRP A 751 -30.95 -16.94 -19.71
C TRP A 751 -32.43 -17.23 -19.90
N LEU A 752 -33.13 -17.69 -18.87
CA LEU A 752 -34.54 -17.99 -19.05
C LEU A 752 -35.36 -16.71 -19.13
N ILE A 753 -34.87 -15.63 -18.51
CA ILE A 753 -35.53 -14.34 -18.68
C ILE A 753 -35.44 -13.90 -20.14
N VAL A 754 -34.25 -14.00 -20.74
CA VAL A 754 -34.14 -13.71 -22.17
C VAL A 754 -35.06 -14.63 -22.97
N PHE A 755 -35.10 -15.91 -22.58
CA PHE A 755 -36.01 -16.87 -23.19
C PHE A 755 -37.42 -16.31 -23.25
N GLY A 756 -38.06 -16.08 -22.10
CA GLY A 756 -39.39 -15.50 -22.07
C GLY A 756 -39.53 -14.21 -22.85
N VAL A 757 -38.54 -13.31 -22.67
CA VAL A 757 -38.47 -12.01 -23.32
C VAL A 757 -38.76 -12.13 -24.80
N VAL A 758 -38.15 -13.13 -25.46
CA VAL A 758 -38.43 -13.25 -26.89
C VAL A 758 -39.59 -14.21 -27.18
N MET A 759 -39.79 -15.21 -26.32
CA MET A 759 -40.86 -16.21 -26.50
C MET A 759 -42.22 -15.57 -26.67
N GLY A 760 -42.58 -14.70 -25.71
CA GLY A 760 -43.83 -13.98 -25.78
C GLY A 760 -44.05 -13.26 -27.09
N VAL A 761 -43.07 -12.47 -27.52
CA VAL A 761 -43.25 -11.63 -28.70
C VAL A 761 -43.32 -12.50 -29.96
N ILE A 762 -42.57 -13.60 -29.99
CA ILE A 762 -42.59 -14.42 -31.20
C ILE A 762 -43.91 -15.16 -31.32
N VAL A 763 -44.45 -15.65 -30.20
CA VAL A 763 -45.78 -16.26 -30.25
C VAL A 763 -46.82 -15.20 -30.62
N VAL A 764 -46.57 -13.94 -30.21
CA VAL A 764 -47.47 -12.86 -30.62
C VAL A 764 -47.46 -12.69 -32.12
N GLY A 765 -46.27 -12.70 -32.72
CA GLY A 765 -46.14 -12.65 -34.16
C GLY A 765 -46.86 -13.78 -34.84
N ILE A 766 -46.74 -14.99 -34.29
CA ILE A 766 -47.39 -16.18 -34.86
C ILE A 766 -48.90 -15.99 -34.88
N VAL A 767 -49.46 -15.59 -33.74
CA VAL A 767 -50.91 -15.42 -33.64
C VAL A 767 -51.39 -14.30 -34.56
N ILE A 768 -50.62 -13.21 -34.63
CA ILE A 768 -51.02 -12.07 -35.46
C ILE A 768 -51.02 -12.47 -36.92
N LEU A 769 -49.98 -13.18 -37.36
CA LEU A 769 -49.89 -13.61 -38.75
C LEU A 769 -51.02 -14.57 -39.11
N ILE A 770 -51.27 -15.56 -38.26
CA ILE A 770 -52.27 -16.56 -38.63
C ILE A 770 -53.68 -15.96 -38.60
N PHE A 771 -53.88 -15.00 -37.72
CA PHE A 771 -55.17 -14.33 -37.66
C PHE A 771 -55.26 -13.31 -38.81
N THR A 772 -54.11 -12.81 -39.24
CA THR A 772 -54.07 -11.87 -40.35
C THR A 772 -54.64 -12.61 -41.55
N GLY A 773 -54.39 -13.91 -41.58
CA GLY A 773 -54.87 -14.79 -42.63
C GLY A 773 -56.39 -14.86 -42.66
N ILE A 774 -56.98 -15.39 -41.59
CA ILE A 774 -58.43 -15.50 -41.50
C ILE A 774 -59.01 -14.13 -41.85
N ARG A 775 -58.32 -13.08 -41.45
CA ARG A 775 -58.78 -11.74 -41.76
C ARG A 775 -58.89 -11.66 -43.27
N ASP A 776 -57.76 -11.37 -43.92
CA ASP A 776 -57.73 -11.27 -45.38
C ASP A 776 -58.12 -12.58 -46.05
N ARG A 777 -59.05 -13.30 -45.45
CA ARG A 777 -59.53 -14.54 -46.02
C ARG A 777 -61.02 -14.71 -45.73
N VAL B 1 -29.39 -40.73 -77.43
CA VAL B 1 -30.11 -40.51 -76.18
C VAL B 1 -31.20 -41.57 -76.02
N LEU B 2 -31.65 -41.78 -74.79
CA LEU B 2 -32.68 -42.76 -74.52
C LEU B 2 -33.98 -42.36 -75.21
N PRO B 3 -34.83 -43.35 -75.56
CA PRO B 3 -36.02 -43.03 -76.36
C PRO B 3 -36.99 -42.09 -75.66
N ASN B 4 -37.48 -42.47 -74.47
CA ASN B 4 -38.53 -41.77 -73.74
C ASN B 4 -39.67 -41.39 -74.70
N PRO B 5 -40.44 -42.36 -75.20
CA PRO B 5 -41.52 -42.03 -76.13
C PRO B 5 -42.66 -41.31 -75.40
N GLY B 6 -43.17 -40.27 -76.04
CA GLY B 6 -44.24 -39.49 -75.47
C GLY B 6 -43.80 -38.33 -74.60
N LEU B 7 -42.54 -37.89 -74.71
CA LEU B 7 -42.10 -36.73 -73.94
C LEU B 7 -42.90 -35.49 -74.31
N ASP B 8 -43.17 -35.30 -75.60
CA ASP B 8 -44.06 -34.25 -76.05
C ASP B 8 -45.48 -34.54 -75.60
N ALA B 9 -46.36 -33.54 -75.73
CA ALA B 9 -47.75 -33.62 -75.29
C ALA B 9 -47.88 -33.80 -73.79
N ARG B 10 -46.81 -33.55 -73.04
CA ARG B 10 -46.86 -33.53 -71.58
C ARG B 10 -46.08 -32.32 -71.08
N ILE B 11 -45.48 -31.59 -72.01
CA ILE B 11 -44.63 -30.45 -71.70
C ILE B 11 -45.11 -29.27 -72.55
N PRO B 12 -45.12 -28.04 -72.01
CA PRO B 12 -45.37 -26.88 -72.88
C PRO B 12 -44.35 -26.81 -74.00
N SER B 13 -44.81 -26.46 -75.20
CA SER B 13 -44.00 -26.54 -76.40
C SER B 13 -43.54 -25.17 -76.91
N LEU B 14 -43.28 -24.22 -76.02
CA LEU B 14 -42.68 -22.92 -76.29
C LEU B 14 -43.60 -22.01 -77.11
N ALA B 15 -44.76 -22.48 -77.54
CA ALA B 15 -45.73 -21.63 -78.20
C ALA B 15 -46.81 -21.14 -77.24
N GLU B 16 -46.94 -21.79 -76.09
CA GLU B 16 -47.90 -21.39 -75.08
C GLU B 16 -47.27 -20.62 -73.93
N LEU B 17 -45.99 -20.88 -73.63
CA LEU B 17 -45.34 -20.23 -72.50
C LEU B 17 -45.51 -18.72 -72.53
N GLU B 18 -45.39 -18.10 -73.71
CA GLU B 18 -45.61 -16.66 -73.81
C GLU B 18 -47.01 -16.26 -73.36
N THR B 19 -47.95 -17.20 -73.31
CA THR B 19 -49.28 -16.94 -72.81
C THR B 19 -49.55 -17.65 -71.49
N ILE B 20 -48.89 -18.79 -71.22
CA ILE B 20 -49.07 -19.47 -69.95
C ILE B 20 -48.46 -18.65 -68.82
N GLU B 21 -47.47 -17.82 -69.13
CA GLU B 21 -46.88 -16.95 -68.12
C GLU B 21 -47.93 -16.08 -67.44
N GLN B 22 -48.81 -15.46 -68.21
CA GLN B 22 -49.86 -14.61 -67.66
C GLN B 22 -51.08 -15.40 -67.20
N GLU B 23 -50.94 -16.71 -66.98
CA GLU B 23 -52.08 -17.54 -66.62
C GLU B 23 -51.99 -18.14 -65.22
N GLU B 24 -50.80 -18.54 -64.78
CA GLU B 24 -50.67 -19.10 -63.44
C GLU B 24 -50.54 -18.05 -62.36
N ALA B 25 -50.63 -16.76 -62.70
CA ALA B 25 -50.44 -15.71 -61.71
C ALA B 25 -51.53 -15.71 -60.65
N SER B 26 -52.70 -16.27 -60.98
CA SER B 26 -53.83 -16.22 -60.06
C SER B 26 -53.70 -17.20 -58.90
N SER B 27 -53.05 -18.34 -59.11
CA SER B 27 -52.95 -19.36 -58.07
C SER B 27 -51.53 -19.70 -57.64
N ARG B 28 -50.54 -19.48 -58.49
CA ARG B 28 -49.15 -19.79 -58.13
C ARG B 28 -48.44 -18.52 -57.70
N PRO B 29 -47.65 -18.56 -56.63
CA PRO B 29 -47.02 -17.32 -56.15
C PRO B 29 -45.91 -16.87 -57.07
N LYS B 30 -45.55 -15.59 -56.95
CA LYS B 30 -44.51 -15.00 -57.77
C LYS B 30 -43.68 -14.03 -56.94
N TRP B 31 -42.49 -13.73 -57.45
CA TRP B 31 -41.56 -12.86 -56.75
C TRP B 31 -42.00 -11.41 -56.84
N ASP B 32 -41.65 -10.63 -55.82
CA ASP B 32 -41.95 -9.20 -55.85
C ASP B 32 -41.06 -8.48 -56.85
N ASN B 33 -39.75 -8.65 -56.73
CA ASN B 33 -38.80 -8.09 -57.69
C ASN B 33 -37.60 -9.04 -57.76
N LYS B 34 -36.78 -8.87 -58.81
CA LYS B 34 -35.66 -9.77 -59.01
C LYS B 34 -34.67 -9.72 -57.85
N ALA B 35 -34.63 -8.60 -57.14
CA ALA B 35 -33.74 -8.51 -55.98
C ALA B 35 -34.10 -9.55 -54.92
N GLN B 36 -35.39 -9.74 -54.68
CA GLN B 36 -35.81 -10.74 -53.70
C GLN B 36 -35.39 -12.14 -54.13
N TYR B 37 -35.54 -12.45 -55.41
CA TYR B 37 -35.20 -13.79 -55.90
C TYR B 37 -33.70 -14.03 -55.79
N MET B 38 -32.89 -13.09 -56.27
CA MET B 38 -31.45 -13.27 -56.21
C MET B 38 -30.98 -13.34 -54.76
N LEU B 39 -31.58 -12.54 -53.87
CA LEU B 39 -31.12 -12.51 -52.49
C LEU B 39 -31.52 -13.79 -51.76
N THR B 40 -32.68 -14.36 -52.08
CA THR B 40 -33.07 -15.62 -51.47
C THR B 40 -32.19 -16.76 -51.97
N CYS B 41 -31.91 -16.80 -53.28
CA CYS B 41 -31.03 -17.83 -53.80
C CYS B 41 -29.63 -17.70 -53.23
N LEU B 42 -29.19 -16.47 -52.94
CA LEU B 42 -27.89 -16.28 -52.32
C LEU B 42 -27.89 -16.75 -50.87
N GLY B 43 -28.91 -16.35 -50.11
CA GLY B 43 -28.96 -16.73 -48.71
C GLY B 43 -29.14 -18.22 -48.51
N PHE B 44 -29.77 -18.89 -49.48
CA PHE B 44 -29.93 -20.34 -49.38
C PHE B 44 -28.60 -21.06 -49.56
N CYS B 45 -27.61 -20.39 -50.16
CA CYS B 45 -26.36 -21.04 -50.50
C CYS B 45 -25.21 -20.69 -49.57
N VAL B 46 -25.47 -19.98 -48.46
CA VAL B 46 -24.41 -19.55 -47.55
C VAL B 46 -24.92 -19.70 -46.12
N GLY B 47 -24.16 -20.38 -45.28
CA GLY B 47 -24.47 -20.41 -43.86
C GLY B 47 -24.26 -21.74 -43.17
N LEU B 48 -23.51 -21.72 -42.08
CA LEU B 48 -23.33 -22.89 -41.19
C LEU B 48 -22.80 -24.10 -41.95
N GLY B 49 -22.26 -23.87 -43.14
CA GLY B 49 -21.68 -24.95 -43.91
C GLY B 49 -20.21 -24.71 -44.15
N ASN B 50 -19.83 -23.44 -44.23
CA ASN B 50 -18.42 -23.08 -44.32
C ASN B 50 -17.89 -22.48 -43.03
N VAL B 51 -18.62 -22.61 -41.93
CA VAL B 51 -18.18 -22.12 -40.63
C VAL B 51 -17.85 -23.32 -39.76
N TRP B 52 -18.48 -24.46 -40.06
CA TRP B 52 -18.34 -25.67 -39.24
C TRP B 52 -17.70 -26.84 -39.97
N ARG B 53 -18.17 -27.18 -41.16
CA ARG B 53 -17.63 -28.33 -41.87
C ARG B 53 -16.31 -28.01 -42.56
N PHE B 54 -16.24 -26.85 -43.21
CA PHE B 54 -15.01 -26.45 -43.90
C PHE B 54 -13.80 -26.32 -42.99
N PRO B 55 -13.90 -25.74 -41.79
CA PRO B 55 -12.70 -25.65 -40.94
C PRO B 55 -12.05 -26.99 -40.63
N TYR B 56 -12.77 -27.94 -40.03
CA TYR B 56 -12.11 -29.18 -39.67
C TYR B 56 -11.95 -30.11 -40.87
N LEU B 57 -12.68 -29.87 -41.96
CA LEU B 57 -12.39 -30.58 -43.19
C LEU B 57 -11.09 -30.09 -43.81
N CYS B 58 -10.70 -28.85 -43.49
CA CYS B 58 -9.36 -28.38 -43.87
C CYS B 58 -8.31 -28.92 -42.90
N GLN B 59 -8.63 -28.90 -41.60
CA GLN B 59 -7.66 -29.31 -40.59
C GLN B 59 -7.28 -30.78 -40.75
N SER B 60 -8.27 -31.67 -40.81
CA SER B 60 -7.98 -33.10 -40.84
C SER B 60 -7.23 -33.50 -42.10
N HIS B 61 -7.23 -32.63 -43.12
CA HIS B 61 -6.56 -32.96 -44.37
C HIS B 61 -5.38 -32.02 -44.63
N GLY B 62 -4.79 -31.48 -43.58
CA GLY B 62 -3.57 -30.71 -43.70
C GLY B 62 -3.75 -29.24 -43.99
N GLY B 63 -4.92 -28.68 -43.75
CA GLY B 63 -5.11 -27.24 -43.89
C GLY B 63 -5.24 -26.77 -45.32
N GLY B 64 -4.14 -26.81 -46.06
CA GLY B 64 -4.12 -26.29 -47.41
C GLY B 64 -4.35 -27.30 -48.51
N ALA B 65 -4.26 -28.60 -48.19
CA ALA B 65 -4.48 -29.64 -49.19
C ALA B 65 -5.95 -29.82 -49.56
N PHE B 66 -6.86 -29.14 -48.87
CA PHE B 66 -8.29 -29.27 -49.10
C PHE B 66 -8.85 -28.10 -49.90
N MET B 67 -8.03 -27.11 -50.23
CA MET B 67 -8.55 -25.89 -50.84
C MET B 67 -8.30 -25.86 -52.34
N ILE B 68 -7.33 -26.61 -52.84
CA ILE B 68 -7.09 -26.68 -54.28
C ILE B 68 -8.15 -27.55 -54.96
N PRO B 69 -8.35 -28.81 -54.53
CA PRO B 69 -9.39 -29.61 -55.19
C PRO B 69 -10.79 -29.04 -55.00
N PHE B 70 -11.04 -28.39 -53.86
CA PHE B 70 -12.32 -27.73 -53.65
C PHE B 70 -12.59 -26.71 -54.74
N LEU B 71 -11.59 -25.90 -55.08
CA LEU B 71 -11.81 -24.88 -56.10
C LEU B 71 -11.90 -25.48 -57.49
N ILE B 72 -11.08 -26.50 -57.78
CA ILE B 72 -11.20 -27.13 -59.09
C ILE B 72 -12.59 -27.72 -59.29
N LEU B 73 -13.14 -28.35 -58.24
CA LEU B 73 -14.47 -28.92 -58.36
C LEU B 73 -15.57 -27.86 -58.34
N LEU B 74 -15.34 -26.73 -57.66
CA LEU B 74 -16.33 -25.65 -57.72
C LEU B 74 -16.38 -25.05 -59.11
N VAL B 75 -15.26 -25.08 -59.84
CA VAL B 75 -15.28 -24.55 -61.20
C VAL B 75 -15.83 -25.59 -62.18
N LEU B 76 -15.57 -26.87 -61.95
CA LEU B 76 -15.91 -27.88 -62.95
C LEU B 76 -17.10 -28.75 -62.57
N GLU B 77 -17.67 -28.58 -61.38
CA GLU B 77 -18.77 -29.45 -60.96
C GLU B 77 -19.95 -28.70 -60.37
N GLY B 78 -19.75 -27.50 -59.84
CA GLY B 78 -20.83 -26.75 -59.23
C GLY B 78 -21.59 -25.85 -60.19
N ILE B 79 -20.86 -25.06 -60.98
CA ILE B 79 -21.50 -24.05 -61.82
C ILE B 79 -22.42 -24.68 -62.87
N PRO B 80 -22.01 -25.70 -63.61
CA PRO B 80 -22.95 -26.30 -64.59
C PRO B 80 -24.19 -26.87 -63.95
N LEU B 81 -24.09 -27.44 -62.74
CA LEU B 81 -25.29 -27.93 -62.09
C LEU B 81 -26.20 -26.80 -61.62
N LEU B 82 -25.62 -25.70 -61.12
CA LEU B 82 -26.44 -24.53 -60.81
C LEU B 82 -27.21 -24.07 -62.04
N TYR B 83 -26.51 -23.96 -63.18
CA TYR B 83 -27.16 -23.49 -64.39
C TYR B 83 -28.25 -24.47 -64.84
N LEU B 84 -27.94 -25.77 -64.83
CA LEU B 84 -28.93 -26.77 -65.21
C LEU B 84 -30.18 -26.68 -64.35
N GLU B 85 -29.99 -26.62 -63.03
CA GLU B 85 -31.13 -26.58 -62.12
C GLU B 85 -31.98 -25.35 -62.37
N PHE B 86 -31.35 -24.17 -62.44
CA PHE B 86 -32.13 -22.96 -62.69
C PHE B 86 -32.89 -23.05 -64.01
N ALA B 87 -32.24 -23.55 -65.06
CA ALA B 87 -32.87 -23.56 -66.38
C ALA B 87 -34.08 -24.49 -66.42
N ILE B 88 -33.94 -25.72 -65.90
CA ILE B 88 -35.11 -26.60 -65.97
C ILE B 88 -36.20 -26.13 -65.02
N GLY B 89 -35.84 -25.63 -63.83
CA GLY B 89 -36.85 -25.13 -62.93
C GLY B 89 -37.64 -23.96 -63.51
N GLN B 90 -36.98 -23.16 -64.36
CA GLN B 90 -37.69 -22.04 -64.96
C GLN B 90 -38.50 -22.47 -66.17
N ARG B 91 -38.00 -23.43 -66.94
CA ARG B 91 -38.68 -23.80 -68.18
C ARG B 91 -39.86 -24.72 -67.94
N LEU B 92 -39.77 -25.65 -66.98
CA LEU B 92 -40.81 -26.65 -66.83
C LEU B 92 -41.97 -26.19 -65.95
N ARG B 93 -41.84 -25.05 -65.27
CA ARG B 93 -42.93 -24.43 -64.52
C ARG B 93 -43.51 -25.38 -63.46
N ARG B 94 -42.65 -26.18 -62.86
CA ARG B 94 -43.08 -27.13 -61.84
C ARG B 94 -42.06 -27.18 -60.72
N GLY B 95 -42.46 -27.82 -59.62
CA GLY B 95 -41.65 -27.90 -58.43
C GLY B 95 -40.55 -28.93 -58.53
N SER B 96 -40.25 -29.57 -57.39
CA SER B 96 -39.17 -30.53 -57.34
C SER B 96 -39.60 -31.93 -57.77
N LEU B 97 -40.90 -32.20 -57.80
CA LEU B 97 -41.39 -33.47 -58.33
C LEU B 97 -41.79 -33.35 -59.79
N GLY B 98 -42.37 -32.21 -60.17
CA GLY B 98 -42.87 -32.05 -61.53
C GLY B 98 -41.79 -32.17 -62.59
N VAL B 99 -40.62 -31.58 -62.36
CA VAL B 99 -39.59 -31.58 -63.38
C VAL B 99 -38.96 -32.95 -63.59
N TRP B 100 -39.17 -33.88 -62.66
CA TRP B 100 -38.70 -35.25 -62.81
C TRP B 100 -39.81 -36.25 -63.05
N SER B 101 -41.03 -35.96 -62.58
CA SER B 101 -42.15 -36.83 -62.88
C SER B 101 -42.64 -36.65 -64.31
N SER B 102 -42.27 -35.56 -64.96
CA SER B 102 -42.69 -35.31 -66.33
C SER B 102 -41.66 -35.75 -67.37
N ILE B 103 -40.61 -36.45 -66.93
CA ILE B 103 -39.57 -36.96 -67.83
C ILE B 103 -39.45 -38.45 -67.55
N HIS B 104 -40.13 -39.28 -68.34
CA HIS B 104 -40.10 -40.72 -68.17
C HIS B 104 -40.59 -41.08 -66.77
N PRO B 105 -41.91 -41.00 -66.52
CA PRO B 105 -42.45 -40.97 -65.14
C PRO B 105 -41.83 -41.95 -64.15
N ALA B 106 -41.20 -43.02 -64.63
CA ALA B 106 -40.53 -43.94 -63.72
C ALA B 106 -39.36 -43.29 -62.98
N LEU B 107 -39.09 -42.02 -63.24
CA LEU B 107 -38.07 -41.27 -62.50
C LEU B 107 -38.65 -40.48 -61.34
N LYS B 108 -39.97 -40.53 -61.14
CA LYS B 108 -40.60 -39.78 -60.06
C LYS B 108 -39.91 -40.04 -58.73
N GLY B 109 -39.55 -41.29 -58.45
CA GLY B 109 -38.85 -41.65 -57.23
C GLY B 109 -37.65 -40.78 -56.94
N LEU B 110 -36.88 -40.39 -57.96
CA LEU B 110 -35.75 -39.50 -57.76
C LEU B 110 -36.17 -38.26 -56.98
N GLY B 111 -37.24 -37.61 -57.41
CA GLY B 111 -37.75 -36.47 -56.67
C GLY B 111 -37.96 -36.76 -55.21
N LEU B 112 -38.60 -37.89 -54.89
CA LEU B 112 -38.79 -38.27 -53.50
C LEU B 112 -37.48 -38.25 -52.73
N ALA B 113 -36.43 -38.82 -53.30
CA ALA B 113 -35.12 -38.79 -52.65
C ALA B 113 -34.78 -37.39 -52.19
N SER B 114 -34.85 -36.41 -53.10
CA SER B 114 -34.58 -35.03 -52.73
C SER B 114 -35.37 -34.63 -51.50
N MET B 115 -36.71 -34.78 -51.57
CA MET B 115 -37.54 -34.45 -50.43
C MET B 115 -37.02 -35.12 -49.16
N LEU B 116 -36.75 -36.42 -49.24
CA LEU B 116 -36.33 -37.15 -48.06
C LEU B 116 -35.02 -36.58 -47.52
N THR B 117 -34.09 -36.23 -48.41
CA THR B 117 -32.86 -35.61 -47.95
C THR B 117 -33.14 -34.27 -47.28
N SER B 118 -34.03 -33.47 -47.87
CA SER B 118 -34.37 -32.19 -47.26
C SER B 118 -35.01 -32.38 -45.90
N PHE B 119 -35.37 -33.63 -45.55
CA PHE B 119 -35.84 -33.90 -44.20
C PHE B 119 -34.69 -34.34 -43.31
N MET B 120 -33.82 -35.21 -43.82
CA MET B 120 -32.75 -35.77 -43.00
C MET B 120 -31.77 -34.69 -42.57
N VAL B 121 -31.66 -33.61 -43.35
CA VAL B 121 -30.83 -32.49 -42.94
C VAL B 121 -31.58 -31.61 -41.95
N GLY B 122 -32.90 -31.51 -42.07
CA GLY B 122 -33.67 -30.68 -41.16
C GLY B 122 -33.40 -31.01 -39.69
N LEU B 123 -33.76 -32.21 -39.27
CA LEU B 123 -33.46 -32.68 -37.92
C LEU B 123 -32.04 -32.33 -37.52
N TYR B 124 -31.10 -32.43 -38.46
CA TYR B 124 -29.71 -32.11 -38.17
C TYR B 124 -29.55 -30.60 -37.91
N TYR B 125 -29.91 -29.77 -38.89
CA TYR B 125 -29.60 -28.34 -38.81
C TYR B 125 -30.26 -27.69 -37.58
N ASN B 126 -31.57 -27.86 -37.42
CA ASN B 126 -32.22 -27.16 -36.31
C ASN B 126 -31.81 -27.71 -34.95
N THR B 127 -30.87 -28.66 -34.91
CA THR B 127 -30.22 -28.92 -33.63
C THR B 127 -29.08 -27.94 -33.41
N ILE B 128 -28.17 -27.83 -34.38
CA ILE B 128 -27.09 -26.83 -34.31
C ILE B 128 -27.65 -25.47 -33.91
N ILE B 129 -28.64 -24.97 -34.65
CA ILE B 129 -29.19 -23.65 -34.36
C ILE B 129 -29.64 -23.57 -32.91
N SER B 130 -30.30 -24.62 -32.41
CA SER B 130 -30.70 -24.63 -31.01
C SER B 130 -29.52 -24.31 -30.10
N TRP B 131 -28.41 -25.04 -30.26
CA TRP B 131 -27.23 -24.77 -29.45
C TRP B 131 -26.82 -23.31 -29.56
N ILE B 132 -26.80 -22.77 -30.78
CA ILE B 132 -26.46 -21.36 -30.96
C ILE B 132 -27.39 -20.48 -30.15
N MET B 133 -28.70 -20.75 -30.24
CA MET B 133 -29.66 -20.00 -29.42
C MET B 133 -29.27 -20.02 -27.96
N TRP B 134 -28.92 -21.19 -27.45
CA TRP B 134 -28.46 -21.29 -26.06
C TRP B 134 -27.29 -20.35 -25.82
N TYR B 135 -26.27 -20.43 -26.67
CA TYR B 135 -25.09 -19.59 -26.48
C TYR B 135 -25.42 -18.11 -26.67
N LEU B 136 -26.54 -17.82 -27.34
CA LEU B 136 -26.94 -16.43 -27.49
C LEU B 136 -27.63 -15.91 -26.23
N PHE B 137 -28.30 -16.81 -25.50
CA PHE B 137 -29.00 -16.38 -24.30
C PHE B 137 -28.06 -16.21 -23.12
N ASN B 138 -26.98 -16.98 -23.09
CA ASN B 138 -26.02 -16.92 -21.99
C ASN B 138 -25.09 -15.73 -22.08
N SER B 139 -25.25 -14.88 -23.10
CA SER B 139 -24.61 -13.57 -23.10
C SER B 139 -25.47 -12.63 -22.27
N PHE B 140 -25.25 -11.33 -22.41
CA PHE B 140 -25.95 -10.31 -21.64
C PHE B 140 -25.61 -10.37 -20.15
N GLN B 141 -24.37 -10.72 -19.84
CA GLN B 141 -23.84 -10.66 -18.48
C GLN B 141 -22.33 -10.52 -18.55
N GLU B 142 -21.81 -9.57 -17.77
CA GLU B 142 -20.39 -9.21 -17.92
C GLU B 142 -19.47 -10.36 -17.53
N PRO B 143 -19.62 -11.01 -16.38
CA PRO B 143 -18.78 -12.21 -16.15
C PRO B 143 -19.33 -13.40 -16.93
N LEU B 144 -18.93 -13.49 -18.20
CA LEU B 144 -19.46 -14.49 -19.10
C LEU B 144 -19.37 -15.89 -18.47
N PRO B 145 -20.40 -16.72 -18.61
CA PRO B 145 -20.39 -18.04 -17.95
C PRO B 145 -19.26 -18.95 -18.40
N TRP B 146 -18.72 -18.76 -19.60
CA TRP B 146 -17.61 -19.58 -20.08
C TRP B 146 -16.26 -18.89 -19.89
N SER B 147 -16.14 -18.06 -18.86
CA SER B 147 -14.88 -17.37 -18.61
C SER B 147 -14.12 -17.94 -17.42
N ASP B 148 -14.82 -18.54 -16.45
CA ASP B 148 -14.18 -19.04 -15.25
C ASP B 148 -14.91 -20.30 -14.78
N CYS B 149 -14.19 -21.15 -14.03
CA CYS B 149 -14.68 -22.42 -13.53
C CYS B 149 -15.55 -22.22 -12.29
N PRO B 150 -16.47 -23.13 -12.02
CA PRO B 150 -17.23 -23.06 -10.77
C PRO B 150 -16.52 -23.78 -9.65
N LEU B 151 -16.94 -23.48 -8.42
CA LEU B 151 -16.37 -24.12 -7.26
C LEU B 151 -17.29 -25.21 -6.72
N ASN B 152 -16.68 -26.25 -6.15
CA ASN B 152 -17.40 -27.42 -5.68
C ASN B 152 -18.05 -27.15 -4.33
N GLU B 153 -18.51 -28.22 -3.68
CA GLU B 153 -19.11 -28.10 -2.35
C GLU B 153 -18.15 -27.41 -1.39
N ASN B 154 -16.93 -27.92 -1.25
CA ASN B 154 -15.87 -27.23 -0.53
C ASN B 154 -15.43 -26.08 -1.41
N GLN B 155 -15.85 -24.87 -1.06
CA GLN B 155 -15.65 -23.68 -1.91
C GLN B 155 -14.24 -23.12 -1.74
N THR B 156 -13.26 -23.99 -1.93
CA THR B 156 -11.85 -23.60 -1.97
C THR B 156 -11.12 -24.11 -3.20
N GLY B 157 -11.53 -25.23 -3.78
CA GLY B 157 -10.89 -25.78 -4.96
C GLY B 157 -11.88 -25.96 -6.09
N TYR B 158 -11.35 -25.86 -7.31
CA TYR B 158 -12.15 -25.97 -8.53
C TYR B 158 -12.69 -27.38 -8.67
N VAL B 159 -13.68 -27.53 -9.54
CA VAL B 159 -14.14 -28.86 -9.92
C VAL B 159 -13.05 -29.52 -10.76
N ASP B 160 -12.79 -30.79 -10.47
CA ASP B 160 -11.66 -31.48 -11.10
C ASP B 160 -11.80 -31.52 -12.62
N GLU B 161 -13.03 -31.66 -13.12
CA GLU B 161 -13.22 -31.67 -14.58
C GLU B 161 -12.84 -30.33 -15.20
N CYS B 162 -13.14 -29.22 -14.52
CA CYS B 162 -12.80 -27.90 -15.02
C CYS B 162 -11.36 -27.52 -14.70
N ALA B 163 -10.73 -28.24 -13.76
CA ALA B 163 -9.35 -27.93 -13.41
C ALA B 163 -8.37 -28.55 -14.40
N ARG B 164 -8.54 -29.82 -14.73
CA ARG B 164 -7.65 -30.51 -15.65
C ARG B 164 -7.82 -30.03 -17.10
N SER B 165 -8.83 -29.23 -17.38
CA SER B 165 -9.07 -28.75 -18.74
C SER B 165 -9.45 -27.27 -18.73
N SER B 166 -9.89 -26.76 -19.86
CA SER B 166 -10.23 -25.35 -19.96
C SER B 166 -11.64 -25.10 -19.43
N PRO B 167 -11.93 -23.88 -18.98
CA PRO B 167 -13.31 -23.58 -18.55
C PRO B 167 -14.31 -23.58 -19.70
N VAL B 168 -13.88 -23.24 -20.91
CA VAL B 168 -14.79 -23.25 -22.05
C VAL B 168 -15.18 -24.68 -22.39
N ASP B 169 -14.22 -25.60 -22.37
CA ASP B 169 -14.55 -27.01 -22.59
C ASP B 169 -15.50 -27.52 -21.53
N TYR B 170 -15.36 -27.04 -20.30
CA TYR B 170 -16.28 -27.45 -19.25
C TYR B 170 -17.69 -26.92 -19.51
N PHE B 171 -17.80 -25.64 -19.87
CA PHE B 171 -19.13 -25.07 -20.12
C PHE B 171 -19.78 -25.72 -21.32
N TRP B 172 -18.97 -26.17 -22.28
CA TRP B 172 -19.54 -26.81 -23.47
C TRP B 172 -19.96 -28.24 -23.18
N TYR B 173 -19.08 -29.02 -22.55
CA TYR B 173 -19.31 -30.46 -22.43
C TYR B 173 -20.14 -30.82 -21.20
N ARG B 174 -20.15 -29.97 -20.17
CA ARG B 174 -20.84 -30.32 -18.93
C ARG B 174 -22.03 -29.44 -18.60
N GLU B 175 -21.96 -28.15 -18.86
CA GLU B 175 -23.04 -27.27 -18.43
C GLU B 175 -24.10 -27.11 -19.53
N THR B 176 -23.70 -27.22 -20.80
CA THR B 176 -24.65 -27.15 -21.90
C THR B 176 -25.14 -28.52 -22.32
N LEU B 177 -24.22 -29.40 -22.73
CA LEU B 177 -24.59 -30.72 -23.20
C LEU B 177 -24.81 -31.73 -22.10
N ASN B 178 -24.03 -31.69 -21.03
CA ASN B 178 -24.01 -32.74 -20.02
C ASN B 178 -23.78 -34.09 -20.67
N ILE B 179 -22.75 -34.15 -21.52
CA ILE B 179 -22.51 -35.30 -22.37
C ILE B 179 -22.11 -36.51 -21.53
N SER B 180 -22.52 -37.70 -21.97
CA SER B 180 -22.19 -38.93 -21.28
C SER B 180 -20.90 -39.51 -21.85
N THR B 181 -20.62 -40.76 -21.49
CA THR B 181 -19.33 -41.38 -21.79
C THR B 181 -19.37 -42.31 -23.01
N SER B 182 -20.55 -42.61 -23.55
CA SER B 182 -20.62 -43.51 -24.69
C SER B 182 -21.99 -43.33 -25.36
N ILE B 183 -22.08 -43.81 -26.61
CA ILE B 183 -23.34 -43.74 -27.34
C ILE B 183 -24.36 -44.71 -26.77
N SER B 184 -23.92 -45.67 -25.97
CA SER B 184 -24.85 -46.61 -25.37
C SER B 184 -25.42 -46.12 -24.04
N ASP B 185 -25.10 -44.91 -23.62
CA ASP B 185 -25.57 -44.34 -22.37
C ASP B 185 -26.49 -43.16 -22.68
N SER B 186 -27.75 -43.44 -22.90
CA SER B 186 -28.76 -42.40 -23.03
C SER B 186 -29.32 -42.07 -21.66
N GLY B 187 -29.75 -40.83 -21.50
CA GLY B 187 -30.21 -40.38 -20.20
C GLY B 187 -31.55 -39.66 -20.24
N SER B 188 -31.66 -38.58 -19.49
CA SER B 188 -32.90 -37.82 -19.44
C SER B 188 -33.08 -37.01 -20.73
N ILE B 189 -34.11 -36.16 -20.74
CA ILE B 189 -34.35 -35.29 -21.89
C ILE B 189 -33.73 -33.91 -21.72
N GLN B 190 -33.29 -33.57 -20.50
CA GLN B 190 -32.52 -32.35 -20.27
C GLN B 190 -33.29 -31.11 -20.68
N TRP B 191 -34.34 -30.79 -19.94
CA TRP B 191 -35.25 -29.69 -20.24
C TRP B 191 -34.58 -28.45 -20.81
N TRP B 192 -33.42 -28.05 -20.29
CA TRP B 192 -32.84 -26.78 -20.72
C TRP B 192 -32.36 -26.80 -22.17
N MET B 193 -32.55 -27.90 -22.89
CA MET B 193 -32.38 -27.90 -24.34
C MET B 193 -33.71 -27.92 -25.08
N LEU B 194 -34.77 -28.45 -24.46
CA LEU B 194 -36.09 -28.42 -25.07
C LEU B 194 -36.58 -27.00 -25.30
N LEU B 195 -36.31 -26.09 -24.36
CA LEU B 195 -36.74 -24.70 -24.55
C LEU B 195 -36.06 -24.09 -25.78
N CYS B 196 -34.75 -24.31 -25.92
CA CYS B 196 -34.05 -23.74 -27.07
C CYS B 196 -34.51 -24.38 -28.38
N LEU B 197 -34.72 -25.70 -28.38
CA LEU B 197 -35.20 -26.37 -29.58
C LEU B 197 -36.58 -25.85 -29.98
N ALA B 198 -37.47 -25.69 -29.01
CA ALA B 198 -38.82 -25.19 -29.30
C ALA B 198 -38.77 -23.75 -29.79
N CYS B 199 -37.87 -22.93 -29.23
CA CYS B 199 -37.75 -21.56 -29.70
C CYS B 199 -37.25 -21.51 -31.15
N ALA B 200 -36.24 -22.33 -31.46
CA ALA B 200 -35.73 -22.37 -32.83
C ALA B 200 -36.82 -22.78 -33.80
N TRP B 201 -37.54 -23.86 -33.50
CA TRP B 201 -38.58 -24.31 -34.41
C TRP B 201 -39.74 -23.33 -34.48
N SER B 202 -40.07 -22.64 -33.39
CA SER B 202 -41.15 -21.66 -33.43
C SER B 202 -40.78 -20.48 -34.31
N VAL B 203 -39.54 -19.99 -34.21
CA VAL B 203 -39.11 -18.89 -35.07
C VAL B 203 -39.13 -19.34 -36.53
N LEU B 204 -38.60 -20.53 -36.82
CA LEU B 204 -38.62 -21.03 -38.19
C LEU B 204 -40.04 -21.11 -38.73
N TYR B 205 -40.97 -21.62 -37.92
CA TYR B 205 -42.35 -21.72 -38.36
C TYR B 205 -42.98 -20.34 -38.55
N MET B 206 -42.56 -19.37 -37.73
CA MET B 206 -43.07 -18.01 -37.89
C MET B 206 -42.68 -17.43 -39.23
N CYS B 207 -41.43 -17.67 -39.66
CA CYS B 207 -40.94 -17.01 -40.86
C CYS B 207 -41.51 -17.66 -42.13
N THR B 208 -41.75 -18.98 -42.11
CA THR B 208 -42.24 -19.68 -43.28
C THR B 208 -43.72 -20.07 -43.16
N ILE B 209 -44.54 -19.20 -42.57
CA ILE B 209 -45.95 -19.52 -42.37
C ILE B 209 -46.66 -19.72 -43.70
N ARG B 210 -46.19 -19.05 -44.76
CA ARG B 210 -46.83 -19.13 -46.06
C ARG B 210 -45.84 -19.32 -47.22
N GLY B 211 -44.66 -19.84 -46.95
CA GLY B 211 -43.70 -20.02 -48.04
C GLY B 211 -43.24 -18.66 -48.55
N ILE B 212 -43.21 -18.52 -49.88
CA ILE B 212 -42.96 -17.22 -50.47
C ILE B 212 -44.05 -16.26 -50.03
N GLU B 213 -43.79 -14.96 -50.16
CA GLU B 213 -44.61 -13.84 -49.72
C GLU B 213 -44.50 -13.62 -48.22
N THR B 214 -43.81 -14.50 -47.49
CA THR B 214 -43.48 -14.24 -46.09
C THR B 214 -42.01 -14.40 -45.79
N THR B 215 -41.33 -15.39 -46.39
CA THR B 215 -39.88 -15.44 -46.31
C THR B 215 -39.23 -14.36 -47.16
N GLY B 216 -39.88 -13.96 -48.25
CA GLY B 216 -39.36 -12.90 -49.08
C GLY B 216 -39.31 -11.55 -48.41
N LYS B 217 -39.94 -11.42 -47.24
CA LYS B 217 -39.87 -10.18 -46.47
C LYS B 217 -38.81 -10.25 -45.39
N ALA B 218 -38.46 -11.45 -44.93
CA ALA B 218 -37.43 -11.58 -43.91
C ALA B 218 -36.05 -11.74 -44.53
N VAL B 219 -35.97 -12.18 -45.79
CA VAL B 219 -34.68 -12.41 -46.41
C VAL B 219 -33.87 -11.12 -46.49
N TYR B 220 -34.53 -9.97 -46.63
CA TYR B 220 -33.83 -8.69 -46.77
C TYR B 220 -32.85 -8.47 -45.61
N ILE B 221 -33.25 -8.83 -44.40
CA ILE B 221 -32.39 -8.68 -43.24
C ILE B 221 -31.53 -9.93 -43.04
N THR B 222 -32.14 -11.11 -43.23
CA THR B 222 -31.47 -12.36 -42.86
C THR B 222 -30.26 -12.62 -43.73
N SER B 223 -30.31 -12.27 -45.02
CA SER B 223 -29.20 -12.51 -45.91
C SER B 223 -28.29 -11.29 -46.07
N THR B 224 -28.54 -10.21 -45.31
CA THR B 224 -27.73 -9.01 -45.37
C THR B 224 -26.89 -8.77 -44.12
N LEU B 225 -27.48 -8.95 -42.93
CA LEU B 225 -26.72 -8.75 -41.70
C LEU B 225 -25.40 -9.53 -41.62
N PRO B 226 -25.32 -10.79 -42.06
CA PRO B 226 -24.04 -11.50 -41.99
C PRO B 226 -22.91 -10.82 -42.73
N TYR B 227 -23.15 -10.24 -43.90
CA TYR B 227 -22.07 -9.63 -44.67
C TYR B 227 -21.55 -8.35 -44.06
N VAL B 228 -22.20 -7.83 -43.03
CA VAL B 228 -21.69 -6.70 -42.26
C VAL B 228 -21.00 -7.18 -40.99
N VAL B 229 -21.64 -8.10 -40.25
CA VAL B 229 -21.00 -8.61 -39.04
C VAL B 229 -19.70 -9.32 -39.38
N LEU B 230 -19.64 -9.97 -40.54
CA LEU B 230 -18.45 -10.70 -40.93
C LEU B 230 -17.32 -9.77 -41.32
N THR B 231 -17.65 -8.64 -41.97
CA THR B 231 -16.62 -7.65 -42.27
C THR B 231 -16.06 -7.05 -40.98
N ILE B 232 -16.95 -6.72 -40.03
CA ILE B 232 -16.49 -6.23 -38.73
C ILE B 232 -15.54 -7.25 -38.09
N PHE B 233 -15.92 -8.53 -38.10
CA PHE B 233 -15.08 -9.53 -37.45
C PHE B 233 -13.78 -9.77 -38.21
N LEU B 234 -13.79 -9.61 -39.53
CA LEU B 234 -12.54 -9.74 -40.28
C LEU B 234 -11.58 -8.62 -39.92
N ILE B 235 -12.10 -7.38 -39.82
CA ILE B 235 -11.25 -6.26 -39.42
C ILE B 235 -10.71 -6.47 -38.01
N ARG B 236 -11.55 -7.00 -37.11
CA ARG B 236 -11.07 -7.23 -35.74
C ARG B 236 -10.09 -8.39 -35.68
N GLY B 237 -10.20 -9.35 -36.59
CA GLY B 237 -9.36 -10.53 -36.51
C GLY B 237 -7.98 -10.30 -37.13
N LEU B 238 -7.93 -9.57 -38.24
CA LEU B 238 -6.65 -9.40 -38.92
C LEU B 238 -5.68 -8.49 -38.17
N THR B 239 -6.02 -8.02 -36.97
CA THR B 239 -5.15 -7.18 -36.17
C THR B 239 -4.75 -7.82 -34.85
N LEU B 240 -4.98 -9.12 -34.69
CA LEU B 240 -4.61 -9.79 -33.47
C LEU B 240 -3.14 -10.22 -33.52
N LYS B 241 -2.73 -10.99 -32.50
CA LYS B 241 -1.35 -11.44 -32.43
C LYS B 241 -1.04 -12.51 -33.46
N GLY B 242 -1.83 -13.57 -33.48
CA GLY B 242 -1.56 -14.71 -34.35
C GLY B 242 -2.06 -14.58 -35.77
N ALA B 243 -2.77 -13.51 -36.10
CA ALA B 243 -3.18 -13.29 -37.48
C ALA B 243 -1.95 -13.08 -38.36
N THR B 244 -2.08 -13.44 -39.63
CA THR B 244 -1.00 -13.39 -40.61
C THR B 244 0.12 -14.36 -40.20
N ASN B 245 -0.12 -15.12 -39.14
CA ASN B 245 0.76 -16.21 -38.72
C ASN B 245 -0.01 -17.51 -38.68
N GLY B 246 -1.34 -17.43 -38.57
CA GLY B 246 -2.19 -18.58 -38.72
C GLY B 246 -2.88 -18.69 -40.06
N ILE B 247 -2.81 -17.64 -40.89
CA ILE B 247 -3.38 -17.71 -42.21
C ILE B 247 -2.48 -18.50 -43.15
N VAL B 248 -1.17 -18.42 -42.96
CA VAL B 248 -0.26 -19.14 -43.83
C VAL B 248 -0.48 -20.65 -43.70
N PHE B 249 -0.85 -21.13 -42.51
CA PHE B 249 -1.12 -22.55 -42.34
C PHE B 249 -2.26 -23.00 -43.26
N LEU B 250 -3.14 -22.07 -43.63
CA LEU B 250 -4.23 -22.38 -44.55
C LEU B 250 -3.77 -22.43 -45.99
N PHE B 251 -2.69 -21.72 -46.35
CA PHE B 251 -2.25 -21.66 -47.74
C PHE B 251 -0.83 -22.16 -47.93
N THR B 252 -0.45 -23.27 -47.28
CA THR B 252 0.79 -23.98 -47.56
C THR B 252 0.47 -25.45 -47.75
N PRO B 253 0.11 -25.87 -48.96
CA PRO B 253 -0.28 -27.28 -49.17
C PRO B 253 0.91 -28.19 -49.24
N ASN B 254 0.65 -29.46 -48.97
CA ASN B 254 1.65 -30.52 -49.05
C ASN B 254 1.24 -31.50 -50.14
N VAL B 255 2.08 -31.64 -51.16
CA VAL B 255 1.74 -32.42 -52.34
C VAL B 255 1.61 -33.90 -52.08
N THR B 256 1.90 -34.36 -50.86
CA THR B 256 1.69 -35.78 -50.54
C THR B 256 0.28 -36.05 -50.04
N GLU B 257 -0.52 -35.00 -49.82
CA GLU B 257 -1.88 -35.20 -49.32
C GLU B 257 -2.89 -35.22 -50.46
N LEU B 258 -2.54 -34.65 -51.61
CA LEU B 258 -3.48 -34.58 -52.72
C LEU B 258 -3.74 -35.93 -53.37
N ALA B 259 -2.90 -36.93 -53.10
CA ALA B 259 -3.03 -38.22 -53.75
C ALA B 259 -3.90 -39.21 -52.98
N GLN B 260 -4.53 -38.78 -51.90
CA GLN B 260 -5.41 -39.69 -51.16
C GLN B 260 -6.84 -39.54 -51.64
N PRO B 261 -7.57 -40.64 -51.83
CA PRO B 261 -8.96 -40.52 -52.28
C PRO B 261 -9.86 -39.81 -51.28
N ASP B 262 -9.53 -39.89 -49.99
CA ASP B 262 -10.35 -39.25 -48.97
C ASP B 262 -10.48 -37.75 -49.18
N THR B 263 -9.40 -37.06 -49.52
CA THR B 263 -9.46 -35.61 -49.67
C THR B 263 -10.34 -35.22 -50.85
N TRP B 264 -10.22 -35.93 -51.97
CA TRP B 264 -11.05 -35.61 -53.12
C TRP B 264 -12.51 -35.93 -52.87
N LEU B 265 -12.80 -37.04 -52.19
CA LEU B 265 -14.19 -37.35 -51.84
C LEU B 265 -14.77 -36.27 -50.94
N ASP B 266 -14.00 -35.83 -49.95
CA ASP B 266 -14.50 -34.78 -49.06
C ASP B 266 -14.67 -33.45 -49.79
N ALA B 267 -13.78 -33.15 -50.73
CA ALA B 267 -13.94 -31.93 -51.53
C ALA B 267 -15.21 -31.98 -52.36
N GLY B 268 -15.49 -33.12 -52.98
CA GLY B 268 -16.73 -33.26 -53.74
C GLY B 268 -17.96 -33.12 -52.86
N ALA B 269 -17.96 -33.82 -51.72
CA ALA B 269 -19.09 -33.73 -50.81
C ALA B 269 -19.29 -32.29 -50.33
N GLN B 270 -18.19 -31.57 -50.10
CA GLN B 270 -18.32 -30.20 -49.61
C GLN B 270 -18.78 -29.25 -50.69
N VAL B 271 -18.34 -29.44 -51.94
CA VAL B 271 -18.79 -28.56 -53.00
C VAL B 271 -20.23 -28.86 -53.38
N PHE B 272 -20.74 -30.05 -53.02
CA PHE B 272 -22.16 -30.31 -53.22
C PHE B 272 -22.99 -29.88 -52.02
N PHE B 273 -22.37 -29.77 -50.84
CA PHE B 273 -23.12 -29.33 -49.67
C PHE B 273 -23.12 -27.82 -49.53
N SER B 274 -22.15 -27.14 -50.15
CA SER B 274 -22.11 -25.67 -50.07
C SER B 274 -23.21 -25.05 -50.91
N PHE B 275 -23.16 -25.26 -52.22
CA PHE B 275 -24.30 -24.99 -53.08
C PHE B 275 -25.39 -25.99 -52.72
N SER B 276 -26.58 -25.50 -52.40
CA SER B 276 -27.62 -26.44 -52.02
C SER B 276 -28.14 -27.18 -53.24
N LEU B 277 -27.31 -28.06 -53.79
CA LEU B 277 -27.67 -28.86 -54.95
C LEU B 277 -28.24 -30.20 -54.50
N ALA B 278 -29.07 -30.80 -55.36
CA ALA B 278 -29.72 -32.08 -55.09
C ALA B 278 -30.57 -32.02 -53.82
N PHE B 279 -30.99 -30.82 -53.43
CA PHE B 279 -31.88 -30.63 -52.29
C PHE B 279 -33.31 -30.26 -52.67
N GLY B 280 -33.56 -29.95 -53.94
CA GLY B 280 -34.90 -29.59 -54.35
C GLY B 280 -35.33 -28.20 -53.98
N GLY B 281 -34.41 -27.36 -53.53
CA GLY B 281 -34.75 -26.00 -53.18
C GLY B 281 -34.68 -25.07 -54.36
N LEU B 282 -33.51 -25.00 -55.02
CA LEU B 282 -33.35 -24.07 -56.13
C LEU B 282 -34.22 -24.44 -57.32
N ILE B 283 -34.40 -25.73 -57.57
CA ILE B 283 -35.24 -26.18 -58.67
C ILE B 283 -36.67 -25.71 -58.48
N SER B 284 -37.04 -25.34 -57.26
CA SER B 284 -38.37 -24.81 -57.00
C SER B 284 -38.39 -23.30 -56.84
N PHE B 285 -37.37 -22.72 -56.21
CA PHE B 285 -37.31 -21.27 -56.07
C PHE B 285 -37.18 -20.59 -57.43
N SER B 286 -36.50 -21.23 -58.38
CA SER B 286 -36.38 -20.64 -59.71
C SER B 286 -37.60 -20.87 -60.56
N SER B 287 -38.61 -21.59 -60.04
CA SER B 287 -39.80 -21.88 -60.84
C SER B 287 -40.87 -20.82 -60.70
N TYR B 288 -40.58 -19.69 -60.11
CA TYR B 288 -41.55 -18.60 -59.96
C TYR B 288 -41.29 -17.45 -60.91
N ASN B 289 -40.11 -17.40 -61.53
CA ASN B 289 -39.74 -16.30 -62.40
C ASN B 289 -40.61 -16.29 -63.66
N SER B 290 -40.52 -15.20 -64.39
CA SER B 290 -41.10 -15.12 -65.72
C SER B 290 -40.33 -16.03 -66.67
N VAL B 291 -40.85 -16.19 -67.89
CA VAL B 291 -40.24 -17.11 -68.83
C VAL B 291 -39.07 -16.50 -69.59
N HIS B 292 -38.79 -15.21 -69.38
CA HIS B 292 -37.74 -14.52 -70.11
C HIS B 292 -36.61 -14.05 -69.20
N ASN B 293 -36.53 -14.58 -67.98
CA ASN B 293 -35.51 -14.16 -67.04
C ASN B 293 -34.17 -14.78 -67.41
N ASN B 294 -33.17 -13.93 -67.65
CA ASN B 294 -31.83 -14.38 -68.04
C ASN B 294 -31.28 -15.31 -66.97
N CYS B 295 -30.66 -16.42 -67.39
CA CYS B 295 -30.31 -17.45 -66.44
C CYS B 295 -28.79 -17.54 -66.21
N GLU B 296 -28.00 -17.40 -67.28
CA GLU B 296 -26.55 -17.44 -67.12
C GLU B 296 -26.08 -16.38 -66.15
N LYS B 297 -26.65 -15.18 -66.25
CA LYS B 297 -26.27 -14.08 -65.37
C LYS B 297 -26.44 -14.47 -63.91
N ASP B 298 -27.61 -15.00 -63.56
CA ASP B 298 -27.88 -15.31 -62.16
C ASP B 298 -27.06 -16.49 -61.67
N SER B 299 -26.90 -17.51 -62.51
CA SER B 299 -26.09 -18.66 -62.12
C SER B 299 -24.65 -18.24 -61.85
N VAL B 300 -24.04 -17.51 -62.78
CA VAL B 300 -22.65 -17.08 -62.60
C VAL B 300 -22.52 -16.18 -61.38
N ILE B 301 -23.45 -15.24 -61.19
CA ILE B 301 -23.35 -14.33 -60.06
C ILE B 301 -23.43 -15.09 -58.75
N VAL B 302 -24.39 -16.00 -58.62
CA VAL B 302 -24.54 -16.75 -57.37
C VAL B 302 -23.29 -17.58 -57.11
N SER B 303 -22.76 -18.24 -58.16
CA SER B 303 -21.58 -19.08 -57.95
C SER B 303 -20.38 -18.25 -57.48
N ILE B 304 -20.12 -17.12 -58.13
CA ILE B 304 -18.96 -16.31 -57.76
C ILE B 304 -19.10 -15.78 -56.35
N ILE B 305 -20.26 -15.19 -56.03
CA ILE B 305 -20.47 -14.65 -54.70
C ILE B 305 -20.29 -15.73 -53.64
N ASN B 306 -20.80 -16.94 -53.92
CA ASN B 306 -20.69 -18.01 -52.93
C ASN B 306 -19.26 -18.45 -52.73
N GLY B 307 -18.50 -18.62 -53.83
CA GLY B 307 -17.11 -19.02 -53.70
C GLY B 307 -16.29 -18.03 -52.89
N PHE B 308 -16.44 -16.74 -53.20
CA PHE B 308 -15.63 -15.76 -52.49
C PHE B 308 -16.09 -15.57 -51.05
N THR B 309 -17.39 -15.76 -50.79
CA THR B 309 -17.85 -15.74 -49.41
C THR B 309 -17.26 -16.89 -48.60
N SER B 310 -17.20 -18.08 -49.20
CA SER B 310 -16.56 -19.21 -48.53
C SER B 310 -15.10 -18.91 -48.22
N VAL B 311 -14.39 -18.31 -49.18
CA VAL B 311 -12.98 -17.99 -48.94
C VAL B 311 -12.83 -16.98 -47.80
N TYR B 312 -13.69 -15.96 -47.76
CA TYR B 312 -13.59 -14.97 -46.68
C TYR B 312 -13.88 -15.59 -45.32
N VAL B 313 -14.88 -16.47 -45.24
CA VAL B 313 -15.20 -17.10 -43.97
C VAL B 313 -14.03 -17.97 -43.50
N ALA B 314 -13.43 -18.72 -44.43
CA ALA B 314 -12.27 -19.53 -44.07
C ALA B 314 -11.13 -18.66 -43.55
N ILE B 315 -10.89 -17.52 -44.20
CA ILE B 315 -9.82 -16.63 -43.77
C ILE B 315 -10.07 -16.14 -42.34
N VAL B 316 -11.31 -15.72 -42.05
CA VAL B 316 -11.60 -15.22 -40.70
C VAL B 316 -11.41 -16.31 -39.66
N VAL B 317 -11.96 -17.51 -39.92
CA VAL B 317 -11.88 -18.58 -38.95
C VAL B 317 -10.44 -18.96 -38.67
N TYR B 318 -9.62 -19.05 -39.72
CA TYR B 318 -8.24 -19.43 -39.49
C TYR B 318 -7.39 -18.30 -38.91
N SER B 319 -7.81 -17.05 -39.10
CA SER B 319 -7.20 -15.96 -38.34
C SER B 319 -7.39 -16.16 -36.86
N VAL B 320 -8.63 -16.44 -36.43
CA VAL B 320 -8.88 -16.63 -35.00
C VAL B 320 -8.12 -17.86 -34.49
N ILE B 321 -8.07 -18.92 -35.28
CA ILE B 321 -7.39 -20.13 -34.84
C ILE B 321 -5.89 -19.87 -34.69
N GLY B 322 -5.30 -19.12 -35.61
CA GLY B 322 -3.89 -18.77 -35.47
C GLY B 322 -3.62 -17.93 -34.24
N PHE B 323 -4.52 -16.99 -33.93
CA PHE B 323 -4.39 -16.22 -32.70
C PHE B 323 -4.37 -17.13 -31.48
N ARG B 324 -5.30 -18.09 -31.44
CA ARG B 324 -5.36 -19.02 -30.31
C ARG B 324 -4.07 -19.84 -30.20
N ALA B 325 -3.55 -20.30 -31.34
CA ALA B 325 -2.33 -21.10 -31.31
C ALA B 325 -1.14 -20.30 -30.78
N THR B 326 -0.99 -19.06 -31.26
CA THR B 326 0.10 -18.23 -30.76
C THR B 326 -0.04 -17.97 -29.26
N GLN B 327 -1.27 -17.78 -28.79
CA GLN B 327 -1.48 -17.58 -27.37
C GLN B 327 -1.01 -18.81 -26.56
N ARG B 328 -1.42 -20.00 -26.98
CA ARG B 328 -1.03 -21.20 -26.24
C ARG B 328 0.47 -21.43 -26.29
N TYR B 329 1.11 -21.07 -27.40
CA TYR B 329 2.57 -21.23 -27.49
C TYR B 329 3.28 -20.26 -26.56
N ASP B 330 2.80 -19.02 -26.49
CA ASP B 330 3.36 -18.09 -25.53
C ASP B 330 3.18 -18.59 -24.10
N ASP B 331 2.05 -19.24 -23.81
CA ASP B 331 1.86 -19.81 -22.48
C ASP B 331 2.87 -20.90 -22.19
N CYS B 332 3.05 -21.84 -23.13
CA CYS B 332 4.18 -22.78 -23.04
C CYS B 332 5.47 -22.11 -22.63
N PHE B 333 5.90 -21.12 -23.41
CA PHE B 333 7.24 -20.59 -23.20
C PHE B 333 7.34 -19.83 -21.89
N SER B 334 6.27 -19.10 -21.50
CA SER B 334 6.28 -18.42 -20.22
C SER B 334 6.39 -19.42 -19.07
N THR B 335 5.67 -20.53 -19.14
CA THR B 335 5.74 -21.51 -18.06
C THR B 335 7.12 -22.15 -17.98
N ASN B 336 7.72 -22.43 -19.13
CA ASN B 336 9.08 -23.01 -19.10
C ASN B 336 10.09 -22.04 -18.52
N ILE B 337 10.01 -20.76 -18.90
CA ILE B 337 10.91 -19.76 -18.34
C ILE B 337 10.71 -19.63 -16.83
N LEU B 338 9.44 -19.70 -16.40
CA LEU B 338 9.15 -19.62 -14.97
C LEU B 338 9.78 -20.78 -14.21
N THR B 339 9.65 -22.00 -14.74
CA THR B 339 10.27 -23.15 -14.09
C THR B 339 11.78 -22.97 -14.01
N LEU B 340 12.40 -22.56 -15.12
CA LEU B 340 13.85 -22.39 -15.13
C LEU B 340 14.31 -21.39 -14.09
N ILE B 341 13.68 -20.20 -14.04
CA ILE B 341 14.15 -19.19 -13.10
C ILE B 341 13.75 -19.52 -11.67
N ASN B 342 12.74 -20.37 -11.48
CA ASN B 342 12.43 -20.81 -10.12
C ASN B 342 13.43 -21.85 -9.65
N GLY B 343 14.07 -22.56 -10.58
CA GLY B 343 15.01 -23.59 -10.19
C GLY B 343 16.30 -23.03 -9.62
N PHE B 344 16.98 -22.15 -10.36
CA PHE B 344 18.30 -21.66 -10.00
C PHE B 344 18.27 -20.26 -9.37
N ASP B 345 17.08 -19.67 -9.26
CA ASP B 345 16.93 -18.31 -8.73
C ASP B 345 17.77 -17.32 -9.53
N LEU B 346 17.46 -17.21 -10.82
CA LEU B 346 18.02 -16.25 -11.76
C LEU B 346 17.20 -14.96 -11.74
N PRO B 347 17.79 -13.82 -12.08
CA PRO B 347 17.02 -12.57 -12.11
C PRO B 347 15.84 -12.67 -13.06
N GLU B 348 14.76 -11.98 -12.71
CA GLU B 348 13.52 -12.02 -13.49
C GLU B 348 13.61 -11.66 -14.96
N GLY B 349 14.28 -10.55 -15.26
CA GLY B 349 14.41 -10.08 -16.62
C GLY B 349 15.63 -10.55 -17.37
N ASN B 350 16.23 -11.68 -16.97
CA ASN B 350 17.42 -12.15 -17.65
C ASN B 350 17.14 -13.30 -18.60
N VAL B 351 16.15 -14.13 -18.30
CA VAL B 351 15.84 -15.29 -19.13
C VAL B 351 14.66 -14.93 -20.03
N THR B 352 14.92 -14.83 -21.33
CA THR B 352 13.88 -14.50 -22.30
C THR B 352 13.90 -15.48 -23.47
N GLN B 353 13.11 -15.18 -24.50
CA GLN B 353 12.96 -16.13 -25.60
C GLN B 353 14.25 -16.28 -26.40
N GLU B 354 15.01 -15.20 -26.56
CA GLU B 354 16.16 -15.24 -27.45
C GLU B 354 17.30 -16.06 -26.85
N ASN B 355 17.65 -15.80 -25.59
CA ASN B 355 18.78 -16.46 -24.96
C ASN B 355 18.34 -17.55 -23.97
N PHE B 356 17.28 -18.29 -24.30
CA PHE B 356 16.79 -19.32 -23.39
C PHE B 356 17.70 -20.54 -23.40
N VAL B 357 18.10 -20.98 -24.59
CA VAL B 357 18.92 -22.19 -24.69
C VAL B 357 20.27 -21.99 -24.04
N ASP B 358 20.85 -20.79 -24.19
CA ASP B 358 22.15 -20.53 -23.58
C ASP B 358 22.08 -20.60 -22.06
N MET B 359 21.07 -19.98 -21.47
CA MET B 359 20.91 -20.04 -20.02
C MET B 359 20.62 -21.46 -19.55
N GLN B 360 19.84 -22.22 -20.33
CA GLN B 360 19.60 -23.61 -20.00
C GLN B 360 20.91 -24.41 -19.96
N GLN B 361 21.73 -24.24 -20.99
CA GLN B 361 23.01 -24.93 -21.03
C GLN B 361 23.88 -24.54 -19.83
N ARG B 362 23.96 -23.25 -19.53
CA ARG B 362 24.77 -22.81 -18.39
C ARG B 362 24.29 -23.42 -17.09
N CYS B 363 22.97 -23.39 -16.86
CA CYS B 363 22.46 -23.91 -15.59
C CYS B 363 22.61 -25.42 -15.48
N ASN B 364 22.61 -26.14 -16.61
CA ASN B 364 22.93 -27.56 -16.51
C ASN B 364 24.41 -27.76 -16.18
N ALA B 365 25.29 -27.14 -16.97
CA ALA B 365 26.72 -27.38 -16.76
C ALA B 365 27.18 -26.87 -15.41
N SER B 366 26.36 -26.06 -14.74
CA SER B 366 26.73 -25.58 -13.42
C SER B 366 26.43 -26.61 -12.34
N ASP B 367 25.19 -27.11 -12.30
CA ASP B 367 24.75 -28.02 -11.25
C ASP B 367 23.89 -29.12 -11.84
N PRO B 368 24.51 -30.17 -12.38
CA PRO B 368 23.73 -31.21 -13.10
C PRO B 368 22.60 -31.78 -12.29
N ALA B 369 22.79 -31.98 -10.98
CA ALA B 369 21.76 -32.63 -10.18
C ALA B 369 20.48 -31.82 -10.14
N ALA B 370 20.56 -30.57 -9.68
CA ALA B 370 19.35 -29.77 -9.50
C ALA B 370 18.66 -29.51 -10.84
N TYR B 371 19.43 -29.48 -11.93
CA TYR B 371 18.83 -29.23 -13.24
C TYR B 371 18.12 -30.47 -13.77
N ALA B 372 18.72 -31.65 -13.59
CA ALA B 372 18.15 -32.86 -14.15
C ALA B 372 16.80 -33.19 -13.53
N GLN B 373 16.59 -32.84 -12.27
CA GLN B 373 15.35 -33.16 -11.59
C GLN B 373 14.19 -32.24 -11.98
N LEU B 374 14.45 -31.21 -12.77
CA LEU B 374 13.39 -30.30 -13.23
C LEU B 374 12.58 -30.94 -14.34
N VAL B 375 11.37 -30.44 -14.53
CA VAL B 375 10.47 -30.94 -15.57
C VAL B 375 10.20 -29.81 -16.55
N PHE B 376 10.37 -30.10 -17.84
CA PHE B 376 10.19 -29.11 -18.89
C PHE B 376 9.01 -29.47 -19.77
N GLN B 377 8.54 -28.48 -20.53
CA GLN B 377 7.53 -28.70 -21.54
C GLN B 377 8.12 -28.48 -22.93
N THR B 378 7.88 -29.45 -23.82
CA THR B 378 8.36 -29.37 -25.19
C THR B 378 7.17 -29.09 -26.11
N CYS B 379 7.13 -27.86 -26.64
CA CYS B 379 6.01 -27.42 -27.47
C CYS B 379 6.46 -26.21 -28.27
N ASP B 380 6.07 -26.20 -29.54
CA ASP B 380 6.54 -25.21 -30.50
C ASP B 380 5.35 -24.70 -31.31
N ILE B 381 5.52 -23.52 -31.89
CA ILE B 381 4.53 -22.95 -32.78
C ILE B 381 4.42 -23.82 -34.03
N ASN B 382 3.33 -23.66 -34.77
CA ASN B 382 3.03 -24.48 -35.95
C ASN B 382 2.88 -25.94 -35.57
N ALA B 383 2.63 -26.19 -34.28
CA ALA B 383 2.31 -27.52 -33.78
C ALA B 383 1.05 -27.52 -32.93
N PHE B 384 0.63 -26.35 -32.43
CA PHE B 384 -0.69 -26.19 -31.82
C PHE B 384 -1.76 -25.88 -32.85
N LEU B 385 -1.37 -25.44 -34.04
CA LEU B 385 -2.32 -25.29 -35.15
C LEU B 385 -2.87 -26.63 -35.59
N SER B 386 -2.14 -27.71 -35.41
CA SER B 386 -2.60 -29.04 -35.81
C SER B 386 -3.51 -29.69 -34.80
N GLU B 387 -3.90 -28.99 -33.74
CA GLU B 387 -4.87 -29.53 -32.79
C GLU B 387 -6.22 -29.68 -33.47
N ALA B 388 -6.58 -30.93 -33.79
CA ALA B 388 -7.81 -31.18 -34.53
C ALA B 388 -9.03 -30.78 -33.71
N VAL B 389 -9.90 -29.98 -34.32
CA VAL B 389 -11.14 -29.57 -33.71
C VAL B 389 -12.23 -30.56 -34.11
N GLU B 390 -12.96 -31.05 -33.12
CA GLU B 390 -13.98 -32.07 -33.35
C GLU B 390 -15.18 -31.47 -34.08
N GLY B 391 -16.14 -32.32 -34.41
CA GLY B 391 -17.35 -31.83 -35.07
C GLY B 391 -18.14 -30.90 -34.15
N THR B 392 -18.67 -29.84 -34.73
CA THR B 392 -19.49 -28.86 -34.03
C THR B 392 -18.80 -28.32 -32.79
N GLY B 393 -17.48 -28.39 -32.76
CA GLY B 393 -16.72 -27.94 -31.62
C GLY B 393 -15.69 -26.89 -31.98
N LEU B 394 -15.98 -26.12 -33.03
CA LEU B 394 -15.12 -25.02 -33.42
C LEU B 394 -15.79 -23.69 -33.09
N ALA B 395 -17.06 -23.54 -33.47
CA ALA B 395 -17.75 -22.28 -33.20
C ALA B 395 -18.01 -22.10 -31.71
N PHE B 396 -17.79 -23.12 -30.90
CA PHE B 396 -18.08 -23.03 -29.47
C PHE B 396 -16.85 -23.17 -28.59
N ILE B 397 -15.69 -23.54 -29.15
CA ILE B 397 -14.53 -23.81 -28.31
C ILE B 397 -13.43 -22.77 -28.57
N VAL B 398 -13.25 -22.35 -29.82
CA VAL B 398 -12.16 -21.42 -30.11
C VAL B 398 -12.69 -19.99 -30.19
N PHE B 399 -13.87 -19.80 -30.75
CA PHE B 399 -14.39 -18.44 -30.90
C PHE B 399 -14.81 -17.84 -29.56
N THR B 400 -15.43 -18.63 -28.68
CA THR B 400 -15.74 -18.11 -27.35
C THR B 400 -14.46 -17.86 -26.55
N GLU B 401 -13.46 -18.72 -26.72
CA GLU B 401 -12.20 -18.55 -26.02
C GLU B 401 -11.44 -17.33 -26.52
N ALA B 402 -11.65 -16.94 -27.77
CA ALA B 402 -11.00 -15.74 -28.28
C ALA B 402 -11.82 -14.49 -27.98
N ILE B 403 -13.14 -14.63 -27.89
CA ILE B 403 -14.00 -13.49 -27.57
C ILE B 403 -13.85 -13.10 -26.10
N THR B 404 -13.58 -14.08 -25.24
CA THR B 404 -13.37 -13.75 -23.83
C THR B 404 -12.06 -13.05 -23.58
N LYS B 405 -11.24 -12.84 -24.60
CA LYS B 405 -9.96 -12.15 -24.48
C LYS B 405 -9.96 -10.76 -25.10
N MET B 406 -11.13 -10.22 -25.46
CA MET B 406 -11.18 -8.93 -26.12
C MET B 406 -11.99 -7.93 -25.30
N PRO B 407 -11.74 -6.63 -25.47
CA PRO B 407 -12.51 -5.64 -24.73
C PRO B 407 -13.97 -5.62 -25.17
N LEU B 408 -14.86 -5.37 -24.21
CA LEU B 408 -16.31 -5.43 -24.44
C LEU B 408 -16.72 -6.78 -25.03
N SER B 409 -16.44 -7.83 -24.26
CA SER B 409 -16.77 -9.19 -24.71
C SER B 409 -18.26 -9.42 -24.98
N PRO B 410 -19.21 -8.96 -24.16
CA PRO B 410 -20.62 -9.24 -24.46
C PRO B 410 -21.08 -8.74 -25.82
N LEU B 411 -20.64 -7.56 -26.24
CA LEU B 411 -21.03 -7.05 -27.56
C LEU B 411 -20.53 -7.96 -28.67
N TRP B 412 -19.25 -8.35 -28.60
CA TRP B 412 -18.70 -9.24 -29.62
C TRP B 412 -19.43 -10.57 -29.65
N SER B 413 -19.74 -11.12 -28.47
CA SER B 413 -20.44 -12.41 -28.44
C SER B 413 -21.83 -12.29 -29.04
N VAL B 414 -22.57 -11.24 -28.66
CA VAL B 414 -23.92 -11.06 -29.19
C VAL B 414 -23.87 -10.93 -30.71
N LEU B 415 -22.95 -10.11 -31.22
CA LEU B 415 -22.85 -9.94 -32.67
C LEU B 415 -22.53 -11.26 -33.37
N PHE B 416 -21.52 -11.98 -32.88
CA PHE B 416 -21.11 -13.22 -33.52
C PHE B 416 -22.26 -14.23 -33.56
N PHE B 417 -22.95 -14.41 -32.44
CA PHE B 417 -23.98 -15.43 -32.41
C PHE B 417 -25.25 -15.01 -33.12
N ILE B 418 -25.56 -13.71 -33.18
CA ILE B 418 -26.71 -13.31 -34.00
C ILE B 418 -26.38 -13.48 -35.48
N MET B 419 -25.12 -13.29 -35.87
CA MET B 419 -24.72 -13.58 -37.25
C MET B 419 -24.93 -15.04 -37.58
N LEU B 420 -24.43 -15.93 -36.71
CA LEU B 420 -24.59 -17.35 -36.94
C LEU B 420 -26.07 -17.75 -37.02
N PHE B 421 -26.90 -17.17 -36.14
CA PHE B 421 -28.32 -17.49 -36.13
C PHE B 421 -29.00 -17.03 -37.42
N CYS B 422 -28.60 -15.86 -37.93
CA CYS B 422 -29.17 -15.39 -39.19
C CYS B 422 -28.78 -16.31 -40.35
N LEU B 423 -27.52 -16.76 -40.38
CA LEU B 423 -27.14 -17.74 -41.39
C LEU B 423 -27.99 -19.00 -41.29
N GLY B 424 -28.24 -19.46 -40.06
CA GLY B 424 -29.03 -20.66 -39.88
C GLY B 424 -30.44 -20.53 -40.44
N LEU B 425 -31.12 -19.44 -40.08
CA LEU B 425 -32.46 -19.23 -40.64
C LEU B 425 -32.42 -19.08 -42.16
N SER B 426 -31.40 -18.39 -42.67
CA SER B 426 -31.28 -18.20 -44.11
C SER B 426 -31.24 -19.54 -44.84
N SER B 427 -30.58 -20.53 -44.24
CA SER B 427 -30.57 -21.85 -44.87
C SER B 427 -31.86 -22.62 -44.62
N MET B 428 -32.42 -22.53 -43.41
CA MET B 428 -33.59 -23.34 -43.10
C MET B 428 -34.81 -22.91 -43.89
N PHE B 429 -34.85 -21.67 -44.37
CA PHE B 429 -35.96 -21.28 -45.24
C PHE B 429 -36.09 -22.23 -46.43
N GLY B 430 -35.02 -22.38 -47.20
CA GLY B 430 -35.05 -23.31 -48.32
C GLY B 430 -35.15 -24.76 -47.89
N ASN B 431 -34.49 -25.12 -46.79
CA ASN B 431 -34.59 -26.51 -46.33
C ASN B 431 -36.01 -26.86 -45.90
N MET B 432 -36.84 -25.86 -45.63
CA MET B 432 -38.24 -26.13 -45.31
C MET B 432 -39.11 -26.09 -46.55
N GLU B 433 -38.82 -25.17 -47.47
CA GLU B 433 -39.57 -25.15 -48.73
C GLU B 433 -39.43 -26.46 -49.48
N GLY B 434 -38.23 -27.05 -49.47
CA GLY B 434 -37.97 -28.30 -50.14
C GLY B 434 -38.79 -29.48 -49.65
N VAL B 435 -39.35 -29.41 -48.45
CA VAL B 435 -40.24 -30.43 -47.93
C VAL B 435 -41.69 -30.01 -48.03
N VAL B 436 -41.95 -28.71 -47.97
CA VAL B 436 -43.34 -28.22 -48.00
C VAL B 436 -43.92 -28.40 -49.39
N VAL B 437 -43.16 -28.10 -50.43
CA VAL B 437 -43.72 -28.10 -51.79
C VAL B 437 -44.04 -29.51 -52.28
N PRO B 438 -43.11 -30.47 -52.22
CA PRO B 438 -43.47 -31.83 -52.70
C PRO B 438 -44.65 -32.45 -51.98
N LEU B 439 -44.80 -32.22 -50.68
CA LEU B 439 -45.93 -32.78 -49.96
C LEU B 439 -47.25 -32.24 -50.48
N GLN B 440 -47.29 -30.95 -50.86
CA GLN B 440 -48.48 -30.43 -51.53
C GLN B 440 -48.64 -31.05 -52.91
N ASP B 441 -47.51 -31.37 -53.57
CA ASP B 441 -47.61 -31.96 -54.91
C ASP B 441 -48.13 -33.38 -54.87
N LEU B 442 -48.02 -34.06 -53.73
CA LEU B 442 -48.44 -35.45 -53.62
C LEU B 442 -49.92 -35.60 -53.28
N ARG B 443 -50.68 -34.51 -53.22
CA ARG B 443 -52.10 -34.54 -52.86
C ARG B 443 -52.32 -35.26 -51.52
N VAL B 444 -51.41 -35.05 -50.59
CA VAL B 444 -51.53 -35.73 -49.30
C VAL B 444 -52.61 -35.06 -48.45
N ILE B 445 -52.78 -33.75 -48.59
CA ILE B 445 -53.76 -33.00 -47.80
C ILE B 445 -54.88 -32.56 -48.73
N PRO B 446 -56.12 -32.43 -48.23
CA PRO B 446 -57.20 -31.94 -49.08
C PRO B 446 -57.01 -30.46 -49.35
N PRO B 447 -57.46 -29.97 -50.51
CA PRO B 447 -57.27 -28.55 -50.83
C PRO B 447 -58.05 -27.61 -49.93
N LYS B 448 -59.07 -28.10 -49.21
CA LYS B 448 -59.85 -27.24 -48.32
C LYS B 448 -59.02 -26.65 -47.19
N TRP B 449 -57.89 -27.25 -46.85
CA TRP B 449 -57.12 -26.71 -45.74
C TRP B 449 -56.22 -25.57 -46.19
N PRO B 450 -55.95 -24.61 -45.32
CA PRO B 450 -54.94 -23.59 -45.64
C PRO B 450 -53.54 -24.15 -45.47
N LYS B 451 -52.58 -23.45 -46.07
CA LYS B 451 -51.19 -23.91 -46.02
C LYS B 451 -50.60 -23.83 -44.62
N GLU B 452 -51.15 -22.95 -43.79
CA GLU B 452 -50.67 -22.77 -42.43
C GLU B 452 -50.75 -24.05 -41.60
N VAL B 453 -51.77 -24.86 -41.83
CA VAL B 453 -51.92 -26.11 -41.08
C VAL B 453 -50.89 -27.12 -41.51
N LEU B 454 -50.61 -27.20 -42.82
CA LEU B 454 -49.59 -28.15 -43.28
C LEU B 454 -48.21 -27.76 -42.78
N THR B 455 -47.86 -26.48 -42.85
CA THR B 455 -46.55 -26.06 -42.35
C THR B 455 -46.44 -26.33 -40.85
N GLY B 456 -47.53 -26.07 -40.10
CA GLY B 456 -47.50 -26.34 -38.67
C GLY B 456 -47.34 -27.82 -38.38
N LEU B 457 -48.03 -28.67 -39.14
CA LEU B 457 -47.90 -30.10 -38.92
C LEU B 457 -46.49 -30.59 -39.20
N ILE B 458 -45.87 -30.07 -40.26
CA ILE B 458 -44.49 -30.47 -40.56
C ILE B 458 -43.56 -30.02 -39.43
N CYS B 459 -43.72 -28.78 -38.97
CA CYS B 459 -42.85 -28.30 -37.90
C CYS B 459 -43.05 -29.11 -36.62
N LEU B 460 -44.31 -29.44 -36.29
CA LEU B 460 -44.58 -30.22 -35.08
C LEU B 460 -43.97 -31.61 -35.18
N GLY B 461 -44.15 -32.27 -36.32
CA GLY B 461 -43.57 -33.60 -36.49
C GLY B 461 -42.06 -33.58 -36.37
N THR B 462 -41.42 -32.61 -37.02
CA THR B 462 -39.96 -32.57 -36.98
C THR B 462 -39.47 -32.21 -35.58
N PHE B 463 -40.20 -31.37 -34.85
CA PHE B 463 -39.82 -31.04 -33.49
C PHE B 463 -39.93 -32.26 -32.59
N LEU B 464 -41.01 -33.04 -32.75
CA LEU B 464 -41.18 -34.23 -31.91
C LEU B 464 -40.15 -35.30 -32.24
N ILE B 465 -39.72 -35.38 -33.51
CA ILE B 465 -38.68 -36.34 -33.87
C ILE B 465 -37.32 -35.87 -33.36
N GLY B 466 -37.11 -34.56 -33.29
CA GLY B 466 -35.82 -34.03 -32.89
C GLY B 466 -35.49 -34.16 -31.42
N PHE B 467 -36.22 -34.97 -30.65
CA PHE B 467 -35.90 -35.15 -29.25
C PHE B 467 -34.57 -35.86 -29.06
N ILE B 468 -34.18 -36.71 -30.02
CA ILE B 468 -33.01 -37.56 -29.85
C ILE B 468 -31.76 -36.75 -29.53
N PHE B 469 -31.65 -35.55 -30.08
CA PHE B 469 -30.48 -34.71 -29.86
C PHE B 469 -30.59 -33.87 -28.60
N THR B 470 -31.51 -34.20 -27.69
CA THR B 470 -31.59 -33.55 -26.40
C THR B 470 -31.26 -34.50 -25.25
N LEU B 471 -30.88 -35.73 -25.55
CA LEU B 471 -30.50 -36.67 -24.50
C LEU B 471 -29.11 -36.35 -23.97
N ASN B 472 -28.66 -37.15 -23.02
CA ASN B 472 -27.31 -37.02 -22.51
C ASN B 472 -26.27 -37.40 -23.56
N SER B 473 -26.67 -38.13 -24.59
CA SER B 473 -25.78 -38.55 -25.66
C SER B 473 -26.14 -37.93 -26.99
N GLY B 474 -26.47 -36.64 -27.02
CA GLY B 474 -26.95 -36.02 -28.24
C GLY B 474 -25.87 -35.83 -29.28
N GLN B 475 -24.72 -35.30 -28.87
CA GLN B 475 -23.68 -34.95 -29.84
C GLN B 475 -23.18 -36.18 -30.60
N TYR B 476 -23.12 -37.34 -29.94
CA TYR B 476 -22.71 -38.55 -30.63
C TYR B 476 -23.67 -38.91 -31.76
N TRP B 477 -24.98 -38.93 -31.47
CA TRP B 477 -25.96 -39.16 -32.52
C TRP B 477 -25.84 -38.12 -33.63
N LEU B 478 -25.61 -36.86 -33.26
CA LEU B 478 -25.53 -35.81 -34.26
C LEU B 478 -24.37 -36.05 -35.21
N SER B 479 -23.20 -36.36 -34.67
CA SER B 479 -22.03 -36.59 -35.50
C SER B 479 -22.21 -37.83 -36.36
N LEU B 480 -22.78 -38.90 -35.78
CA LEU B 480 -23.03 -40.11 -36.55
C LEU B 480 -23.95 -39.82 -37.73
N LEU B 481 -25.05 -39.12 -37.49
CA LEU B 481 -26.01 -38.80 -38.55
C LEU B 481 -25.46 -37.81 -39.55
N ASP B 482 -24.51 -36.95 -39.15
CA ASP B 482 -23.97 -35.96 -40.06
C ASP B 482 -22.87 -36.54 -40.93
N SER B 483 -22.18 -37.58 -40.45
CA SER B 483 -21.12 -38.18 -41.24
C SER B 483 -21.67 -38.89 -42.47
N TYR B 484 -22.97 -39.19 -42.49
CA TYR B 484 -23.54 -40.00 -43.56
C TYR B 484 -24.77 -39.37 -44.22
N ALA B 485 -25.50 -38.50 -43.51
CA ALA B 485 -26.72 -37.93 -44.09
C ALA B 485 -26.42 -37.02 -45.27
N GLY B 486 -25.24 -36.40 -45.28
CA GLY B 486 -24.90 -35.46 -46.33
C GLY B 486 -23.71 -35.82 -47.19
N SER B 487 -23.44 -37.10 -47.42
CA SER B 487 -22.29 -37.50 -48.23
C SER B 487 -22.71 -38.28 -49.47
N ILE B 488 -23.43 -39.38 -49.32
CA ILE B 488 -23.77 -40.25 -50.45
C ILE B 488 -24.96 -39.72 -51.26
N PRO B 489 -26.07 -39.34 -50.63
CA PRO B 489 -27.21 -38.84 -51.43
C PRO B 489 -26.87 -37.59 -52.20
N LEU B 490 -26.16 -36.63 -51.62
CA LEU B 490 -25.82 -35.41 -52.34
C LEU B 490 -24.89 -35.66 -53.51
N LEU B 491 -24.47 -36.92 -53.71
CA LEU B 491 -23.75 -37.30 -54.92
C LEU B 491 -24.64 -38.08 -55.87
N ILE B 492 -25.37 -39.07 -55.36
CA ILE B 492 -26.17 -39.92 -56.24
C ILE B 492 -27.33 -39.15 -56.84
N ILE B 493 -28.03 -38.36 -56.03
CA ILE B 493 -29.14 -37.56 -56.54
C ILE B 493 -28.64 -36.59 -57.61
N ALA B 494 -27.51 -35.94 -57.37
CA ALA B 494 -27.00 -34.96 -58.33
C ALA B 494 -26.60 -35.64 -59.64
N PHE B 495 -25.95 -36.80 -59.56
CA PHE B 495 -25.55 -37.50 -60.77
C PHE B 495 -26.77 -37.97 -61.55
N CYS B 496 -27.77 -38.53 -60.86
CA CYS B 496 -28.99 -38.95 -61.55
C CYS B 496 -29.69 -37.76 -62.16
N GLU B 497 -29.65 -36.60 -61.49
CA GLU B 497 -30.30 -35.40 -62.02
C GLU B 497 -29.65 -34.95 -63.33
N MET B 498 -28.33 -34.84 -63.32
CA MET B 498 -27.64 -34.39 -64.53
C MET B 498 -27.77 -35.40 -65.66
N PHE B 499 -27.66 -36.69 -65.34
CA PHE B 499 -27.83 -37.71 -66.36
C PHE B 499 -29.23 -37.67 -66.96
N SER B 500 -30.25 -37.51 -66.12
CA SER B 500 -31.61 -37.39 -66.60
C SER B 500 -31.77 -36.21 -67.54
N VAL B 501 -31.28 -35.03 -67.13
CA VAL B 501 -31.49 -33.84 -67.94
C VAL B 501 -30.76 -33.98 -69.27
N VAL B 502 -29.54 -34.51 -69.26
CA VAL B 502 -28.73 -34.49 -70.48
C VAL B 502 -29.13 -35.61 -71.43
N TYR B 503 -29.25 -36.84 -70.93
CA TYR B 503 -29.36 -38.01 -71.80
C TYR B 503 -30.74 -38.66 -71.81
N VAL B 504 -31.77 -38.01 -71.28
CA VAL B 504 -33.14 -38.50 -71.36
C VAL B 504 -34.07 -37.45 -71.96
N TYR B 505 -34.10 -36.26 -71.37
CA TYR B 505 -34.88 -35.16 -71.95
C TYR B 505 -34.26 -34.70 -73.27
N GLY B 506 -32.98 -34.99 -73.48
CA GLY B 506 -32.31 -34.57 -74.69
C GLY B 506 -31.69 -33.19 -74.54
N VAL B 507 -30.38 -33.09 -74.79
CA VAL B 507 -29.71 -31.81 -74.61
C VAL B 507 -30.04 -30.85 -75.75
N ASP B 508 -30.56 -31.37 -76.87
CA ASP B 508 -30.89 -30.49 -77.99
C ASP B 508 -32.17 -29.71 -77.72
N ARG B 509 -33.21 -30.38 -77.19
CA ARG B 509 -34.37 -29.65 -76.72
C ARG B 509 -33.96 -28.61 -75.68
N PHE B 510 -33.00 -28.95 -74.84
CA PHE B 510 -32.52 -28.02 -73.81
C PHE B 510 -31.88 -26.79 -74.45
N ASN B 511 -31.05 -27.00 -75.47
CA ASN B 511 -30.41 -25.88 -76.13
C ASN B 511 -31.43 -24.99 -76.82
N LYS B 512 -32.41 -25.60 -77.49
CA LYS B 512 -33.44 -24.79 -78.15
C LYS B 512 -34.25 -23.99 -77.13
N ASP B 513 -34.57 -24.59 -75.98
CA ASP B 513 -35.32 -23.88 -74.96
C ASP B 513 -34.50 -22.73 -74.38
N ILE B 514 -33.20 -22.95 -74.15
CA ILE B 514 -32.36 -21.87 -73.65
C ILE B 514 -32.30 -20.73 -74.67
N GLU B 515 -32.18 -21.08 -75.96
CA GLU B 515 -32.17 -20.06 -76.99
C GLU B 515 -33.46 -19.24 -76.95
N PHE B 516 -34.60 -19.91 -76.84
CA PHE B 516 -35.87 -19.20 -76.81
C PHE B 516 -36.00 -18.34 -75.57
N MET B 517 -35.40 -18.79 -74.46
CA MET B 517 -35.57 -18.07 -73.20
C MET B 517 -34.70 -16.83 -73.13
N ILE B 518 -33.39 -16.99 -73.31
CA ILE B 518 -32.45 -15.90 -73.03
C ILE B 518 -32.01 -15.17 -74.29
N GLY B 519 -31.98 -15.84 -75.45
CA GLY B 519 -31.68 -15.17 -76.70
C GLY B 519 -30.46 -15.67 -77.44
N HIS B 520 -29.80 -16.73 -76.96
CA HIS B 520 -28.68 -17.33 -77.67
C HIS B 520 -28.37 -18.67 -77.05
N LYS B 521 -27.87 -19.58 -77.89
CA LYS B 521 -27.46 -20.89 -77.39
C LYS B 521 -26.24 -20.74 -76.48
N PRO B 522 -26.14 -21.59 -75.45
CA PRO B 522 -25.09 -21.40 -74.45
C PRO B 522 -23.70 -21.44 -75.05
N ASN B 523 -22.73 -20.91 -74.29
CA ASN B 523 -21.36 -20.86 -74.75
C ASN B 523 -20.78 -22.27 -74.79
N ILE B 524 -19.70 -22.44 -75.58
CA ILE B 524 -19.16 -23.78 -75.81
C ILE B 524 -18.68 -24.41 -74.50
N PHE B 525 -18.23 -23.59 -73.57
CA PHE B 525 -17.82 -24.08 -72.25
C PHE B 525 -18.93 -24.88 -71.60
N TRP B 526 -20.16 -24.37 -71.65
CA TRP B 526 -21.27 -25.06 -71.02
C TRP B 526 -21.48 -26.44 -71.62
N GLN B 527 -21.42 -26.55 -72.95
CA GLN B 527 -21.66 -27.85 -73.57
C GLN B 527 -20.54 -28.83 -73.28
N VAL B 528 -19.29 -28.36 -73.37
CA VAL B 528 -18.15 -29.24 -73.11
C VAL B 528 -18.17 -29.72 -71.66
N THR B 529 -18.69 -28.90 -70.74
CA THR B 529 -18.71 -29.32 -69.34
C THR B 529 -19.94 -30.18 -69.05
N TRP B 530 -21.04 -29.97 -69.77
CA TRP B 530 -22.23 -30.78 -69.56
C TRP B 530 -22.04 -32.20 -70.07
N ARG B 531 -21.61 -32.35 -71.32
CA ARG B 531 -21.72 -33.63 -71.99
C ARG B 531 -20.53 -34.55 -71.74
N VAL B 532 -19.42 -34.03 -71.21
CA VAL B 532 -18.20 -34.83 -71.12
C VAL B 532 -17.64 -34.89 -69.70
N VAL B 533 -17.32 -33.74 -69.12
CA VAL B 533 -16.43 -33.72 -67.97
C VAL B 533 -17.18 -34.00 -66.67
N SER B 534 -18.36 -33.38 -66.51
CA SER B 534 -19.05 -33.48 -65.22
C SER B 534 -19.50 -34.90 -64.89
N PRO B 535 -20.09 -35.68 -65.81
CA PRO B 535 -20.39 -37.07 -65.46
C PRO B 535 -19.17 -37.89 -65.09
N LEU B 536 -18.05 -37.68 -65.78
CA LEU B 536 -16.83 -38.41 -65.45
C LEU B 536 -16.35 -38.08 -64.04
N LEU B 537 -16.32 -36.78 -63.70
CA LEU B 537 -15.88 -36.41 -62.36
C LEU B 537 -16.82 -36.96 -61.29
N MET B 538 -18.13 -36.91 -61.54
CA MET B 538 -19.06 -37.40 -60.54
C MET B 538 -18.97 -38.92 -60.38
N LEU B 539 -18.72 -39.63 -61.49
CA LEU B 539 -18.52 -41.08 -61.37
C LEU B 539 -17.25 -41.41 -60.60
N ILE B 540 -16.17 -40.67 -60.85
CA ILE B 540 -14.94 -40.91 -60.12
C ILE B 540 -15.15 -40.65 -58.64
N ILE B 541 -15.87 -39.59 -58.29
CA ILE B 541 -16.13 -39.30 -56.88
C ILE B 541 -16.98 -40.41 -56.26
N PHE B 542 -18.01 -40.87 -56.99
CA PHE B 542 -18.87 -41.93 -56.49
C PHE B 542 -18.07 -43.20 -56.21
N LEU B 543 -17.13 -43.53 -57.10
CA LEU B 543 -16.30 -44.71 -56.87
C LEU B 543 -15.34 -44.51 -55.71
N PHE B 544 -14.72 -43.33 -55.61
CA PHE B 544 -13.77 -43.07 -54.53
C PHE B 544 -14.45 -43.16 -53.17
N PHE B 545 -15.74 -42.83 -53.11
CA PHE B 545 -16.44 -42.97 -51.84
C PHE B 545 -16.36 -44.41 -51.33
N PHE B 546 -16.72 -45.37 -52.19
CA PHE B 546 -16.64 -46.77 -51.77
C PHE B 546 -15.20 -47.23 -51.59
N VAL B 547 -14.26 -46.62 -52.31
CA VAL B 547 -12.85 -47.00 -52.12
C VAL B 547 -12.39 -46.61 -50.73
N VAL B 548 -12.84 -45.46 -50.23
CA VAL B 548 -12.39 -44.99 -48.92
C VAL B 548 -13.29 -45.45 -47.77
N GLU B 549 -14.51 -45.90 -48.05
CA GLU B 549 -15.39 -46.34 -46.97
C GLU B 549 -14.96 -47.67 -46.39
N VAL B 550 -14.92 -48.70 -47.20
CA VAL B 550 -14.38 -49.99 -46.79
C VAL B 550 -12.90 -49.83 -46.53
N SER B 551 -12.35 -50.67 -45.64
CA SER B 551 -10.94 -50.64 -45.28
C SER B 551 -10.58 -49.39 -44.48
N GLN B 552 -11.41 -49.06 -43.49
CA GLN B 552 -11.07 -48.08 -42.47
C GLN B 552 -12.07 -48.23 -41.33
N GLU B 553 -11.57 -48.14 -40.11
CA GLU B 553 -12.39 -48.40 -38.93
C GLU B 553 -13.23 -47.18 -38.59
N LEU B 554 -14.49 -47.42 -38.21
CA LEU B 554 -15.37 -46.35 -37.77
C LEU B 554 -15.10 -46.06 -36.30
N THR B 555 -14.66 -44.85 -36.00
CA THR B 555 -14.36 -44.45 -34.63
C THR B 555 -14.94 -43.07 -34.37
N TYR B 556 -15.31 -42.86 -33.12
CA TYR B 556 -15.81 -41.57 -32.67
C TYR B 556 -15.13 -41.22 -31.35
N SER B 557 -15.17 -39.93 -31.03
CA SER B 557 -14.50 -39.40 -29.85
C SER B 557 -15.46 -39.31 -28.66
N ILE B 558 -14.92 -39.61 -27.48
CA ILE B 558 -15.67 -39.53 -26.24
C ILE B 558 -14.89 -38.68 -25.24
N TRP B 559 -15.62 -38.26 -24.19
CA TRP B 559 -15.11 -37.33 -23.20
C TRP B 559 -14.46 -38.06 -22.03
N ASP B 560 -15.21 -38.95 -21.37
CA ASP B 560 -14.68 -39.79 -20.29
C ASP B 560 -13.97 -38.97 -19.22
N PRO B 561 -14.71 -38.24 -18.37
CA PRO B 561 -14.05 -37.44 -17.34
C PRO B 561 -13.22 -38.25 -16.36
N GLY B 562 -13.57 -39.52 -16.13
CA GLY B 562 -12.83 -40.38 -15.24
C GLY B 562 -11.75 -41.20 -15.89
N TYR B 563 -11.12 -40.71 -16.96
CA TYR B 563 -10.10 -41.44 -17.69
C TYR B 563 -8.79 -40.68 -17.64
N GLU B 564 -7.70 -41.39 -17.37
CA GLU B 564 -6.37 -40.80 -17.31
C GLU B 564 -5.99 -40.22 -18.67
N GLU B 565 -5.02 -39.31 -18.70
CA GLU B 565 -4.71 -38.51 -19.90
C GLU B 565 -5.96 -37.78 -20.38
N PHE B 566 -6.71 -37.22 -19.44
CA PHE B 566 -8.06 -36.72 -19.71
C PHE B 566 -8.13 -35.56 -20.71
N PRO B 567 -7.29 -34.53 -20.65
CA PRO B 567 -7.53 -33.36 -21.52
C PRO B 567 -7.66 -33.68 -23.00
N LYS B 568 -7.16 -34.82 -23.47
CA LYS B 568 -7.34 -35.25 -24.84
C LYS B 568 -8.48 -36.25 -24.92
N SER B 569 -9.44 -35.98 -25.80
CA SER B 569 -10.60 -36.84 -25.93
C SER B 569 -10.19 -38.17 -26.56
N GLN B 570 -10.89 -39.23 -26.16
CA GLN B 570 -10.49 -40.57 -26.56
C GLN B 570 -11.25 -41.00 -27.82
N LYS B 571 -10.75 -42.03 -28.49
CA LYS B 571 -11.39 -42.58 -29.66
C LYS B 571 -11.79 -44.02 -29.38
N ILE B 572 -12.98 -44.39 -29.85
CA ILE B 572 -13.50 -45.74 -29.66
C ILE B 572 -14.28 -46.13 -30.90
N SER B 573 -14.60 -47.42 -30.99
CA SER B 573 -15.32 -47.92 -32.16
C SER B 573 -16.82 -47.97 -31.88
N TYR B 574 -17.60 -47.71 -32.93
CA TYR B 574 -19.05 -47.80 -32.82
C TYR B 574 -19.47 -49.23 -32.47
N PRO B 575 -20.52 -49.39 -31.67
CA PRO B 575 -21.06 -50.73 -31.45
C PRO B 575 -21.56 -51.33 -32.75
N ASN B 576 -21.94 -52.61 -32.68
CA ASN B 576 -22.23 -53.36 -33.90
C ASN B 576 -23.59 -52.98 -34.48
N TRP B 577 -24.56 -52.62 -33.65
CA TRP B 577 -25.91 -52.39 -34.14
C TRP B 577 -26.04 -51.11 -34.95
N VAL B 578 -25.12 -50.16 -34.80
CA VAL B 578 -25.30 -48.85 -35.41
C VAL B 578 -25.35 -48.91 -36.92
N TYR B 579 -24.81 -49.98 -37.52
CA TYR B 579 -24.88 -50.11 -38.98
C TYR B 579 -26.31 -50.23 -39.47
N VAL B 580 -27.27 -50.44 -38.57
CA VAL B 580 -28.67 -50.31 -38.95
C VAL B 580 -28.99 -48.86 -39.27
N VAL B 581 -28.69 -47.96 -38.33
CA VAL B 581 -29.07 -46.56 -38.47
C VAL B 581 -28.50 -45.96 -39.75
N VAL B 582 -27.24 -46.27 -40.08
CA VAL B 582 -26.65 -45.72 -41.30
C VAL B 582 -27.46 -46.14 -42.53
N VAL B 583 -27.90 -47.40 -42.57
CA VAL B 583 -28.67 -47.87 -43.71
C VAL B 583 -30.00 -47.14 -43.79
N ILE B 584 -30.50 -46.67 -42.64
CA ILE B 584 -31.78 -45.97 -42.64
C ILE B 584 -31.58 -44.48 -42.90
N VAL B 585 -30.33 -44.00 -42.83
CA VAL B 585 -30.13 -42.58 -43.06
C VAL B 585 -29.39 -42.34 -44.37
N ALA B 586 -28.59 -43.31 -44.82
CA ALA B 586 -27.85 -43.19 -46.07
C ALA B 586 -28.32 -44.15 -47.15
N GLY B 587 -29.04 -45.21 -46.77
CA GLY B 587 -29.48 -46.18 -47.76
C GLY B 587 -30.83 -45.82 -48.36
N VAL B 588 -31.82 -45.53 -47.51
CA VAL B 588 -33.17 -45.31 -48.00
C VAL B 588 -33.28 -44.06 -48.87
N PRO B 589 -32.75 -42.90 -48.48
CA PRO B 589 -32.79 -41.75 -49.40
C PRO B 589 -31.99 -41.95 -50.68
N SER B 590 -31.09 -42.95 -50.72
CA SER B 590 -30.32 -43.19 -51.93
C SER B 590 -30.86 -44.36 -52.74
N LEU B 591 -31.35 -45.41 -52.07
CA LEU B 591 -31.91 -46.57 -52.76
C LEU B 591 -33.31 -46.32 -53.30
N THR B 592 -33.93 -45.19 -52.95
CA THR B 592 -35.26 -44.90 -53.45
C THR B 592 -35.24 -44.58 -54.95
N ILE B 593 -34.11 -44.08 -55.45
CA ILE B 593 -34.00 -43.68 -56.85
C ILE B 593 -34.18 -44.87 -57.79
N PRO B 594 -33.46 -45.98 -57.61
CA PRO B 594 -33.76 -47.15 -58.44
C PRO B 594 -35.04 -47.87 -58.04
N GLY B 595 -35.26 -48.07 -56.73
CA GLY B 595 -36.40 -48.81 -56.23
C GLY B 595 -37.71 -48.45 -56.88
N TYR B 596 -38.15 -47.19 -56.72
CA TYR B 596 -39.40 -46.76 -57.32
C TYR B 596 -39.44 -47.07 -58.81
N ALA B 597 -38.33 -46.83 -59.52
CA ALA B 597 -38.28 -47.12 -60.94
C ALA B 597 -38.66 -48.58 -61.20
N ILE B 598 -38.06 -49.51 -60.45
CA ILE B 598 -38.39 -50.91 -60.60
C ILE B 598 -39.89 -51.12 -60.47
N TYR B 599 -40.51 -50.48 -59.46
CA TYR B 599 -41.95 -50.61 -59.29
C TYR B 599 -42.68 -50.30 -60.59
N LYS B 600 -42.33 -49.17 -61.22
CA LYS B 600 -43.00 -48.82 -62.47
C LYS B 600 -42.76 -49.88 -63.54
N LEU B 601 -41.51 -50.37 -63.64
CA LEU B 601 -41.20 -51.39 -64.63
C LEU B 601 -42.03 -52.64 -64.40
N ILE B 602 -42.61 -52.81 -63.21
CA ILE B 602 -43.52 -53.91 -62.95
C ILE B 602 -44.97 -53.48 -63.09
N ARG B 603 -45.27 -52.24 -62.69
CA ARG B 603 -46.66 -51.79 -62.74
C ARG B 603 -47.16 -51.65 -64.17
N ASN B 604 -46.38 -50.98 -65.01
CA ASN B 604 -46.76 -50.69 -66.38
C ASN B 604 -46.33 -51.81 -67.35
N HIS B 605 -46.14 -53.02 -66.84
CA HIS B 605 -45.78 -54.16 -67.67
C HIS B 605 -47.04 -54.90 -68.12
N THR C 29 -13.14 0.25 84.08
CA THR C 29 -11.75 0.56 84.33
C THR C 29 -10.92 0.42 83.06
N ILE C 30 -11.60 0.34 81.93
CA ILE C 30 -10.91 0.20 80.64
C ILE C 30 -9.76 1.20 80.53
N GLU C 31 -10.00 2.43 80.96
CA GLU C 31 -8.97 3.47 80.90
C GLU C 31 -7.78 3.11 81.77
N GLU C 32 -8.05 2.66 83.00
CA GLU C 32 -7.00 2.28 83.92
C GLU C 32 -6.17 1.16 83.31
N GLN C 33 -6.84 0.28 82.58
CA GLN C 33 -6.17 -0.83 81.93
C GLN C 33 -5.22 -0.25 80.89
N ALA C 34 -5.78 0.53 79.96
CA ALA C 34 -4.98 1.15 78.92
C ALA C 34 -3.78 1.86 79.51
N LYS C 35 -3.93 2.34 80.74
CA LYS C 35 -2.84 3.05 81.41
C LYS C 35 -1.76 2.09 81.88
N THR C 36 -2.10 1.20 82.80
CA THR C 36 -1.15 0.23 83.33
C THR C 36 -0.35 -0.42 82.21
N PHE C 37 -1.02 -0.66 81.08
CA PHE C 37 -0.36 -1.27 79.93
C PHE C 37 0.74 -0.37 79.42
N LEU C 38 0.46 0.92 79.29
CA LEU C 38 1.45 1.83 78.75
C LEU C 38 2.64 1.96 79.69
N ASP C 39 2.35 2.04 80.99
CA ASP C 39 3.39 2.09 82.00
C ASP C 39 4.35 0.93 81.82
N LYS C 40 3.82 -0.25 81.58
CA LYS C 40 4.69 -1.40 81.42
C LYS C 40 5.42 -1.34 80.08
N PHE C 41 4.78 -0.80 79.06
CA PHE C 41 5.40 -0.79 77.74
C PHE C 41 6.63 0.10 77.71
N ASN C 42 6.55 1.25 78.38
CA ASN C 42 7.56 2.29 78.25
C ASN C 42 8.98 1.82 78.54
N HIS C 43 9.19 1.15 79.68
CA HIS C 43 10.52 0.72 80.10
C HIS C 43 11.22 -0.06 78.99
N GLU C 44 10.61 -1.16 78.59
CA GLU C 44 11.19 -2.04 77.61
C GLU C 44 11.38 -1.32 76.29
N ALA C 45 10.41 -0.49 75.91
CA ALA C 45 10.55 0.25 74.68
C ALA C 45 11.86 1.01 74.74
N GLU C 46 12.07 1.71 75.84
CA GLU C 46 13.24 2.56 75.99
C GLU C 46 14.52 1.76 75.89
N ASP C 47 14.60 0.66 76.64
CA ASP C 47 15.86 -0.08 76.72
C ASP C 47 16.21 -0.73 75.39
N LEU C 48 15.23 -1.39 74.78
CA LEU C 48 15.49 -1.98 73.47
C LEU C 48 15.85 -0.91 72.47
N PHE C 49 15.22 0.26 72.57
CA PHE C 49 15.52 1.32 71.62
C PHE C 49 16.96 1.78 71.76
N TYR C 50 17.41 1.94 73.00
CA TYR C 50 18.81 2.25 73.23
C TYR C 50 19.69 1.22 72.55
N GLN C 51 19.58 -0.03 72.97
CA GLN C 51 20.43 -1.07 72.39
C GLN C 51 20.33 -1.13 70.88
N SER C 52 19.24 -0.68 70.29
CA SER C 52 19.15 -0.67 68.85
C SER C 52 19.81 0.53 68.22
N SER C 53 19.84 1.65 68.91
CA SER C 53 20.42 2.85 68.33
C SER C 53 21.92 2.88 68.51
N LEU C 54 22.40 2.43 69.68
CA LEU C 54 23.83 2.33 69.89
C LEU C 54 24.49 1.50 68.82
N ALA C 55 23.82 0.45 68.39
CA ALA C 55 24.34 -0.42 67.36
C ALA C 55 24.56 0.35 66.06
N SER C 56 23.57 1.14 65.65
CA SER C 56 23.72 1.85 64.38
C SER C 56 24.70 2.99 64.51
N TRP C 57 24.84 3.53 65.72
CA TRP C 57 25.88 4.52 65.95
C TRP C 57 27.25 3.93 65.72
N ASN C 58 27.52 2.81 66.38
CA ASN C 58 28.82 2.16 66.23
C ASN C 58 29.03 1.71 64.79
N TYR C 59 27.97 1.35 64.10
CA TYR C 59 28.12 0.97 62.72
C TYR C 59 28.55 2.15 61.88
N ASN C 60 27.83 3.27 61.98
CA ASN C 60 28.09 4.39 61.11
C ASN C 60 29.40 5.08 61.44
N THR C 61 29.76 5.13 62.71
CA THR C 61 31.00 5.79 63.07
C THR C 61 32.17 4.89 62.71
N ASN C 62 32.03 3.59 62.95
CA ASN C 62 33.11 2.62 62.72
C ASN C 62 32.64 1.64 61.67
N ILE C 63 32.79 1.99 60.41
CA ILE C 63 32.33 1.08 59.37
C ILE C 63 33.19 -0.17 59.42
N THR C 64 32.57 -1.29 59.74
CA THR C 64 33.24 -2.57 59.87
C THR C 64 32.19 -3.65 59.74
N GLU C 65 32.45 -4.62 58.87
CA GLU C 65 31.47 -5.68 58.71
C GLU C 65 31.21 -6.42 60.02
N GLU C 66 32.16 -6.42 60.94
CA GLU C 66 31.89 -6.99 62.25
C GLU C 66 30.82 -6.20 63.00
N ASN C 67 30.38 -5.06 62.45
CA ASN C 67 29.34 -4.28 63.10
C ASN C 67 27.98 -4.46 62.45
N VAL C 68 27.96 -4.72 61.14
CA VAL C 68 26.71 -4.78 60.39
C VAL C 68 25.74 -5.77 61.01
N GLN C 69 26.23 -6.99 61.25
CA GLN C 69 25.35 -8.04 61.76
C GLN C 69 24.87 -7.71 63.16
N ASN C 70 25.71 -7.09 63.99
CA ASN C 70 25.27 -6.72 65.33
C ASN C 70 24.17 -5.67 65.25
N MET C 71 24.34 -4.71 64.34
CA MET C 71 23.31 -3.71 64.14
C MET C 71 22.01 -4.35 63.72
N ASN C 72 22.06 -5.26 62.76
CA ASN C 72 20.84 -5.92 62.30
C ASN C 72 20.20 -6.71 63.42
N ASN C 73 21.01 -7.39 64.23
CA ASN C 73 20.49 -8.15 65.35
C ASN C 73 19.69 -7.26 66.29
N ALA C 74 20.34 -6.24 66.84
CA ALA C 74 19.63 -5.36 67.75
C ALA C 74 18.42 -4.71 67.09
N GLY C 75 18.55 -4.34 65.82
CA GLY C 75 17.49 -3.66 65.11
C GLY C 75 16.24 -4.50 64.96
N ASP C 76 16.35 -5.68 64.37
CA ASP C 76 15.13 -6.48 64.20
C ASP C 76 14.64 -7.04 65.52
N LYS C 77 15.56 -7.23 66.48
CA LYS C 77 15.10 -7.55 67.82
C LYS C 77 14.17 -6.48 68.36
N TRP C 78 14.51 -5.22 68.17
CA TRP C 78 13.61 -4.14 68.58
C TRP C 78 12.33 -4.16 67.75
N SER C 79 12.48 -4.29 66.43
CA SER C 79 11.32 -4.20 65.55
C SER C 79 10.28 -5.25 65.89
N ALA C 80 10.71 -6.42 66.33
CA ALA C 80 9.76 -7.46 66.71
C ALA C 80 8.95 -7.07 67.93
N PHE C 81 9.61 -6.47 68.91
CA PHE C 81 8.92 -5.94 70.09
C PHE C 81 7.74 -5.08 69.70
N LEU C 82 7.89 -4.29 68.63
CA LEU C 82 6.82 -3.39 68.24
C LEU C 82 5.61 -4.16 67.73
N LYS C 83 5.84 -5.16 66.88
CA LYS C 83 4.72 -5.97 66.40
C LYS C 83 4.00 -6.62 67.54
N GLU C 84 4.76 -7.22 68.46
CA GLU C 84 4.16 -7.87 69.61
C GLU C 84 3.30 -6.88 70.39
N GLN C 85 3.90 -5.77 70.82
CA GLN C 85 3.16 -4.82 71.63
C GLN C 85 1.96 -4.25 70.90
N SER C 86 2.09 -3.99 69.60
CA SER C 86 0.96 -3.45 68.88
C SER C 86 -0.21 -4.42 68.91
N THR C 87 0.01 -5.64 68.44
CA THR C 87 -1.10 -6.61 68.43
C THR C 87 -1.61 -6.85 69.84
N LEU C 88 -0.77 -6.62 70.84
CA LEU C 88 -1.21 -6.75 72.22
C LEU C 88 -2.07 -5.55 72.62
N ALA C 89 -2.04 -4.49 71.83
CA ALA C 89 -2.74 -3.27 72.20
C ALA C 89 -4.00 -3.02 71.41
N GLN C 90 -4.40 -3.95 70.55
CA GLN C 90 -5.65 -3.81 69.83
C GLN C 90 -6.85 -4.04 70.71
N MET C 91 -6.60 -4.57 71.92
CA MET C 91 -7.68 -4.85 72.86
C MET C 91 -8.40 -3.55 73.22
N TYR C 92 -7.70 -2.63 73.85
CA TYR C 92 -8.25 -1.38 74.35
C TYR C 92 -8.88 -0.58 73.22
N PRO C 93 -10.18 -0.40 73.23
CA PRO C 93 -10.81 0.37 72.17
C PRO C 93 -10.57 1.85 72.39
N LEU C 94 -10.53 2.63 71.32
CA LEU C 94 -10.20 4.04 71.46
C LEU C 94 -11.28 4.80 72.21
N GLN C 95 -12.51 4.76 71.70
CA GLN C 95 -13.49 5.76 72.08
C GLN C 95 -14.07 5.53 73.47
N GLU C 96 -13.21 5.42 74.46
CA GLU C 96 -13.64 5.45 75.85
C GLU C 96 -12.70 6.37 76.60
N ILE C 97 -11.51 6.53 76.04
CA ILE C 97 -10.45 7.28 76.70
C ILE C 97 -10.70 8.77 76.50
N GLN C 98 -10.59 9.54 77.58
CA GLN C 98 -10.68 10.99 77.44
C GLN C 98 -9.40 11.69 77.86
N ASN C 99 -8.50 10.99 78.52
CA ASN C 99 -7.20 11.55 78.90
C ASN C 99 -6.35 11.56 77.64
N LEU C 100 -6.55 12.56 76.80
CA LEU C 100 -6.05 12.57 75.43
C LEU C 100 -4.58 12.24 75.30
N THR C 101 -3.80 12.45 76.34
CA THR C 101 -2.39 12.10 76.26
C THR C 101 -2.13 10.61 76.31
N VAL C 102 -3.13 9.79 76.57
CA VAL C 102 -3.01 8.35 76.42
C VAL C 102 -3.78 7.86 75.21
N LYS C 103 -4.88 8.51 74.90
CA LYS C 103 -5.50 8.35 73.60
C LYS C 103 -4.54 8.66 72.47
N LEU C 104 -3.47 9.39 72.76
CA LEU C 104 -2.50 9.77 71.73
C LEU C 104 -1.43 8.72 71.55
N GLN C 105 -0.99 8.10 72.63
CA GLN C 105 -0.03 7.01 72.48
C GLN C 105 -0.71 5.79 71.90
N LEU C 106 -1.88 5.42 72.42
CA LEU C 106 -2.54 4.24 71.91
C LEU C 106 -2.73 4.31 70.41
N GLN C 107 -3.14 5.46 69.90
CA GLN C 107 -3.26 5.63 68.47
C GLN C 107 -1.98 5.32 67.73
N ALA C 108 -0.84 5.47 68.37
CA ALA C 108 0.44 5.30 67.69
C ALA C 108 0.89 3.86 67.64
N LEU C 109 0.31 2.97 68.43
CA LEU C 109 0.60 1.55 68.30
C LEU C 109 -0.45 0.85 67.45
N GLN C 110 -1.72 1.16 67.67
CA GLN C 110 -2.81 0.42 67.05
C GLN C 110 -2.75 0.46 65.53
N GLN C 111 -1.88 1.29 64.96
CA GLN C 111 -1.79 1.35 63.51
C GLN C 111 -1.43 0.00 62.93
N ASN C 112 -2.37 -0.62 62.22
CA ASN C 112 -2.13 -1.96 61.69
C ASN C 112 -1.05 -1.95 60.62
N GLY C 113 -0.70 -0.78 60.11
CA GLY C 113 0.38 -0.70 59.14
C GLY C 113 0.06 -1.49 57.90
N SER C 114 1.09 -2.03 57.27
CA SER C 114 0.93 -2.83 56.07
C SER C 114 0.69 -4.30 56.38
N SER C 115 0.75 -4.69 57.64
CA SER C 115 0.46 -6.08 58.00
C SER C 115 -0.98 -6.46 57.71
N VAL C 116 -1.85 -5.48 57.47
CA VAL C 116 -3.25 -5.78 57.23
C VAL C 116 -3.43 -6.48 55.89
N LEU C 117 -2.42 -6.42 55.03
CA LEU C 117 -2.48 -7.10 53.75
C LEU C 117 -2.48 -8.60 53.93
N SER C 118 -2.62 -9.34 52.84
CA SER C 118 -2.50 -10.79 52.91
C SER C 118 -0.99 -11.06 53.02
N GLU C 119 -0.54 -12.28 52.76
CA GLU C 119 0.89 -12.58 52.84
C GLU C 119 1.54 -12.59 51.46
N ASP C 120 0.90 -13.21 50.49
CA ASP C 120 1.43 -13.18 49.13
C ASP C 120 1.53 -11.75 48.65
N LYS C 121 0.48 -10.97 48.89
CA LYS C 121 0.51 -9.57 48.51
C LYS C 121 1.59 -8.84 49.28
N SER C 122 1.65 -9.06 50.58
CA SER C 122 2.56 -8.26 51.39
C SER C 122 4.00 -8.56 51.06
N LYS C 123 4.31 -9.74 50.54
CA LYS C 123 5.67 -9.97 50.11
C LYS C 123 5.88 -9.70 48.64
N ARG C 124 4.81 -9.50 47.89
CA ARG C 124 4.96 -8.90 46.57
C ARG C 124 5.29 -7.42 46.67
N LEU C 125 4.69 -6.74 47.63
CA LEU C 125 4.92 -5.32 47.82
C LEU C 125 6.37 -5.04 48.15
N ASN C 126 6.94 -5.79 49.06
CA ASN C 126 8.33 -5.56 49.44
C ASN C 126 9.26 -5.82 48.28
N THR C 127 8.93 -6.80 47.46
CA THR C 127 9.73 -7.03 46.27
C THR C 127 9.67 -5.87 45.32
N ILE C 128 8.48 -5.30 45.10
CA ILE C 128 8.38 -4.13 44.24
C ILE C 128 9.16 -2.97 44.80
N LEU C 129 9.03 -2.69 46.09
CA LEU C 129 9.76 -1.59 46.68
C LEU C 129 11.25 -1.77 46.59
N ASN C 130 11.75 -2.98 46.80
CA ASN C 130 13.18 -3.20 46.70
C ASN C 130 13.67 -3.15 45.28
N THR C 131 12.88 -3.55 44.31
CA THR C 131 13.30 -3.40 42.94
C THR C 131 13.37 -1.95 42.52
N MET C 132 12.36 -1.16 42.86
CA MET C 132 12.37 0.23 42.43
C MET C 132 13.52 1.01 43.00
N SER C 133 14.00 0.67 44.18
CA SER C 133 15.11 1.41 44.75
C SER C 133 16.43 1.01 44.14
N THR C 134 16.61 -0.27 43.84
CA THR C 134 17.84 -0.72 43.22
C THR C 134 18.02 -0.13 41.83
N ILE C 135 16.96 -0.08 41.05
CA ILE C 135 17.06 0.51 39.72
C ILE C 135 17.55 1.94 39.83
N TYR C 136 16.99 2.72 40.73
CA TYR C 136 17.42 4.10 40.88
C TYR C 136 18.86 4.16 41.35
N SER C 137 19.26 3.26 42.22
CA SER C 137 20.61 3.35 42.76
C SER C 137 21.68 2.94 41.78
N THR C 138 21.39 1.99 40.89
CA THR C 138 22.44 1.39 40.08
C THR C 138 22.18 1.46 38.59
N GLY C 139 21.09 2.06 38.15
CA GLY C 139 20.89 2.26 36.74
C GLY C 139 21.98 3.14 36.18
N LYS C 140 22.33 2.92 34.92
CA LYS C 140 23.42 3.65 34.33
C LYS C 140 23.18 3.94 32.86
N VAL C 141 23.85 4.94 32.39
CA VAL C 141 23.66 5.48 31.07
C VAL C 141 25.02 5.60 30.40
N CYS C 142 25.08 5.31 29.10
CA CYS C 142 26.35 5.43 28.39
C CYS C 142 26.24 5.97 26.98
N ASN C 143 27.36 6.54 26.56
CA ASN C 143 27.49 7.39 25.39
C ASN C 143 27.00 6.68 24.14
N PRO C 144 26.60 7.40 23.14
CA PRO C 144 26.23 6.77 21.88
C PRO C 144 27.44 6.53 21.02
N ASP C 145 28.48 7.33 21.25
CA ASP C 145 29.72 7.20 20.49
C ASP C 145 30.58 6.07 21.03
N ASN C 146 30.94 6.15 22.29
CA ASN C 146 31.80 5.17 22.92
C ASN C 146 31.00 4.36 23.92
N PRO C 147 30.31 3.34 23.50
CA PRO C 147 29.34 2.69 24.39
C PRO C 147 29.98 1.97 25.56
N GLN C 148 31.29 2.11 25.73
CA GLN C 148 31.96 1.41 26.82
C GLN C 148 32.22 2.26 28.04
N GLU C 149 31.79 3.52 28.05
CA GLU C 149 31.86 4.34 29.25
C GLU C 149 30.45 4.66 29.71
N CYS C 150 30.02 4.03 30.79
CA CYS C 150 28.68 4.27 31.30
C CYS C 150 28.75 5.11 32.57
N LEU C 151 27.70 5.89 32.80
CA LEU C 151 27.67 6.89 33.84
C LEU C 151 26.57 6.55 34.83
N LEU C 152 26.91 6.53 36.11
CA LEU C 152 25.88 6.42 37.12
C LEU C 152 25.20 7.77 37.26
N LEU C 153 24.36 7.92 38.28
CA LEU C 153 23.72 9.22 38.45
C LEU C 153 24.37 10.03 39.55
N GLU C 154 24.70 9.41 40.67
CA GLU C 154 25.08 10.22 41.81
C GLU C 154 26.39 10.96 41.56
N PRO C 155 27.44 10.29 41.14
CA PRO C 155 28.51 11.01 40.45
C PRO C 155 28.30 10.90 38.96
N GLY C 156 28.78 11.85 38.21
CA GLY C 156 28.78 11.67 36.77
C GLY C 156 27.64 12.20 35.98
N LEU C 157 26.43 11.76 36.26
CA LEU C 157 25.31 12.38 35.57
C LEU C 157 24.81 13.61 36.27
N ASN C 158 25.00 13.71 37.57
CA ASN C 158 24.64 14.92 38.28
C ASN C 158 25.57 16.06 37.93
N GLU C 159 26.86 15.80 37.85
CA GLU C 159 27.79 16.89 37.65
C GLU C 159 27.72 17.46 36.24
N ILE C 160 27.31 16.68 35.26
CA ILE C 160 27.02 17.26 33.96
C ILE C 160 25.91 18.30 34.07
N MET C 161 24.76 17.87 34.55
CA MET C 161 23.63 18.76 34.66
C MET C 161 23.92 19.96 35.56
N ALA C 162 24.80 19.81 36.54
CA ALA C 162 25.09 20.90 37.45
C ALA C 162 26.15 21.85 36.96
N ASN C 163 27.04 21.42 36.07
CA ASN C 163 28.13 22.28 35.67
C ASN C 163 28.12 22.66 34.21
N SER C 164 27.72 21.76 33.31
CA SER C 164 27.92 22.01 31.90
C SER C 164 27.14 23.22 31.43
N LEU C 165 27.57 23.78 30.31
CA LEU C 165 26.88 24.87 29.65
C LEU C 165 26.60 24.57 28.18
N ASP C 166 26.65 23.30 27.82
CA ASP C 166 26.52 22.88 26.44
C ASP C 166 25.11 22.35 26.22
N TYR C 167 24.33 23.05 25.42
CA TYR C 167 22.94 22.67 25.24
C TYR C 167 22.81 21.20 24.87
N ASN C 168 23.66 20.72 23.98
CA ASN C 168 23.49 19.36 23.50
C ASN C 168 23.86 18.33 24.53
N GLU C 169 24.88 18.59 25.33
CA GLU C 169 25.24 17.62 26.34
C GLU C 169 24.20 17.54 27.44
N ARG C 170 23.65 18.67 27.85
CA ARG C 170 22.56 18.64 28.81
C ARG C 170 21.36 17.91 28.26
N LEU C 171 20.98 18.18 27.02
CA LEU C 171 19.85 17.47 26.48
C LEU C 171 20.10 15.98 26.42
N TRP C 172 21.30 15.57 26.04
CA TRP C 172 21.59 14.14 26.04
C TRP C 172 21.41 13.55 27.41
N ALA C 173 22.05 14.11 28.42
CA ALA C 173 21.94 13.55 29.75
C ALA C 173 20.50 13.51 30.21
N TRP C 174 19.77 14.60 30.06
CA TRP C 174 18.39 14.67 30.52
C TRP C 174 17.55 13.60 29.88
N GLU C 175 17.49 13.57 28.56
CA GLU C 175 16.58 12.65 27.91
C GLU C 175 17.01 11.22 28.11
N SER C 176 18.30 10.97 28.14
CA SER C 176 18.76 9.61 28.29
C SER C 176 18.46 9.03 29.66
N TRP C 177 18.58 9.81 30.73
CA TRP C 177 18.27 9.24 32.03
C TRP C 177 16.81 8.86 32.14
N ARG C 178 15.94 9.59 31.45
CA ARG C 178 14.53 9.24 31.54
C ARG C 178 14.18 8.08 30.65
N SER C 179 14.83 7.96 29.50
CA SER C 179 14.44 6.87 28.62
C SER C 179 15.12 5.57 29.00
N GLU C 180 16.23 5.62 29.71
CA GLU C 180 16.94 4.39 30.07
C GLU C 180 16.43 3.83 31.38
N VAL C 181 16.00 4.68 32.29
CA VAL C 181 15.63 4.25 33.61
C VAL C 181 14.19 4.57 33.94
N GLY C 182 13.61 5.61 33.38
CA GLY C 182 12.19 5.83 33.55
C GLY C 182 11.37 4.72 32.93
N LYS C 183 11.82 4.18 31.81
CA LYS C 183 11.06 3.15 31.14
C LYS C 183 10.99 1.88 31.96
N GLN C 184 11.97 1.61 32.80
CA GLN C 184 11.95 0.40 33.60
C GLN C 184 10.96 0.50 34.75
N LEU C 185 10.78 1.70 35.27
CA LEU C 185 10.04 1.89 36.51
C LEU C 185 8.55 1.99 36.28
N ARG C 186 8.13 2.19 35.07
CA ARG C 186 6.71 2.43 34.86
C ARG C 186 5.87 1.19 35.19
N PRO C 187 6.21 0.00 34.68
CA PRO C 187 5.40 -1.16 35.02
C PRO C 187 5.42 -1.49 36.49
N LEU C 188 6.46 -1.12 37.22
CA LEU C 188 6.47 -1.39 38.64
C LEU C 188 5.64 -0.37 39.39
N TYR C 189 5.67 0.88 38.94
CA TYR C 189 4.88 1.89 39.62
C TYR C 189 3.39 1.63 39.46
N GLU C 190 2.98 1.18 38.28
CA GLU C 190 1.57 0.89 38.11
C GLU C 190 1.07 -0.18 39.06
N GLU C 191 1.95 -1.03 39.55
CA GLU C 191 1.56 -2.08 40.48
C GLU C 191 1.65 -1.60 41.91
N TYR C 192 2.69 -0.82 42.19
CA TYR C 192 2.85 -0.27 43.53
C TYR C 192 1.64 0.57 43.90
N VAL C 193 1.11 1.32 42.95
CA VAL C 193 -0.07 2.13 43.22
C VAL C 193 -1.22 1.24 43.68
N VAL C 194 -1.50 0.21 42.92
CA VAL C 194 -2.64 -0.66 43.19
C VAL C 194 -2.51 -1.30 44.55
N LEU C 195 -1.32 -1.80 44.86
CA LEU C 195 -1.16 -2.48 46.15
C LEU C 195 -1.30 -1.50 47.30
N LYS C 196 -0.66 -0.34 47.19
CA LYS C 196 -0.74 0.62 48.28
C LYS C 196 -2.16 1.08 48.50
N ASN C 197 -2.96 1.13 47.45
CA ASN C 197 -4.33 1.56 47.64
C ASN C 197 -5.13 0.58 48.47
N GLU C 198 -4.93 -0.72 48.26
CA GLU C 198 -5.60 -1.70 49.10
C GLU C 198 -5.10 -1.62 50.52
N MET C 199 -3.80 -1.44 50.70
CA MET C 199 -3.25 -1.36 52.04
C MET C 199 -3.87 -0.22 52.82
N ALA C 200 -4.39 0.78 52.13
CA ALA C 200 -4.96 1.95 52.80
C ALA C 200 -6.46 1.77 53.00
N ARG C 201 -7.14 1.25 51.98
CA ARG C 201 -8.57 1.03 52.12
C ARG C 201 -8.86 -0.01 53.19
N ALA C 202 -7.96 -0.93 53.39
CA ALA C 202 -8.19 -1.84 54.50
C ALA C 202 -7.92 -1.23 55.81
N ASN C 203 -7.64 0.06 55.89
CA ASN C 203 -7.37 0.71 57.17
C ASN C 203 -8.36 1.82 57.45
N HIS C 204 -9.50 1.84 56.77
CA HIS C 204 -10.50 2.87 56.93
C HIS C 204 -9.96 4.22 56.48
N TYR C 205 -9.32 4.23 55.32
CA TYR C 205 -8.97 5.43 54.61
C TYR C 205 -9.55 5.34 53.21
N GLU C 206 -9.53 6.45 52.48
CA GLU C 206 -10.06 6.42 51.13
C GLU C 206 -9.05 5.88 50.14
N ASP C 207 -7.79 6.24 50.32
CA ASP C 207 -6.73 5.77 49.45
C ASP C 207 -5.42 6.02 50.15
N TYR C 208 -4.33 5.85 49.43
CA TYR C 208 -3.04 6.11 50.04
C TYR C 208 -2.79 7.59 50.21
N GLY C 209 -3.30 8.40 49.29
CA GLY C 209 -3.20 9.83 49.47
C GLY C 209 -3.76 10.27 50.81
N ASP C 210 -5.03 9.96 51.06
CA ASP C 210 -5.65 10.28 52.33
C ASP C 210 -4.97 9.61 53.50
N TYR C 211 -4.19 8.57 53.26
CA TYR C 211 -3.38 8.03 54.33
C TYR C 211 -2.23 8.93 54.67
N TRP C 212 -1.55 9.45 53.67
CA TRP C 212 -0.40 10.32 53.91
C TRP C 212 -0.78 11.61 54.60
N ARG C 213 -1.90 12.22 54.22
CA ARG C 213 -2.34 13.43 54.86
C ARG C 213 -2.83 13.20 56.26
N GLY C 214 -2.72 11.98 56.75
CA GLY C 214 -3.16 11.69 58.08
C GLY C 214 -2.27 12.24 59.15
N ASP C 215 -1.13 12.80 58.77
CA ASP C 215 -0.20 13.30 59.77
C ASP C 215 -0.58 14.68 60.27
N TYR C 216 -1.45 15.38 59.56
CA TYR C 216 -1.82 16.73 59.91
C TYR C 216 -3.18 16.82 60.54
N GLU C 217 -3.73 15.71 61.02
CA GLU C 217 -5.11 15.70 61.44
C GLU C 217 -5.20 15.77 62.95
N VAL C 218 -6.16 16.52 63.44
CA VAL C 218 -6.42 16.65 64.87
C VAL C 218 -7.90 16.41 65.09
N ASN C 219 -8.25 15.77 66.21
CA ASN C 219 -9.61 15.36 66.44
C ASN C 219 -10.08 15.73 67.85
N GLY C 220 -11.15 16.51 67.90
CA GLY C 220 -11.82 16.82 69.13
C GLY C 220 -10.96 17.44 70.21
N VAL C 221 -10.49 18.66 70.00
CA VAL C 221 -9.80 19.38 71.05
C VAL C 221 -10.32 20.81 71.14
N ASP C 222 -11.54 21.04 70.63
CA ASP C 222 -12.24 22.32 70.76
C ASP C 222 -11.60 23.50 70.04
N GLY C 223 -11.64 23.48 68.72
CA GLY C 223 -11.24 24.63 67.95
C GLY C 223 -9.94 24.48 67.23
N TYR C 224 -9.10 23.56 67.68
CA TYR C 224 -7.88 23.19 66.97
C TYR C 224 -8.09 22.00 66.08
N ASP C 225 -9.33 21.66 65.76
CA ASP C 225 -9.51 20.51 64.91
C ASP C 225 -9.09 20.83 63.49
N TYR C 226 -8.74 19.79 62.75
CA TYR C 226 -8.13 19.95 61.44
C TYR C 226 -8.32 18.65 60.70
N SER C 227 -9.07 18.67 59.62
CA SER C 227 -9.49 17.44 58.96
C SER C 227 -8.67 17.23 57.70
N ARG C 228 -8.33 15.97 57.43
CA ARG C 228 -7.43 15.59 56.36
C ARG C 228 -7.80 16.21 55.03
N GLY C 229 -9.03 16.66 54.90
CA GLY C 229 -9.42 17.28 53.66
C GLY C 229 -9.17 18.75 53.61
N GLN C 230 -8.89 19.36 54.74
CA GLN C 230 -8.59 20.77 54.74
C GLN C 230 -7.20 21.06 54.23
N LEU C 231 -6.27 20.13 54.41
CA LEU C 231 -4.90 20.38 53.98
C LEU C 231 -4.84 20.72 52.51
N ILE C 232 -5.69 20.13 51.69
CA ILE C 232 -5.65 20.48 50.29
C ILE C 232 -6.12 21.91 50.07
N GLU C 233 -7.15 22.34 50.77
CA GLU C 233 -7.56 23.73 50.63
C GLU C 233 -6.47 24.67 51.08
N ASP C 234 -5.85 24.41 52.22
CA ASP C 234 -4.80 25.30 52.68
C ASP C 234 -3.64 25.34 51.70
N VAL C 235 -3.22 24.19 51.19
CA VAL C 235 -2.11 24.21 50.25
C VAL C 235 -2.48 24.99 49.01
N GLU C 236 -3.65 24.76 48.44
CA GLU C 236 -4.00 25.46 47.21
C GLU C 236 -4.33 26.92 47.42
N HIS C 237 -4.61 27.31 48.64
CA HIS C 237 -4.98 28.69 48.89
C HIS C 237 -3.79 29.53 49.32
N THR C 238 -2.77 28.93 49.90
CA THR C 238 -1.54 29.66 50.10
C THR C 238 -0.72 29.75 48.84
N PHE C 239 -0.88 28.82 47.92
CA PHE C 239 -0.08 28.89 46.72
C PHE C 239 -0.54 29.98 45.77
N GLU C 240 -1.76 30.43 45.85
CA GLU C 240 -2.19 31.49 44.96
C GLU C 240 -1.70 32.85 45.37
N GLU C 241 -1.06 32.97 46.52
CA GLU C 241 -0.46 34.24 46.88
C GLU C 241 1.01 34.28 46.57
N ILE C 242 1.59 33.18 46.15
CA ILE C 242 2.98 33.17 45.74
C ILE C 242 3.13 33.41 44.26
N LYS C 243 2.14 33.07 43.48
CA LYS C 243 2.24 33.17 42.04
C LYS C 243 2.69 34.53 41.55
N PRO C 244 2.29 35.65 42.16
CA PRO C 244 2.80 36.94 41.71
C PRO C 244 4.30 37.08 41.82
N LEU C 245 4.90 36.60 42.91
CA LEU C 245 6.33 36.73 43.06
C LEU C 245 7.08 35.72 42.20
N TYR C 246 6.57 34.51 42.12
CA TYR C 246 7.21 33.53 41.28
C TYR C 246 7.15 33.90 39.82
N GLU C 247 6.12 34.58 39.36
CA GLU C 247 6.10 34.95 37.95
C GLU C 247 7.17 35.97 37.62
N HIS C 248 7.39 36.94 38.48
CA HIS C 248 8.49 37.85 38.23
C HIS C 248 9.83 37.19 38.33
N LEU C 249 10.04 36.34 39.32
CA LEU C 249 11.32 35.64 39.38
C LEU C 249 11.54 34.75 38.17
N HIS C 250 10.50 34.12 37.66
CA HIS C 250 10.61 33.29 36.48
C HIS C 250 10.86 34.09 35.23
N ALA C 251 10.20 35.22 35.08
CA ALA C 251 10.47 36.10 33.96
C ALA C 251 11.85 36.67 33.99
N TYR C 252 12.41 36.91 35.16
CA TYR C 252 13.75 37.48 35.20
C TYR C 252 14.80 36.47 34.80
N VAL C 253 14.62 35.21 35.21
CA VAL C 253 15.56 34.18 34.80
C VAL C 253 15.50 33.92 33.31
N ARG C 254 14.31 33.86 32.73
CA ARG C 254 14.20 33.68 31.31
C ARG C 254 14.96 34.73 30.53
N ALA C 255 14.85 35.99 30.94
CA ALA C 255 15.57 37.04 30.26
C ALA C 255 17.07 36.90 30.39
N LYS C 256 17.56 36.14 31.34
CA LYS C 256 19.00 35.99 31.52
C LYS C 256 19.54 34.70 30.96
N LEU C 257 18.69 33.73 30.69
CA LEU C 257 19.14 32.56 29.97
C LEU C 257 19.27 32.83 28.49
N MET C 258 18.49 33.75 27.94
CA MET C 258 18.59 34.09 26.54
C MET C 258 19.90 34.70 26.17
N ASN C 259 20.80 34.91 27.12
CA ASN C 259 22.11 35.43 26.79
C ASN C 259 23.13 34.31 26.94
N ALA C 260 22.69 33.18 27.45
CA ALA C 260 23.56 32.03 27.56
C ALA C 260 23.30 30.99 26.50
N TYR C 261 22.05 30.79 26.14
CA TYR C 261 21.66 29.89 25.05
C TYR C 261 20.78 30.69 24.12
N PRO C 262 21.35 31.55 23.30
CA PRO C 262 20.52 32.34 22.39
C PRO C 262 20.00 31.44 21.28
N SER C 263 18.84 31.80 20.75
CA SER C 263 18.20 31.01 19.70
C SER C 263 17.73 29.66 20.20
N TYR C 264 17.46 29.57 21.49
CA TYR C 264 16.89 28.34 22.04
C TYR C 264 15.75 28.60 22.99
N ILE C 265 15.49 29.85 23.34
CA ILE C 265 14.49 30.20 24.33
C ILE C 265 13.66 31.33 23.78
N SER C 266 12.39 31.18 23.81
CA SER C 266 11.58 32.25 23.28
C SER C 266 11.10 33.13 24.43
N PRO C 267 11.11 34.45 24.24
CA PRO C 267 10.81 35.35 25.35
C PRO C 267 9.34 35.46 25.69
N ILE C 268 8.48 34.57 25.21
CA ILE C 268 7.11 34.55 25.65
C ILE C 268 6.67 33.14 25.98
N GLY C 269 7.63 32.23 26.09
CA GLY C 269 7.34 30.84 26.34
C GLY C 269 7.84 30.37 27.69
N CYS C 270 7.79 29.05 27.87
CA CYS C 270 8.25 28.43 29.09
C CYS C 270 9.75 28.28 29.01
N LEU C 271 10.35 27.63 30.01
CA LEU C 271 11.77 27.34 29.99
C LEU C 271 11.97 25.87 29.70
N PRO C 272 12.88 25.51 28.80
CA PRO C 272 13.11 24.10 28.53
C PRO C 272 13.57 23.41 29.79
N ALA C 273 13.15 22.17 29.96
CA ALA C 273 13.32 21.54 31.26
C ALA C 273 14.75 21.14 31.54
N HIS C 274 15.60 21.07 30.55
CA HIS C 274 16.94 20.58 30.78
C HIS C 274 17.94 21.68 31.04
N LEU C 275 17.51 22.91 31.20
CA LEU C 275 18.42 24.02 31.39
C LEU C 275 18.30 24.59 32.78
N LEU C 276 17.69 23.87 33.71
CA LEU C 276 17.32 24.44 34.99
C LEU C 276 18.22 24.00 36.13
N GLY C 277 19.51 23.87 35.88
CA GLY C 277 20.38 23.64 37.01
C GLY C 277 20.63 22.19 37.36
N ASP C 278 19.60 21.43 37.65
CA ASP C 278 19.83 20.05 38.01
C ASP C 278 18.94 19.14 37.19
N MET C 279 18.93 17.86 37.56
CA MET C 279 18.33 16.88 36.66
C MET C 279 16.82 17.02 36.57
N TRP C 280 16.17 17.38 37.65
CA TRP C 280 14.71 17.46 37.64
C TRP C 280 14.17 18.87 37.65
N GLY C 281 14.88 19.81 38.22
CA GLY C 281 14.38 21.14 38.37
C GLY C 281 13.90 21.44 39.74
N ARG C 282 14.27 20.62 40.73
CA ARG C 282 13.82 20.87 42.08
C ARG C 282 14.34 22.20 42.59
N PHE C 283 15.64 22.39 42.56
CA PHE C 283 16.24 23.65 42.96
C PHE C 283 16.83 24.36 41.77
N TRP C 284 16.68 25.66 41.74
CA TRP C 284 17.31 26.47 40.72
C TRP C 284 18.63 27.06 41.17
N THR C 285 19.32 26.43 42.11
CA THR C 285 20.46 27.09 42.72
C THR C 285 21.59 27.27 41.73
N ASN C 286 21.78 26.30 40.86
CA ASN C 286 22.96 26.29 40.03
C ASN C 286 22.88 27.34 38.94
N LEU C 287 21.75 28.00 38.81
CA LEU C 287 21.63 29.12 37.89
C LEU C 287 22.17 30.39 38.49
N TYR C 288 22.90 30.32 39.60
CA TYR C 288 23.37 31.56 40.16
C TYR C 288 24.41 32.22 39.27
N SER C 289 25.38 31.46 38.78
CA SER C 289 26.45 32.05 38.00
C SER C 289 25.97 32.74 36.74
N LEU C 290 24.81 32.36 36.22
CA LEU C 290 24.28 33.02 35.03
C LEU C 290 23.37 34.18 35.36
N THR C 291 22.90 34.30 36.60
CA THR C 291 21.95 35.37 36.90
C THR C 291 22.31 36.33 38.03
N VAL C 292 23.54 36.25 38.51
CA VAL C 292 23.94 37.15 39.59
C VAL C 292 23.65 38.57 39.16
N PRO C 293 22.93 39.34 39.92
CA PRO C 293 22.59 40.70 39.51
C PRO C 293 23.83 41.55 39.30
N PHE C 294 24.66 41.69 40.32
CA PHE C 294 25.89 42.45 40.19
C PHE C 294 27.07 41.51 40.29
N GLY C 295 27.56 41.09 39.13
CA GLY C 295 28.65 40.14 39.12
C GLY C 295 29.91 40.61 39.77
N GLN C 296 30.08 41.92 39.93
CA GLN C 296 31.35 42.44 40.44
C GLN C 296 31.41 42.38 41.95
N LYS C 297 30.41 42.91 42.62
CA LYS C 297 30.40 42.86 44.07
C LYS C 297 30.40 41.41 44.54
N PRO C 298 31.44 40.97 45.22
CA PRO C 298 31.51 39.57 45.60
C PRO C 298 30.70 39.28 46.85
N ASN C 299 30.31 38.03 47.04
CA ASN C 299 29.46 37.70 48.17
C ASN C 299 30.25 37.82 49.46
N ILE C 300 29.56 37.61 50.58
CA ILE C 300 30.20 37.64 51.88
C ILE C 300 30.62 36.22 52.22
N ASP C 301 31.92 36.02 52.40
CA ASP C 301 32.46 34.75 52.83
C ASP C 301 33.49 35.01 53.92
N VAL C 302 33.63 34.06 54.83
CA VAL C 302 34.60 34.19 55.90
C VAL C 302 35.43 32.93 55.96
N THR C 303 35.40 32.13 54.91
CA THR C 303 36.22 30.92 54.90
C THR C 303 37.69 31.22 55.13
N ASP C 304 38.12 32.45 54.87
CA ASP C 304 39.53 32.80 54.95
C ASP C 304 39.89 33.50 56.25
N ALA C 305 39.04 34.41 56.72
CA ALA C 305 39.29 34.99 58.04
C ALA C 305 39.22 33.94 59.13
N MET C 306 38.72 32.75 58.82
CA MET C 306 38.69 31.68 59.80
C MET C 306 40.04 31.00 59.93
N VAL C 307 40.70 30.71 58.82
CA VAL C 307 41.98 30.02 58.92
C VAL C 307 43.02 30.91 59.55
N ASP C 308 42.94 32.22 59.28
CA ASP C 308 43.93 33.14 59.83
C ASP C 308 43.89 33.17 61.35
N GLN C 309 42.76 32.84 61.95
CA GLN C 309 42.68 32.77 63.39
C GLN C 309 42.73 31.35 63.92
N ALA C 310 43.16 30.39 63.11
CA ALA C 310 43.32 29.01 63.56
C ALA C 310 42.00 28.46 64.10
N TRP C 311 40.99 28.37 63.25
CA TRP C 311 39.67 27.94 63.68
C TRP C 311 39.53 26.47 63.33
N ASP C 312 39.67 25.62 64.34
CA ASP C 312 39.59 24.18 64.16
C ASP C 312 38.15 23.72 64.38
N ALA C 313 37.93 22.42 64.16
CA ALA C 313 36.59 21.88 64.32
C ALA C 313 36.27 21.59 65.78
N GLN C 314 36.63 22.52 66.62
CA GLN C 314 36.09 22.62 67.97
C GLN C 314 35.74 24.04 68.35
N ARG C 315 36.42 25.03 67.77
CA ARG C 315 36.02 26.40 67.95
C ARG C 315 34.64 26.64 67.37
N ILE C 316 34.32 25.91 66.30
CA ILE C 316 33.01 26.02 65.69
C ILE C 316 31.90 25.60 66.63
N PHE C 317 31.91 24.35 67.07
CA PHE C 317 30.87 23.84 67.94
C PHE C 317 30.89 24.45 69.31
N LYS C 318 31.86 25.30 69.61
CA LYS C 318 31.72 26.14 70.78
C LYS C 318 31.04 27.45 70.45
N GLU C 319 31.28 28.00 69.27
CA GLU C 319 30.55 29.19 68.88
C GLU C 319 29.06 28.92 68.77
N ALA C 320 28.69 27.76 68.22
CA ALA C 320 27.28 27.42 68.12
C ALA C 320 26.65 27.34 69.50
N GLU C 321 27.29 26.60 70.41
CA GLU C 321 26.75 26.47 71.75
C GLU C 321 26.63 27.82 72.41
N LYS C 322 27.60 28.70 72.19
CA LYS C 322 27.49 30.02 72.78
C LYS C 322 26.32 30.79 72.20
N PHE C 323 26.09 30.66 70.89
CA PHE C 323 24.94 31.29 70.29
C PHE C 323 23.66 30.85 70.97
N PHE C 324 23.50 29.53 71.15
CA PHE C 324 22.25 29.04 71.71
C PHE C 324 22.11 29.46 73.16
N VAL C 325 23.18 29.39 73.94
CA VAL C 325 23.04 29.72 75.35
C VAL C 325 22.74 31.20 75.51
N SER C 326 23.18 32.00 74.54
CA SER C 326 22.93 33.43 74.56
C SER C 326 21.43 33.73 74.44
N VAL C 327 20.70 32.88 73.72
CA VAL C 327 19.28 33.06 73.53
C VAL C 327 18.52 32.73 74.81
N GLY C 328 18.92 31.67 75.50
CA GLY C 328 18.24 31.29 76.71
C GLY C 328 18.13 29.79 76.88
N LEU C 329 18.27 29.05 75.79
CA LEU C 329 18.27 27.60 75.84
C LEU C 329 19.47 27.13 76.65
N PRO C 330 19.52 25.88 77.07
CA PRO C 330 20.60 25.47 77.98
C PRO C 330 21.88 25.07 77.27
N ASN C 331 22.90 24.76 78.07
CA ASN C 331 24.20 24.33 77.61
C ASN C 331 24.11 22.97 76.94
N MET C 332 25.23 22.44 76.47
CA MET C 332 25.28 21.07 76.02
C MET C 332 25.52 20.18 77.23
N THR C 333 25.73 18.89 77.00
CA THR C 333 25.98 17.93 78.06
C THR C 333 27.34 17.29 77.86
N GLN C 334 27.92 16.80 78.94
CA GLN C 334 29.23 16.17 78.87
C GLN C 334 29.28 15.07 77.82
N GLY C 335 28.35 14.13 77.93
CA GLY C 335 28.25 13.05 76.99
C GLY C 335 28.18 13.53 75.56
N PHE C 336 27.84 14.80 75.36
CA PHE C 336 27.87 15.34 74.02
C PHE C 336 29.30 15.63 73.58
N TRP C 337 30.09 16.21 74.48
CA TRP C 337 31.47 16.51 74.11
C TRP C 337 32.31 15.26 74.02
N GLU C 338 32.08 14.27 74.90
CA GLU C 338 32.85 13.05 74.82
C GLU C 338 32.57 12.25 73.55
N ASN C 339 31.38 11.70 73.43
CA ASN C 339 31.19 10.66 72.43
C ASN C 339 30.62 11.18 71.12
N SER C 340 31.24 12.21 70.56
CA SER C 340 30.79 12.78 69.29
C SER C 340 31.85 12.57 68.21
N MET C 341 31.50 12.86 66.95
CA MET C 341 32.43 12.69 65.84
C MET C 341 32.73 14.04 65.20
N LEU C 342 33.07 15.03 66.01
CA LEU C 342 33.25 16.39 65.54
C LEU C 342 34.37 16.54 64.54
N THR C 343 35.03 15.47 64.11
CA THR C 343 35.97 15.54 63.01
C THR C 343 36.23 14.14 62.47
N ASP C 344 36.46 14.08 61.20
CA ASP C 344 36.62 12.81 60.51
C ASP C 344 37.90 12.11 60.98
N PRO C 345 37.86 10.80 61.19
CA PRO C 345 39.07 10.07 61.59
C PRO C 345 40.13 10.05 60.50
N GLY C 346 39.75 9.65 59.28
CA GLY C 346 40.60 9.75 58.11
C GLY C 346 41.61 8.64 57.97
N ASN C 347 42.00 8.01 59.08
CA ASN C 347 42.91 6.87 59.04
C ASN C 347 42.13 5.63 58.61
N VAL C 348 42.71 4.46 58.85
CA VAL C 348 42.06 3.18 58.56
C VAL C 348 40.61 3.20 59.03
N GLN C 349 40.35 3.91 60.13
CA GLN C 349 39.00 4.03 60.66
C GLN C 349 38.16 4.89 59.71
N LYS C 350 37.20 4.26 59.04
CA LYS C 350 36.34 5.01 58.15
C LYS C 350 34.99 5.28 58.80
N ALA C 351 34.12 5.96 58.06
CA ALA C 351 32.77 6.29 58.51
C ALA C 351 31.91 6.73 57.34
N VAL C 352 30.69 7.12 57.62
CA VAL C 352 29.86 7.82 56.64
C VAL C 352 29.67 9.25 57.11
N CYS C 353 30.04 10.21 56.26
CA CYS C 353 30.25 11.56 56.72
C CYS C 353 29.07 12.49 56.49
N HIS C 354 27.89 11.97 56.16
CA HIS C 354 26.71 12.79 56.04
C HIS C 354 26.32 13.35 57.41
N PRO C 355 26.27 14.67 57.57
CA PRO C 355 26.08 15.23 58.91
C PRO C 355 24.71 14.91 59.47
N THR C 356 24.67 14.67 60.77
CA THR C 356 23.39 14.41 61.42
C THR C 356 23.48 14.43 62.93
N ALA C 357 22.33 14.45 63.59
CA ALA C 357 22.25 14.41 65.04
C ALA C 357 21.62 13.12 65.48
N TRP C 358 21.95 12.68 66.68
CA TRP C 358 21.49 11.41 67.20
C TRP C 358 20.96 11.60 68.61
N ASP C 359 19.85 10.92 68.87
CA ASP C 359 19.09 11.02 70.10
C ASP C 359 18.94 9.62 70.69
N LEU C 360 20.06 8.94 70.88
CA LEU C 360 20.04 7.53 71.23
C LEU C 360 19.13 7.18 72.41
N GLY C 361 18.73 8.16 73.19
CA GLY C 361 17.79 7.87 74.25
C GLY C 361 18.42 7.87 75.62
N LYS C 362 17.59 7.77 76.65
CA LYS C 362 18.04 7.72 78.04
C LYS C 362 18.75 8.99 78.46
N GLY C 363 18.96 9.92 77.55
CA GLY C 363 19.51 11.19 77.95
C GLY C 363 20.94 11.45 77.49
N ASP C 364 21.34 10.87 76.38
CA ASP C 364 22.58 11.27 75.74
C ASP C 364 22.31 11.55 74.28
N PHE C 365 23.01 12.54 73.74
CA PHE C 365 22.82 12.98 72.37
C PHE C 365 24.21 13.15 71.76
N ARG C 366 24.29 13.08 70.44
CA ARG C 366 25.61 13.28 69.85
C ARG C 366 25.50 13.58 68.37
N ILE C 367 26.45 14.35 67.87
CA ILE C 367 26.45 14.76 66.48
C ILE C 367 27.51 13.98 65.72
N LEU C 368 27.18 13.60 64.49
CA LEU C 368 28.15 12.92 63.65
C LEU C 368 28.30 13.70 62.36
N MET C 369 29.44 14.35 62.21
CA MET C 369 29.75 15.06 60.98
C MET C 369 31.24 15.28 60.84
N CYS C 370 31.73 15.10 59.62
CA CYS C 370 33.14 15.31 59.31
C CYS C 370 33.33 16.75 58.83
N THR C 371 33.59 17.66 59.76
CA THR C 371 33.55 19.08 59.45
C THR C 371 34.90 19.60 58.96
N LYS C 372 34.84 20.31 57.83
CA LYS C 372 36.00 20.99 57.25
C LYS C 372 35.88 22.44 57.65
N VAL C 373 36.99 23.05 58.05
CA VAL C 373 36.91 24.47 58.40
C VAL C 373 36.57 25.24 57.14
N THR C 374 35.34 25.73 57.06
CA THR C 374 34.76 26.37 55.91
C THR C 374 33.74 27.38 56.41
N MET C 375 32.85 27.82 55.54
CA MET C 375 31.68 28.56 55.98
C MET C 375 30.43 27.70 55.98
N ASP C 376 30.20 26.96 54.91
CA ASP C 376 29.01 26.13 54.80
C ASP C 376 28.97 25.08 55.89
N ASP C 377 30.09 24.79 56.53
CA ASP C 377 30.06 23.96 57.71
C ASP C 377 29.86 24.76 58.97
N PHE C 378 30.26 26.02 58.99
CA PHE C 378 29.89 26.89 60.08
C PHE C 378 28.39 27.09 60.16
N LEU C 379 27.67 26.87 59.07
CA LEU C 379 26.21 26.93 59.11
C LEU C 379 25.61 25.59 59.52
N THR C 380 26.10 24.52 58.94
CA THR C 380 25.61 23.20 59.31
C THR C 380 25.82 22.91 60.78
N ALA C 381 26.86 23.47 61.38
CA ALA C 381 26.98 23.32 62.82
C ALA C 381 25.74 23.82 63.54
N HIS C 382 25.28 25.02 63.21
CA HIS C 382 24.10 25.56 63.84
C HIS C 382 22.86 24.78 63.45
N HIS C 383 22.77 24.38 62.19
CA HIS C 383 21.63 23.60 61.77
C HIS C 383 21.47 22.35 62.62
N GLU C 384 22.56 21.64 62.88
CA GLU C 384 22.46 20.37 63.60
C GLU C 384 22.28 20.60 65.10
N MET C 385 22.97 21.59 65.64
CA MET C 385 22.75 21.85 67.05
C MET C 385 21.32 22.32 67.24
N GLY C 386 20.66 22.75 66.19
CA GLY C 386 19.25 23.03 66.28
C GLY C 386 18.45 21.79 66.62
N HIS C 387 18.59 20.73 65.83
CA HIS C 387 17.92 19.48 66.17
C HIS C 387 18.26 19.07 67.59
N ILE C 388 19.53 19.10 67.95
CA ILE C 388 19.90 18.62 69.28
C ILE C 388 19.22 19.44 70.36
N GLN C 389 19.07 20.73 70.14
CA GLN C 389 18.41 21.56 71.13
C GLN C 389 16.92 21.35 71.13
N TYR C 390 16.36 20.88 70.02
CA TYR C 390 14.97 20.46 70.04
C TYR C 390 14.82 19.23 70.91
N ASP C 391 15.60 18.20 70.64
CA ASP C 391 15.46 16.93 71.34
C ASP C 391 15.66 17.08 72.83
N MET C 392 16.65 17.85 73.24
CA MET C 392 16.91 17.98 74.66
C MET C 392 15.73 18.58 75.39
N ALA C 393 14.79 19.19 74.67
CA ALA C 393 13.74 19.93 75.34
C ALA C 393 12.56 19.05 75.70
N TYR C 394 12.20 18.12 74.82
CA TYR C 394 11.07 17.25 75.09
C TYR C 394 11.49 15.86 75.58
N ALA C 395 12.62 15.76 76.26
CA ALA C 395 13.04 14.42 76.67
C ALA C 395 12.38 14.05 77.98
N ALA C 396 11.28 14.72 78.30
CA ALA C 396 10.50 14.39 79.49
C ALA C 396 9.09 14.00 79.09
N GLN C 397 8.96 13.24 78.02
CA GLN C 397 7.66 12.81 77.52
C GLN C 397 7.69 11.32 77.30
N PRO C 398 6.53 10.67 77.36
CA PRO C 398 6.49 9.22 77.12
C PRO C 398 6.97 8.88 75.73
N PHE C 399 7.69 7.76 75.65
CA PHE C 399 8.51 7.43 74.49
C PHE C 399 7.86 7.68 73.13
N LEU C 400 6.54 7.56 73.05
CA LEU C 400 5.93 7.74 71.75
C LEU C 400 5.59 9.19 71.46
N LEU C 401 5.76 10.06 72.44
CA LEU C 401 5.49 11.48 72.28
C LEU C 401 6.77 12.27 72.15
N ARG C 402 7.75 11.72 71.46
CA ARG C 402 9.02 12.37 71.22
C ARG C 402 9.19 12.55 69.73
N ASN C 403 8.77 13.71 69.24
CA ASN C 403 8.90 14.05 67.84
C ASN C 403 8.43 15.47 67.64
N GLY C 404 8.60 16.03 66.46
CA GLY C 404 8.05 17.33 66.20
C GLY C 404 6.55 17.29 66.21
N ALA C 405 5.95 18.45 66.47
CA ALA C 405 4.50 18.53 66.52
C ALA C 405 3.86 17.94 65.27
N ASN C 406 4.53 18.05 64.14
CA ASN C 406 4.20 17.23 62.99
C ASN C 406 5.49 17.01 62.21
N GLU C 407 5.38 16.56 60.98
CA GLU C 407 6.58 16.21 60.25
C GLU C 407 7.38 17.42 59.83
N GLY C 408 6.74 18.55 59.59
CA GLY C 408 7.48 19.68 59.06
C GLY C 408 8.07 20.58 60.11
N PHE C 409 7.81 20.30 61.38
CA PHE C 409 8.34 21.17 62.42
C PHE C 409 9.81 20.96 62.68
N HIS C 410 10.32 19.75 62.53
CA HIS C 410 11.65 19.46 63.03
C HIS C 410 12.69 20.19 62.20
N GLU C 411 12.70 19.98 60.88
CA GLU C 411 13.72 20.66 60.11
C GLU C 411 13.44 22.15 59.98
N ALA C 412 12.29 22.63 60.43
CA ALA C 412 12.00 24.05 60.33
C ALA C 412 12.51 24.82 61.52
N VAL C 413 13.20 24.18 62.45
CA VAL C 413 13.88 24.87 63.52
C VAL C 413 15.36 24.97 63.23
N GLY C 414 15.94 23.92 62.69
CA GLY C 414 17.30 24.01 62.21
C GLY C 414 17.46 25.16 61.26
N GLU C 415 16.51 25.34 60.36
CA GLU C 415 16.65 26.40 59.37
C GLU C 415 16.70 27.77 60.03
N ILE C 416 15.72 28.11 60.86
CA ILE C 416 15.76 29.41 61.49
C ILE C 416 16.94 29.55 62.41
N MET C 417 17.56 28.46 62.81
CA MET C 417 18.81 28.64 63.54
C MET C 417 19.94 29.03 62.60
N SER C 418 20.09 28.35 61.48
CA SER C 418 21.13 28.67 60.54
C SER C 418 20.82 29.92 59.74
N LEU C 419 19.57 30.28 59.60
CA LEU C 419 19.19 31.48 58.88
C LEU C 419 19.65 32.74 59.57
N SER C 420 19.78 32.69 60.88
CA SER C 420 20.10 33.88 61.66
C SER C 420 21.54 33.93 62.12
N ALA C 421 22.39 33.04 61.63
CA ALA C 421 23.80 33.10 61.93
C ALA C 421 24.62 33.52 60.73
N ALA C 422 24.02 33.55 59.55
CA ALA C 422 24.70 34.05 58.37
C ALA C 422 24.42 35.53 58.13
N THR C 423 24.15 36.26 59.14
CA THR C 423 23.88 37.66 58.84
C THR C 423 25.04 38.51 59.29
N PRO C 424 25.52 39.42 58.44
CA PRO C 424 26.70 40.22 58.79
C PRO C 424 26.61 40.87 60.14
N LYS C 425 25.42 41.14 60.65
CA LYS C 425 25.30 41.77 61.95
C LYS C 425 25.75 40.83 63.04
N HIS C 426 25.93 39.56 62.70
CA HIS C 426 26.37 38.54 63.65
C HIS C 426 27.80 38.10 63.41
N LEU C 427 28.17 37.80 62.17
CA LEU C 427 29.56 37.57 61.83
C LEU C 427 30.43 38.74 62.25
N LYS C 428 29.92 39.96 62.12
CA LYS C 428 30.69 41.14 62.48
C LYS C 428 30.82 41.27 63.98
N SER C 429 30.29 40.30 64.72
CA SER C 429 30.31 40.42 66.16
C SER C 429 31.07 39.26 66.78
N ILE C 430 30.90 38.07 66.21
CA ILE C 430 31.61 36.92 66.78
C ILE C 430 33.11 36.96 66.53
N GLY C 431 33.58 37.87 65.68
CA GLY C 431 35.00 37.98 65.47
C GLY C 431 35.44 38.08 64.02
N LEU C 432 34.74 37.39 63.12
CA LEU C 432 35.11 37.49 61.72
C LEU C 432 34.58 38.80 61.14
N LEU C 433 34.78 39.01 59.85
CA LEU C 433 34.23 40.19 59.18
C LEU C 433 34.68 41.47 59.85
N SER C 434 35.95 41.82 59.66
CA SER C 434 36.64 42.94 60.29
C SER C 434 35.74 44.17 60.43
N PRO C 435 35.85 44.90 61.53
CA PRO C 435 34.72 45.74 61.97
C PRO C 435 34.33 46.81 60.99
N ASP C 436 35.27 47.56 60.45
CA ASP C 436 34.94 48.60 59.48
C ASP C 436 34.61 47.89 58.18
N PHE C 437 33.37 47.40 58.11
CA PHE C 437 32.90 46.69 56.92
C PHE C 437 31.45 47.12 56.71
N GLN C 438 31.24 47.95 55.71
CA GLN C 438 29.90 48.40 55.37
C GLN C 438 29.32 47.43 54.35
N GLU C 439 28.08 47.03 54.56
CA GLU C 439 27.35 46.28 53.56
C GLU C 439 26.51 47.25 52.74
N ASP C 440 26.52 47.03 51.43
CA ASP C 440 25.91 47.94 50.49
C ASP C 440 24.67 47.32 49.86
N ASN C 441 23.71 48.16 49.50
CA ASN C 441 22.42 47.60 49.09
C ASN C 441 22.50 46.84 47.85
N GLU C 442 23.67 46.53 47.31
CA GLU C 442 23.73 45.62 46.17
C GLU C 442 24.15 44.22 46.58
N THR C 443 24.98 44.08 47.60
CA THR C 443 25.17 42.75 48.15
C THR C 443 23.88 42.18 48.70
N GLU C 444 22.98 43.02 49.19
CA GLU C 444 21.73 42.49 49.72
C GLU C 444 20.89 41.86 48.63
N ILE C 445 20.88 42.46 47.45
CA ILE C 445 20.15 41.84 46.36
C ILE C 445 20.91 40.60 45.92
N ASN C 446 22.23 40.69 45.91
CA ASN C 446 23.03 39.51 45.56
C ASN C 446 22.70 38.35 46.47
N PHE C 447 22.31 38.64 47.70
CA PHE C 447 22.01 37.61 48.67
C PHE C 447 20.58 37.13 48.56
N LEU C 448 19.62 38.05 48.55
CA LEU C 448 18.23 37.66 48.45
C LEU C 448 17.96 36.88 47.19
N LEU C 449 18.57 37.24 46.07
CA LEU C 449 18.30 36.44 44.89
C LEU C 449 18.90 35.06 44.99
N LYS C 450 20.06 34.92 45.58
CA LYS C 450 20.56 33.58 45.80
C LYS C 450 19.64 32.76 46.69
N GLN C 451 18.98 33.41 47.64
CA GLN C 451 17.98 32.68 48.42
C GLN C 451 16.77 32.30 47.58
N ALA C 452 16.17 33.26 46.91
CA ALA C 452 14.95 33.00 46.17
C ALA C 452 15.12 31.90 45.14
N LEU C 453 16.33 31.65 44.69
CA LEU C 453 16.51 30.56 43.74
C LEU C 453 16.37 29.22 44.44
N THR C 454 16.52 29.20 45.75
CA THR C 454 16.49 27.93 46.45
C THR C 454 15.18 27.74 47.20
N ILE C 455 14.63 28.82 47.75
CA ILE C 455 13.37 28.73 48.47
C ILE C 455 12.19 28.81 47.54
N VAL C 456 12.04 29.93 46.84
CA VAL C 456 10.87 30.12 46.01
C VAL C 456 10.91 29.22 44.79
N GLY C 457 12.07 29.07 44.20
CA GLY C 457 12.16 28.29 42.98
C GLY C 457 11.67 26.87 43.12
N THR C 458 11.59 26.37 44.35
CA THR C 458 11.20 24.99 44.59
C THR C 458 9.77 24.86 45.10
N LEU C 459 9.05 25.93 45.22
CA LEU C 459 7.71 25.78 45.76
C LEU C 459 6.75 25.28 44.70
N PRO C 460 6.75 25.82 43.48
CA PRO C 460 5.85 25.27 42.48
C PRO C 460 6.16 23.85 42.14
N PHE C 461 7.42 23.44 42.21
CA PHE C 461 7.74 22.06 41.92
C PHE C 461 7.16 21.14 42.97
N THR C 462 7.36 21.47 44.24
CA THR C 462 6.83 20.63 45.32
C THR C 462 5.33 20.52 45.24
N TYR C 463 4.67 21.63 45.04
CA TYR C 463 3.22 21.61 44.99
C TYR C 463 2.72 20.83 43.81
N MET C 464 3.29 21.02 42.64
CA MET C 464 2.86 20.26 41.48
C MET C 464 3.09 18.78 41.65
N LEU C 465 4.22 18.38 42.21
CA LEU C 465 4.50 16.97 42.38
C LEU C 465 3.58 16.33 43.38
N GLU C 466 3.23 17.00 44.46
CA GLU C 466 2.27 16.34 45.34
C GLU C 466 0.86 16.39 44.83
N LYS C 467 0.50 17.41 44.08
CA LYS C 467 -0.82 17.39 43.45
C LYS C 467 -0.96 16.21 42.53
N TRP C 468 0.04 15.97 41.70
CA TRP C 468 -0.04 14.85 40.78
C TRP C 468 -0.22 13.55 41.54
N ARG C 469 0.54 13.34 42.61
CA ARG C 469 0.44 12.06 43.30
C ARG C 469 -0.89 11.93 44.02
N TRP C 470 -1.35 12.99 44.66
CA TRP C 470 -2.66 12.92 45.29
C TRP C 470 -3.74 12.59 44.31
N MET C 471 -3.62 13.08 43.08
CA MET C 471 -4.67 12.76 42.12
C MET C 471 -4.51 11.38 41.52
N VAL C 472 -3.28 10.89 41.42
CA VAL C 472 -3.08 9.55 40.88
C VAL C 472 -3.58 8.50 41.85
N PHE C 473 -3.44 8.75 43.14
CA PHE C 473 -3.79 7.74 44.12
C PHE C 473 -5.27 7.67 44.35
N LYS C 474 -6.06 8.52 43.70
CA LYS C 474 -7.49 8.43 43.91
C LYS C 474 -8.20 8.18 42.60
N GLY C 475 -7.47 7.65 41.62
CA GLY C 475 -8.07 7.29 40.36
C GLY C 475 -8.59 8.46 39.58
N GLU C 476 -8.29 9.63 40.02
CA GLU C 476 -8.77 10.79 39.29
C GLU C 476 -8.02 11.02 38.04
N ILE C 477 -7.02 10.20 37.78
CA ILE C 477 -6.27 10.24 36.53
C ILE C 477 -6.20 8.81 36.01
N PRO C 478 -6.85 8.50 34.90
CA PRO C 478 -6.81 7.13 34.39
C PRO C 478 -5.39 6.73 34.06
N LYS C 479 -5.15 5.43 34.01
CA LYS C 479 -3.78 4.93 33.93
C LYS C 479 -3.15 5.14 32.58
N ASP C 480 -3.84 5.81 31.67
CA ASP C 480 -3.29 6.08 30.35
C ASP C 480 -3.08 7.56 30.14
N GLN C 481 -3.23 8.36 31.18
CA GLN C 481 -3.01 9.78 31.04
C GLN C 481 -2.05 10.30 32.09
N TRP C 482 -1.20 9.45 32.62
CA TRP C 482 -0.27 9.87 33.65
C TRP C 482 0.69 10.90 33.10
N MET C 483 1.43 10.56 32.06
CA MET C 483 2.40 11.50 31.54
C MET C 483 1.74 12.68 30.87
N LYS C 484 0.58 12.49 30.29
CA LYS C 484 -0.09 13.62 29.67
C LYS C 484 -0.43 14.66 30.70
N LYS C 485 -1.01 14.26 31.83
CA LYS C 485 -1.28 15.21 32.89
C LYS C 485 -0.03 15.76 33.51
N TRP C 486 1.02 14.95 33.65
CA TRP C 486 2.25 15.48 34.19
C TRP C 486 2.75 16.64 33.37
N TRP C 487 2.87 16.47 32.08
CA TRP C 487 3.40 17.56 31.28
C TRP C 487 2.37 18.62 30.98
N GLU C 488 1.10 18.39 31.27
CA GLU C 488 0.15 19.50 31.26
C GLU C 488 0.29 20.37 32.47
N MET C 489 0.39 19.77 33.65
CA MET C 489 0.55 20.53 34.86
C MET C 489 1.88 21.23 34.93
N LYS C 490 2.93 20.65 34.37
CA LYS C 490 4.21 21.34 34.39
C LYS C 490 4.15 22.64 33.62
N ARG C 491 3.59 22.62 32.43
CA ARG C 491 3.50 23.85 31.65
C ARG C 491 2.63 24.90 32.30
N GLU C 492 1.65 24.50 33.09
CA GLU C 492 0.69 25.45 33.61
C GLU C 492 1.04 25.99 34.98
N ILE C 493 1.57 25.16 35.87
CA ILE C 493 1.93 25.60 37.21
C ILE C 493 3.36 26.08 37.28
N VAL C 494 4.30 25.25 36.85
CA VAL C 494 5.70 25.59 37.00
C VAL C 494 6.20 26.51 35.90
N GLY C 495 5.67 26.38 34.70
CA GLY C 495 6.15 27.18 33.61
C GLY C 495 7.33 26.57 32.90
N VAL C 496 7.33 25.25 32.74
CA VAL C 496 8.48 24.52 32.23
C VAL C 496 7.98 23.54 31.19
N VAL C 497 8.67 23.47 30.06
CA VAL C 497 8.22 22.65 28.95
C VAL C 497 9.28 21.60 28.63
N GLU C 498 8.85 20.47 28.15
CA GLU C 498 9.80 19.40 27.89
C GLU C 498 10.38 19.54 26.50
N PRO C 499 11.62 19.11 26.29
CA PRO C 499 12.27 19.30 25.00
C PRO C 499 12.05 18.19 23.98
N VAL C 500 11.48 17.06 24.37
CA VAL C 500 11.09 16.02 23.42
C VAL C 500 9.77 15.44 23.92
N PRO C 501 8.84 15.09 23.04
CA PRO C 501 7.56 14.58 23.51
C PRO C 501 7.70 13.21 24.15
N HIS C 502 6.84 12.94 25.12
CA HIS C 502 6.93 11.73 25.94
C HIS C 502 5.59 11.01 25.94
N ASP C 503 5.54 9.82 25.37
CA ASP C 503 4.32 9.03 25.31
C ASP C 503 4.08 8.32 26.62
N GLU C 504 3.18 7.35 26.62
CA GLU C 504 2.74 6.69 27.83
C GLU C 504 3.60 5.52 28.23
N THR C 505 4.75 5.34 27.61
CA THR C 505 5.67 4.31 28.05
C THR C 505 6.73 4.85 28.96
N TYR C 506 6.70 6.13 29.28
CA TYR C 506 7.64 6.74 30.19
C TYR C 506 7.02 6.87 31.56
N CYS C 507 7.85 7.19 32.54
CA CYS C 507 7.36 7.66 33.82
C CYS C 507 8.38 8.63 34.39
N ASP C 508 8.22 9.90 34.09
CA ASP C 508 9.21 10.90 34.46
C ASP C 508 9.20 11.19 35.94
N PRO C 509 8.04 11.25 36.61
CA PRO C 509 8.09 11.49 38.04
C PRO C 509 8.72 10.34 38.80
N ALA C 510 8.58 9.11 38.33
CA ALA C 510 9.15 7.98 39.04
C ALA C 510 10.66 7.98 39.05
N SER C 511 11.30 8.80 38.23
CA SER C 511 12.75 8.86 38.22
C SER C 511 13.28 9.85 39.23
N LEU C 512 12.52 10.16 40.26
CA LEU C 512 12.94 11.05 41.31
C LEU C 512 13.07 10.28 42.60
N PHE C 513 14.02 10.68 43.44
CA PHE C 513 14.37 9.84 44.57
C PHE C 513 13.19 9.59 45.47
N HIS C 514 12.37 10.61 45.73
CA HIS C 514 11.32 10.44 46.71
C HIS C 514 10.15 9.67 46.15
N VAL C 515 9.92 9.76 44.85
CA VAL C 515 8.77 9.10 44.27
C VAL C 515 9.00 7.61 44.21
N SER C 516 10.22 7.20 43.92
CA SER C 516 10.54 5.79 43.72
C SER C 516 11.17 5.19 44.97
N ASN C 517 10.94 5.83 46.09
CA ASN C 517 11.40 5.28 47.36
C ASN C 517 10.32 5.48 48.39
N ASP C 518 9.13 5.77 47.91
CA ASP C 518 7.93 5.93 48.74
C ASP C 518 8.07 6.88 49.93
N TYR C 519 8.27 8.16 49.65
CA TYR C 519 8.35 9.15 50.70
C TYR C 519 7.29 10.20 50.49
N SER C 520 6.78 10.75 51.58
CA SER C 520 5.85 11.85 51.47
C SER C 520 6.61 13.11 51.11
N PHE C 521 6.04 13.92 50.24
CA PHE C 521 6.77 15.05 49.68
C PHE C 521 6.26 16.38 50.15
N ILE C 522 5.14 16.41 50.86
CA ILE C 522 4.53 17.66 51.26
C ILE C 522 5.26 18.31 52.41
N ARG C 523 6.01 17.57 53.19
CA ARG C 523 6.69 18.21 54.31
C ARG C 523 7.62 19.31 53.84
N TYR C 524 8.14 19.22 52.63
CA TYR C 524 9.00 20.27 52.12
C TYR C 524 8.25 21.52 51.74
N TYR C 525 6.94 21.43 51.60
CA TYR C 525 6.15 22.62 51.38
C TYR C 525 5.85 23.31 52.69
N THR C 526 5.19 22.62 53.61
CA THR C 526 4.83 23.26 54.85
C THR C 526 6.04 23.66 55.68
N ARG C 527 7.15 22.96 55.51
CA ARG C 527 8.32 23.37 56.25
C ARG C 527 8.77 24.75 55.84
N THR C 528 8.70 25.05 54.55
CA THR C 528 9.09 26.36 54.08
C THR C 528 8.26 27.47 54.68
N LEU C 529 6.97 27.31 54.83
CA LEU C 529 6.18 28.38 55.41
C LEU C 529 6.35 28.47 56.92
N TYR C 530 6.41 27.35 57.64
CA TYR C 530 6.67 27.50 59.06
C TYR C 530 8.00 28.18 59.30
N GLN C 531 8.96 27.96 58.42
CA GLN C 531 10.30 28.48 58.68
C GLN C 531 10.28 29.99 58.76
N PHE C 532 9.46 30.64 57.96
CA PHE C 532 9.38 32.08 57.98
C PHE C 532 8.36 32.61 58.95
N GLN C 533 7.27 31.89 59.21
CA GLN C 533 6.43 32.30 60.31
C GLN C 533 7.17 32.36 61.63
N PHE C 534 7.96 31.35 61.95
CA PHE C 534 8.76 31.39 63.16
C PHE C 534 9.75 32.54 63.15
N GLN C 535 10.41 32.76 62.02
CA GLN C 535 11.40 33.82 61.97
C GLN C 535 10.76 35.18 62.17
N GLU C 536 9.61 35.40 61.58
CA GLU C 536 8.99 36.71 61.68
C GLU C 536 8.39 36.92 63.04
N ALA C 537 7.86 35.89 63.66
CA ALA C 537 7.29 36.07 64.99
C ALA C 537 8.34 36.06 66.08
N LEU C 538 9.61 35.90 65.74
CA LEU C 538 10.65 35.85 66.75
C LEU C 538 11.47 37.12 66.83
N CYS C 539 11.73 37.80 65.72
CA CYS C 539 12.35 39.10 65.86
C CYS C 539 11.43 40.12 66.50
N GLN C 540 10.13 40.07 66.23
CA GLN C 540 9.24 40.98 66.94
C GLN C 540 9.34 40.82 68.44
N ALA C 541 9.81 39.68 68.93
CA ALA C 541 10.15 39.59 70.34
C ALA C 541 11.49 40.25 70.61
N ALA C 542 12.41 40.18 69.67
CA ALA C 542 13.72 40.80 69.80
C ALA C 542 13.70 42.27 69.38
N LYS C 543 12.52 42.82 69.10
CA LYS C 543 12.37 44.24 68.81
C LYS C 543 13.22 44.64 67.61
N HIS C 544 12.89 44.14 66.44
CA HIS C 544 13.70 44.39 65.27
C HIS C 544 13.47 45.80 64.75
N GLU C 545 14.29 46.22 63.80
CA GLU C 545 14.27 47.59 63.31
C GLU C 545 13.88 47.71 61.85
N GLY C 546 14.62 47.02 60.98
CA GLY C 546 14.56 47.28 59.56
C GLY C 546 13.87 46.20 58.77
N PRO C 547 14.53 45.68 57.76
CA PRO C 547 13.96 44.58 56.99
C PRO C 547 13.98 43.30 57.78
N LEU C 548 13.25 42.30 57.32
CA LEU C 548 13.25 41.03 58.02
C LEU C 548 14.54 40.27 57.82
N HIS C 549 15.10 40.29 56.62
CA HIS C 549 16.24 39.46 56.32
C HIS C 549 17.53 39.92 56.96
N LYS C 550 17.49 40.99 57.76
CA LYS C 550 18.64 41.36 58.58
C LYS C 550 18.35 41.15 60.05
N CYS C 551 17.41 40.27 60.35
CA CYS C 551 17.05 39.95 61.72
C CYS C 551 18.03 38.96 62.30
N ASP C 552 18.25 39.08 63.60
CA ASP C 552 19.13 38.16 64.31
C ASP C 552 18.66 38.13 65.75
N ILE C 553 18.25 36.95 66.21
CA ILE C 553 17.58 36.85 67.49
C ILE C 553 18.54 36.70 68.66
N SER C 554 19.84 36.77 68.41
CA SER C 554 20.80 36.54 69.47
C SER C 554 20.63 37.53 70.61
N ASN C 555 21.20 37.19 71.75
CA ASN C 555 21.27 38.10 72.89
C ASN C 555 19.90 38.58 73.36
N SER C 556 18.85 37.86 73.01
CA SER C 556 17.48 38.33 73.29
C SER C 556 16.70 37.22 73.97
N THR C 557 16.63 37.26 75.30
CA THR C 557 16.12 36.11 76.03
C THR C 557 14.63 35.93 75.84
N GLU C 558 13.89 37.00 75.59
CA GLU C 558 12.44 36.86 75.46
C GLU C 558 12.09 36.21 74.13
N ALA C 559 13.05 36.05 73.25
CA ALA C 559 12.85 35.26 72.05
C ALA C 559 13.18 33.81 72.28
N GLY C 560 13.70 33.48 73.45
CA GLY C 560 13.95 32.09 73.78
C GLY C 560 12.74 31.48 74.43
N GLN C 561 12.03 32.28 75.22
CA GLN C 561 10.81 31.78 75.82
C GLN C 561 9.80 31.40 74.75
N LYS C 562 9.46 32.35 73.89
CA LYS C 562 8.49 32.07 72.84
C LYS C 562 8.84 30.82 72.06
N LEU C 563 10.11 30.44 72.06
CA LEU C 563 10.50 29.22 71.38
C LEU C 563 10.54 28.03 72.31
N PHE C 564 11.05 28.20 73.52
CA PHE C 564 11.13 27.06 74.41
C PHE C 564 9.78 26.56 74.85
N ASN C 565 8.72 27.34 74.66
CA ASN C 565 7.40 26.86 75.00
C ASN C 565 6.80 25.99 73.93
N MET C 566 7.20 26.19 72.69
CA MET C 566 6.75 25.28 71.65
C MET C 566 7.56 24.01 71.59
N LEU C 567 8.83 24.05 71.97
CA LEU C 567 9.64 22.85 71.85
C LEU C 567 9.18 21.80 72.84
N ARG C 568 9.09 22.14 74.11
CA ARG C 568 8.92 21.06 75.08
C ARG C 568 7.49 20.60 75.12
N LEU C 569 6.93 20.31 73.95
CA LEU C 569 5.68 19.60 73.85
C LEU C 569 5.79 18.36 73.02
N GLY C 570 6.83 18.21 72.22
CA GLY C 570 6.94 17.05 71.40
C GLY C 570 5.74 16.89 70.53
N LYS C 571 4.98 15.85 70.77
CA LYS C 571 3.74 15.59 70.06
C LYS C 571 2.57 15.52 71.00
N SER C 572 2.75 16.03 72.22
CA SER C 572 1.74 15.87 73.25
C SER C 572 0.54 16.77 73.03
N GLU C 573 0.57 17.63 72.03
CA GLU C 573 -0.52 18.55 71.74
C GLU C 573 -0.77 18.63 70.26
N PRO C 574 -1.94 19.08 69.85
CA PRO C 574 -2.18 19.26 68.41
C PRO C 574 -1.19 20.25 67.86
N TRP C 575 -0.82 20.07 66.60
CA TRP C 575 0.16 20.99 66.08
C TRP C 575 -0.38 22.39 65.91
N THR C 576 -1.69 22.56 65.84
CA THR C 576 -2.22 23.91 65.76
C THR C 576 -2.09 24.66 67.07
N LEU C 577 -2.33 23.98 68.19
CA LEU C 577 -2.07 24.61 69.47
C LEU C 577 -0.60 24.92 69.66
N ALA C 578 0.29 24.09 69.14
CA ALA C 578 1.71 24.40 69.23
C ALA C 578 2.07 25.60 68.40
N LEU C 579 1.68 25.62 67.13
CA LEU C 579 1.85 26.81 66.31
C LEU C 579 1.41 28.06 67.06
N GLU C 580 0.18 28.08 67.56
CA GLU C 580 -0.32 29.28 68.20
C GLU C 580 0.57 29.74 69.35
N ASN C 581 1.22 28.83 70.02
CA ASN C 581 2.08 29.27 71.12
C ASN C 581 3.26 30.06 70.66
N VAL C 582 3.47 30.26 69.37
CA VAL C 582 4.60 31.03 68.89
C VAL C 582 4.10 32.17 68.03
N VAL C 583 3.17 31.88 67.14
CA VAL C 583 2.80 32.85 66.11
C VAL C 583 1.55 33.61 66.47
N GLY C 584 0.60 32.95 67.12
CA GLY C 584 -0.68 33.57 67.38
C GLY C 584 -1.79 33.16 66.45
N ALA C 585 -1.54 32.22 65.55
CA ALA C 585 -2.57 31.77 64.62
C ALA C 585 -2.65 30.26 64.61
N LYS C 586 -3.42 29.71 63.68
CA LYS C 586 -3.66 28.29 63.69
C LYS C 586 -3.58 27.70 62.30
N ASN C 587 -2.70 28.23 61.46
CA ASN C 587 -2.66 27.76 60.09
C ASN C 587 -1.42 28.30 59.44
N MET C 588 -0.93 27.59 58.44
CA MET C 588 0.25 28.03 57.73
C MET C 588 -0.11 29.25 56.92
N ASN C 589 0.69 30.29 57.05
CA ASN C 589 0.43 31.58 56.43
C ASN C 589 1.56 31.94 55.48
N VAL C 590 1.22 32.63 54.41
CA VAL C 590 2.22 32.92 53.40
C VAL C 590 2.53 34.41 53.42
N ARG C 591 2.06 35.11 54.40
CA ARG C 591 2.39 36.52 54.45
C ARG C 591 3.83 36.75 54.87
N PRO C 592 4.34 36.11 55.91
CA PRO C 592 5.72 36.40 56.31
C PRO C 592 6.74 35.98 55.28
N LEU C 593 6.45 34.99 54.46
CA LEU C 593 7.36 34.68 53.38
C LEU C 593 7.42 35.78 52.36
N LEU C 594 6.38 36.58 52.26
CA LEU C 594 6.40 37.67 51.30
C LEU C 594 7.01 38.94 51.90
N ASN C 595 7.03 39.09 53.20
CA ASN C 595 7.81 40.18 53.75
C ASN C 595 9.30 39.93 53.66
N TYR C 596 9.71 38.68 53.72
CA TYR C 596 11.13 38.39 53.61
C TYR C 596 11.66 38.87 52.28
N PHE C 597 11.04 38.46 51.19
CA PHE C 597 11.46 38.88 49.86
C PHE C 597 10.77 40.14 49.41
N GLU C 598 10.77 41.17 50.20
CA GLU C 598 10.20 42.42 49.73
C GLU C 598 11.21 43.23 48.94
N PRO C 599 12.41 43.48 49.46
CA PRO C 599 13.36 44.28 48.71
C PRO C 599 13.78 43.65 47.42
N LEU C 600 13.51 42.37 47.22
CA LEU C 600 13.75 41.76 45.93
C LEU C 600 12.54 41.87 45.03
N PHE C 601 11.35 41.82 45.58
CA PHE C 601 10.16 41.96 44.76
C PHE C 601 10.07 43.34 44.15
N THR C 602 10.40 44.37 44.93
CA THR C 602 10.42 45.71 44.35
C THR C 602 11.39 45.79 43.19
N TRP C 603 12.63 45.38 43.42
CA TRP C 603 13.66 45.44 42.39
C TRP C 603 13.26 44.64 41.16
N LEU C 604 12.58 43.52 41.35
CA LEU C 604 12.20 42.71 40.19
C LEU C 604 11.08 43.39 39.41
N LYS C 605 10.10 43.94 40.11
CA LYS C 605 9.05 44.64 39.40
C LYS C 605 9.60 45.82 38.63
N ASP C 606 10.71 46.36 39.10
CA ASP C 606 11.38 47.41 38.34
C ASP C 606 12.20 46.88 37.17
N GLN C 607 12.83 45.74 37.31
CA GLN C 607 13.64 45.20 36.23
C GLN C 607 12.83 44.58 35.11
N ASN C 608 11.61 44.16 35.37
CA ASN C 608 10.80 43.56 34.32
C ASN C 608 9.84 44.53 33.67
N LYS C 609 10.23 45.78 33.53
CA LYS C 609 9.40 46.73 32.80
C LYS C 609 9.25 46.31 31.34
N ASN C 610 10.37 46.11 30.67
CA ASN C 610 10.36 45.74 29.26
C ASN C 610 10.50 44.23 29.07
N SER C 611 9.56 43.47 29.61
CA SER C 611 9.51 42.04 29.38
C SER C 611 8.05 41.61 29.52
N PHE C 612 7.80 40.34 29.33
CA PHE C 612 6.45 39.84 29.37
C PHE C 612 6.37 38.88 30.55
N VAL C 613 5.95 39.40 31.69
CA VAL C 613 5.83 38.59 32.88
C VAL C 613 4.68 37.61 32.72
N GLY C 614 4.99 36.34 32.67
CA GLY C 614 4.02 35.31 32.37
C GLY C 614 4.55 34.39 31.30
N TRP C 615 3.73 33.41 30.94
CA TRP C 615 4.16 32.48 29.92
C TRP C 615 2.96 31.92 29.22
N SER C 616 3.16 31.53 27.97
CA SER C 616 2.14 30.90 27.17
C SER C 616 2.41 29.41 27.08
N THR C 617 1.40 28.61 27.33
CA THR C 617 1.62 27.18 27.38
C THR C 617 1.37 26.51 26.04
N ASP C 618 1.93 27.04 24.95
CA ASP C 618 1.83 26.34 23.69
C ASP C 618 3.15 26.29 22.95
N TRP C 619 4.02 27.26 23.16
CA TRP C 619 5.32 27.22 22.52
C TRP C 619 6.06 25.97 22.97
N SER C 620 6.85 25.40 22.09
CA SER C 620 7.59 24.18 22.40
C SER C 620 8.89 24.19 21.64
N PRO C 621 9.94 23.65 22.20
CA PRO C 621 11.25 23.74 21.54
C PRO C 621 11.30 23.03 20.23
N TYR C 622 10.33 22.17 19.96
CA TYR C 622 10.39 21.33 18.77
C TYR C 622 9.25 21.62 17.82
N ALA C 623 8.54 22.71 18.01
CA ALA C 623 7.28 22.91 17.32
C ALA C 623 7.41 23.69 16.04
N ASP C 624 8.60 24.10 15.67
CA ASP C 624 8.79 24.79 14.39
C ASP C 624 9.37 23.87 13.34
N GLN C 625 9.80 22.68 13.73
CA GLN C 625 10.20 21.68 12.76
C GLN C 625 9.20 20.54 12.67
N SER C 626 8.03 20.67 13.25
CA SER C 626 7.05 19.62 13.24
C SER C 626 6.17 19.75 12.02
N ILE C 627 5.62 18.62 11.59
CA ILE C 627 4.66 18.58 10.50
C ILE C 627 3.36 18.05 11.04
N LYS C 628 2.25 18.61 10.58
CA LYS C 628 0.94 18.19 11.02
C LYS C 628 0.34 17.21 10.03
N VAL C 629 -0.29 16.17 10.56
CA VAL C 629 -0.90 15.14 9.73
C VAL C 629 -2.35 15.00 10.13
N ARG C 630 -3.22 14.87 9.14
CA ARG C 630 -4.66 14.77 9.34
C ARG C 630 -5.19 13.64 8.49
N ILE C 631 -5.92 12.71 9.09
CA ILE C 631 -6.33 11.48 8.42
C ILE C 631 -7.83 11.35 8.53
N SER C 632 -8.49 11.01 7.42
CA SER C 632 -9.95 10.94 7.38
C SER C 632 -10.36 9.60 6.80
N LEU C 633 -10.44 8.58 7.64
CA LEU C 633 -10.71 7.25 7.13
C LEU C 633 -12.11 7.13 6.56
N LYS C 634 -13.13 7.42 7.36
CA LYS C 634 -14.50 7.10 6.98
C LYS C 634 -14.93 7.85 5.73
N SER C 635 -14.10 8.78 5.27
CA SER C 635 -14.39 9.45 4.02
C SER C 635 -13.91 8.61 2.85
N ALA C 636 -12.62 8.28 2.84
CA ALA C 636 -12.02 7.55 1.73
C ALA C 636 -12.57 6.13 1.64
N LEU C 637 -12.37 5.34 2.69
CA LEU C 637 -12.89 3.98 2.67
C LEU C 637 -14.40 3.95 2.77
N GLY C 638 -15.01 4.96 3.35
CA GLY C 638 -16.45 5.05 3.47
C GLY C 638 -16.91 4.20 4.63
N ASP C 639 -16.95 2.91 4.40
CA ASP C 639 -16.97 1.91 5.46
C ASP C 639 -15.78 1.00 5.16
N LYS C 640 -15.76 -0.18 5.75
CA LYS C 640 -14.63 -1.09 5.62
C LYS C 640 -13.44 -0.49 6.34
N ALA C 641 -13.61 0.70 6.88
CA ALA C 641 -12.51 1.42 7.48
C ALA C 641 -11.99 0.66 8.69
N TYR C 642 -10.70 0.36 8.68
CA TYR C 642 -10.11 -0.26 9.84
C TYR C 642 -10.13 0.73 10.99
N GLU C 643 -9.85 0.24 12.19
CA GLU C 643 -9.78 1.10 13.36
C GLU C 643 -8.33 1.50 13.57
N TRP C 644 -8.11 2.74 14.00
CA TRP C 644 -6.77 3.28 14.11
C TRP C 644 -6.24 3.04 15.51
N ASN C 645 -5.65 1.87 15.74
CA ASN C 645 -5.00 1.58 17.01
C ASN C 645 -3.55 1.97 16.97
N ASP C 646 -2.77 1.50 17.92
CA ASP C 646 -1.36 1.84 17.96
C ASP C 646 -0.54 1.10 16.94
N ASN C 647 -0.95 -0.10 16.55
CA ASN C 647 -0.26 -0.80 15.49
C ASN C 647 -0.40 -0.10 14.16
N GLU C 648 -1.21 0.93 14.07
CA GLU C 648 -1.20 1.77 12.90
C GLU C 648 -0.23 2.91 13.03
N MET C 649 -0.11 3.49 14.21
CA MET C 649 0.93 4.48 14.39
C MET C 649 2.29 3.86 14.19
N TYR C 650 2.46 2.59 14.52
CA TYR C 650 3.74 1.94 14.28
C TYR C 650 4.02 1.85 12.80
N LEU C 651 3.05 1.38 12.04
CA LEU C 651 3.25 1.28 10.60
C LEU C 651 3.49 2.64 9.99
N PHE C 652 2.81 3.68 10.48
CA PHE C 652 3.02 5.00 9.92
C PHE C 652 4.43 5.49 10.22
N ARG C 653 4.88 5.33 11.44
CA ARG C 653 6.22 5.77 11.74
C ARG C 653 7.26 5.04 10.93
N SER C 654 7.09 3.74 10.72
CA SER C 654 8.12 3.06 9.96
C SER C 654 8.04 3.38 8.48
N SER C 655 6.87 3.70 7.97
CA SER C 655 6.81 4.15 6.58
C SER C 655 7.45 5.51 6.40
N VAL C 656 7.30 6.41 7.36
CA VAL C 656 8.00 7.69 7.26
C VAL C 656 9.51 7.47 7.34
N ALA C 657 9.96 6.57 8.20
CA ALA C 657 11.38 6.28 8.26
C ALA C 657 11.89 5.73 6.94
N TYR C 658 11.10 4.90 6.27
CA TYR C 658 11.49 4.43 4.95
C TYR C 658 11.62 5.57 3.97
N ALA C 659 10.68 6.51 4.00
CA ALA C 659 10.79 7.64 3.10
C ALA C 659 12.05 8.43 3.34
N MET C 660 12.39 8.68 4.59
CA MET C 660 13.64 9.38 4.86
C MET C 660 14.84 8.60 4.39
N ARG C 661 14.85 7.28 4.59
CA ARG C 661 15.97 6.50 4.09
C ARG C 661 16.14 6.67 2.61
N GLN C 662 15.05 6.66 1.85
CA GLN C 662 15.21 6.80 0.42
C GLN C 662 15.69 8.18 0.04
N TYR C 663 15.22 9.23 0.71
CA TYR C 663 15.64 10.56 0.30
C TYR C 663 17.13 10.77 0.49
N PHE C 664 17.72 10.15 1.48
CA PHE C 664 19.13 10.36 1.74
C PHE C 664 19.99 9.37 1.00
N LEU C 665 19.50 8.81 -0.08
CA LEU C 665 20.30 7.83 -0.81
C LEU C 665 20.23 8.15 -2.28
N LYS C 666 19.19 8.85 -2.69
CA LYS C 666 19.03 9.27 -4.06
C LYS C 666 19.08 10.78 -4.21
N VAL C 667 19.48 11.47 -3.16
CA VAL C 667 19.76 12.89 -3.31
C VAL C 667 21.12 13.20 -2.74
N LYS C 668 21.37 12.80 -1.51
CA LYS C 668 22.60 13.13 -0.81
C LYS C 668 23.62 12.01 -0.83
N ASN C 669 23.26 10.84 -1.34
CA ASN C 669 24.21 9.76 -1.55
C ASN C 669 24.85 9.29 -0.25
N GLN C 670 24.22 9.58 0.88
CA GLN C 670 24.65 9.03 2.15
C GLN C 670 23.86 7.78 2.45
N MET C 671 24.11 7.19 3.59
CA MET C 671 23.39 6.00 4.01
C MET C 671 23.17 6.09 5.50
N ILE C 672 21.97 6.48 5.91
CA ILE C 672 21.66 6.75 7.30
C ILE C 672 20.55 5.79 7.71
N LEU C 673 20.71 5.17 8.87
CA LEU C 673 19.80 4.11 9.30
C LEU C 673 18.74 4.68 10.21
N PHE C 674 17.81 5.43 9.63
CA PHE C 674 16.65 5.87 10.37
C PHE C 674 15.84 4.68 10.79
N GLY C 675 15.25 4.74 11.98
CA GLY C 675 14.38 3.72 12.49
C GLY C 675 13.04 4.31 12.85
N GLU C 676 12.14 3.46 13.31
CA GLU C 676 10.86 3.97 13.75
C GLU C 676 10.94 4.63 15.11
N GLU C 677 12.09 4.58 15.76
CA GLU C 677 12.23 5.32 17.01
C GLU C 677 12.89 6.66 16.80
N ASP C 678 13.04 7.08 15.57
CA ASP C 678 13.52 8.41 15.26
C ASP C 678 12.42 9.32 14.76
N VAL C 679 11.20 8.83 14.68
CA VAL C 679 10.05 9.62 14.33
C VAL C 679 9.29 9.89 15.61
N ARG C 680 9.30 11.13 16.07
CA ARG C 680 8.62 11.50 17.29
C ARG C 680 7.25 12.04 16.98
N VAL C 681 6.28 11.67 17.80
CA VAL C 681 4.88 11.95 17.55
C VAL C 681 4.31 12.69 18.76
N ALA C 682 3.44 13.66 18.49
CA ALA C 682 2.88 14.48 19.54
C ALA C 682 1.43 14.84 19.28
N ASN C 683 0.66 15.03 20.35
CA ASN C 683 -0.70 15.53 20.25
C ASN C 683 -1.64 14.64 19.47
N LEU C 684 -1.64 13.34 19.74
CA LEU C 684 -2.60 12.48 19.07
C LEU C 684 -4.02 12.91 19.43
N LYS C 685 -4.94 12.68 18.51
CA LYS C 685 -6.32 13.07 18.72
C LYS C 685 -7.25 12.14 17.96
N PRO C 686 -8.52 12.27 18.29
CA PRO C 686 -9.58 11.47 17.66
C PRO C 686 -9.72 11.79 16.20
N ARG C 687 -9.64 13.06 15.84
CA ARG C 687 -9.72 13.44 14.43
C ARG C 687 -8.67 12.64 13.67
N ILE C 688 -7.70 12.10 14.40
CA ILE C 688 -6.62 11.30 13.86
C ILE C 688 -5.58 12.21 13.29
N SER C 689 -5.40 13.35 13.95
CA SER C 689 -4.42 14.34 13.55
C SER C 689 -3.37 14.44 14.62
N PHE C 690 -2.12 14.54 14.21
CA PHE C 690 -1.00 14.62 15.14
C PHE C 690 0.13 15.41 14.52
N ASN C 691 1.23 15.51 15.25
CA ASN C 691 2.42 16.19 14.79
C ASN C 691 3.59 15.23 14.84
N PHE C 692 4.55 15.41 13.94
CA PHE C 692 5.71 14.56 14.07
C PHE C 692 6.95 15.32 13.62
N PHE C 693 8.09 14.84 14.07
CA PHE C 693 9.36 15.32 13.54
C PHE C 693 10.38 14.20 13.59
N VAL C 694 11.52 14.42 12.97
CA VAL C 694 12.49 13.37 12.76
C VAL C 694 13.82 13.79 13.34
N THR C 695 14.55 12.84 13.93
CA THR C 695 15.87 13.11 14.46
C THR C 695 16.88 12.18 13.80
N ALA C 696 18.15 12.51 13.95
CA ALA C 696 19.22 11.67 13.46
C ALA C 696 19.20 10.35 14.22
N PRO C 697 19.85 9.31 13.74
CA PRO C 697 19.60 7.98 14.28
C PRO C 697 19.82 7.82 15.77
N LYS C 698 21.03 8.05 16.29
CA LYS C 698 21.19 8.10 17.72
C LYS C 698 21.86 9.40 18.09
N ASN C 699 21.08 10.47 18.02
CA ASN C 699 21.52 11.78 18.46
C ASN C 699 20.28 12.60 18.70
N VAL C 700 19.79 12.64 19.93
CA VAL C 700 18.48 13.19 20.16
C VAL C 700 18.44 14.68 19.90
N SER C 701 19.58 15.34 19.82
CA SER C 701 19.61 16.79 19.68
C SER C 701 19.66 17.23 18.23
N ASP C 702 19.54 16.32 17.29
CA ASP C 702 19.75 16.63 15.86
C ASP C 702 18.42 16.47 15.15
N ILE C 703 17.75 17.57 14.94
CA ILE C 703 16.45 17.55 14.29
C ILE C 703 16.62 17.88 12.82
N ILE C 704 16.23 16.94 11.97
CA ILE C 704 16.31 17.15 10.53
C ILE C 704 15.48 18.37 10.18
N PRO C 705 16.05 19.37 9.52
CA PRO C 705 15.29 20.58 9.24
C PRO C 705 14.05 20.27 8.43
N ARG C 706 12.96 20.93 8.78
CA ARG C 706 11.66 20.59 8.22
C ARG C 706 11.63 20.63 6.72
N THR C 707 12.44 21.47 6.09
CA THR C 707 12.37 21.58 4.65
C THR C 707 12.88 20.36 3.92
N GLU C 708 13.64 19.49 4.58
CA GLU C 708 14.05 18.24 3.97
C GLU C 708 13.06 17.13 4.19
N VAL C 709 12.42 17.09 5.35
CA VAL C 709 11.28 16.22 5.51
C VAL C 709 10.19 16.55 4.51
N GLU C 710 10.02 17.81 4.16
CA GLU C 710 9.01 18.13 3.15
C GLU C 710 9.39 17.67 1.76
N LYS C 711 10.65 17.33 1.53
CA LYS C 711 11.05 16.79 0.24
C LYS C 711 11.00 15.28 0.19
N ALA C 712 11.47 14.64 1.26
CA ALA C 712 11.35 13.20 1.33
C ALA C 712 9.92 12.74 1.15
N ILE C 713 8.98 13.48 1.72
CA ILE C 713 7.60 13.08 1.61
C ILE C 713 7.05 13.39 0.23
N ARG C 714 7.37 14.55 -0.31
CA ARG C 714 6.97 14.80 -1.68
C ARG C 714 7.44 13.71 -2.61
N MET C 715 8.59 13.11 -2.31
CA MET C 715 9.10 12.06 -3.19
C MET C 715 8.36 10.74 -2.98
N SER C 716 8.20 10.28 -1.73
CA SER C 716 7.60 8.98 -1.49
C SER C 716 6.13 9.02 -1.09
N ARG C 717 5.42 10.08 -1.42
CA ARG C 717 4.03 10.19 -0.98
C ARG C 717 3.13 9.17 -1.63
N SER C 718 3.33 8.89 -2.91
CA SER C 718 2.45 7.96 -3.59
C SER C 718 2.59 6.58 -3.01
N ARG C 719 3.72 6.28 -2.41
CA ARG C 719 3.93 5.00 -1.79
C ARG C 719 3.46 4.97 -0.34
N ILE C 720 3.52 6.09 0.36
CA ILE C 720 2.90 6.13 1.69
C ILE C 720 1.39 6.06 1.61
N ASN C 721 0.78 6.64 0.59
CA ASN C 721 -0.67 6.57 0.48
C ASN C 721 -1.16 5.14 0.36
N ASP C 722 -0.35 4.28 -0.26
CA ASP C 722 -0.84 2.94 -0.56
C ASP C 722 -0.86 2.07 0.67
N ALA C 723 0.15 2.17 1.52
CA ALA C 723 0.18 1.34 2.71
C ALA C 723 -1.08 1.46 3.54
N PHE C 724 -1.84 2.54 3.38
CA PHE C 724 -3.03 2.76 4.18
C PHE C 724 -4.31 2.76 3.38
N ARG C 725 -4.24 2.82 2.05
CA ARG C 725 -5.35 2.93 1.14
C ARG C 725 -5.95 4.32 1.12
N LEU C 726 -5.23 5.34 1.54
CA LEU C 726 -5.75 6.69 1.48
C LEU C 726 -5.36 7.29 0.15
N ASN C 727 -5.94 8.45 -0.18
CA ASN C 727 -5.77 8.96 -1.53
C ASN C 727 -5.52 10.46 -1.62
N ASP C 728 -4.66 11.01 -0.78
CA ASP C 728 -4.14 12.37 -0.97
C ASP C 728 -5.15 13.46 -0.65
N ASN C 729 -6.40 13.09 -0.42
CA ASN C 729 -7.35 13.97 0.24
C ASN C 729 -7.71 13.50 1.62
N SER C 730 -7.36 12.27 1.97
CA SER C 730 -7.60 11.73 3.28
C SER C 730 -6.32 11.57 4.06
N LEU C 731 -5.20 12.01 3.51
CA LEU C 731 -3.94 11.95 4.20
C LEU C 731 -3.23 13.29 4.04
N GLU C 732 -3.94 14.37 4.31
CA GLU C 732 -3.36 15.68 4.14
C GLU C 732 -2.17 15.87 5.05
N PHE C 733 -1.17 16.56 4.56
CA PHE C 733 0.05 16.81 5.31
C PHE C 733 0.21 18.26 5.72
N LEU C 734 -0.74 19.11 5.35
CA LEU C 734 -0.81 20.46 5.91
C LEU C 734 0.48 21.23 5.73
N GLY C 735 0.78 21.60 4.48
CA GLY C 735 1.98 22.30 4.15
C GLY C 735 2.66 21.76 2.92
N ILE C 736 2.21 20.64 2.39
CA ILE C 736 2.85 20.10 1.21
C ILE C 736 1.67 19.78 0.34
N GLN C 737 1.50 20.49 -0.78
CA GLN C 737 0.28 20.13 -1.49
C GLN C 737 0.60 19.43 -2.80
N PRO C 738 -0.32 18.60 -3.27
CA PRO C 738 -0.15 17.84 -4.50
C PRO C 738 -0.05 18.75 -5.72
N THR C 739 0.68 18.33 -6.74
CA THR C 739 0.81 19.13 -7.94
C THR C 739 0.72 18.36 -9.25
N LEU C 740 1.15 17.09 -9.24
CA LEU C 740 1.64 16.46 -10.46
C LEU C 740 0.59 16.16 -11.52
N GLY C 741 0.55 16.98 -12.56
CA GLY C 741 0.02 16.61 -13.86
C GLY C 741 -0.54 17.79 -14.65
N PRO C 742 -0.10 17.92 -15.90
CA PRO C 742 -0.69 18.91 -16.81
C PRO C 742 -1.68 18.25 -17.76
N PRO C 743 -2.61 19.04 -18.34
CA PRO C 743 -3.60 18.47 -19.27
C PRO C 743 -3.12 18.42 -20.72
N ASN C 744 -2.27 17.45 -21.05
CA ASN C 744 -1.78 17.29 -22.42
C ASN C 744 -2.61 16.23 -23.16
N GLN C 745 -3.91 16.47 -23.24
CA GLN C 745 -4.76 15.46 -23.84
C GLN C 745 -4.75 15.45 -25.37
N PRO C 746 -5.17 16.52 -26.05
CA PRO C 746 -5.56 16.38 -27.45
C PRO C 746 -4.38 16.57 -28.38
N PRO C 747 -4.13 15.61 -29.28
CA PRO C 747 -3.20 15.85 -30.39
C PRO C 747 -3.94 16.24 -31.66
N VAL C 748 -5.28 16.20 -31.62
CA VAL C 748 -6.09 16.33 -32.82
C VAL C 748 -7.11 17.46 -32.74
N SER C 749 -7.56 17.84 -31.54
CA SER C 749 -8.68 18.79 -31.38
C SER C 749 -9.92 18.27 -32.10
N ILE C 750 -10.44 17.16 -31.54
CA ILE C 750 -11.47 16.32 -32.16
C ILE C 750 -12.59 17.09 -32.85
N TRP C 751 -12.89 18.29 -32.33
CA TRP C 751 -14.09 18.99 -32.76
C TRP C 751 -14.06 19.35 -34.24
N LEU C 752 -12.91 19.80 -34.75
CA LEU C 752 -12.85 20.15 -36.16
C LEU C 752 -12.86 18.90 -37.05
N ILE C 753 -12.37 17.78 -36.51
CA ILE C 753 -12.49 16.53 -37.25
C ILE C 753 -13.95 16.15 -37.40
N VAL C 754 -14.73 16.23 -36.31
CA VAL C 754 -16.17 16.01 -36.42
C VAL C 754 -16.78 16.99 -37.41
N PHE C 755 -16.34 18.25 -37.34
CA PHE C 755 -16.76 19.27 -38.29
C PHE C 755 -16.63 18.77 -39.72
N GLY C 756 -15.41 18.52 -40.18
CA GLY C 756 -15.21 18.00 -41.52
C GLY C 756 -15.99 16.74 -41.83
N VAL C 757 -16.00 15.80 -40.87
CA VAL C 757 -16.71 14.53 -40.95
C VAL C 757 -18.13 14.73 -41.46
N VAL C 758 -18.83 15.72 -40.92
CA VAL C 758 -20.20 15.92 -41.40
C VAL C 758 -20.26 16.93 -42.55
N MET C 759 -19.35 17.91 -42.57
CA MET C 759 -19.31 18.95 -43.60
C MET C 759 -19.31 18.36 -45.00
N GLY C 760 -18.35 17.48 -45.25
CA GLY C 760 -18.25 16.81 -46.53
C GLY C 760 -19.54 16.16 -46.98
N VAL C 761 -20.14 15.34 -46.11
CA VAL C 761 -21.32 14.58 -46.51
C VAL C 761 -22.51 15.49 -46.72
N ILE C 762 -22.61 16.57 -45.93
CA ILE C 762 -23.77 17.44 -46.09
C ILE C 762 -23.66 18.25 -47.38
N VAL C 763 -22.45 18.71 -47.73
CA VAL C 763 -22.29 19.36 -49.02
C VAL C 763 -22.52 18.37 -50.15
N VAL C 764 -22.21 17.08 -49.91
CA VAL C 764 -22.50 16.05 -50.90
C VAL C 764 -24.00 15.94 -51.12
N GLY C 765 -24.78 15.94 -50.05
CA GLY C 765 -26.22 15.94 -50.14
C GLY C 765 -26.75 17.14 -50.89
N ILE C 766 -26.18 18.32 -50.64
CA ILE C 766 -26.60 19.55 -51.31
C ILE C 766 -26.39 19.43 -52.81
N VAL C 767 -25.19 18.99 -53.21
CA VAL C 767 -24.88 18.88 -54.64
C VAL C 767 -25.75 17.82 -55.31
N ILE C 768 -25.98 16.71 -54.60
CA ILE C 768 -26.78 15.62 -55.17
C ILE C 768 -28.21 16.08 -55.38
N LEU C 769 -28.78 16.77 -54.39
CA LEU C 769 -30.14 17.26 -54.47
C LEU C 769 -30.30 18.28 -55.61
N ILE C 770 -29.38 19.24 -55.69
CA ILE C 770 -29.55 20.29 -56.69
C ILE C 770 -29.33 19.75 -58.09
N PHE C 771 -28.47 18.74 -58.21
CA PHE C 771 -28.24 18.12 -59.50
C PHE C 771 -29.39 17.17 -59.81
N THR C 772 -30.01 16.65 -58.76
CA THR C 772 -31.15 15.75 -58.93
C THR C 772 -32.22 16.57 -59.64
N GLY C 773 -32.25 17.86 -59.34
CA GLY C 773 -33.17 18.80 -59.93
C GLY C 773 -32.97 18.94 -61.42
N ILE C 774 -31.80 19.43 -61.83
CA ILE C 774 -31.49 19.59 -63.25
C ILE C 774 -31.81 18.28 -63.94
N ARG C 775 -31.55 17.18 -63.24
CA ARG C 775 -31.84 15.88 -63.80
C ARG C 775 -33.32 15.86 -64.14
N ASP C 776 -34.14 15.56 -63.14
CA ASP C 776 -35.60 15.53 -63.32
C ASP C 776 -36.16 16.87 -63.75
N ARG C 777 -35.37 17.61 -64.55
CA ARG C 777 -35.82 18.89 -65.05
C ARG C 777 -35.30 19.11 -66.47
N VAL D 1 -70.43 45.28 -38.84
CA VAL D 1 -69.09 45.04 -39.36
C VAL D 1 -68.73 46.12 -40.37
N LEU D 2 -67.43 46.29 -40.62
CA LEU D 2 -66.98 47.30 -41.55
C LEU D 2 -67.46 46.99 -42.96
N PRO D 3 -67.63 48.02 -43.80
CA PRO D 3 -68.25 47.78 -45.11
C PRO D 3 -67.46 46.86 -46.02
N ASN D 4 -66.20 47.20 -46.29
CA ASN D 4 -65.35 46.50 -47.26
C ASN D 4 -66.13 46.21 -48.56
N PRO D 5 -66.47 47.23 -49.33
CA PRO D 5 -67.23 46.99 -50.56
C PRO D 5 -66.37 46.28 -51.60
N GLY D 6 -66.97 45.29 -52.26
CA GLY D 6 -66.27 44.52 -53.26
C GLY D 6 -65.52 43.32 -52.75
N LEU D 7 -65.84 42.84 -51.54
CA LEU D 7 -65.19 41.62 -51.04
C LEU D 7 -65.48 40.44 -51.94
N ASP D 8 -66.72 40.31 -52.40
CA ASP D 8 -67.07 39.31 -53.39
C ASP D 8 -66.41 39.65 -54.73
N ALA D 9 -66.44 38.69 -55.66
CA ALA D 9 -65.80 38.79 -56.96
C ALA D 9 -64.27 38.92 -56.87
N ARG D 10 -63.71 38.59 -55.71
CA ARG D 10 -62.26 38.51 -55.53
C ARG D 10 -61.93 37.24 -54.74
N ILE D 11 -62.97 36.54 -54.31
CA ILE D 11 -62.84 35.34 -53.49
C ILE D 11 -63.65 34.23 -54.14
N PRO D 12 -63.17 32.99 -54.13
CA PRO D 12 -64.02 31.87 -54.55
C PRO D 12 -65.29 31.81 -53.71
N SER D 13 -66.42 31.53 -54.38
CA SER D 13 -67.73 31.62 -53.75
C SER D 13 -68.35 30.27 -53.44
N LEU D 14 -67.55 29.28 -53.08
CA LEU D 14 -67.97 27.97 -52.60
C LEU D 14 -68.66 27.12 -53.66
N ALA D 15 -68.90 27.67 -54.86
CA ALA D 15 -69.43 26.88 -55.95
C ALA D 15 -68.34 26.39 -56.89
N GLU D 16 -67.16 27.00 -56.82
CA GLU D 16 -66.02 26.59 -57.64
C GLU D 16 -65.02 25.74 -56.87
N LEU D 17 -64.90 25.94 -55.56
CA LEU D 17 -63.92 25.21 -54.76
C LEU D 17 -63.97 23.70 -55.01
N GLU D 18 -65.17 23.14 -55.09
CA GLU D 18 -65.32 21.72 -55.39
C GLU D 18 -64.67 21.36 -56.72
N THR D 19 -64.44 22.32 -57.60
CA THR D 19 -63.74 22.10 -58.86
C THR D 19 -62.36 22.75 -58.89
N ILE D 20 -62.17 23.84 -58.16
CA ILE D 20 -60.86 24.48 -58.11
C ILE D 20 -59.86 23.60 -57.37
N GLU D 21 -60.36 22.73 -56.47
CA GLU D 21 -59.48 21.80 -55.78
C GLU D 21 -58.68 20.94 -56.76
N GLN D 22 -59.33 20.39 -57.78
CA GLN D 22 -58.67 19.56 -58.76
C GLN D 22 -57.99 20.37 -59.86
N GLU D 23 -57.75 21.66 -59.64
CA GLU D 23 -57.18 22.53 -60.67
C GLU D 23 -55.80 23.05 -60.34
N GLU D 24 -55.52 23.39 -59.07
CA GLU D 24 -54.20 23.89 -58.72
C GLU D 24 -53.19 22.78 -58.48
N ALA D 25 -53.57 21.51 -58.67
CA ALA D 25 -52.66 20.41 -58.37
C ALA D 25 -51.45 20.41 -59.30
N SER D 26 -51.57 21.03 -60.49
CA SER D 26 -50.49 20.97 -61.46
C SER D 26 -49.33 21.90 -61.12
N SER D 27 -49.59 23.02 -60.44
CA SER D 27 -48.55 23.99 -60.15
C SER D 27 -48.32 24.24 -58.67
N ARG D 28 -49.31 24.04 -57.82
CA ARG D 28 -49.16 24.27 -56.40
C ARG D 28 -48.89 22.95 -55.68
N PRO D 29 -47.95 22.91 -54.75
CA PRO D 29 -47.62 21.64 -54.10
C PRO D 29 -48.72 21.18 -53.15
N LYS D 30 -48.71 19.89 -52.85
CA LYS D 30 -49.70 19.30 -51.97
C LYS D 30 -49.05 18.26 -51.07
N TRP D 31 -49.73 17.93 -49.99
CA TRP D 31 -49.22 17.00 -49.00
C TRP D 31 -49.30 15.57 -49.52
N ASP D 32 -48.37 14.73 -49.05
CA ASP D 32 -48.41 13.32 -49.41
C ASP D 32 -49.57 12.62 -48.71
N ASN D 33 -49.64 12.73 -47.39
CA ASN D 33 -50.75 12.18 -46.62
C ASN D 33 -50.97 13.07 -45.41
N LYS D 34 -52.13 12.92 -44.77
CA LYS D 34 -52.48 13.79 -43.65
C LYS D 34 -51.49 13.64 -42.50
N ALA D 35 -50.82 12.50 -42.40
CA ALA D 35 -49.81 12.32 -41.36
C ALA D 35 -48.69 13.33 -41.51
N GLN D 36 -48.23 13.55 -42.73
CA GLN D 36 -47.16 14.52 -42.95
C GLN D 36 -47.59 15.92 -42.54
N TYR D 37 -48.83 16.30 -42.88
CA TYR D 37 -49.31 17.64 -42.54
C TYR D 37 -49.42 17.82 -41.04
N MET D 38 -50.06 16.87 -40.36
CA MET D 38 -50.20 16.99 -38.92
C MET D 38 -48.84 16.97 -38.22
N LEU D 39 -47.92 16.16 -38.72
CA LEU D 39 -46.62 16.05 -38.07
C LEU D 39 -45.78 17.31 -38.29
N THR D 40 -45.90 17.94 -39.47
CA THR D 40 -45.20 19.19 -39.69
C THR D 40 -45.78 20.31 -38.85
N CYS D 41 -47.11 20.40 -38.77
CA CYS D 41 -47.71 21.42 -37.93
C CYS D 41 -47.37 21.21 -36.46
N LEU D 42 -47.20 19.95 -36.05
CA LEU D 42 -46.79 19.68 -34.67
C LEU D 42 -45.34 20.08 -34.45
N GLY D 43 -44.45 19.69 -35.36
CA GLY D 43 -43.04 20.01 -35.17
C GLY D 43 -42.76 21.50 -35.25
N PHE D 44 -43.60 22.24 -35.98
CA PHE D 44 -43.43 23.68 -36.06
C PHE D 44 -43.78 24.36 -34.75
N CYS D 45 -44.54 23.67 -33.90
CA CYS D 45 -45.05 24.30 -32.68
C CYS D 45 -44.30 23.86 -31.42
N VAL D 46 -43.21 23.12 -31.53
CA VAL D 46 -42.48 22.60 -30.38
C VAL D 46 -40.99 22.70 -30.66
N GLY D 47 -40.25 23.31 -29.74
CA GLY D 47 -38.80 23.30 -29.84
C GLY D 47 -38.10 24.58 -29.48
N LEU D 48 -37.13 24.49 -28.56
CA LEU D 48 -36.24 25.60 -28.21
C LEU D 48 -37.03 26.83 -27.74
N GLY D 49 -38.29 26.63 -27.39
CA GLY D 49 -39.09 27.72 -26.88
C GLY D 49 -39.57 27.44 -25.48
N ASN D 50 -39.74 26.15 -25.17
CA ASN D 50 -40.07 25.74 -23.81
C ASN D 50 -38.90 25.07 -23.13
N VAL D 51 -37.70 25.17 -23.68
CA VAL D 51 -36.50 24.61 -23.07
C VAL D 51 -35.65 25.76 -22.56
N TRP D 52 -35.80 26.94 -23.16
CA TRP D 52 -34.97 28.10 -22.85
C TRP D 52 -35.73 29.27 -22.28
N ARG D 53 -36.83 29.69 -22.91
CA ARG D 53 -37.57 30.85 -22.43
C ARG D 53 -38.46 30.50 -21.25
N PHE D 54 -39.16 29.38 -21.32
CA PHE D 54 -40.05 28.96 -20.23
C PHE D 54 -39.33 28.74 -18.91
N PRO D 55 -38.15 28.11 -18.85
CA PRO D 55 -37.50 27.94 -17.54
C PRO D 55 -37.25 29.24 -16.79
N TYR D 56 -36.51 30.19 -17.37
CA TYR D 56 -36.20 31.38 -16.60
C TYR D 56 -37.37 32.36 -16.59
N LEU D 57 -38.35 32.19 -17.48
CA LEU D 57 -39.59 32.95 -17.35
C LEU D 57 -40.41 32.43 -16.18
N CYS D 58 -40.21 31.17 -15.79
CA CYS D 58 -40.80 30.67 -14.57
C CYS D 58 -39.98 31.12 -13.36
N GLN D 59 -38.65 31.05 -13.48
CA GLN D 59 -37.79 31.38 -12.35
C GLN D 59 -37.95 32.85 -11.93
N SER D 60 -37.81 33.78 -12.88
CA SER D 60 -37.84 35.19 -12.53
C SER D 60 -39.18 35.61 -11.96
N HIS D 61 -40.22 34.79 -12.15
CA HIS D 61 -41.54 35.15 -11.66
C HIS D 61 -42.02 34.18 -10.59
N GLY D 62 -41.08 33.57 -9.86
CA GLY D 62 -41.43 32.76 -8.71
C GLY D 62 -41.74 31.32 -8.99
N GLY D 63 -41.34 30.78 -10.15
CA GLY D 63 -41.51 29.37 -10.41
C GLY D 63 -42.91 28.96 -10.78
N GLY D 64 -43.82 29.00 -9.80
CA GLY D 64 -45.19 28.54 -10.02
C GLY D 64 -46.19 29.61 -10.37
N ALA D 65 -45.83 30.88 -10.17
CA ALA D 65 -46.74 31.97 -10.49
C ALA D 65 -46.88 32.23 -11.98
N PHE D 66 -46.08 31.55 -12.81
CA PHE D 66 -46.08 31.75 -14.25
C PHE D 66 -46.84 30.64 -14.98
N MET D 67 -47.33 29.63 -14.25
CA MET D 67 -47.91 28.47 -14.92
C MET D 67 -49.43 28.49 -14.91
N ILE D 68 -50.03 29.23 -13.99
CA ILE D 68 -51.50 29.35 -13.97
C ILE D 68 -51.97 30.30 -15.07
N PRO D 69 -51.48 31.54 -15.15
CA PRO D 69 -51.93 32.41 -16.25
C PRO D 69 -51.55 31.88 -17.61
N PHE D 70 -50.41 31.20 -17.71
CA PHE D 70 -50.04 30.58 -18.98
C PHE D 70 -51.10 29.61 -19.46
N LEU D 71 -51.63 28.78 -18.57
CA LEU D 71 -52.64 27.81 -18.98
C LEU D 71 -53.97 28.48 -19.25
N ILE D 72 -54.35 29.48 -18.44
CA ILE D 72 -55.61 30.18 -18.72
C ILE D 72 -55.56 30.82 -20.10
N LEU D 73 -54.43 31.43 -20.45
CA LEU D 73 -54.31 32.05 -21.77
C LEU D 73 -54.16 31.04 -22.89
N LEU D 74 -53.57 29.87 -22.62
CA LEU D 74 -53.52 28.84 -23.64
C LEU D 74 -54.91 28.30 -23.93
N VAL D 75 -55.80 28.32 -22.95
CA VAL D 75 -57.16 27.85 -23.18
C VAL D 75 -58.01 28.95 -23.82
N LEU D 76 -57.77 30.22 -23.48
CA LEU D 76 -58.66 31.28 -23.92
C LEU D 76 -58.08 32.18 -25.01
N GLU D 77 -56.82 31.98 -25.40
CA GLU D 77 -56.20 32.87 -26.38
C GLU D 77 -55.47 32.14 -27.50
N GLY D 78 -55.02 30.92 -27.26
CA GLY D 78 -54.29 30.18 -28.28
C GLY D 78 -55.16 29.35 -29.21
N ILE D 79 -56.07 28.56 -28.64
CA ILE D 79 -56.85 27.63 -29.45
C ILE D 79 -57.73 28.33 -30.48
N PRO D 80 -58.48 29.37 -30.15
CA PRO D 80 -59.27 30.04 -31.19
C PRO D 80 -58.43 30.64 -32.29
N LEU D 81 -57.23 31.14 -31.99
CA LEU D 81 -56.38 31.66 -33.05
C LEU D 81 -55.84 30.53 -33.93
N LEU D 82 -55.46 29.40 -33.34
CA LEU D 82 -55.09 28.25 -34.15
C LEU D 82 -56.20 27.88 -35.11
N TYR D 83 -57.42 27.79 -34.60
CA TYR D 83 -58.55 27.40 -35.45
C TYR D 83 -58.79 28.43 -36.54
N LEU D 84 -58.77 29.71 -36.19
CA LEU D 84 -58.96 30.78 -37.17
C LEU D 84 -57.93 30.69 -38.27
N GLU D 85 -56.65 30.57 -37.91
CA GLU D 85 -55.58 30.53 -38.89
C GLU D 85 -55.75 29.35 -39.83
N PHE D 86 -55.96 28.15 -39.27
CA PHE D 86 -56.14 26.99 -40.12
C PHE D 86 -57.31 27.17 -41.07
N ALA D 87 -58.43 27.69 -40.57
CA ALA D 87 -59.63 27.77 -41.39
C ALA D 87 -59.45 28.76 -42.54
N ILE D 88 -58.92 29.95 -42.27
CA ILE D 88 -58.78 30.88 -43.40
C ILE D 88 -57.69 30.41 -44.35
N GLY D 89 -56.60 29.84 -43.84
CA GLY D 89 -55.57 29.33 -44.73
C GLY D 89 -56.07 28.24 -45.64
N GLN D 90 -57.03 27.45 -45.17
CA GLN D 90 -57.56 26.38 -46.01
C GLN D 90 -58.62 26.89 -46.96
N ARG D 91 -59.42 27.88 -46.54
CA ARG D 91 -60.52 28.32 -47.38
C ARG D 91 -60.07 29.28 -48.48
N LEU D 92 -59.10 30.15 -48.19
CA LEU D 92 -58.75 31.19 -49.16
C LEU D 92 -57.73 30.73 -50.19
N ARG D 93 -57.12 29.57 -50.00
CA ARG D 93 -56.23 28.95 -51.00
C ARG D 93 -55.08 29.87 -51.37
N ARG D 94 -54.57 30.61 -50.38
CA ARG D 94 -53.46 31.53 -50.63
C ARG D 94 -52.51 31.50 -49.44
N GLY D 95 -51.34 32.09 -49.65
CA GLY D 95 -50.28 32.09 -48.66
C GLY D 95 -50.51 33.09 -47.54
N SER D 96 -49.42 33.65 -47.05
CA SER D 96 -49.49 34.58 -45.92
C SER D 96 -49.78 36.00 -46.36
N LEU D 97 -49.62 36.33 -47.64
CA LEU D 97 -50.01 37.64 -48.14
C LEU D 97 -51.40 37.60 -48.76
N GLY D 98 -51.73 36.50 -49.44
CA GLY D 98 -52.99 36.42 -50.14
C GLY D 98 -54.20 36.55 -49.24
N VAL D 99 -54.17 35.90 -48.07
CA VAL D 99 -55.35 35.90 -47.20
C VAL D 99 -55.58 37.26 -46.55
N TRP D 100 -54.60 38.16 -46.58
CA TRP D 100 -54.78 39.51 -46.07
C TRP D 100 -54.81 40.56 -47.17
N SER D 101 -54.16 40.31 -48.30
CA SER D 101 -54.26 41.23 -49.42
C SER D 101 -55.60 41.14 -50.13
N SER D 102 -56.34 40.05 -49.92
CA SER D 102 -57.65 39.88 -50.54
C SER D 102 -58.80 40.33 -49.67
N ILE D 103 -58.51 40.97 -48.53
CA ILE D 103 -59.53 41.48 -47.62
C ILE D 103 -59.21 42.94 -47.38
N HIS D 104 -59.87 43.83 -48.14
CA HIS D 104 -59.64 45.27 -48.02
C HIS D 104 -58.17 45.58 -48.28
N PRO D 105 -57.73 45.54 -49.54
CA PRO D 105 -56.29 45.48 -49.87
C PRO D 105 -55.37 46.37 -49.07
N ALA D 106 -55.89 47.44 -48.46
CA ALA D 106 -55.05 48.30 -47.63
C ALA D 106 -54.53 47.57 -46.40
N LEU D 107 -54.87 46.30 -46.22
CA LEU D 107 -54.34 45.49 -45.14
C LEU D 107 -53.13 44.66 -45.57
N LYS D 108 -52.73 44.75 -46.85
CA LYS D 108 -51.59 43.99 -47.33
C LYS D 108 -50.37 44.15 -46.45
N GLY D 109 -50.11 45.38 -45.99
CA GLY D 109 -49.00 45.64 -45.10
C GLY D 109 -48.92 44.72 -43.91
N LEU D 110 -50.07 44.36 -43.32
CA LEU D 110 -50.07 43.41 -42.21
C LEU D 110 -49.29 42.16 -42.56
N GLY D 111 -49.57 41.56 -43.73
CA GLY D 111 -48.81 40.41 -44.16
C GLY D 111 -47.32 40.65 -44.13
N LEU D 112 -46.87 41.79 -44.67
CA LEU D 112 -45.45 42.12 -44.63
C LEU D 112 -44.88 42.00 -43.22
N ALA D 113 -45.60 42.56 -42.24
CA ALA D 113 -45.14 42.45 -40.85
C ALA D 113 -44.80 41.01 -40.50
N SER D 114 -45.73 40.09 -40.77
CA SER D 114 -45.45 38.68 -40.50
C SER D 114 -44.14 38.25 -41.12
N MET D 115 -43.99 38.47 -42.43
CA MET D 115 -42.74 38.11 -43.10
C MET D 115 -41.56 38.71 -42.37
N LEU D 116 -41.62 40.00 -42.06
CA LEU D 116 -40.48 40.65 -41.42
C LEU D 116 -40.18 40.01 -40.08
N THR D 117 -41.22 39.65 -39.32
CA THR D 117 -40.98 38.98 -38.05
C THR D 117 -40.33 37.63 -38.29
N SER D 118 -40.80 36.88 -39.30
CA SER D 118 -40.19 35.59 -39.60
C SER D 118 -38.74 35.74 -40.02
N PHE D 119 -38.30 36.98 -40.27
CA PHE D 119 -36.88 37.21 -40.52
C PHE D 119 -36.15 37.57 -39.23
N MET D 120 -36.77 38.43 -38.40
CA MET D 120 -36.10 38.90 -37.19
C MET D 120 -35.86 37.77 -36.21
N VAL D 121 -36.69 36.73 -36.28
CA VAL D 121 -36.45 35.55 -35.45
C VAL D 121 -35.39 34.66 -36.06
N GLY D 122 -35.32 34.62 -37.40
CA GLY D 122 -34.33 33.78 -38.05
C GLY D 122 -32.92 34.03 -37.55
N LEU D 123 -32.39 35.23 -37.80
CA LEU D 123 -31.08 35.62 -37.27
C LEU D 123 -30.91 35.20 -35.82
N TYR D 124 -31.99 35.31 -35.04
CA TYR D 124 -31.93 34.92 -33.64
C TYR D 124 -31.76 33.40 -33.51
N TYR D 125 -32.70 32.63 -34.05
CA TYR D 125 -32.72 31.18 -33.80
C TYR D 125 -31.44 30.51 -34.29
N ASN D 126 -31.06 30.72 -35.54
CA ASN D 126 -29.90 30.00 -36.05
C ASN D 126 -28.60 30.47 -35.41
N THR D 127 -28.68 31.38 -34.44
CA THR D 127 -27.50 31.56 -33.60
C THR D 127 -27.48 30.52 -32.48
N ILE D 128 -28.58 30.41 -31.74
CA ILE D 128 -28.72 29.38 -30.71
C ILE D 128 -28.30 28.02 -31.26
N ILE D 129 -28.89 27.60 -32.37
CA ILE D 129 -28.58 26.28 -32.93
C ILE D 129 -27.08 26.15 -33.16
N SER D 130 -26.44 27.20 -33.69
CA SER D 130 -25.00 27.17 -33.87
C SER D 130 -24.29 26.76 -32.59
N TRP D 131 -24.59 27.45 -31.48
CA TRP D 131 -23.98 27.10 -30.20
C TRP D 131 -24.21 25.63 -29.89
N ILE D 132 -25.44 25.15 -30.07
CA ILE D 132 -25.72 23.74 -29.83
C ILE D 132 -24.81 22.86 -30.67
N MET D 133 -24.69 23.18 -31.96
CA MET D 133 -23.77 22.44 -32.82
C MET D 133 -22.38 22.38 -32.21
N TRP D 134 -21.88 23.51 -31.72
CA TRP D 134 -20.59 23.53 -31.07
C TRP D 134 -20.56 22.54 -29.91
N TYR D 135 -21.55 22.61 -29.02
CA TYR D 135 -21.57 21.71 -27.88
C TYR D 135 -21.77 20.26 -28.30
N LEU D 136 -22.27 20.05 -29.52
CA LEU D 136 -22.41 18.68 -29.99
C LEU D 136 -21.08 18.14 -30.51
N PHE D 137 -20.23 19.02 -31.02
CA PHE D 137 -18.95 18.56 -31.56
C PHE D 137 -17.94 18.31 -30.46
N ASN D 138 -18.04 19.04 -29.34
CA ASN D 138 -17.10 18.88 -28.24
C ASN D 138 -17.37 17.66 -27.39
N SER D 139 -18.40 16.87 -27.73
CA SER D 139 -18.54 15.54 -27.16
C SER D 139 -17.63 14.59 -27.93
N PHE D 140 -17.86 13.29 -27.80
CA PHE D 140 -17.02 12.26 -28.42
C PHE D 140 -15.61 12.25 -27.86
N GLN D 141 -15.47 12.53 -26.56
CA GLN D 141 -14.21 12.39 -25.85
C GLN D 141 -14.51 12.19 -24.37
N GLU D 142 -13.87 11.20 -23.77
CA GLU D 142 -14.24 10.79 -22.42
C GLU D 142 -13.94 11.88 -21.39
N PRO D 143 -12.75 12.48 -21.33
CA PRO D 143 -12.63 13.64 -20.42
C PRO D 143 -13.25 14.89 -21.02
N LEU D 144 -14.57 15.02 -20.81
CA LEU D 144 -15.34 16.08 -21.44
C LEU D 144 -14.68 17.44 -21.19
N PRO D 145 -14.64 18.32 -22.19
CA PRO D 145 -13.92 19.60 -22.02
C PRO D 145 -14.50 20.48 -20.94
N TRP D 146 -15.78 20.33 -20.59
CA TRP D 146 -16.38 21.13 -19.53
C TRP D 146 -16.44 20.38 -18.20
N SER D 147 -15.48 19.50 -17.96
CA SER D 147 -15.43 18.76 -16.70
C SER D 147 -14.36 19.24 -15.75
N ASP D 148 -13.28 19.82 -16.27
CA ASP D 148 -12.16 20.24 -15.44
C ASP D 148 -11.54 21.50 -16.04
N CYS D 149 -10.87 22.28 -15.17
CA CYS D 149 -10.26 23.55 -15.52
C CYS D 149 -8.91 23.34 -16.20
N PRO D 150 -8.47 24.27 -17.03
CA PRO D 150 -7.12 24.16 -17.60
C PRO D 150 -6.10 24.81 -16.69
N LEU D 151 -4.83 24.49 -16.94
CA LEU D 151 -3.73 25.03 -16.16
C LEU D 151 -3.03 26.14 -16.95
N ASN D 152 -2.52 27.12 -16.21
CA ASN D 152 -1.90 28.30 -16.80
C ASN D 152 -0.47 27.99 -17.24
N GLU D 153 0.27 29.05 -17.56
CA GLU D 153 1.67 28.90 -17.95
C GLU D 153 2.47 28.13 -16.90
N ASN D 154 2.43 28.59 -15.64
CA ASN D 154 2.96 27.82 -14.52
C ASN D 154 1.96 26.69 -14.28
N GLN D 155 2.34 25.48 -14.69
CA GLN D 155 1.43 24.34 -14.67
C GLN D 155 1.35 23.71 -13.29
N THR D 156 1.03 24.55 -12.30
CA THR D 156 0.77 24.10 -10.94
C THR D 156 -0.53 24.64 -10.37
N GLY D 157 -1.00 25.80 -10.82
CA GLY D 157 -2.23 26.37 -10.33
C GLY D 157 -3.20 26.64 -11.47
N TYR D 158 -4.48 26.59 -11.15
CA TYR D 158 -5.56 26.78 -12.10
C TYR D 158 -5.58 28.22 -12.60
N VAL D 159 -6.28 28.43 -13.70
CA VAL D 159 -6.53 29.80 -14.16
C VAL D 159 -7.49 30.46 -13.19
N ASP D 160 -7.20 31.71 -12.82
CA ASP D 160 -7.97 32.37 -11.77
C ASP D 160 -9.44 32.49 -12.13
N GLU D 161 -9.75 32.70 -13.41
CA GLU D 161 -11.15 32.78 -13.82
C GLU D 161 -11.88 31.46 -13.60
N CYS D 162 -11.22 30.34 -13.84
CA CYS D 162 -11.81 29.02 -13.64
C CYS D 162 -11.71 28.58 -12.19
N ALA D 163 -10.86 29.22 -11.40
CA ALA D 163 -10.73 28.85 -9.99
C ALA D 163 -11.84 29.47 -9.15
N ARG D 164 -12.08 30.77 -9.31
CA ARG D 164 -13.12 31.46 -8.53
C ARG D 164 -14.52 31.06 -8.94
N SER D 165 -14.69 30.29 -10.02
CA SER D 165 -16.01 29.89 -10.48
C SER D 165 -16.00 28.43 -10.91
N SER D 166 -17.07 27.99 -11.55
CA SER D 166 -17.17 26.60 -11.96
C SER D 166 -16.44 26.38 -13.28
N PRO D 167 -16.01 25.15 -13.56
CA PRO D 167 -15.39 24.89 -14.87
C PRO D 167 -16.35 24.97 -16.03
N VAL D 168 -17.64 24.68 -15.80
CA VAL D 168 -18.62 24.78 -16.87
C VAL D 168 -18.85 26.23 -17.25
N ASP D 169 -18.94 27.11 -16.25
CA ASP D 169 -19.06 28.54 -16.54
C ASP D 169 -17.84 29.04 -17.30
N TYR D 170 -16.66 28.50 -17.01
CA TYR D 170 -15.47 28.90 -17.74
C TYR D 170 -15.53 28.43 -19.18
N PHE D 171 -15.92 27.18 -19.41
CA PHE D 171 -15.98 26.68 -20.77
C PHE D 171 -17.06 27.40 -21.58
N TRP D 172 -18.11 27.87 -20.91
CA TRP D 172 -19.17 28.58 -21.61
C TRP D 172 -18.76 30.02 -21.92
N TYR D 173 -18.24 30.73 -20.92
CA TYR D 173 -18.03 32.16 -21.07
C TYR D 173 -16.68 32.50 -21.69
N ARG D 174 -15.69 31.60 -21.58
CA ARG D 174 -14.35 31.93 -22.05
C ARG D 174 -13.88 31.08 -23.23
N GLU D 175 -14.18 29.79 -23.25
CA GLU D 175 -13.64 28.94 -24.30
C GLU D 175 -14.57 28.87 -25.51
N THR D 176 -15.88 29.03 -25.31
CA THR D 176 -16.83 29.03 -26.42
C THR D 176 -17.11 30.45 -26.91
N LEU D 177 -17.61 31.30 -26.01
CA LEU D 177 -17.99 32.66 -26.38
C LEU D 177 -16.82 33.64 -26.40
N ASN D 178 -15.89 33.51 -25.46
CA ASN D 178 -14.85 34.51 -25.25
C ASN D 178 -15.47 35.89 -25.05
N ILE D 179 -16.46 35.93 -24.16
CA ILE D 179 -17.30 37.12 -24.00
C ILE D 179 -16.48 38.26 -23.43
N SER D 180 -16.80 39.49 -23.85
CA SER D 180 -16.14 40.68 -23.36
C SER D 180 -16.88 41.23 -22.14
N THR D 181 -16.51 42.45 -21.75
CA THR D 181 -16.98 43.04 -20.50
C THR D 181 -18.14 44.01 -20.68
N SER D 182 -18.49 44.39 -21.91
CA SER D 182 -19.56 45.34 -22.12
C SER D 182 -20.03 45.25 -23.57
N ILE D 183 -21.23 45.78 -23.83
CA ILE D 183 -21.75 45.79 -25.19
C ILE D 183 -21.00 46.78 -26.07
N SER D 184 -20.23 47.68 -25.48
CA SER D 184 -19.46 48.63 -26.25
C SER D 184 -18.09 48.10 -26.64
N ASP D 185 -17.78 46.85 -26.31
CA ASP D 185 -16.48 46.26 -26.62
C ASP D 185 -16.70 45.13 -27.62
N SER D 186 -16.71 45.47 -28.89
CA SER D 186 -16.73 44.48 -29.96
C SER D 186 -15.31 44.09 -30.31
N GLY D 187 -15.12 42.87 -30.78
CA GLY D 187 -13.79 42.38 -31.06
C GLY D 187 -13.65 41.73 -32.41
N SER D 188 -12.94 40.60 -32.46
CA SER D 188 -12.73 39.90 -33.71
C SER D 188 -14.01 39.16 -34.12
N ILE D 189 -13.89 38.35 -35.18
CA ILE D 189 -15.03 37.55 -35.62
C ILE D 189 -15.00 36.14 -35.04
N GLN D 190 -13.89 35.72 -34.44
CA GLN D 190 -13.82 34.47 -33.71
C GLN D 190 -14.16 33.27 -34.58
N TRP D 191 -13.27 32.95 -35.53
CA TRP D 191 -13.48 31.91 -36.52
C TRP D 191 -14.20 30.68 -35.99
N TRP D 192 -13.86 30.21 -34.78
CA TRP D 192 -14.43 28.94 -34.34
C TRP D 192 -15.93 29.00 -34.08
N MET D 193 -16.58 30.14 -34.32
CA MET D 193 -18.03 30.20 -34.38
C MET D 193 -18.55 30.31 -35.80
N LEU D 194 -17.75 30.84 -36.73
CA LEU D 194 -18.16 30.89 -38.13
C LEU D 194 -18.37 29.50 -38.70
N LEU D 195 -17.52 28.54 -38.35
CA LEU D 195 -17.70 27.19 -38.86
C LEU D 195 -19.04 26.60 -38.41
N CYS D 196 -19.37 26.78 -37.12
CA CYS D 196 -20.64 26.23 -36.62
C CYS D 196 -21.83 26.95 -37.24
N LEU D 197 -21.74 28.27 -37.40
CA LEU D 197 -22.83 29.01 -38.02
C LEU D 197 -23.04 28.57 -39.47
N ALA D 198 -21.95 28.39 -40.22
CA ALA D 198 -22.05 27.97 -41.60
C ALA D 198 -22.59 26.55 -41.70
N CYS D 199 -22.22 25.67 -40.76
CA CYS D 199 -22.75 24.31 -40.78
C CYS D 199 -24.25 24.31 -40.50
N ALA D 200 -24.70 25.11 -39.51
CA ALA D 200 -26.11 25.19 -39.22
C ALA D 200 -26.89 25.69 -40.43
N TRP D 201 -26.45 26.78 -41.03
CA TRP D 201 -27.17 27.30 -42.19
C TRP D 201 -27.10 26.37 -43.39
N SER D 202 -26.00 25.65 -43.57
CA SER D 202 -25.92 24.72 -44.69
C SER D 202 -26.88 23.56 -44.51
N VAL D 203 -26.99 23.03 -43.29
CA VAL D 203 -27.96 21.96 -43.05
C VAL D 203 -29.37 22.46 -43.28
N LEU D 204 -29.69 23.64 -42.73
CA LEU D 204 -31.02 24.20 -42.93
C LEU D 204 -31.33 24.37 -44.41
N TYR D 205 -30.37 24.87 -45.19
CA TYR D 205 -30.59 25.04 -46.62
C TYR D 205 -30.74 23.70 -47.32
N MET D 206 -30.04 22.68 -46.83
CA MET D 206 -30.16 21.35 -47.43
C MET D 206 -31.57 20.81 -47.25
N CYS D 207 -32.16 21.02 -46.08
CA CYS D 207 -33.47 20.41 -45.81
C CYS D 207 -34.60 21.13 -46.53
N THR D 208 -34.49 22.45 -46.70
CA THR D 208 -35.55 23.23 -47.35
C THR D 208 -35.19 23.67 -48.76
N ILE D 209 -34.52 22.80 -49.53
CA ILE D 209 -34.09 23.17 -50.88
C ILE D 209 -35.30 23.45 -51.76
N ARG D 210 -36.43 22.82 -51.48
CA ARG D 210 -37.62 22.98 -52.31
C ARG D 210 -38.90 23.18 -51.51
N GLY D 211 -38.81 23.64 -50.26
CA GLY D 211 -40.02 23.83 -49.49
C GLY D 211 -40.65 22.49 -49.17
N ILE D 212 -41.97 22.41 -49.34
CA ILE D 212 -42.64 21.12 -49.23
C ILE D 212 -42.08 20.19 -50.30
N GLU D 213 -42.30 18.88 -50.11
CA GLU D 213 -41.77 17.78 -50.92
C GLU D 213 -40.31 17.49 -50.58
N THR D 214 -39.67 18.31 -49.75
CA THR D 214 -38.35 17.98 -49.23
C THR D 214 -38.28 18.06 -47.71
N THR D 215 -38.93 19.05 -47.10
CA THR D 215 -39.05 19.03 -45.65
C THR D 215 -40.05 17.98 -45.18
N GLY D 216 -41.03 17.64 -46.01
CA GLY D 216 -41.99 16.60 -45.66
C GLY D 216 -41.37 15.23 -45.57
N LYS D 217 -40.13 15.07 -46.04
CA LYS D 217 -39.43 13.80 -45.91
C LYS D 217 -38.52 13.77 -44.69
N ALA D 218 -38.07 14.94 -44.23
CA ALA D 218 -37.22 14.99 -43.04
C ALA D 218 -38.03 15.12 -41.76
N VAL D 219 -39.27 15.61 -41.87
CA VAL D 219 -40.07 15.82 -40.67
C VAL D 219 -40.33 14.51 -39.93
N TYR D 220 -40.41 13.39 -40.67
CA TYR D 220 -40.70 12.10 -40.05
C TYR D 220 -39.72 11.78 -38.93
N ILE D 221 -38.44 12.09 -39.11
CA ILE D 221 -37.44 11.87 -38.09
C ILE D 221 -37.32 13.07 -37.17
N THR D 222 -37.37 14.28 -37.74
CA THR D 222 -37.06 15.48 -36.98
C THR D 222 -38.09 15.73 -35.89
N SER D 223 -39.37 15.45 -36.16
CA SER D 223 -40.42 15.67 -35.17
C SER D 223 -40.75 14.44 -34.35
N THR D 224 -40.01 13.34 -34.53
CA THR D 224 -40.24 12.10 -33.80
C THR D 224 -39.14 11.78 -32.80
N LEU D 225 -37.87 11.93 -33.19
CA LEU D 225 -36.77 11.64 -32.26
C LEU D 225 -36.87 12.37 -30.92
N PRO D 226 -37.27 13.65 -30.84
CA PRO D 226 -37.36 14.30 -29.53
C PRO D 226 -38.30 13.61 -28.56
N TYR D 227 -39.44 13.09 -29.01
CA TYR D 227 -40.38 12.48 -28.08
C TYR D 227 -39.90 11.15 -27.53
N VAL D 228 -38.81 10.61 -28.05
CA VAL D 228 -38.17 9.43 -27.47
C VAL D 228 -37.00 9.82 -26.57
N VAL D 229 -36.14 10.73 -27.05
CA VAL D 229 -35.02 11.16 -26.23
C VAL D 229 -35.53 11.84 -24.96
N LEU D 230 -36.66 12.54 -25.04
CA LEU D 230 -37.19 13.24 -23.88
C LEU D 230 -37.80 12.27 -22.88
N THR D 231 -38.43 11.20 -23.35
CA THR D 231 -38.91 10.18 -22.43
C THR D 231 -37.75 9.50 -21.71
N ILE D 232 -36.70 9.17 -22.45
CA ILE D 232 -35.50 8.61 -21.82
C ILE D 232 -34.97 9.55 -20.75
N PHE D 233 -34.87 10.84 -21.07
CA PHE D 233 -34.32 11.78 -20.10
C PHE D 233 -35.25 12.01 -18.91
N LEU D 234 -36.56 11.90 -19.12
CA LEU D 234 -37.49 12.02 -18.01
C LEU D 234 -37.32 10.85 -17.05
N ILE D 235 -37.19 9.63 -17.60
CA ILE D 235 -36.97 8.46 -16.76
C ILE D 235 -35.65 8.58 -16.00
N ARG D 236 -34.62 9.11 -16.66
CA ARG D 236 -33.33 9.26 -15.99
C ARG D 236 -33.38 10.37 -14.94
N GLY D 237 -34.22 11.38 -15.16
CA GLY D 237 -34.23 12.52 -14.25
C GLY D 237 -35.06 12.26 -13.01
N LEU D 238 -36.19 11.58 -13.14
CA LEU D 238 -37.06 11.40 -11.98
C LEU D 238 -36.50 10.41 -10.97
N THR D 239 -35.28 9.90 -11.15
CA THR D 239 -34.66 8.99 -10.20
C THR D 239 -33.40 9.56 -9.58
N LEU D 240 -33.15 10.85 -9.73
CA LEU D 240 -31.97 11.46 -9.13
C LEU D 240 -32.22 11.84 -7.68
N LYS D 241 -31.26 12.54 -7.09
CA LYS D 241 -31.37 12.93 -5.69
C LYS D 241 -32.40 14.03 -5.50
N GLY D 242 -32.26 15.13 -6.22
CA GLY D 242 -33.12 16.29 -6.05
C GLY D 242 -34.45 16.24 -6.76
N ALA D 243 -34.71 15.22 -7.56
CA ALA D 243 -36.01 15.08 -8.17
C ALA D 243 -37.08 14.86 -7.10
N THR D 244 -38.31 15.29 -7.41
CA THR D 244 -39.44 15.23 -6.48
C THR D 244 -39.16 16.14 -5.28
N ASN D 245 -38.05 16.85 -5.33
CA ASN D 245 -37.73 17.89 -4.35
C ASN D 245 -37.53 19.23 -5.04
N GLY D 246 -37.22 19.19 -6.33
CA GLY D 246 -37.19 20.38 -7.15
C GLY D 246 -38.40 20.57 -8.02
N ILE D 247 -39.26 19.55 -8.12
CA ILE D 247 -40.49 19.71 -8.89
C ILE D 247 -41.51 20.52 -8.11
N VAL D 248 -41.53 20.37 -6.78
CA VAL D 248 -42.51 21.10 -5.98
C VAL D 248 -42.29 22.60 -6.11
N PHE D 249 -41.03 23.04 -6.27
CA PHE D 249 -40.77 24.45 -6.47
C PHE D 249 -41.48 24.99 -7.70
N LEU D 250 -41.75 24.12 -8.67
CA LEU D 250 -42.48 24.50 -9.86
C LEU D 250 -43.99 24.60 -9.63
N PHE D 251 -44.53 23.87 -8.65
CA PHE D 251 -45.96 23.86 -8.43
C PHE D 251 -46.35 24.31 -7.02
N THR D 252 -45.72 25.38 -6.51
CA THR D 252 -46.17 26.05 -5.29
C THR D 252 -46.25 27.54 -5.57
N PRO D 253 -47.36 28.03 -6.08
CA PRO D 253 -47.46 29.44 -6.44
C PRO D 253 -47.68 30.33 -5.22
N ASN D 254 -47.32 31.59 -5.39
CA ASN D 254 -47.51 32.62 -4.37
C ASN D 254 -48.48 33.65 -4.89
N VAL D 255 -49.62 33.81 -4.20
CA VAL D 255 -50.70 34.65 -4.69
C VAL D 255 -50.36 36.13 -4.72
N THR D 256 -49.19 36.52 -4.22
CA THR D 256 -48.78 37.92 -4.32
C THR D 256 -48.05 38.22 -5.62
N GLU D 257 -47.77 37.20 -6.43
CA GLU D 257 -47.06 37.44 -7.69
C GLU D 257 -48.03 37.54 -8.86
N LEU D 258 -49.24 37.01 -8.71
CA LEU D 258 -50.20 37.03 -9.81
C LEU D 258 -50.74 38.41 -10.10
N ALA D 259 -50.56 39.37 -9.18
CA ALA D 259 -51.15 40.69 -9.36
C ALA D 259 -50.20 41.67 -10.05
N GLN D 260 -49.06 41.22 -10.53
CA GLN D 260 -48.16 42.13 -11.24
C GLN D 260 -48.43 42.06 -12.74
N PRO D 261 -48.47 43.20 -13.44
CA PRO D 261 -48.70 43.15 -14.89
C PRO D 261 -47.60 42.43 -15.66
N ASP D 262 -46.38 42.44 -15.13
CA ASP D 262 -45.26 41.78 -15.81
C ASP D 262 -45.51 40.30 -16.05
N THR D 263 -46.04 39.58 -15.06
CA THR D 263 -46.23 38.14 -15.22
C THR D 263 -47.28 37.85 -16.28
N TRP D 264 -48.38 38.60 -16.28
CA TRP D 264 -49.41 38.37 -17.29
C TRP D 264 -48.92 38.73 -18.69
N LEU D 265 -48.15 39.82 -18.82
CA LEU D 265 -47.60 40.17 -20.12
C LEU D 265 -46.66 39.07 -20.61
N ASP D 266 -45.80 38.55 -19.72
CA ASP D 266 -44.89 37.49 -20.12
C ASP D 266 -45.64 36.20 -20.46
N ALA D 267 -46.73 35.91 -19.74
CA ALA D 267 -47.52 34.73 -20.07
C ALA D 267 -48.16 34.87 -21.46
N GLY D 268 -48.68 36.05 -21.78
CA GLY D 268 -49.24 36.27 -23.10
C GLY D 268 -48.19 36.14 -24.19
N ALA D 269 -47.04 36.79 -23.99
CA ALA D 269 -45.97 36.69 -24.98
C ALA D 269 -45.52 35.25 -25.16
N GLN D 270 -45.48 34.47 -24.09
CA GLN D 270 -45.03 33.09 -24.20
C GLN D 270 -46.07 32.20 -24.85
N VAL D 271 -47.36 32.44 -24.59
CA VAL D 271 -48.37 31.62 -25.24
C VAL D 271 -48.51 32.00 -26.71
N PHE D 272 -48.05 33.19 -27.10
CA PHE D 272 -48.02 33.51 -28.51
C PHE D 272 -46.72 33.06 -29.17
N PHE D 273 -45.66 32.87 -28.39
CA PHE D 273 -44.40 32.41 -28.97
C PHE D 273 -44.32 30.90 -29.02
N SER D 274 -45.11 30.20 -28.19
CA SER D 274 -45.08 28.74 -28.21
C SER D 274 -45.77 28.20 -29.45
N PHE D 275 -47.07 28.47 -29.59
CA PHE D 275 -47.76 28.27 -30.85
C PHE D 275 -47.20 29.29 -31.83
N SER D 276 -46.72 28.83 -32.98
CA SER D 276 -46.15 29.80 -33.92
C SER D 276 -47.24 30.62 -34.57
N LEU D 277 -47.89 31.49 -33.79
CA LEU D 277 -48.94 32.36 -34.29
C LEU D 277 -48.35 33.69 -34.72
N ALA D 278 -49.06 34.36 -35.64
CA ALA D 278 -48.63 35.64 -36.18
C ALA D 278 -47.26 35.57 -36.85
N PHE D 279 -46.85 34.37 -37.26
CA PHE D 279 -45.60 34.17 -37.97
C PHE D 279 -45.78 33.87 -39.44
N GLY D 280 -47.00 33.63 -39.90
CA GLY D 280 -47.23 33.34 -41.30
C GLY D 280 -46.84 31.95 -41.73
N GLY D 281 -46.56 31.05 -40.79
CA GLY D 281 -46.22 29.69 -41.13
C GLY D 281 -47.44 28.80 -41.30
N LEU D 282 -48.27 28.72 -40.25
CA LEU D 282 -49.43 27.85 -40.29
C LEU D 282 -50.45 28.29 -41.32
N ILE D 283 -50.63 29.61 -41.47
CA ILE D 283 -51.57 30.14 -42.45
C ILE D 283 -51.18 29.71 -43.85
N SER D 284 -49.93 29.30 -44.05
CA SER D 284 -49.48 28.82 -45.36
C SER D 284 -49.39 27.30 -45.41
N PHE D 285 -48.94 26.66 -44.34
CA PHE D 285 -48.87 25.19 -44.32
C PHE D 285 -50.27 24.58 -44.43
N SER D 286 -51.27 25.23 -43.87
CA SER D 286 -52.63 24.70 -43.97
C SER D 286 -53.28 25.01 -45.31
N SER D 287 -52.59 25.75 -46.19
CA SER D 287 -53.17 26.12 -47.46
C SER D 287 -52.92 25.10 -48.56
N TYR D 288 -52.42 23.92 -48.23
CA TYR D 288 -52.16 22.88 -49.21
C TYR D 288 -53.19 21.76 -49.15
N ASN D 289 -53.99 21.69 -48.09
CA ASN D 289 -54.95 20.63 -47.90
C ASN D 289 -56.05 20.70 -48.94
N SER D 290 -56.84 19.63 -49.02
CA SER D 290 -58.06 19.65 -49.80
C SER D 290 -59.08 20.57 -49.12
N VAL D 291 -60.20 20.80 -49.82
CA VAL D 291 -61.19 21.74 -49.31
C VAL D 291 -62.14 21.11 -48.31
N HIS D 292 -62.03 19.81 -48.06
CA HIS D 292 -62.93 19.10 -47.15
C HIS D 292 -62.22 18.55 -45.93
N ASN D 293 -61.02 19.03 -45.65
CA ASN D 293 -60.26 18.52 -44.52
C ASN D 293 -60.81 19.11 -43.22
N ASN D 294 -61.23 18.23 -42.31
CA ASN D 294 -61.80 18.64 -41.03
C ASN D 294 -60.79 19.51 -40.27
N CYS D 295 -61.25 20.60 -39.68
CA CYS D 295 -60.32 21.59 -39.14
C CYS D 295 -60.33 21.60 -37.61
N GLU D 296 -61.51 21.49 -36.98
CA GLU D 296 -61.58 21.47 -35.53
C GLU D 296 -60.72 20.34 -34.96
N LYS D 297 -60.77 19.17 -35.59
CA LYS D 297 -60.01 18.01 -35.13
C LYS D 297 -58.53 18.34 -35.06
N ASP D 298 -57.98 18.91 -36.14
CA ASP D 298 -56.54 19.16 -36.19
C ASP D 298 -56.15 20.28 -35.26
N SER D 299 -56.97 21.34 -35.18
CA SER D 299 -56.66 22.43 -34.26
C SER D 299 -56.61 21.95 -32.82
N VAL D 300 -57.66 21.23 -32.39
CA VAL D 300 -57.71 20.74 -31.02
C VAL D 300 -56.57 19.79 -30.73
N ILE D 301 -56.27 18.88 -31.68
CA ILE D 301 -55.21 17.90 -31.45
C ILE D 301 -53.86 18.61 -31.29
N VAL D 302 -53.55 19.56 -32.18
CA VAL D 302 -52.28 20.25 -32.10
C VAL D 302 -52.18 21.02 -30.79
N SER D 303 -53.26 21.70 -30.40
CA SER D 303 -53.21 22.48 -29.17
C SER D 303 -52.96 21.60 -27.95
N ILE D 304 -53.68 20.48 -27.84
CA ILE D 304 -53.53 19.62 -26.67
C ILE D 304 -52.13 19.02 -26.62
N ILE D 305 -51.67 18.48 -27.75
CA ILE D 305 -50.34 17.87 -27.77
C ILE D 305 -49.28 18.91 -27.39
N ASN D 306 -49.42 20.14 -27.89
CA ASN D 306 -48.42 21.15 -27.58
C ASN D 306 -48.43 21.54 -26.11
N GLY D 307 -49.62 21.73 -25.53
CA GLY D 307 -49.69 22.06 -24.11
C GLY D 307 -49.05 21.01 -23.24
N PHE D 308 -49.39 19.74 -23.49
CA PHE D 308 -48.86 18.70 -22.62
C PHE D 308 -47.37 18.47 -22.87
N THR D 309 -46.90 18.70 -24.10
CA THR D 309 -45.46 18.62 -24.34
C THR D 309 -44.72 19.72 -23.58
N SER D 310 -45.27 20.93 -23.57
CA SER D 310 -44.67 22.01 -22.78
C SER D 310 -44.59 21.63 -21.31
N VAL D 311 -45.67 21.04 -20.77
CA VAL D 311 -45.66 20.66 -19.36
C VAL D 311 -44.59 19.60 -19.09
N TYR D 312 -44.46 18.61 -19.98
CA TYR D 312 -43.46 17.57 -19.76
C TYR D 312 -42.05 18.14 -19.82
N VAL D 313 -41.78 19.05 -20.75
CA VAL D 313 -40.44 19.63 -20.85
C VAL D 313 -40.13 20.44 -19.59
N ALA D 314 -41.11 21.21 -19.10
CA ALA D 314 -40.89 21.95 -17.86
C ALA D 314 -40.59 21.01 -16.71
N ILE D 315 -41.32 19.90 -16.61
CA ILE D 315 -41.08 18.95 -15.54
C ILE D 315 -39.66 18.40 -15.59
N VAL D 316 -39.19 18.02 -16.78
CA VAL D 316 -37.84 17.47 -16.90
C VAL D 316 -36.80 18.51 -16.49
N VAL D 317 -36.93 19.74 -17.03
CA VAL D 317 -35.93 20.76 -16.75
C VAL D 317 -35.87 21.07 -15.26
N TYR D 318 -37.03 21.17 -14.60
CA TYR D 318 -36.99 21.50 -13.19
C TYR D 318 -36.60 20.30 -12.33
N SER D 319 -36.77 19.08 -12.82
CA SER D 319 -36.16 17.94 -12.15
C SER D 319 -34.64 18.07 -12.11
N VAL D 320 -34.03 18.38 -13.27
CA VAL D 320 -32.58 18.52 -13.28
C VAL D 320 -32.13 19.69 -12.41
N ILE D 321 -32.89 20.79 -12.42
CA ILE D 321 -32.51 21.95 -11.62
C ILE D 321 -32.59 21.63 -10.13
N GLY D 322 -33.62 20.89 -9.72
CA GLY D 322 -33.70 20.49 -8.33
C GLY D 322 -32.57 19.58 -7.91
N PHE D 323 -32.17 18.66 -8.80
CA PHE D 323 -31.00 17.83 -8.52
C PHE D 323 -29.77 18.70 -8.28
N ARG D 324 -29.54 19.68 -9.15
CA ARG D 324 -28.38 20.56 -8.99
C ARG D 324 -28.43 21.32 -7.66
N ALA D 325 -29.62 21.80 -7.30
CA ALA D 325 -29.74 22.56 -6.05
C ALA D 325 -29.44 21.69 -4.84
N THR D 326 -29.98 20.47 -4.82
CA THR D 326 -29.69 19.58 -3.71
C THR D 326 -28.20 19.26 -3.62
N GLN D 327 -27.55 19.09 -4.78
CA GLN D 327 -26.11 18.84 -4.78
C GLN D 327 -25.35 20.00 -4.15
N ARG D 328 -25.66 21.23 -4.55
CA ARG D 328 -24.94 22.38 -4.01
C ARG D 328 -25.21 22.55 -2.52
N TYR D 329 -26.42 22.23 -2.06
CA TYR D 329 -26.71 22.34 -0.64
C TYR D 329 -25.94 21.30 0.17
N ASP D 330 -25.85 20.07 -0.36
CA ASP D 330 -25.02 19.07 0.29
C ASP D 330 -23.57 19.51 0.35
N ASP D 331 -23.09 20.20 -0.68
CA ASP D 331 -21.72 20.71 -0.66
C ASP D 331 -21.54 21.75 0.45
N CYS D 332 -22.46 22.72 0.53
CA CYS D 332 -22.50 23.62 1.68
C CYS D 332 -22.32 22.87 2.99
N PHE D 333 -23.20 21.91 3.26
CA PHE D 333 -23.21 21.31 4.59
C PHE D 333 -21.95 20.49 4.85
N SER D 334 -21.45 19.79 3.83
CA SER D 334 -20.20 19.06 3.99
C SER D 334 -19.05 19.99 4.33
N THR D 335 -18.97 21.13 3.65
CA THR D 335 -17.87 22.06 3.92
C THR D 335 -17.98 22.64 5.32
N ASN D 336 -19.20 22.95 5.77
CA ASN D 336 -19.35 23.48 7.13
C ASN D 336 -18.96 22.44 8.17
N ILE D 337 -19.38 21.18 7.98
CA ILE D 337 -19.01 20.13 8.91
C ILE D 337 -17.50 19.95 8.93
N LEU D 338 -16.86 20.04 7.76
CA LEU D 338 -15.41 19.90 7.68
C LEU D 338 -14.72 21.01 8.46
N THR D 339 -15.17 22.25 8.30
CA THR D 339 -14.57 23.35 9.07
C THR D 339 -14.74 23.11 10.56
N LEU D 340 -15.94 22.71 10.99
CA LEU D 340 -16.18 22.50 12.41
C LEU D 340 -15.25 21.42 12.98
N ILE D 341 -15.17 20.28 12.31
CA ILE D 341 -14.35 19.20 12.87
C ILE D 341 -12.87 19.48 12.71
N ASN D 342 -12.48 20.35 11.78
CA ASN D 342 -11.08 20.75 11.70
C ASN D 342 -10.72 21.74 12.81
N GLY D 343 -11.72 22.46 13.32
CA GLY D 343 -11.43 23.43 14.37
C GLY D 343 -11.08 22.79 15.70
N PHE D 344 -11.95 21.92 16.20
CA PHE D 344 -11.82 21.37 17.54
C PHE D 344 -11.25 19.95 17.54
N ASP D 345 -10.98 19.38 16.36
CA ASP D 345 -10.49 18.01 16.23
C ASP D 345 -11.45 17.03 16.91
N LEU D 346 -12.68 16.98 16.39
CA LEU D 346 -13.72 16.05 16.76
C LEU D 346 -13.63 14.80 15.89
N PRO D 347 -14.10 13.65 16.38
CA PRO D 347 -14.06 12.43 15.56
C PRO D 347 -14.81 12.63 14.26
N GLU D 348 -14.34 11.96 13.21
CA GLU D 348 -14.91 12.08 11.87
C GLU D 348 -16.40 11.79 11.72
N GLY D 349 -16.83 10.67 12.29
CA GLY D 349 -18.21 10.26 12.18
C GLY D 349 -19.12 10.72 13.31
N ASN D 350 -18.78 11.79 14.00
CA ASN D 350 -19.61 12.25 15.11
C ASN D 350 -20.46 13.45 14.73
N VAL D 351 -19.99 14.31 13.84
CA VAL D 351 -20.71 15.51 13.45
C VAL D 351 -21.42 15.23 12.14
N THR D 352 -22.75 15.19 12.20
CA THR D 352 -23.57 14.95 11.01
C THR D 352 -24.69 15.96 10.90
N GLN D 353 -25.61 15.75 9.95
CA GLN D 353 -26.63 16.75 9.67
C GLN D 353 -27.61 16.89 10.83
N GLU D 354 -27.93 15.78 11.51
CA GLU D 354 -28.98 15.82 12.53
C GLU D 354 -28.52 16.57 13.77
N ASN D 355 -27.35 16.25 14.30
CA ASN D 355 -26.86 16.84 15.54
C ASN D 355 -25.79 17.89 15.30
N PHE D 356 -25.92 18.68 14.23
CA PHE D 356 -24.91 19.69 13.93
C PHE D 356 -25.01 20.88 14.88
N VAL D 357 -26.23 21.35 15.13
CA VAL D 357 -26.40 22.54 15.96
C VAL D 357 -25.99 22.25 17.40
N ASP D 358 -26.25 21.03 17.89
CA ASP D 358 -25.87 20.70 19.26
C ASP D 358 -24.36 20.70 19.42
N MET D 359 -23.63 20.10 18.48
CA MET D 359 -22.17 20.10 18.55
C MET D 359 -21.62 21.51 18.40
N GLN D 360 -22.24 22.32 17.54
CA GLN D 360 -21.82 23.72 17.41
C GLN D 360 -21.95 24.45 18.74
N GLN D 361 -23.10 24.30 19.40
CA GLN D 361 -23.30 24.94 20.70
C GLN D 361 -22.28 24.47 21.71
N ARG D 362 -22.03 23.15 21.77
CA ARG D 362 -21.06 22.64 22.73
C ARG D 362 -19.68 23.21 22.48
N CYS D 363 -19.24 23.23 21.22
CA CYS D 363 -17.89 23.69 20.92
C CYS D 363 -17.75 25.19 21.15
N ASN D 364 -18.83 25.97 21.00
CA ASN D 364 -18.72 27.36 21.41
C ASN D 364 -18.62 27.49 22.92
N ALA D 365 -19.56 26.89 23.65
CA ALA D 365 -19.57 27.06 25.10
C ALA D 365 -18.31 26.46 25.74
N SER D 366 -17.56 25.66 24.99
CA SER D 366 -16.32 25.10 25.54
C SER D 366 -15.17 26.09 25.45
N ASP D 367 -14.93 26.65 24.26
CA ASP D 367 -13.78 27.52 24.02
C ASP D 367 -14.21 28.68 23.13
N PRO D 368 -14.79 29.74 23.71
CA PRO D 368 -15.33 30.82 22.88
C PRO D 368 -14.34 31.41 21.90
N ALA D 369 -13.08 31.54 22.29
CA ALA D 369 -12.09 32.20 21.43
C ALA D 369 -11.90 31.43 20.13
N ALA D 370 -11.50 30.16 20.22
CA ALA D 370 -11.18 29.40 19.03
C ALA D 370 -12.40 29.22 18.14
N TYR D 371 -13.59 29.23 18.73
CA TYR D 371 -14.80 29.05 17.92
C TYR D 371 -15.18 30.34 17.21
N ALA D 372 -15.04 31.48 17.87
CA ALA D 372 -15.47 32.74 17.28
C ALA D 372 -14.64 33.09 16.05
N GLN D 373 -13.37 32.68 16.02
CA GLN D 373 -12.50 33.03 14.91
C GLN D 373 -12.74 32.17 13.67
N LEU D 374 -13.60 31.17 13.75
CA LEU D 374 -13.92 30.32 12.60
C LEU D 374 -14.88 31.06 11.67
N VAL D 375 -14.90 30.61 10.41
CA VAL D 375 -15.77 31.18 9.39
C VAL D 375 -16.75 30.10 8.93
N PHE D 376 -18.03 30.44 8.91
CA PHE D 376 -19.09 29.52 8.54
C PHE D 376 -19.75 29.96 7.25
N GLN D 377 -20.48 29.02 6.63
CA GLN D 377 -21.31 29.33 5.49
C GLN D 377 -22.78 29.15 5.86
N THR D 378 -23.58 30.16 5.53
CA THR D 378 -25.02 30.14 5.79
C THR D 378 -25.75 29.93 4.47
N CYS D 379 -26.31 28.74 4.29
CA CYS D 379 -26.97 28.38 3.04
C CYS D 379 -27.88 27.19 3.30
N ASP D 380 -29.09 27.25 2.73
CA ASP D 380 -30.13 26.28 3.01
C ASP D 380 -30.78 25.86 1.70
N ILE D 381 -31.43 24.71 1.73
CA ILE D 381 -32.18 24.21 0.57
C ILE D 381 -33.36 25.14 0.33
N ASN D 382 -33.93 25.06 -0.87
CA ASN D 382 -35.02 25.93 -1.31
C ASN D 382 -34.55 27.39 -1.34
N ALA D 383 -33.24 27.59 -1.38
CA ALA D 383 -32.64 28.90 -1.56
C ALA D 383 -31.61 28.91 -2.68
N PHE D 384 -31.10 27.74 -3.06
CA PHE D 384 -30.30 27.61 -4.28
C PHE D 384 -31.18 27.38 -5.50
N LEU D 385 -32.43 26.98 -5.32
CA LEU D 385 -33.38 26.92 -6.42
C LEU D 385 -33.68 28.29 -6.99
N SER D 386 -33.56 29.35 -6.18
CA SER D 386 -33.84 30.70 -6.63
C SER D 386 -32.67 31.35 -7.36
N GLU D 387 -31.60 30.60 -7.62
CA GLU D 387 -30.50 31.15 -8.41
C GLU D 387 -30.96 31.38 -9.84
N ALA D 388 -31.17 32.64 -10.18
CA ALA D 388 -31.70 32.98 -11.50
C ALA D 388 -30.73 32.59 -12.59
N VAL D 389 -31.23 31.85 -13.57
CA VAL D 389 -30.45 31.46 -14.75
C VAL D 389 -30.65 32.51 -15.83
N GLU D 390 -29.53 32.99 -16.38
CA GLU D 390 -29.57 34.05 -17.38
C GLU D 390 -30.13 33.53 -18.70
N GLY D 391 -30.27 34.43 -19.66
CA GLY D 391 -30.75 34.02 -20.97
C GLY D 391 -29.77 33.10 -21.66
N THR D 392 -30.31 32.07 -22.32
CA THR D 392 -29.53 31.09 -23.06
C THR D 392 -28.43 30.47 -22.22
N GLY D 393 -28.59 30.49 -20.90
CA GLY D 393 -27.60 29.95 -20.01
C GLY D 393 -28.15 28.88 -19.10
N LEU D 394 -29.18 28.18 -19.58
CA LEU D 394 -29.74 27.06 -18.83
C LEU D 394 -29.37 25.75 -19.50
N ALA D 395 -29.54 25.66 -20.81
CA ALA D 395 -29.23 24.44 -21.52
C ALA D 395 -27.72 24.18 -21.57
N PHE D 396 -26.91 25.16 -21.18
CA PHE D 396 -25.46 25.02 -21.24
C PHE D 396 -24.77 25.07 -19.89
N ILE D 397 -25.48 25.42 -18.83
CA ILE D 397 -24.83 25.60 -17.53
C ILE D 397 -25.28 24.54 -16.54
N VAL D 398 -26.57 24.17 -16.56
CA VAL D 398 -27.05 23.21 -15.57
C VAL D 398 -27.11 21.81 -16.16
N PHE D 399 -27.49 21.68 -17.44
CA PHE D 399 -27.61 20.35 -18.03
C PHE D 399 -26.24 19.71 -18.27
N THR D 400 -25.26 20.48 -18.71
CA THR D 400 -23.91 19.91 -18.84
C THR D 400 -23.33 19.58 -17.48
N GLU D 401 -23.62 20.42 -16.47
CA GLU D 401 -23.11 20.16 -15.12
C GLU D 401 -23.77 18.93 -14.49
N ALA D 402 -25.00 18.61 -14.92
CA ALA D 402 -25.65 17.41 -14.41
C ALA D 402 -25.26 16.17 -15.22
N ILE D 403 -24.97 16.36 -16.51
CA ILE D 403 -24.57 15.25 -17.36
C ILE D 403 -23.16 14.79 -17.00
N THR D 404 -22.31 15.72 -16.58
CA THR D 404 -20.96 15.32 -16.18
C THR D 404 -20.94 14.55 -14.87
N LYS D 405 -22.09 14.36 -14.22
CA LYS D 405 -22.18 13.61 -12.97
C LYS D 405 -22.85 12.25 -13.12
N MET D 406 -23.05 11.79 -14.35
CA MET D 406 -23.75 10.52 -14.56
C MET D 406 -22.86 9.52 -15.28
N PRO D 407 -23.10 8.21 -15.12
CA PRO D 407 -22.29 7.22 -15.82
C PRO D 407 -22.52 7.29 -17.32
N LEU D 408 -21.44 7.03 -18.08
CA LEU D 408 -21.44 7.15 -19.53
C LEU D 408 -21.90 8.54 -19.96
N SER D 409 -21.16 9.56 -19.53
CA SER D 409 -21.50 10.93 -19.86
C SER D 409 -21.52 11.24 -21.35
N PRO D 410 -20.58 10.77 -22.19
CA PRO D 410 -20.65 11.13 -23.62
C PRO D 410 -21.94 10.70 -24.30
N LEU D 411 -22.48 9.52 -23.99
CA LEU D 411 -23.73 9.09 -24.59
C LEU D 411 -24.88 10.03 -24.22
N TRP D 412 -24.99 10.37 -22.93
CA TRP D 412 -26.05 11.28 -22.51
C TRP D 412 -25.91 12.64 -23.18
N SER D 413 -24.68 13.15 -23.27
CA SER D 413 -24.48 14.45 -23.90
C SER D 413 -24.88 14.42 -25.37
N VAL D 414 -24.44 13.39 -26.09
CA VAL D 414 -24.77 13.28 -27.51
C VAL D 414 -26.27 13.22 -27.70
N LEU D 415 -26.95 12.39 -26.91
CA LEU D 415 -28.40 12.28 -27.03
C LEU D 415 -29.08 13.61 -26.76
N PHE D 416 -28.72 14.27 -25.66
CA PHE D 416 -29.37 15.52 -25.29
C PHE D 416 -29.21 16.57 -26.39
N PHE D 417 -27.98 16.73 -26.88
CA PHE D 417 -27.76 17.79 -27.85
C PHE D 417 -28.29 17.45 -29.24
N ILE D 418 -28.35 16.17 -29.62
CA ILE D 418 -29.00 15.86 -30.88
C ILE D 418 -30.50 16.08 -30.78
N MET D 419 -31.09 15.85 -29.60
CA MET D 419 -32.50 16.18 -29.41
C MET D 419 -32.73 17.67 -29.58
N LEU D 420 -31.91 18.49 -28.93
CA LEU D 420 -32.07 19.94 -29.06
C LEU D 420 -31.90 20.39 -30.51
N PHE D 421 -30.93 19.81 -31.22
CA PHE D 421 -30.70 20.19 -32.61
C PHE D 421 -31.88 19.81 -33.50
N CYS D 422 -32.49 18.65 -33.23
CA CYS D 422 -33.67 18.26 -34.00
C CYS D 422 -34.83 19.20 -33.75
N LEU D 423 -35.04 19.61 -32.50
CA LEU D 423 -36.05 20.62 -32.22
C LEU D 423 -35.78 21.91 -33.00
N GLY D 424 -34.51 22.32 -33.03
CA GLY D 424 -34.16 23.54 -33.73
C GLY D 424 -34.50 23.49 -35.21
N LEU D 425 -34.09 22.41 -35.89
CA LEU D 425 -34.45 22.29 -37.30
C LEU D 425 -35.96 22.20 -37.49
N SER D 426 -36.65 21.49 -36.60
CA SER D 426 -38.10 21.37 -36.70
C SER D 426 -38.76 22.73 -36.71
N SER D 427 -38.24 23.67 -35.93
CA SER D 427 -38.81 25.01 -35.96
C SER D 427 -38.34 25.83 -37.16
N MET D 428 -37.07 25.70 -37.53
CA MET D 428 -36.54 26.53 -38.60
C MET D 428 -37.16 26.19 -39.95
N PHE D 429 -37.68 24.98 -40.11
CA PHE D 429 -38.39 24.66 -41.36
C PHE D 429 -39.49 25.68 -41.62
N GLY D 430 -40.43 25.82 -40.67
CA GLY D 430 -41.49 26.80 -40.83
C GLY D 430 -40.98 28.23 -40.80
N ASN D 431 -39.97 28.51 -39.97
CA ASN D 431 -39.47 29.88 -39.94
C ASN D 431 -38.80 30.27 -41.26
N MET D 432 -38.45 29.29 -42.09
CA MET D 432 -37.90 29.60 -43.40
C MET D 432 -39.00 29.65 -44.46
N GLU D 433 -40.00 28.76 -44.35
CA GLU D 433 -41.13 28.82 -45.27
C GLU D 433 -41.85 30.16 -45.19
N GLY D 434 -41.98 30.70 -43.97
CA GLY D 434 -42.64 31.98 -43.76
C GLY D 434 -41.99 33.16 -44.44
N VAL D 435 -40.72 33.06 -44.83
CA VAL D 435 -40.02 34.09 -45.57
C VAL D 435 -39.93 33.73 -47.05
N VAL D 436 -39.87 32.44 -47.36
CA VAL D 436 -39.72 32.01 -48.74
C VAL D 436 -40.99 32.27 -49.53
N VAL D 437 -42.15 31.99 -48.94
CA VAL D 437 -43.41 32.07 -49.69
C VAL D 437 -43.78 33.52 -50.03
N PRO D 438 -43.84 34.44 -49.06
CA PRO D 438 -44.20 35.83 -49.42
C PRO D 438 -43.28 36.46 -50.46
N LEU D 439 -41.98 36.17 -50.41
CA LEU D 439 -41.07 36.74 -51.40
C LEU D 439 -41.42 36.27 -52.81
N GLN D 440 -41.83 35.01 -52.96
CA GLN D 440 -42.34 34.57 -54.25
C GLN D 440 -43.66 35.27 -54.59
N ASP D 441 -44.46 35.56 -53.57
CA ASP D 441 -45.74 36.20 -53.83
C ASP D 441 -45.57 37.66 -54.28
N LEU D 442 -44.43 38.28 -53.97
CA LEU D 442 -44.20 39.68 -54.31
C LEU D 442 -43.65 39.87 -55.71
N ARG D 443 -43.51 38.80 -56.50
CA ARG D 443 -42.93 38.88 -57.85
C ARG D 443 -41.56 39.54 -57.83
N VAL D 444 -40.77 39.25 -56.79
CA VAL D 444 -39.46 39.87 -56.70
C VAL D 444 -38.48 39.21 -57.66
N ILE D 445 -38.64 37.93 -57.91
CA ILE D 445 -37.76 37.17 -58.79
C ILE D 445 -38.50 36.81 -60.06
N PRO D 446 -37.83 36.72 -61.21
CA PRO D 446 -38.53 36.31 -62.42
C PRO D 446 -38.89 34.83 -62.35
N PRO D 447 -39.98 34.42 -63.00
CA PRO D 447 -40.38 33.00 -62.93
C PRO D 447 -39.41 32.05 -63.59
N LYS D 448 -38.52 32.54 -64.47
CA LYS D 448 -37.56 31.68 -65.14
C LYS D 448 -36.59 31.01 -64.18
N TRP D 449 -36.40 31.55 -62.98
CA TRP D 449 -35.43 30.93 -62.08
C TRP D 449 -36.07 29.77 -61.32
N PRO D 450 -35.29 28.76 -60.97
CA PRO D 450 -35.79 27.73 -60.07
C PRO D 450 -35.82 28.22 -58.63
N LYS D 451 -36.59 27.51 -57.79
CA LYS D 451 -36.74 27.91 -56.40
C LYS D 451 -35.44 27.75 -55.61
N GLU D 452 -34.57 26.85 -56.07
CA GLU D 452 -33.30 26.60 -55.40
C GLU D 452 -32.43 27.84 -55.29
N VAL D 453 -32.47 28.71 -56.30
CA VAL D 453 -31.65 29.91 -56.28
C VAL D 453 -32.20 30.92 -55.28
N LEU D 454 -33.53 31.04 -55.18
CA LEU D 454 -34.10 31.97 -54.22
C LEU D 454 -33.83 31.50 -52.80
N THR D 455 -34.02 30.22 -52.51
CA THR D 455 -33.72 29.72 -51.17
C THR D 455 -32.25 29.92 -50.83
N GLY D 456 -31.36 29.67 -51.79
CA GLY D 456 -29.95 29.87 -51.54
C GLY D 456 -29.61 31.33 -51.28
N LEU D 457 -30.23 32.24 -52.02
CA LEU D 457 -29.98 33.65 -51.81
C LEU D 457 -30.46 34.10 -50.42
N ILE D 458 -31.61 33.61 -49.99
CA ILE D 458 -32.10 33.95 -48.66
C ILE D 458 -31.16 33.43 -47.59
N CYS D 459 -30.71 32.18 -47.74
CA CYS D 459 -29.81 31.61 -46.75
C CYS D 459 -28.48 32.37 -46.71
N LEU D 460 -27.96 32.73 -47.88
CA LEU D 460 -26.70 33.46 -47.94
C LEU D 460 -26.83 34.84 -47.30
N GLY D 461 -27.90 35.56 -47.61
CA GLY D 461 -28.10 36.86 -47.00
C GLY D 461 -28.22 36.78 -45.50
N THR D 462 -29.00 35.82 -45.00
CA THR D 462 -29.17 35.72 -43.56
C THR D 462 -27.89 35.29 -42.87
N PHE D 463 -27.09 34.44 -43.52
CA PHE D 463 -25.81 34.03 -42.96
C PHE D 463 -24.86 35.22 -42.88
N LEU D 464 -24.82 36.05 -43.93
CA LEU D 464 -23.93 37.20 -43.92
C LEU D 464 -24.37 38.24 -42.90
N ILE D 465 -25.69 38.36 -42.67
CA ILE D 465 -26.15 39.29 -41.65
C ILE D 465 -25.88 38.76 -40.26
N GLY D 466 -25.90 37.43 -40.10
CA GLY D 466 -25.71 36.83 -38.79
C GLY D 466 -24.31 36.89 -38.23
N PHE D 467 -23.41 37.69 -38.81
CA PHE D 467 -22.06 37.78 -38.26
C PHE D 467 -22.05 38.44 -36.88
N ILE D 468 -23.02 39.32 -36.61
CA ILE D 468 -23.00 40.12 -35.40
C ILE D 468 -22.91 39.24 -34.15
N PHE D 469 -23.52 38.07 -34.18
CA PHE D 469 -23.51 37.17 -33.03
C PHE D 469 -22.27 36.28 -32.98
N THR D 470 -21.23 36.60 -33.75
CA THR D 470 -19.96 35.90 -33.66
C THR D 470 -18.84 36.78 -33.11
N LEU D 471 -19.14 38.02 -32.72
CA LEU D 471 -18.14 38.89 -32.15
C LEU D 471 -17.84 38.48 -30.71
N ASN D 472 -16.93 39.23 -30.09
CA ASN D 472 -16.64 39.02 -28.68
C ASN D 472 -17.82 39.41 -27.79
N SER D 473 -18.75 40.20 -28.32
CA SER D 473 -19.92 40.64 -27.57
C SER D 473 -21.22 40.09 -28.16
N GLY D 474 -21.23 38.82 -28.54
CA GLY D 474 -22.39 38.27 -29.23
C GLY D 474 -23.59 38.09 -28.33
N GLN D 475 -23.38 37.49 -27.16
CA GLN D 475 -24.52 37.15 -26.30
C GLN D 475 -25.28 38.39 -25.86
N TYR D 476 -24.60 39.51 -25.66
CA TYR D 476 -25.31 40.74 -25.30
C TYR D 476 -26.26 41.19 -26.40
N TRP D 477 -25.77 41.24 -27.65
CA TRP D 477 -26.65 41.55 -28.77
C TRP D 477 -27.80 40.57 -28.86
N LEU D 478 -27.52 39.28 -28.64
CA LEU D 478 -28.56 38.27 -28.76
C LEU D 478 -29.67 38.52 -27.75
N SER D 479 -29.29 38.75 -26.48
CA SER D 479 -30.29 38.97 -25.44
C SER D 479 -31.07 40.26 -25.70
N LEU D 480 -30.36 41.32 -26.13
CA LEU D 480 -31.03 42.57 -26.44
C LEU D 480 -32.08 42.38 -27.53
N LEU D 481 -31.69 41.70 -28.61
CA LEU D 481 -32.60 41.48 -29.72
C LEU D 481 -33.72 40.51 -29.38
N ASP D 482 -33.49 39.60 -28.43
CA ASP D 482 -34.53 38.63 -28.08
C ASP D 482 -35.52 39.20 -27.10
N SER D 483 -35.11 40.19 -26.29
CA SER D 483 -36.04 40.78 -25.34
C SER D 483 -37.14 41.57 -26.04
N TYR D 484 -36.95 41.92 -27.31
CA TYR D 484 -37.88 42.80 -28.00
C TYR D 484 -38.37 42.25 -29.33
N ALA D 485 -37.60 41.38 -29.99
CA ALA D 485 -38.01 40.89 -31.30
C ALA D 485 -39.25 40.02 -31.22
N GLY D 486 -39.47 39.35 -30.10
CA GLY D 486 -40.58 38.44 -29.95
C GLY D 486 -41.61 38.79 -28.90
N SER D 487 -41.82 40.08 -28.60
CA SER D 487 -42.79 40.46 -27.58
C SER D 487 -43.92 41.32 -28.15
N ILE D 488 -43.62 42.45 -28.78
CA ILE D 488 -44.65 43.37 -29.25
C ILE D 488 -45.28 42.93 -30.56
N PRO D 489 -44.51 42.56 -31.59
CA PRO D 489 -45.14 42.14 -32.84
C PRO D 489 -46.01 40.91 -32.70
N LEU D 490 -45.57 39.90 -31.95
CA LEU D 490 -46.39 38.70 -31.78
C LEU D 490 -47.68 38.98 -31.02
N LEU D 491 -47.89 40.21 -30.59
CA LEU D 491 -49.18 40.62 -30.04
C LEU D 491 -49.95 41.48 -31.02
N ILE D 492 -49.29 42.47 -31.63
CA ILE D 492 -50.01 43.40 -32.49
C ILE D 492 -50.46 42.70 -33.77
N ILE D 493 -49.58 41.89 -34.37
CA ILE D 493 -49.95 41.17 -35.58
C ILE D 493 -51.12 40.23 -35.31
N ALA D 494 -51.07 39.52 -34.17
CA ALA D 494 -52.14 38.57 -33.86
C ALA D 494 -53.47 39.29 -33.64
N PHE D 495 -53.43 40.42 -32.93
CA PHE D 495 -54.68 41.16 -32.69
C PHE D 495 -55.24 41.71 -33.99
N CYS D 496 -54.39 42.28 -34.83
CA CYS D 496 -54.86 42.77 -36.12
C CYS D 496 -55.41 41.63 -36.97
N GLU D 497 -54.80 40.45 -36.88
CA GLU D 497 -55.27 39.30 -37.65
C GLU D 497 -56.67 38.89 -37.22
N MET D 498 -56.88 38.73 -35.92
CA MET D 498 -58.18 38.30 -35.45
C MET D 498 -59.24 39.37 -35.69
N PHE D 499 -58.89 40.63 -35.50
CA PHE D 499 -59.84 41.71 -35.76
C PHE D 499 -60.22 41.75 -37.24
N SER D 500 -59.23 41.59 -38.12
CA SER D 500 -59.52 41.55 -39.55
C SER D 500 -60.47 40.41 -39.89
N VAL D 501 -60.17 39.20 -39.41
CA VAL D 501 -61.00 38.06 -39.79
C VAL D 501 -62.42 38.22 -39.26
N VAL D 502 -62.57 38.71 -38.03
CA VAL D 502 -63.89 38.72 -37.42
C VAL D 502 -64.73 39.89 -37.91
N TYR D 503 -64.17 41.10 -37.90
CA TYR D 503 -64.97 42.31 -38.07
C TYR D 503 -64.74 43.02 -39.41
N VAL D 504 -64.08 42.38 -40.37
CA VAL D 504 -63.94 42.93 -41.72
C VAL D 504 -64.43 41.94 -42.78
N TYR D 505 -63.89 40.73 -42.78
CA TYR D 505 -64.39 39.69 -43.67
C TYR D 505 -65.80 39.26 -43.30
N GLY D 506 -66.19 39.51 -42.05
CA GLY D 506 -67.51 39.11 -41.59
C GLY D 506 -67.50 37.72 -41.00
N VAL D 507 -67.96 37.58 -39.76
CA VAL D 507 -67.94 36.26 -39.12
C VAL D 507 -69.05 35.37 -39.67
N ASP D 508 -70.04 35.95 -40.34
CA ASP D 508 -71.13 35.14 -40.87
C ASP D 508 -70.71 34.39 -42.12
N ARG D 509 -70.01 35.08 -43.03
CA ARG D 509 -69.38 34.38 -44.15
C ARG D 509 -68.47 33.28 -43.64
N PHE D 510 -67.76 33.55 -42.54
CA PHE D 510 -66.86 32.55 -41.96
C PHE D 510 -67.63 31.33 -41.47
N ASN D 511 -68.75 31.55 -40.80
CA ASN D 511 -69.56 30.44 -40.31
C ASN D 511 -70.12 29.62 -41.47
N LYS D 512 -70.60 30.29 -42.52
CA LYS D 512 -71.13 29.56 -43.66
C LYS D 512 -70.03 28.75 -44.35
N ASP D 513 -68.82 29.31 -44.45
CA ASP D 513 -67.72 28.57 -45.07
C ASP D 513 -67.32 27.37 -44.24
N ILE D 514 -67.30 27.53 -42.91
CA ILE D 514 -66.96 26.39 -42.05
C ILE D 514 -68.02 25.31 -42.18
N GLU D 515 -69.30 25.72 -42.25
CA GLU D 515 -70.36 24.73 -42.45
C GLU D 515 -70.17 23.97 -43.75
N PHE D 516 -69.85 24.68 -44.83
CA PHE D 516 -69.66 24.01 -46.11
C PHE D 516 -68.43 23.10 -46.09
N MET D 517 -67.42 23.47 -45.31
CA MET D 517 -66.18 22.71 -45.33
C MET D 517 -66.30 21.43 -44.50
N ILE D 518 -66.66 21.55 -43.22
CA ILE D 518 -66.57 20.42 -42.31
C ILE D 518 -67.91 19.73 -42.10
N GLY D 519 -69.03 20.43 -42.21
CA GLY D 519 -70.33 19.81 -42.13
C GLY D 519 -71.24 20.32 -41.02
N HIS D 520 -70.82 21.32 -40.25
CA HIS D 520 -71.66 21.90 -39.22
C HIS D 520 -71.05 23.21 -38.76
N LYS D 521 -71.92 24.13 -38.35
CA LYS D 521 -71.44 25.40 -37.81
C LYS D 521 -70.74 25.17 -36.49
N PRO D 522 -69.70 25.96 -36.19
CA PRO D 522 -68.88 25.69 -35.01
C PRO D 522 -69.68 25.70 -33.72
N ASN D 523 -69.10 25.10 -32.69
CA ASN D 523 -69.77 25.02 -31.39
C ASN D 523 -69.85 26.40 -30.76
N ILE D 524 -70.78 26.57 -29.82
CA ILE D 524 -71.03 27.90 -29.24
C ILE D 524 -69.79 28.44 -28.56
N PHE D 525 -68.96 27.55 -28.00
CA PHE D 525 -67.71 27.98 -27.37
C PHE D 525 -66.86 28.79 -28.33
N TRP D 526 -66.75 28.32 -29.57
CA TRP D 526 -65.93 29.04 -30.55
C TRP D 526 -66.45 30.45 -30.80
N GLN D 527 -67.76 30.62 -30.93
CA GLN D 527 -68.28 31.96 -31.21
C GLN D 527 -68.13 32.87 -30.00
N VAL D 528 -68.42 32.37 -28.80
CA VAL D 528 -68.30 33.18 -27.60
C VAL D 528 -66.85 33.59 -27.38
N THR D 529 -65.89 32.75 -27.79
CA THR D 529 -64.50 33.12 -27.59
C THR D 529 -63.98 34.01 -28.72
N TRP D 530 -64.54 33.87 -29.91
CA TRP D 530 -64.12 34.72 -31.03
C TRP D 530 -64.60 36.15 -30.85
N ARG D 531 -65.89 36.33 -30.62
CA ARG D 531 -66.48 37.65 -30.76
C ARG D 531 -66.40 38.51 -29.51
N VAL D 532 -66.06 37.93 -28.36
CA VAL D 532 -66.11 38.68 -27.11
C VAL D 532 -64.80 38.65 -26.34
N VAL D 533 -64.32 37.47 -25.98
CA VAL D 533 -63.32 37.36 -24.92
C VAL D 533 -61.92 37.61 -25.47
N SER D 534 -61.60 37.02 -26.62
CA SER D 534 -60.22 37.09 -27.12
C SER D 534 -59.77 38.51 -27.44
N PRO D 535 -60.55 39.36 -28.13
CA PRO D 535 -60.11 40.74 -28.32
C PRO D 535 -59.90 41.50 -27.01
N LEU D 536 -60.76 41.26 -26.01
CA LEU D 536 -60.59 41.94 -24.73
C LEU D 536 -59.29 41.52 -24.06
N LEU D 537 -59.00 40.22 -24.05
CA LEU D 537 -57.76 39.77 -23.41
C LEU D 537 -56.54 40.29 -24.16
N MET D 538 -56.60 40.32 -25.50
CA MET D 538 -55.43 40.80 -26.24
C MET D 538 -55.24 42.30 -26.07
N LEU D 539 -56.34 43.06 -25.94
CA LEU D 539 -56.20 44.48 -25.67
C LEU D 539 -55.63 44.73 -24.28
N ILE D 540 -56.07 43.96 -23.29
CA ILE D 540 -55.51 44.12 -21.95
C ILE D 540 -54.02 43.80 -21.94
N ILE D 541 -53.62 42.75 -22.66
CA ILE D 541 -52.19 42.42 -22.72
C ILE D 541 -51.42 43.53 -23.41
N PHE D 542 -51.96 44.06 -24.50
CA PHE D 542 -51.30 45.13 -25.23
C PHE D 542 -51.09 46.35 -24.36
N LEU D 543 -52.10 46.68 -23.54
CA LEU D 543 -51.96 47.82 -22.63
C LEU D 543 -50.96 47.53 -21.52
N PHE D 544 -51.00 46.32 -20.95
CA PHE D 544 -50.09 45.98 -19.86
C PHE D 544 -48.64 46.03 -20.33
N PHE D 545 -48.39 45.75 -21.60
CA PHE D 545 -47.03 45.87 -22.09
C PHE D 545 -46.48 47.28 -21.88
N PHE D 546 -47.24 48.29 -22.30
CA PHE D 546 -46.79 49.67 -22.11
C PHE D 546 -46.81 50.06 -20.65
N VAL D 547 -47.69 49.45 -19.85
CA VAL D 547 -47.70 49.76 -18.42
C VAL D 547 -46.40 49.29 -17.76
N VAL D 548 -45.89 48.14 -18.18
CA VAL D 548 -44.68 47.59 -17.57
C VAL D 548 -43.40 48.03 -18.25
N GLU D 549 -43.47 48.55 -19.48
CA GLU D 549 -42.25 48.95 -20.17
C GLU D 549 -41.68 50.25 -19.60
N VAL D 550 -42.46 51.32 -19.64
CA VAL D 550 -42.08 52.57 -18.99
C VAL D 550 -42.06 52.34 -17.48
N SER D 551 -41.23 53.12 -16.77
CA SER D 551 -41.09 53.02 -15.32
C SER D 551 -40.41 51.71 -14.91
N GLN D 552 -39.32 51.38 -15.59
CA GLN D 552 -38.40 50.33 -15.16
C GLN D 552 -37.11 50.47 -15.97
N GLU D 553 -35.98 50.31 -15.29
CA GLU D 553 -34.69 50.54 -15.91
C GLU D 553 -34.27 49.34 -16.75
N LEU D 554 -33.70 49.62 -17.92
CA LEU D 554 -33.16 48.56 -18.76
C LEU D 554 -31.77 48.19 -18.29
N THR D 555 -31.59 46.96 -17.87
CA THR D 555 -30.30 46.48 -17.38
C THR D 555 -30.00 45.12 -17.98
N TYR D 556 -28.71 44.86 -18.18
CA TYR D 556 -28.24 43.57 -18.66
C TYR D 556 -27.06 43.14 -17.80
N SER D 557 -26.78 41.84 -17.85
CA SER D 557 -25.74 41.24 -17.03
C SER D 557 -24.44 41.13 -17.80
N ILE D 558 -23.33 41.35 -17.08
CA ILE D 558 -21.99 41.24 -17.64
C ILE D 558 -21.15 40.33 -16.76
N TRP D 559 -20.04 39.89 -17.34
CA TRP D 559 -19.17 38.89 -16.73
C TRP D 559 -18.09 39.55 -15.87
N ASP D 560 -17.28 40.43 -16.47
CA ASP D 560 -16.27 41.20 -15.75
C ASP D 560 -15.34 40.31 -14.93
N PRO D 561 -14.43 39.58 -15.56
CA PRO D 561 -13.54 38.70 -14.79
C PRO D 561 -12.67 39.43 -13.79
N GLY D 562 -12.34 40.70 -14.04
CA GLY D 562 -11.53 41.48 -13.14
C GLY D 562 -12.31 42.30 -12.13
N TYR D 563 -13.47 41.83 -11.70
CA TYR D 563 -14.32 42.55 -10.76
C TYR D 563 -14.51 41.73 -9.50
N GLU D 564 -14.37 42.40 -8.34
CA GLU D 564 -14.55 41.75 -7.05
C GLU D 564 -15.97 41.22 -6.91
N GLU D 565 -16.19 40.28 -5.98
CA GLU D 565 -17.44 39.52 -5.91
C GLU D 565 -17.75 38.86 -7.25
N PHE D 566 -16.73 38.29 -7.88
CA PHE D 566 -16.82 37.85 -9.27
C PHE D 566 -17.84 36.75 -9.54
N PRO D 567 -17.95 35.68 -8.75
CA PRO D 567 -18.82 34.56 -9.17
C PRO D 567 -20.25 34.95 -9.50
N LYS D 568 -20.73 36.09 -9.03
CA LYS D 568 -22.06 36.60 -9.40
C LYS D 568 -21.91 37.63 -10.50
N SER D 569 -22.64 37.44 -11.59
CA SER D 569 -22.57 38.36 -12.71
C SER D 569 -23.20 39.69 -12.34
N GLN D 570 -22.66 40.77 -12.92
CA GLN D 570 -23.07 42.10 -12.53
C GLN D 570 -24.17 42.61 -13.45
N LYS D 571 -24.86 43.65 -13.00
CA LYS D 571 -25.92 44.28 -13.78
C LYS D 571 -25.52 45.72 -14.09
N ILE D 572 -25.78 46.17 -15.31
CA ILE D 572 -25.46 47.52 -15.73
C ILE D 572 -26.56 47.99 -16.67
N SER D 573 -26.56 49.30 -16.94
CA SER D 573 -27.57 49.87 -17.80
C SER D 573 -27.07 49.98 -19.24
N TYR D 574 -27.99 49.79 -20.19
CA TYR D 574 -27.66 49.93 -21.60
C TYR D 574 -27.20 51.36 -21.89
N PRO D 575 -26.25 51.52 -22.80
CA PRO D 575 -25.89 52.87 -23.24
C PRO D 575 -27.08 53.56 -23.91
N ASN D 576 -26.90 54.84 -24.21
CA ASN D 576 -28.03 55.65 -24.64
C ASN D 576 -28.42 55.35 -26.09
N TRP D 577 -27.45 54.99 -26.94
CA TRP D 577 -27.75 54.84 -28.35
C TRP D 577 -28.58 53.60 -28.67
N VAL D 578 -28.60 52.61 -27.78
CA VAL D 578 -29.23 51.33 -28.11
C VAL D 578 -30.72 51.47 -28.38
N TYR D 579 -31.34 52.54 -27.89
CA TYR D 579 -32.76 52.74 -28.17
C TYR D 579 -33.03 52.94 -29.66
N VAL D 580 -31.98 53.14 -30.46
CA VAL D 580 -32.16 53.08 -31.90
C VAL D 580 -32.47 51.66 -32.34
N VAL D 581 -31.63 50.71 -31.94
CA VAL D 581 -31.77 49.34 -32.40
C VAL D 581 -33.14 48.76 -32.05
N VAL D 582 -33.64 49.04 -30.84
CA VAL D 582 -34.96 48.52 -30.47
C VAL D 582 -36.02 49.03 -31.44
N VAL D 583 -35.95 50.31 -31.82
CA VAL D 583 -36.95 50.86 -32.73
C VAL D 583 -36.85 50.19 -34.09
N ILE D 584 -35.66 49.68 -34.44
CA ILE D 584 -35.49 49.03 -35.73
C ILE D 584 -35.83 47.55 -35.64
N VAL D 585 -35.97 47.02 -34.42
CA VAL D 585 -36.29 45.61 -34.32
C VAL D 585 -37.71 45.40 -33.78
N ALA D 586 -38.24 46.36 -33.03
CA ALA D 586 -39.59 46.27 -32.49
C ALA D 586 -40.54 47.29 -33.06
N GLY D 587 -40.01 48.36 -33.67
CA GLY D 587 -40.89 49.39 -34.22
C GLY D 587 -41.29 49.11 -35.65
N VAL D 588 -40.31 48.82 -36.51
CA VAL D 588 -40.60 48.67 -37.94
C VAL D 588 -41.49 47.46 -38.23
N PRO D 589 -41.24 46.27 -37.69
CA PRO D 589 -42.18 45.17 -37.93
C PRO D 589 -43.55 45.40 -37.33
N SER D 590 -43.69 46.35 -36.40
CA SER D 590 -45.00 46.63 -35.81
C SER D 590 -45.67 47.85 -36.42
N LEU D 591 -44.90 48.89 -36.75
CA LEU D 591 -45.44 50.09 -37.34
C LEU D 591 -45.78 49.92 -38.83
N THR D 592 -45.39 48.80 -39.43
CA THR D 592 -45.69 48.59 -40.84
C THR D 592 -47.18 48.34 -41.05
N ILE D 593 -47.86 47.82 -40.04
CA ILE D 593 -49.28 47.46 -40.16
C ILE D 593 -50.12 48.71 -40.42
N PRO D 594 -50.02 49.79 -39.63
CA PRO D 594 -50.76 51.01 -40.01
C PRO D 594 -50.13 51.76 -41.17
N GLY D 595 -48.80 51.90 -41.19
CA GLY D 595 -48.10 52.66 -42.21
C GLY D 595 -48.57 52.38 -43.61
N TYR D 596 -48.38 51.14 -44.07
CA TYR D 596 -48.80 50.78 -45.42
C TYR D 596 -50.25 51.16 -45.67
N ALA D 597 -51.12 50.91 -44.69
CA ALA D 597 -52.53 51.26 -44.85
C ALA D 597 -52.68 52.74 -45.19
N ILE D 598 -52.00 53.61 -44.44
CA ILE D 598 -52.04 55.04 -44.73
C ILE D 598 -51.66 55.30 -46.18
N TYR D 599 -50.60 54.64 -46.67
CA TYR D 599 -50.20 54.81 -48.06
C TYR D 599 -51.39 54.58 -49.00
N LYS D 600 -52.11 53.48 -48.81
CA LYS D 600 -53.26 53.21 -49.67
C LYS D 600 -54.31 54.31 -49.53
N LEU D 601 -54.58 54.75 -48.30
CA LEU D 601 -55.57 55.81 -48.10
C LEU D 601 -55.17 57.08 -48.82
N ILE D 602 -53.90 57.21 -49.20
CA ILE D 602 -53.46 58.34 -50.01
C ILE D 602 -53.39 57.96 -51.49
N ARG D 603 -53.00 56.72 -51.79
CA ARG D 603 -52.85 56.32 -53.19
C ARG D 603 -54.20 56.28 -53.89
N ASN D 604 -55.17 55.61 -53.28
CA ASN D 604 -56.48 55.41 -53.88
C ASN D 604 -57.45 56.55 -53.56
N HIS D 605 -56.93 57.72 -53.23
CA HIS D 605 -57.77 58.88 -52.96
C HIS D 605 -57.99 59.70 -54.22
#